data_9JMH
#
_entry.id   9JMH
#
_cell.length_a   1.00
_cell.length_b   1.00
_cell.length_c   1.00
_cell.angle_alpha   90.00
_cell.angle_beta   90.00
_cell.angle_gamma   90.00
#
_symmetry.space_group_name_H-M   'P 1'
#
loop_
_entity.id
_entity.type
_entity.pdbx_description
1 polymer 'Spike glycoprotein,Fibritin'
2 branched 2-acetamido-2-deoxy-beta-D-glucopyranose-(1-4)-2-acetamido-2-deoxy-beta-D-glucopyranose
3 branched beta-D-mannopyranose-(1-4)-2-acetamido-2-deoxy-beta-D-glucopyranose-(1-4)-2-acetamido-2-deoxy-beta-D-glucopyranose
4 non-polymer 'LINOLEIC ACID'
5 non-polymer 2-acetamido-2-deoxy-beta-D-glucopyranose
#
_entity_poly.entity_id   1
_entity_poly.type   'polypeptide(L)'
_entity_poly.pdbx_seq_one_letter_code
;MTLSMFLLMFLLTHIKGDVDLGPDSSAQSCQEVDIQPQYFQKDWTKPIDPAKADGIIYPTGRSYSNITLSYQGLFPRQGD
QGQLYLYSVSHADPNTGKMGPDGIGKLFISNYTNETNTFDNGFVVRIGDAANSSYPIIISPQGPARTIKKIYPAFMLGAY
IGNFTNNRTVRYLNHTLVILPEGCGTSLSVFYCVLIPRTQHRCPEDNAYSSYVIWETPHQDCEGSTVNRNISLNAFKHYF
NLTQCKFFYSYNITEDEHAEWFGITQDARGVHLYSSRKGDLYGGNMFLFASLPIYDTLKYYTVIPRSIRSKYNSRQGWAA
FYIYKLHQLTYLLDFTVDGYIRRAVDCGHDDLAQLRCSYESFDVDSGVYSVSSFEAQPRGAFIEQSSGKECDFSPMLTGT
PPQVYNFRRLVFTDCNYNLTKLLSLFQVSEFSCHQVCPDALASGCYSSLTVDYFAYPTSLASYLQQGSTGEITQYNYKQD
FSNPTCRILATAPANITLTKPSNYNWLTQCYKGSAFGNQPHYVQTGQYTPCLGLAVQGFSAAYQSHRDPITKLVATGNIA
AMTDNLQMAFIISVQYGTDTNSVCPMQALRNDTSVHDKLGQCIDYSLYGLTGRGVFQNCTAVGLSQQRFVYDGFDILTGY
HSDDGNYYCVRPCVSVPLSVVYDKPSNNYATIFGSVACDYVNTMTTQLSRMTQAKLRSRSFTTPIQTAVGCVIGLVNSSL
VVDDDKCTLPLGQSLCAVPSKNRDTTSNLQLAVINFTRPHLVEALNSSGFVVQIPTNFSFSITQEYIQTTIQKVTVDCKQ
YVCNGFEKCETLLREYGQFCAKINQALHGANLRQDESVANLFANIKTQTTQALDAGLNGDFNLTLLQVPKVTTSQYSYRS
TIEDLLFNKVTIADPGYMQGYDECMQQGPPSARDLICAQFVAGYKVLPPLYDPNMEAAYTSSLLGSILGAGWTAGLSSFA
AIPFAQSIFYRMNGIGITQQVLSENQKQIDKKFNQALNAMQTGFTTTNLAFSKVQDAVNANAQALAKLASELSNTFGAIS
SSISDILKRLCPPEQEAQIDRLINGRLTSLNAFVAQQLVRSETAARSAQLASDKVNECVKSQSKRNGFCGSGTHIVSFVI
NAPDGLYFFHVGYVPTDHINATAAYGLCNNDNPPRCIAPIDGYFVRNSSTTRDANDEWYYTGSSYYNPEPISMANTRYVS
QDTKFENLTTNIPPPLLNRTDSDFKDELEEFFKNVSSQGPNFAEISKINTTLLDLSTEMNALNEVVKQLNQSYIDLKELG
NYSYYQKWPGSGYIPEAPRDGQAYVRKDGEWVLLSTFLLEVLFQGPGHHHHHHHHSAWSHPQFEKGGGSGGGGSGGSAWS
HPQFEKSA
;
_entity_poly.pdbx_strand_id   A,B,C
#
# COMPACT_ATOMS: atom_id res chain seq x y z
N ASP A 18 23.79 16.45 -51.48
CA ASP A 18 22.98 16.66 -52.67
C ASP A 18 23.40 15.71 -53.78
N VAL A 19 22.43 15.08 -54.44
CA VAL A 19 22.69 14.15 -55.51
C VAL A 19 22.23 14.76 -56.84
N ASP A 20 22.65 14.14 -57.93
CA ASP A 20 22.27 14.56 -59.27
C ASP A 20 21.29 13.53 -59.84
N LEU A 21 20.18 14.02 -60.40
CA LEU A 21 19.12 13.16 -60.92
C LEU A 21 19.13 13.12 -62.44
N GLY A 22 20.32 13.22 -63.04
CA GLY A 22 20.45 13.11 -64.47
C GLY A 22 20.12 14.42 -65.18
N PRO A 23 20.17 14.40 -66.51
CA PRO A 23 19.87 15.60 -67.27
C PRO A 23 18.39 15.96 -67.23
N ASP A 24 18.10 17.24 -67.41
CA ASP A 24 16.73 17.70 -67.45
C ASP A 24 16.07 17.31 -68.77
N SER A 25 14.74 17.41 -68.80
CA SER A 25 13.99 17.04 -69.99
C SER A 25 14.16 18.09 -71.09
N SER A 26 14.31 17.62 -72.32
CA SER A 26 14.47 18.48 -73.48
C SER A 26 13.18 18.62 -74.29
N ALA A 27 12.05 18.22 -73.71
CA ALA A 27 10.78 18.29 -74.42
C ALA A 27 10.34 19.74 -74.59
N GLN A 28 9.79 20.05 -75.77
CA GLN A 28 9.33 21.39 -76.08
C GLN A 28 7.88 21.63 -75.67
N SER A 29 7.17 20.59 -75.24
CA SER A 29 5.78 20.74 -74.85
C SER A 29 5.40 19.64 -73.88
N CYS A 30 4.59 19.98 -72.89
CA CYS A 30 4.05 18.99 -71.98
C CYS A 30 2.93 18.20 -72.66
N GLN A 31 2.60 17.06 -72.06
CA GLN A 31 1.60 16.18 -72.65
C GLN A 31 0.20 16.77 -72.52
N GLU A 32 -0.70 16.31 -73.39
CA GLU A 32 -2.08 16.76 -73.40
C GLU A 32 -2.96 15.70 -72.74
N VAL A 33 -3.91 16.15 -71.91
CA VAL A 33 -4.79 15.27 -71.17
C VAL A 33 -6.24 15.72 -71.39
N ASP A 34 -7.17 14.83 -71.02
CA ASP A 34 -8.59 15.13 -71.00
C ASP A 34 -9.13 14.72 -69.64
N ILE A 35 -9.67 15.69 -68.91
CA ILE A 35 -10.11 15.48 -67.53
C ILE A 35 -11.63 15.39 -67.52
N GLN A 36 -12.16 14.21 -67.20
CA GLN A 36 -13.59 14.00 -67.02
C GLN A 36 -13.81 13.28 -65.70
N PRO A 37 -14.08 14.01 -64.62
CA PRO A 37 -14.20 13.37 -63.30
C PRO A 37 -15.48 12.56 -63.13
N GLN A 38 -16.51 12.80 -63.95
CA GLN A 38 -17.75 12.06 -63.80
C GLN A 38 -17.63 10.61 -64.24
N TYR A 39 -16.66 10.29 -65.11
CA TYR A 39 -16.44 8.92 -65.52
C TYR A 39 -15.69 8.10 -64.48
N PHE A 40 -14.98 8.77 -63.56
CA PHE A 40 -14.18 8.09 -62.56
C PHE A 40 -14.89 7.87 -61.24
N GLN A 41 -16.15 8.28 -61.13
CA GLN A 41 -16.92 8.09 -59.89
C GLN A 41 -17.69 6.79 -60.00
N LYS A 42 -17.14 5.73 -59.41
CA LYS A 42 -17.77 4.42 -59.37
C LYS A 42 -18.06 4.02 -57.93
N ASP A 43 -19.12 3.23 -57.76
CA ASP A 43 -19.54 2.79 -56.43
C ASP A 43 -18.89 1.44 -56.13
N TRP A 44 -17.63 1.50 -55.73
CA TRP A 44 -16.87 0.32 -55.29
C TRP A 44 -16.37 0.61 -53.89
N THR A 45 -17.02 0.00 -52.89
CA THR A 45 -16.68 0.23 -51.49
C THR A 45 -15.94 -0.98 -50.94
N LYS A 46 -14.76 -0.75 -50.37
CA LYS A 46 -13.99 -1.77 -49.67
C LYS A 46 -13.60 -1.21 -48.30
N PRO A 47 -14.54 -1.18 -47.35
CA PRO A 47 -14.25 -0.55 -46.06
C PRO A 47 -13.32 -1.41 -45.22
N ILE A 48 -12.74 -0.77 -44.20
CA ILE A 48 -11.79 -1.44 -43.32
C ILE A 48 -12.55 -2.37 -42.39
N ASP A 49 -12.22 -3.65 -42.42
CA ASP A 49 -12.73 -4.63 -41.48
C ASP A 49 -11.55 -5.27 -40.76
N PRO A 50 -11.40 -5.07 -39.45
CA PRO A 50 -10.22 -5.61 -38.75
C PRO A 50 -10.27 -7.12 -38.56
N ALA A 51 -11.38 -7.78 -38.84
CA ALA A 51 -11.46 -9.23 -38.74
C ALA A 51 -10.58 -9.93 -39.76
N LYS A 52 -10.25 -9.25 -40.87
CA LYS A 52 -9.29 -9.77 -41.84
C LYS A 52 -7.91 -9.13 -41.67
N ALA A 53 -7.71 -8.34 -40.61
CA ALA A 53 -6.49 -7.59 -40.34
C ALA A 53 -6.11 -6.70 -41.52
N ASP A 54 -6.99 -5.75 -41.81
CA ASP A 54 -6.83 -4.86 -42.96
C ASP A 54 -6.05 -3.62 -42.55
N GLY A 55 -4.93 -3.38 -43.23
CA GLY A 55 -4.11 -2.21 -42.96
C GLY A 55 -3.43 -2.19 -41.60
N ILE A 56 -2.89 -3.32 -41.18
CA ILE A 56 -2.25 -3.45 -39.87
C ILE A 56 -0.75 -3.33 -40.03
N ILE A 57 -0.16 -2.33 -39.40
CA ILE A 57 1.30 -2.16 -39.41
C ILE A 57 1.88 -3.08 -38.34
N TYR A 58 2.76 -3.98 -38.77
CA TYR A 58 3.37 -4.91 -37.85
C TYR A 58 4.36 -4.18 -36.94
N PRO A 59 4.43 -4.54 -35.66
CA PRO A 59 5.44 -3.95 -34.78
C PRO A 59 6.85 -4.26 -35.25
N THR A 60 7.72 -3.26 -35.17
CA THR A 60 9.05 -3.35 -35.73
C THR A 60 10.06 -3.79 -34.68
N GLY A 61 11.06 -4.56 -35.12
CA GLY A 61 12.11 -5.01 -34.24
C GLY A 61 11.75 -6.13 -33.29
N ARG A 62 10.55 -6.69 -33.41
CA ARG A 62 10.10 -7.76 -32.52
C ARG A 62 9.00 -8.54 -33.21
N SER A 63 8.70 -9.71 -32.65
CA SER A 63 7.63 -10.56 -33.16
C SER A 63 6.91 -11.20 -31.99
N TYR A 64 5.69 -11.65 -32.24
CA TYR A 64 4.87 -12.33 -31.26
C TYR A 64 4.35 -13.63 -31.85
N SER A 65 4.06 -14.59 -30.98
CA SER A 65 3.67 -15.93 -31.43
C SER A 65 2.55 -16.46 -30.54
N ASN A 66 1.39 -16.71 -31.15
CA ASN A 66 0.27 -17.42 -30.53
C ASN A 66 -0.24 -16.74 -29.25
N ILE A 67 -0.23 -15.40 -29.25
CA ILE A 67 -0.76 -14.61 -28.14
C ILE A 67 -1.70 -13.55 -28.71
N THR A 68 -2.48 -12.94 -27.81
CA THR A 68 -3.31 -11.79 -28.12
C THR A 68 -2.97 -10.68 -27.13
N LEU A 69 -2.62 -9.50 -27.65
CA LEU A 69 -2.26 -8.38 -26.80
C LEU A 69 -2.83 -7.10 -27.40
N SER A 70 -3.00 -6.10 -26.53
CA SER A 70 -3.54 -4.81 -26.92
C SER A 70 -2.41 -3.89 -27.34
N TYR A 71 -2.57 -3.25 -28.50
CA TYR A 71 -1.57 -2.38 -29.06
C TYR A 71 -2.18 -1.01 -29.32
N GLN A 72 -1.41 0.03 -29.00
CA GLN A 72 -1.77 1.40 -29.36
C GLN A 72 -0.78 1.90 -30.41
N GLY A 73 -1.33 2.36 -31.53
CA GLY A 73 -0.48 2.82 -32.62
C GLY A 73 -1.32 3.52 -33.66
N LEU A 74 -0.76 3.63 -34.87
CA LEU A 74 -1.43 4.26 -35.98
C LEU A 74 -2.17 3.20 -36.78
N PHE A 75 -3.48 3.12 -36.59
CA PHE A 75 -4.33 2.11 -37.21
C PHE A 75 -5.52 2.79 -37.89
N PRO A 76 -6.05 2.20 -38.95
CA PRO A 76 -7.25 2.76 -39.59
C PRO A 76 -8.50 2.46 -38.79
N ARG A 77 -9.49 3.34 -38.96
CA ARG A 77 -10.78 3.15 -38.29
C ARG A 77 -11.58 2.04 -38.96
N GLN A 78 -12.33 1.30 -38.15
CA GLN A 78 -13.20 0.25 -38.68
C GLN A 78 -14.36 0.86 -39.44
N GLY A 79 -14.64 0.31 -40.62
CA GLY A 79 -15.75 0.79 -41.42
C GLY A 79 -15.48 2.06 -42.19
N ASP A 80 -14.23 2.48 -42.28
CA ASP A 80 -13.85 3.66 -43.05
C ASP A 80 -13.75 3.26 -44.52
N GLN A 81 -14.52 3.94 -45.38
CA GLN A 81 -14.53 3.59 -46.79
C GLN A 81 -13.26 4.05 -47.50
N GLY A 82 -12.59 5.08 -46.98
CA GLY A 82 -11.43 5.61 -47.65
C GLY A 82 -11.80 6.45 -48.85
N GLN A 83 -10.88 6.56 -49.80
CA GLN A 83 -11.07 7.35 -51.01
C GLN A 83 -10.73 6.51 -52.23
N LEU A 84 -11.63 6.52 -53.21
CA LEU A 84 -11.41 5.79 -54.45
C LEU A 84 -10.55 6.59 -55.42
N TYR A 85 -9.51 5.97 -55.95
CA TYR A 85 -8.69 6.55 -57.00
C TYR A 85 -8.57 5.54 -58.12
N LEU A 86 -8.87 5.96 -59.35
CA LEU A 86 -8.82 5.09 -60.51
C LEU A 86 -7.82 5.61 -61.53
N TYR A 87 -7.07 4.68 -62.12
CA TYR A 87 -6.17 4.97 -63.22
C TYR A 87 -6.73 4.30 -64.47
N SER A 88 -6.93 5.07 -65.53
CA SER A 88 -7.60 4.61 -66.73
C SER A 88 -6.62 4.53 -67.90
N VAL A 89 -7.16 4.23 -69.07
CA VAL A 89 -6.38 4.10 -70.31
C VAL A 89 -6.65 5.34 -71.15
N SER A 90 -5.64 5.73 -71.93
CA SER A 90 -5.76 6.92 -72.78
C SER A 90 -6.70 6.65 -73.95
N HIS A 91 -7.11 7.73 -74.61
CA HIS A 91 -8.01 7.66 -75.76
C HIS A 91 -7.37 6.92 -76.94
N ILE A 104 -3.45 5.70 -80.41
CA ILE A 104 -3.19 6.29 -79.10
C ILE A 104 -3.53 7.76 -79.11
N GLY A 105 -4.58 8.13 -78.37
CA GLY A 105 -5.07 9.49 -78.31
C GLY A 105 -4.55 10.24 -77.11
N LYS A 106 -5.32 11.24 -76.67
CA LYS A 106 -4.94 12.05 -75.53
C LYS A 106 -5.16 11.29 -74.23
N LEU A 107 -4.54 11.79 -73.16
CA LEU A 107 -4.59 11.14 -71.87
C LEU A 107 -5.93 11.40 -71.19
N PHE A 108 -6.37 10.43 -70.38
CA PHE A 108 -7.64 10.49 -69.68
C PHE A 108 -7.38 10.37 -68.19
N ILE A 109 -7.70 11.41 -67.43
CA ILE A 109 -7.47 11.48 -65.99
C ILE A 109 -8.70 12.07 -65.32
N SER A 110 -8.68 12.09 -63.99
CA SER A 110 -9.71 12.70 -63.17
C SER A 110 -9.14 13.94 -62.48
N ASN A 111 -9.96 14.55 -61.62
CA ASN A 111 -9.51 15.74 -60.88
C ASN A 111 -8.90 15.38 -59.53
N TYR A 112 -7.93 14.46 -59.55
CA TYR A 112 -7.23 14.04 -58.35
C TYR A 112 -6.20 15.06 -57.89
N THR A 113 -5.91 16.09 -58.69
CA THR A 113 -4.92 17.09 -58.36
C THR A 113 -5.52 18.35 -57.74
N ASN A 114 -6.75 18.69 -58.11
CA ASN A 114 -7.38 19.90 -57.57
C ASN A 114 -7.76 19.76 -56.11
N GLU A 115 -7.80 18.54 -55.58
CA GLU A 115 -8.20 18.35 -54.19
C GLU A 115 -7.02 18.56 -53.25
N THR A 116 -7.32 19.12 -52.09
CA THR A 116 -6.33 19.43 -51.06
C THR A 116 -6.49 18.42 -49.93
N ASN A 117 -5.56 17.48 -49.85
CA ASN A 117 -5.56 16.46 -48.81
C ASN A 117 -4.58 16.83 -47.72
N THR A 118 -4.88 16.38 -46.50
CA THR A 118 -4.08 16.68 -45.33
C THR A 118 -3.43 15.39 -44.84
N PHE A 119 -2.11 15.43 -44.63
CA PHE A 119 -1.36 14.21 -44.31
C PHE A 119 -1.74 13.65 -42.95
N ASP A 120 -1.80 14.52 -41.93
CA ASP A 120 -2.12 14.17 -40.54
C ASP A 120 -1.09 13.16 -40.04
N ASN A 121 -1.48 11.96 -39.62
CA ASN A 121 -0.55 10.97 -39.13
C ASN A 121 -0.03 10.03 -40.20
N GLY A 122 -0.58 10.09 -41.41
CA GLY A 122 -0.23 9.22 -42.50
C GLY A 122 -1.45 8.56 -43.08
N PHE A 123 -1.22 7.57 -43.93
CA PHE A 123 -2.31 6.83 -44.55
C PHE A 123 -1.83 5.45 -44.94
N VAL A 124 -2.80 4.57 -45.24
CA VAL A 124 -2.52 3.22 -45.73
C VAL A 124 -3.26 3.04 -47.05
N VAL A 125 -2.58 2.43 -48.01
CA VAL A 125 -3.10 2.24 -49.36
C VAL A 125 -3.35 0.76 -49.60
N ARG A 126 -4.56 0.43 -50.05
CA ARG A 126 -4.93 -0.93 -50.42
C ARG A 126 -4.74 -1.07 -51.93
N ILE A 127 -3.70 -1.78 -52.34
CA ILE A 127 -3.33 -1.91 -53.74
C ILE A 127 -3.56 -3.35 -54.17
N GLY A 128 -4.15 -3.52 -55.35
CA GLY A 128 -4.28 -4.82 -55.97
C GLY A 128 -5.55 -5.58 -55.69
N ASP A 129 -6.56 -4.94 -55.09
CA ASP A 129 -7.84 -5.60 -54.95
C ASP A 129 -8.54 -5.70 -56.30
N ALA A 130 -9.27 -6.80 -56.50
CA ALA A 130 -9.95 -7.12 -57.75
C ALA A 130 -8.98 -7.12 -58.94
N ALA A 131 -7.80 -7.71 -58.73
CA ALA A 131 -6.79 -7.81 -59.77
C ALA A 131 -6.93 -9.06 -60.62
N ASN A 132 -8.07 -9.76 -60.50
CA ASN A 132 -8.34 -10.91 -61.35
C ASN A 132 -9.76 -10.91 -61.91
N SER A 133 -10.57 -9.92 -61.57
CA SER A 133 -11.95 -9.86 -62.03
C SER A 133 -12.04 -9.14 -63.37
N SER A 134 -13.12 -9.42 -64.10
CA SER A 134 -13.37 -8.83 -65.41
C SER A 134 -14.53 -7.84 -65.28
N TYR A 135 -14.24 -6.57 -65.49
CA TYR A 135 -15.18 -5.47 -65.37
C TYR A 135 -15.16 -4.67 -66.67
N PRO A 136 -16.22 -3.92 -66.95
CA PRO A 136 -16.16 -2.97 -68.07
C PRO A 136 -15.11 -1.90 -67.83
N ILE A 137 -14.47 -1.47 -68.91
CA ILE A 137 -13.43 -0.46 -68.84
C ILE A 137 -14.04 0.88 -68.47
N ILE A 138 -13.30 1.67 -67.67
CA ILE A 138 -13.79 2.95 -67.18
C ILE A 138 -14.09 3.90 -68.33
N ILE A 139 -13.25 3.90 -69.37
CA ILE A 139 -13.43 4.80 -70.49
C ILE A 139 -14.39 4.25 -71.55
N SER A 140 -14.69 2.95 -71.53
CA SER A 140 -15.63 2.34 -72.46
C SER A 140 -16.60 1.48 -71.65
N PRO A 141 -17.61 2.10 -71.03
CA PRO A 141 -18.56 1.37 -70.18
C PRO A 141 -19.70 0.74 -70.98
N ALA A 145 -15.94 -7.93 -69.25
CA ALA A 145 -15.47 -7.36 -70.51
C ALA A 145 -14.00 -7.67 -70.75
N ARG A 146 -13.13 -6.99 -70.00
CA ARG A 146 -11.69 -7.18 -70.11
C ARG A 146 -11.11 -7.45 -68.73
N THR A 147 -9.98 -8.16 -68.71
CA THR A 147 -9.31 -8.48 -67.46
C THR A 147 -8.68 -7.22 -66.87
N ILE A 148 -8.49 -7.25 -65.55
CA ILE A 148 -8.02 -6.10 -64.79
C ILE A 148 -6.73 -6.48 -64.09
N LYS A 149 -5.68 -5.67 -64.30
CA LYS A 149 -4.40 -5.86 -63.66
C LYS A 149 -4.25 -4.90 -62.48
N LYS A 150 -3.09 -4.97 -61.82
CA LYS A 150 -2.81 -4.14 -60.65
C LYS A 150 -1.89 -3.00 -61.03
N ILE A 151 -2.30 -1.78 -60.69
CA ILE A 151 -1.52 -0.58 -60.96
C ILE A 151 -0.99 -0.04 -59.63
N TYR A 152 0.16 0.64 -59.70
CA TYR A 152 0.76 1.16 -58.48
C TYR A 152 0.53 2.66 -58.36
N PRO A 153 0.17 3.13 -57.17
CA PRO A 153 -0.04 4.57 -56.98
C PRO A 153 1.27 5.35 -57.02
N ALA A 154 1.17 6.60 -57.44
CA ALA A 154 2.28 7.54 -57.42
C ALA A 154 1.90 8.71 -56.51
N PHE A 155 2.81 9.09 -55.64
CA PHE A 155 2.49 10.06 -54.58
C PHE A 155 3.39 11.28 -54.69
N MET A 156 2.97 12.33 -53.97
CA MET A 156 3.64 13.63 -54.05
C MET A 156 3.33 14.34 -52.74
N LEU A 157 4.29 14.34 -51.82
CA LEU A 157 4.08 14.83 -50.47
C LEU A 157 5.01 16.00 -50.18
N GLY A 158 4.49 17.00 -49.48
CA GLY A 158 5.29 18.15 -49.14
C GLY A 158 4.76 18.85 -47.91
N ALA A 159 5.60 19.70 -47.33
CA ALA A 159 5.25 20.45 -46.14
C ALA A 159 4.59 21.79 -46.45
N TYR A 160 5.03 22.45 -47.51
CA TYR A 160 4.51 23.76 -47.89
C TYR A 160 3.90 23.69 -49.27
N ILE A 161 2.75 24.34 -49.44
CA ILE A 161 2.08 24.40 -50.74
C ILE A 161 1.92 25.87 -51.13
N GLY A 162 1.67 26.07 -52.42
CA GLY A 162 1.49 27.40 -52.95
C GLY A 162 0.54 27.35 -54.14
N ASN A 163 0.79 28.22 -55.10
CA ASN A 163 -0.03 28.31 -56.30
C ASN A 163 0.85 28.51 -57.52
N PHE A 164 0.37 28.03 -58.66
CA PHE A 164 1.02 28.30 -59.93
C PHE A 164 0.68 29.72 -60.40
N THR A 165 1.23 30.12 -61.54
CA THR A 165 0.93 31.44 -62.07
C THR A 165 -0.48 31.54 -62.64
N ASN A 166 -1.16 30.41 -62.86
CA ASN A 166 -2.52 30.41 -63.37
C ASN A 166 -3.55 30.00 -62.32
N ASN A 167 -3.12 29.80 -61.06
CA ASN A 167 -3.98 29.43 -59.93
C ASN A 167 -4.75 28.12 -60.20
N ARG A 168 -4.07 27.11 -60.72
CA ARG A 168 -4.71 25.82 -60.94
C ARG A 168 -3.92 24.69 -60.35
N THR A 169 -4.58 23.68 -59.77
CA THR A 169 -3.94 22.51 -59.12
C THR A 169 -3.14 22.85 -57.84
N VAL A 170 -2.31 21.95 -57.36
CA VAL A 170 -1.49 22.24 -56.18
C VAL A 170 -0.01 22.25 -56.43
N ARG A 171 0.69 23.29 -55.98
CA ARG A 171 2.12 23.36 -56.12
C ARG A 171 2.75 23.10 -54.81
N TYR A 172 3.86 22.40 -54.83
CA TYR A 172 4.57 22.16 -53.64
C TYR A 172 5.83 22.98 -53.63
N LEU A 173 5.93 23.93 -52.72
CA LEU A 173 7.13 24.74 -52.53
C LEU A 173 8.18 23.96 -51.75
N ASN A 174 9.42 24.43 -51.86
CA ASN A 174 10.59 23.94 -51.11
C ASN A 174 10.81 22.46 -51.47
N HIS A 175 11.18 21.63 -50.50
CA HIS A 175 11.50 20.24 -50.78
C HIS A 175 10.25 19.39 -50.81
N THR A 176 10.09 18.60 -51.87
CA THR A 176 8.92 17.77 -52.08
C THR A 176 9.34 16.30 -52.12
N LEU A 177 8.63 15.46 -51.36
CA LEU A 177 8.86 14.03 -51.38
C LEU A 177 8.01 13.41 -52.49
N VAL A 178 8.66 12.87 -53.50
CA VAL A 178 7.98 12.30 -54.67
C VAL A 178 8.25 10.80 -54.70
N ILE A 179 7.18 10.02 -54.76
CA ILE A 179 7.26 8.56 -54.83
C ILE A 179 6.67 8.14 -56.17
N LEU A 180 7.47 7.48 -57.00
CA LEU A 180 7.06 7.10 -58.34
C LEU A 180 7.38 5.63 -58.58
N PRO A 181 6.42 4.83 -59.03
CA PRO A 181 6.75 3.48 -59.51
C PRO A 181 7.55 3.56 -60.81
N GLU A 182 8.54 2.69 -60.94
CA GLU A 182 9.54 2.80 -61.99
C GLU A 182 9.74 1.46 -62.66
N GLY A 183 10.15 1.52 -63.93
CA GLY A 183 10.40 0.31 -64.71
C GLY A 183 9.17 -0.52 -65.00
N CYS A 184 8.05 0.14 -65.32
CA CYS A 184 6.76 -0.51 -65.57
C CYS A 184 6.33 -1.40 -64.41
N GLY A 185 6.49 -0.90 -63.20
CA GLY A 185 6.09 -1.62 -62.00
C GLY A 185 7.10 -2.59 -61.46
N THR A 186 8.33 -2.58 -61.95
CA THR A 186 9.36 -3.49 -61.45
C THR A 186 10.22 -2.87 -60.36
N SER A 187 10.08 -1.57 -60.09
CA SER A 187 10.87 -0.92 -59.05
C SER A 187 10.15 0.33 -58.58
N LEU A 188 10.56 0.82 -57.43
CA LEU A 188 10.00 2.04 -56.84
C LEU A 188 11.13 3.01 -56.55
N SER A 189 10.96 4.26 -56.98
CA SER A 189 11.97 5.30 -56.82
C SER A 189 11.43 6.41 -55.93
N VAL A 190 12.19 6.73 -54.87
CA VAL A 190 11.81 7.73 -53.89
C VAL A 190 12.90 8.79 -53.85
N PHE A 191 12.52 10.08 -53.94
CA PHE A 191 13.44 11.23 -53.86
C PHE A 191 12.90 12.52 -53.22
N TYR A 192 13.74 13.30 -52.51
CA TYR A 192 13.33 14.56 -51.91
C TYR A 192 14.00 15.53 -52.75
N CYS A 193 13.30 16.45 -53.35
CA CYS A 193 13.85 17.31 -54.32
C CYS A 193 13.07 18.54 -54.27
N VAL A 194 13.57 19.62 -54.82
CA VAL A 194 12.82 20.86 -54.91
C VAL A 194 12.52 20.85 -56.36
N LEU A 195 11.29 21.11 -56.76
CA LEU A 195 10.91 20.99 -58.14
C LEU A 195 10.54 22.33 -58.60
N ILE A 196 11.08 22.80 -59.71
CA ILE A 196 10.76 24.15 -60.10
C ILE A 196 9.96 24.04 -61.36
N PRO A 197 8.79 24.62 -61.38
CA PRO A 197 7.92 24.44 -62.52
C PRO A 197 8.59 24.72 -63.82
N ARG A 198 8.08 24.23 -64.95
CA ARG A 198 8.62 24.55 -66.27
C ARG A 198 7.73 25.48 -67.15
N THR A 199 8.34 26.35 -67.97
CA THR A 199 7.58 27.31 -68.78
C THR A 199 7.57 26.82 -70.22
N GLN A 200 6.45 26.25 -70.64
CA GLN A 200 6.30 25.70 -71.98
C GLN A 200 4.82 25.73 -72.34
N HIS A 201 4.43 24.95 -73.36
CA HIS A 201 3.07 25.02 -73.90
C HIS A 201 2.03 24.59 -72.87
N ARG A 202 2.06 23.32 -72.46
CA ARG A 202 1.11 22.80 -71.50
C ARG A 202 1.72 22.61 -70.12
N CYS A 203 2.98 22.97 -69.93
CA CYS A 203 3.65 22.81 -68.65
C CYS A 203 3.12 23.84 -67.65
N PRO A 204 3.25 23.58 -66.31
CA PRO A 204 2.48 24.34 -65.32
C PRO A 204 2.68 25.86 -65.23
N GLU A 205 3.55 26.44 -66.05
CA GLU A 205 3.71 27.89 -66.09
C GLU A 205 3.05 28.51 -67.31
N ASP A 206 1.90 28.00 -67.72
CA ASP A 206 1.18 28.52 -68.87
C ASP A 206 -0.33 28.44 -68.61
N ASN A 207 -1.07 29.25 -69.37
CA ASN A 207 -2.53 29.27 -69.25
C ASN A 207 -3.18 28.05 -69.90
N ALA A 208 -2.46 27.30 -70.72
CA ALA A 208 -2.98 26.08 -71.32
C ALA A 208 -2.77 24.86 -70.45
N TYR A 209 -2.20 25.02 -69.26
CA TYR A 209 -1.94 23.91 -68.37
C TYR A 209 -3.20 23.51 -67.63
N SER A 210 -3.42 22.20 -67.52
CA SER A 210 -4.56 21.65 -66.77
C SER A 210 -4.11 20.84 -65.56
N SER A 211 -3.28 19.82 -65.76
CA SER A 211 -2.80 18.98 -64.66
C SER A 211 -1.51 18.31 -65.08
N TYR A 212 -0.73 17.88 -64.08
CA TYR A 212 0.51 17.16 -64.32
C TYR A 212 0.29 15.67 -64.12
N VAL A 213 0.80 14.86 -65.05
CA VAL A 213 0.60 13.42 -65.04
C VAL A 213 1.93 12.73 -65.26
N ILE A 214 1.92 11.41 -65.09
CA ILE A 214 3.01 10.54 -65.51
C ILE A 214 2.41 9.41 -66.34
N TRP A 215 3.05 9.11 -67.46
CA TRP A 215 2.51 8.15 -68.42
C TRP A 215 3.52 7.06 -68.70
N GLU A 216 3.02 5.85 -68.90
CA GLU A 216 3.82 4.70 -69.28
C GLU A 216 3.18 4.02 -70.47
N THR A 217 3.93 3.88 -71.56
CA THR A 217 3.39 3.25 -72.79
C THR A 217 3.85 1.84 -72.80
N PRO A 218 2.96 0.92 -72.46
CA PRO A 218 3.44 -0.46 -72.32
C PRO A 218 3.96 -1.05 -73.60
N HIS A 219 3.27 -0.79 -74.69
CA HIS A 219 3.91 -0.83 -76.00
C HIS A 219 5.11 0.10 -75.98
N GLN A 220 6.24 -0.35 -76.51
CA GLN A 220 7.39 0.53 -76.70
C GLN A 220 8.22 0.64 -75.45
N ASP A 221 7.81 -0.02 -74.38
CA ASP A 221 8.51 0.13 -73.10
C ASP A 221 8.38 -1.11 -72.25
N CYS A 222 9.53 -1.69 -71.86
CA CYS A 222 9.47 -2.94 -71.10
C CYS A 222 8.93 -4.11 -71.93
N VAL A 227 13.58 -2.30 -71.83
CA VAL A 227 13.08 -1.81 -70.54
C VAL A 227 13.72 -0.46 -70.22
N ASN A 228 12.94 0.61 -70.37
CA ASN A 228 13.43 1.94 -70.05
C ASN A 228 13.51 2.11 -68.53
N ARG A 229 14.68 2.56 -68.07
CA ARG A 229 14.89 2.70 -66.63
C ARG A 229 14.25 3.96 -66.06
N ASN A 230 14.18 5.04 -66.83
CA ASN A 230 13.74 6.34 -66.34
C ASN A 230 12.47 6.81 -67.04
N ILE A 231 11.47 5.94 -67.10
CA ILE A 231 10.24 6.28 -67.79
C ILE A 231 9.33 7.10 -66.92
N SER A 232 9.11 6.70 -65.69
CA SER A 232 8.33 7.54 -64.80
C SER A 232 9.06 8.85 -64.56
N LEU A 233 10.37 8.81 -64.38
CA LEU A 233 11.16 10.02 -64.17
C LEU A 233 11.17 11.00 -65.34
N ASN A 234 11.24 10.53 -66.55
CA ASN A 234 11.25 11.40 -67.68
C ASN A 234 9.87 11.98 -67.83
N ALA A 235 8.85 11.26 -67.43
CA ALA A 235 7.50 11.80 -67.39
C ALA A 235 7.37 12.89 -66.34
N PHE A 236 8.04 12.73 -65.20
CA PHE A 236 8.02 13.77 -64.18
C PHE A 236 8.87 14.97 -64.59
N LYS A 237 10.01 14.72 -65.24
CA LYS A 237 10.89 15.79 -65.72
C LYS A 237 10.25 16.63 -66.81
N HIS A 238 9.24 16.07 -67.51
CA HIS A 238 8.49 16.85 -68.49
C HIS A 238 7.82 18.06 -67.86
N TYR A 239 7.41 17.96 -66.59
CA TYR A 239 6.68 19.03 -65.93
C TYR A 239 7.53 19.87 -64.98
N PHE A 240 8.58 19.29 -64.39
CA PHE A 240 9.34 19.97 -63.35
C PHE A 240 10.84 19.81 -63.58
N ASN A 241 11.59 20.74 -63.01
CA ASN A 241 13.06 20.68 -62.98
C ASN A 241 13.49 20.27 -61.58
N LEU A 242 14.22 19.16 -61.49
CA LEU A 242 14.61 18.59 -60.21
C LEU A 242 16.00 19.11 -59.82
N THR A 243 15.96 19.97 -58.82
CA THR A 243 17.11 20.58 -58.32
C THR A 243 17.16 20.37 -56.84
N GLN A 244 18.32 20.56 -56.24
CA GLN A 244 18.45 20.45 -54.82
C GLN A 244 18.02 19.18 -54.19
N CYS A 245 18.36 18.05 -54.76
CA CYS A 245 17.82 16.84 -54.25
C CYS A 245 18.66 16.18 -53.24
N LYS A 246 18.12 16.03 -52.03
CA LYS A 246 18.80 15.37 -50.96
C LYS A 246 19.07 13.91 -51.17
N PHE A 247 18.14 13.18 -51.74
CA PHE A 247 18.34 11.75 -51.88
C PHE A 247 17.65 11.08 -53.00
N PHE A 248 18.07 9.87 -53.34
CA PHE A 248 17.33 9.08 -54.32
C PHE A 248 17.51 7.62 -53.95
N TYR A 249 16.41 6.97 -53.58
CA TYR A 249 16.42 5.56 -53.19
C TYR A 249 15.62 4.75 -54.21
N SER A 250 16.08 3.53 -54.48
CA SER A 250 15.42 2.63 -55.42
C SER A 250 15.22 1.28 -54.75
N TYR A 251 14.01 0.75 -54.84
CA TYR A 251 13.66 -0.52 -54.24
C TYR A 251 13.03 -1.41 -55.30
N ASN A 252 13.55 -2.64 -55.43
CA ASN A 252 13.11 -3.54 -56.48
C ASN A 252 11.80 -4.23 -56.09
N ILE A 253 10.92 -4.39 -57.08
CA ILE A 253 9.62 -5.02 -56.89
C ILE A 253 9.52 -6.21 -57.83
N THR A 254 9.21 -7.38 -57.28
CA THR A 254 8.91 -8.56 -58.09
C THR A 254 7.51 -8.45 -58.65
N GLU A 255 7.35 -8.86 -59.91
CA GLU A 255 6.06 -8.73 -60.60
C GLU A 255 5.12 -9.82 -60.11
N ASP A 256 4.05 -9.40 -59.44
CA ASP A 256 3.03 -10.31 -58.94
C ASP A 256 1.66 -9.70 -59.20
N GLU A 257 0.62 -10.47 -58.88
CA GLU A 257 -0.76 -9.98 -58.96
C GLU A 257 -1.47 -10.08 -57.61
N HIS A 258 -0.74 -10.30 -56.52
CA HIS A 258 -1.32 -10.33 -55.20
C HIS A 258 -1.77 -8.94 -54.78
N ALA A 259 -2.82 -8.88 -53.97
CA ALA A 259 -3.25 -7.63 -53.38
C ALA A 259 -2.25 -7.21 -52.29
N GLU A 260 -1.79 -5.98 -52.36
CA GLU A 260 -0.75 -5.48 -51.48
C GLU A 260 -1.29 -4.38 -50.57
N TRP A 261 -0.44 -3.93 -49.65
CA TRP A 261 -0.76 -2.85 -48.75
C TRP A 261 0.46 -1.97 -48.58
N PHE A 262 0.34 -0.63 -48.56
CA PHE A 262 1.45 0.31 -48.38
C PHE A 262 1.12 1.41 -47.41
N GLY A 263 2.03 1.84 -46.55
CA GLY A 263 1.81 2.94 -45.65
C GLY A 263 2.87 3.95 -45.54
N ILE A 264 2.54 5.21 -45.30
CA ILE A 264 3.54 6.22 -45.03
C ILE A 264 3.24 6.88 -43.71
N THR A 265 4.19 7.01 -42.79
CA THR A 265 3.98 7.76 -41.56
C THR A 265 5.18 8.57 -41.23
N GLN A 266 5.05 9.70 -40.56
CA GLN A 266 6.17 10.51 -40.16
C GLN A 266 6.30 10.52 -38.71
N ASP A 267 7.49 10.34 -38.23
CA ASP A 267 7.82 10.31 -36.81
C ASP A 267 8.87 11.37 -36.55
N ALA A 268 9.44 11.42 -35.35
CA ALA A 268 10.55 12.31 -35.09
C ALA A 268 11.86 11.83 -35.71
N ARG A 269 11.89 10.59 -36.20
CA ARG A 269 13.09 10.01 -36.81
C ARG A 269 13.02 10.02 -38.33
N GLY A 270 12.04 10.70 -38.92
CA GLY A 270 11.93 10.76 -40.37
C GLY A 270 10.62 10.22 -40.89
N VAL A 271 10.60 9.85 -42.17
CA VAL A 271 9.42 9.32 -42.83
C VAL A 271 9.63 7.83 -43.03
N HIS A 272 8.70 7.02 -42.52
CA HIS A 272 8.77 5.57 -42.61
C HIS A 272 7.79 5.07 -43.66
N LEU A 273 8.27 4.20 -44.55
CA LEU A 273 7.46 3.57 -45.57
C LEU A 273 7.27 2.10 -45.21
N TYR A 274 6.02 1.64 -45.24
CA TYR A 274 5.68 0.27 -44.91
C TYR A 274 5.08 -0.43 -46.13
N SER A 275 5.32 -1.73 -46.22
CA SER A 275 4.77 -2.50 -47.33
C SER A 275 4.57 -3.94 -46.88
N SER A 276 3.67 -4.64 -47.57
CA SER A 276 3.42 -6.05 -47.31
C SER A 276 4.25 -6.96 -48.21
N ARG A 277 5.06 -6.41 -49.10
CA ARG A 277 5.95 -7.25 -49.91
C ARG A 277 7.20 -7.66 -49.15
N LYS A 278 7.51 -7.00 -48.04
CA LYS A 278 8.65 -7.40 -47.23
C LYS A 278 8.38 -8.72 -46.54
N GLY A 279 7.37 -8.76 -45.68
CA GLY A 279 6.89 -10.00 -45.12
C GLY A 279 5.37 -10.02 -45.21
N ASP A 280 4.81 -11.22 -45.07
CA ASP A 280 3.38 -11.48 -45.20
C ASP A 280 2.85 -11.00 -46.56
N LEU A 281 3.42 -11.57 -47.62
CA LEU A 281 3.03 -11.21 -48.97
C LEU A 281 1.62 -11.70 -49.29
N TYR A 282 1.31 -12.93 -48.89
CA TYR A 282 0.01 -13.53 -49.18
C TYR A 282 -1.08 -13.07 -48.23
N GLY A 283 -0.73 -12.35 -47.17
CA GLY A 283 -1.73 -11.79 -46.28
C GLY A 283 -1.86 -10.29 -46.44
N GLY A 284 -1.81 -9.54 -45.35
CA GLY A 284 -1.94 -8.10 -45.43
C GLY A 284 -1.07 -7.31 -44.47
N ASN A 285 -0.23 -7.99 -43.70
CA ASN A 285 0.58 -7.31 -42.70
C ASN A 285 1.71 -6.53 -43.37
N MET A 286 1.90 -5.29 -42.91
CA MET A 286 2.85 -4.37 -43.50
C MET A 286 4.10 -4.25 -42.64
N PHE A 287 5.26 -4.20 -43.30
CA PHE A 287 6.55 -4.19 -42.62
C PHE A 287 7.38 -3.01 -43.12
N LEU A 288 8.20 -2.47 -42.23
CA LEU A 288 9.03 -1.31 -42.55
C LEU A 288 10.14 -1.69 -43.51
N PHE A 289 10.30 -0.90 -44.57
CA PHE A 289 11.37 -1.12 -45.54
C PHE A 289 12.14 0.14 -45.91
N ALA A 290 11.73 1.32 -45.46
CA ALA A 290 12.43 2.55 -45.79
C ALA A 290 12.20 3.57 -44.70
N SER A 291 13.28 4.15 -44.18
CA SER A 291 13.22 5.21 -43.18
C SER A 291 13.86 6.44 -43.80
N LEU A 292 13.06 7.24 -44.49
CA LEU A 292 13.55 8.40 -45.22
C LEU A 292 13.88 9.54 -44.27
N PRO A 293 15.03 10.20 -44.45
CA PRO A 293 15.43 11.31 -43.56
C PRO A 293 14.79 12.65 -43.92
N ILE A 294 13.48 12.73 -43.74
CA ILE A 294 12.73 13.96 -43.89
C ILE A 294 12.19 14.37 -42.52
N TYR A 295 12.63 15.52 -42.04
CA TYR A 295 12.32 15.95 -40.68
C TYR A 295 11.35 17.12 -40.62
N ASP A 296 11.13 17.83 -41.72
CA ASP A 296 10.03 18.77 -41.79
C ASP A 296 8.70 18.01 -41.80
N THR A 297 7.72 18.55 -41.09
CA THR A 297 6.44 17.86 -40.95
C THR A 297 5.65 17.93 -42.24
N LEU A 298 5.39 16.77 -42.85
CA LEU A 298 4.56 16.72 -44.04
C LEU A 298 3.12 17.06 -43.69
N LYS A 299 2.51 17.95 -44.47
CA LYS A 299 1.17 18.41 -44.20
C LYS A 299 0.17 18.12 -45.31
N TYR A 300 0.62 17.96 -46.55
CA TYR A 300 -0.28 17.71 -47.67
C TYR A 300 0.29 16.59 -48.54
N TYR A 301 -0.61 15.85 -49.18
CA TYR A 301 -0.22 14.89 -50.20
C TYR A 301 -1.20 14.98 -51.35
N THR A 302 -0.72 14.68 -52.55
CA THR A 302 -1.56 14.58 -53.73
C THR A 302 -1.23 13.29 -54.47
N VAL A 303 -2.25 12.65 -55.01
CA VAL A 303 -2.07 11.46 -55.83
C VAL A 303 -1.88 11.92 -57.27
N ILE A 304 -0.70 11.68 -57.81
CA ILE A 304 -0.41 12.09 -59.19
C ILE A 304 -1.23 11.24 -60.15
N PRO A 305 -1.99 11.85 -61.05
CA PRO A 305 -2.79 11.06 -62.00
C PRO A 305 -1.90 10.31 -62.97
N ARG A 306 -2.13 9.01 -63.09
CA ARG A 306 -1.33 8.13 -63.92
C ARG A 306 -2.21 7.57 -65.03
N SER A 307 -1.71 7.63 -66.26
CA SER A 307 -2.44 7.16 -67.43
C SER A 307 -1.57 6.22 -68.24
N ILE A 308 -2.21 5.22 -68.83
CA ILE A 308 -1.54 4.20 -69.61
C ILE A 308 -1.94 4.38 -71.08
N ARG A 309 -0.95 4.47 -71.95
CA ARG A 309 -1.16 4.68 -73.38
C ARG A 309 -1.03 3.34 -74.09
N SER A 310 -2.15 2.79 -74.55
CA SER A 310 -2.14 1.51 -75.26
C SER A 310 -3.19 1.53 -76.35
N LYS A 311 -3.06 0.58 -77.28
CA LYS A 311 -3.94 0.50 -78.43
C LYS A 311 -5.35 0.06 -78.01
N TYR A 312 -6.30 0.25 -78.93
CA TYR A 312 -7.66 -0.19 -78.70
C TYR A 312 -7.75 -1.70 -78.60
N ASN A 313 -6.87 -2.39 -79.29
CA ASN A 313 -6.84 -3.83 -79.16
C ASN A 313 -6.17 -4.21 -77.86
N SER A 314 -5.25 -3.37 -77.39
CA SER A 314 -4.50 -3.67 -76.17
C SER A 314 -5.08 -3.14 -74.89
N ARG A 315 -6.20 -2.46 -74.93
CA ARG A 315 -6.65 -1.86 -73.69
C ARG A 315 -6.87 -2.93 -72.68
N GLN A 316 -6.46 -2.68 -71.45
CA GLN A 316 -6.55 -3.65 -70.38
C GLN A 316 -6.99 -2.89 -69.18
N GLY A 317 -7.60 -3.55 -68.22
CA GLY A 317 -8.09 -2.88 -67.03
C GLY A 317 -7.10 -2.68 -65.93
N TRP A 318 -7.38 -1.74 -65.03
CA TRP A 318 -6.44 -1.44 -63.95
C TRP A 318 -7.20 -1.34 -62.64
N ALA A 319 -6.67 -1.98 -61.60
CA ALA A 319 -7.36 -2.03 -60.32
C ALA A 319 -7.28 -0.68 -59.60
N ALA A 320 -8.42 -0.24 -59.07
CA ALA A 320 -8.44 0.96 -58.24
C ALA A 320 -7.79 0.67 -56.90
N PHE A 321 -7.40 1.74 -56.22
CA PHE A 321 -6.81 1.63 -54.90
C PHE A 321 -7.49 2.62 -53.95
N TYR A 322 -7.42 2.30 -52.66
CA TYR A 322 -8.12 3.04 -51.62
C TYR A 322 -7.11 3.58 -50.63
N ILE A 323 -7.34 4.80 -50.15
CA ILE A 323 -6.46 5.44 -49.18
C ILE A 323 -7.26 5.69 -47.91
N TYR A 324 -6.80 5.09 -46.81
CA TYR A 324 -7.43 5.21 -45.50
C TYR A 324 -6.52 5.98 -44.57
N LYS A 325 -7.04 7.01 -43.91
CA LYS A 325 -6.25 7.77 -42.97
C LYS A 325 -5.99 6.98 -41.70
N LEU A 326 -4.79 7.13 -41.15
CA LEU A 326 -4.42 6.46 -39.92
C LEU A 326 -4.75 7.33 -38.71
N HIS A 327 -5.12 6.68 -37.62
CA HIS A 327 -5.50 7.37 -36.40
C HIS A 327 -4.83 6.69 -35.21
N GLN A 328 -4.65 7.46 -34.14
CA GLN A 328 -4.09 6.95 -32.89
C GLN A 328 -5.18 6.17 -32.17
N LEU A 329 -5.24 4.86 -32.45
CA LEU A 329 -6.28 4.00 -31.92
C LEU A 329 -5.65 2.84 -31.17
N THR A 330 -6.46 2.21 -30.32
CA THR A 330 -6.08 0.99 -29.62
C THR A 330 -6.66 -0.20 -30.36
N TYR A 331 -5.82 -1.21 -30.59
CA TYR A 331 -6.22 -2.41 -31.32
C TYR A 331 -5.83 -3.65 -30.53
N LEU A 332 -6.64 -4.69 -30.67
CA LEU A 332 -6.36 -5.99 -30.08
C LEU A 332 -5.98 -6.94 -31.22
N LEU A 333 -4.72 -7.36 -31.24
CA LEU A 333 -4.17 -8.12 -32.36
C LEU A 333 -4.05 -9.59 -31.99
N ASP A 334 -4.42 -10.46 -32.93
CA ASP A 334 -4.30 -11.90 -32.76
C ASP A 334 -3.11 -12.40 -33.58
N PHE A 335 -2.17 -13.06 -32.91
CA PHE A 335 -0.97 -13.57 -33.55
C PHE A 335 -1.06 -15.08 -33.68
N THR A 336 -0.57 -15.60 -34.80
CA THR A 336 -0.55 -17.03 -35.04
C THR A 336 0.76 -17.63 -34.51
N VAL A 337 0.90 -18.94 -34.68
CA VAL A 337 2.15 -19.60 -34.30
C VAL A 337 3.28 -19.17 -35.22
N ASP A 338 2.97 -18.96 -36.51
CA ASP A 338 3.96 -18.47 -37.46
C ASP A 338 4.32 -17.02 -37.22
N GLY A 339 3.51 -16.27 -36.47
CA GLY A 339 3.81 -14.91 -36.11
C GLY A 339 3.01 -13.84 -36.83
N TYR A 340 2.14 -14.21 -37.77
CA TYR A 340 1.39 -13.24 -38.54
C TYR A 340 0.15 -12.78 -37.77
N ILE A 341 -0.41 -11.65 -38.22
CA ILE A 341 -1.65 -11.13 -37.68
C ILE A 341 -2.76 -11.44 -38.67
N ARG A 342 -3.76 -12.21 -38.22
CA ARG A 342 -4.86 -12.61 -39.09
C ARG A 342 -6.22 -12.18 -38.58
N ARG A 343 -6.30 -11.56 -37.39
CA ARG A 343 -7.57 -11.18 -36.82
C ARG A 343 -7.34 -10.04 -35.84
N ALA A 344 -8.24 -9.06 -35.84
CA ALA A 344 -8.12 -7.90 -34.96
C ALA A 344 -9.50 -7.28 -34.75
N VAL A 345 -9.59 -6.46 -33.71
CA VAL A 345 -10.78 -5.65 -33.46
C VAL A 345 -10.34 -4.20 -33.24
N ASP A 346 -11.29 -3.29 -33.45
CA ASP A 346 -11.11 -1.87 -33.18
C ASP A 346 -11.85 -1.56 -31.88
N CYS A 347 -11.09 -1.18 -30.85
CA CYS A 347 -11.66 -1.03 -29.51
C CYS A 347 -12.69 0.10 -29.45
N GLY A 348 -12.43 1.19 -30.15
CA GLY A 348 -13.31 2.34 -30.11
C GLY A 348 -14.50 2.30 -31.03
N HIS A 349 -14.71 1.19 -31.76
CA HIS A 349 -15.82 1.12 -32.70
C HIS A 349 -17.16 1.07 -31.98
N ASP A 350 -17.29 0.18 -30.98
CA ASP A 350 -18.52 0.07 -30.22
C ASP A 350 -18.19 -0.47 -28.82
N ASP A 351 -19.24 -0.72 -28.04
CA ASP A 351 -19.07 -1.14 -26.66
C ASP A 351 -18.65 -2.59 -26.53
N LEU A 352 -19.13 -3.46 -27.43
CA LEU A 352 -18.75 -4.87 -27.38
C LEU A 352 -17.25 -5.04 -27.67
N ALA A 353 -16.73 -4.29 -28.64
CA ALA A 353 -15.30 -4.36 -28.91
C ALA A 353 -14.49 -3.73 -27.78
N GLN A 354 -15.04 -2.72 -27.09
CA GLN A 354 -14.40 -2.19 -25.91
C GLN A 354 -14.32 -3.25 -24.81
N LEU A 355 -15.39 -4.04 -24.64
CA LEU A 355 -15.37 -5.14 -23.68
C LEU A 355 -14.35 -6.21 -24.08
N ARG A 356 -14.26 -6.51 -25.37
CA ARG A 356 -13.31 -7.50 -25.85
C ARG A 356 -11.87 -7.04 -25.64
N CYS A 357 -11.60 -5.74 -25.85
CA CYS A 357 -10.27 -5.21 -25.59
C CYS A 357 -9.97 -5.17 -24.10
N SER A 358 -11.00 -4.92 -23.27
CA SER A 358 -10.81 -4.93 -21.82
C SER A 358 -10.46 -6.32 -21.32
N TYR A 359 -11.14 -7.35 -21.83
CA TYR A 359 -10.85 -8.72 -21.42
C TYR A 359 -9.69 -9.33 -22.18
N GLU A 360 -9.19 -8.65 -23.22
CA GLU A 360 -8.04 -9.09 -24.03
C GLU A 360 -8.28 -10.47 -24.65
N SER A 361 -9.51 -10.72 -25.09
CA SER A 361 -9.84 -11.97 -25.73
C SER A 361 -10.90 -11.73 -26.79
N PHE A 362 -10.91 -12.59 -27.80
CA PHE A 362 -11.92 -12.52 -28.85
C PHE A 362 -13.20 -13.24 -28.48
N ASP A 363 -13.22 -13.94 -27.35
CA ASP A 363 -14.40 -14.64 -26.86
C ASP A 363 -14.63 -14.24 -25.41
N VAL A 364 -15.76 -13.59 -25.15
CA VAL A 364 -16.15 -13.16 -23.81
C VAL A 364 -17.44 -13.89 -23.44
N ASP A 365 -17.52 -14.35 -22.19
CA ASP A 365 -18.69 -15.06 -21.74
C ASP A 365 -19.89 -14.12 -21.61
N SER A 366 -21.08 -14.70 -21.66
CA SER A 366 -22.30 -13.91 -21.58
C SER A 366 -22.48 -13.33 -20.18
N GLY A 367 -22.95 -12.09 -20.13
CA GLY A 367 -23.19 -11.43 -18.86
C GLY A 367 -23.41 -9.96 -19.07
N VAL A 368 -23.62 -9.27 -17.95
CA VAL A 368 -23.76 -7.83 -17.93
C VAL A 368 -22.48 -7.24 -17.37
N TYR A 369 -21.73 -6.53 -18.22
CA TYR A 369 -20.43 -5.98 -17.87
C TYR A 369 -20.50 -4.47 -17.77
N SER A 370 -19.40 -3.89 -17.30
CA SER A 370 -19.25 -2.44 -17.21
C SER A 370 -18.08 -2.03 -18.08
N VAL A 371 -18.29 -1.02 -18.93
CA VAL A 371 -17.25 -0.56 -19.84
C VAL A 371 -16.87 0.87 -19.49
N SER A 372 -15.88 1.41 -20.20
CA SER A 372 -15.43 2.77 -19.94
C SER A 372 -16.48 3.79 -20.33
N SER A 373 -16.64 4.81 -19.51
CA SER A 373 -17.64 5.84 -19.73
C SER A 373 -17.22 6.79 -20.85
N PRO A 378 -12.21 20.08 -23.46
CA PRO A 378 -13.64 20.39 -23.41
C PRO A 378 -14.02 21.58 -24.28
N ARG A 379 -15.17 21.50 -24.96
CA ARG A 379 -15.62 22.57 -25.82
C ARG A 379 -16.12 23.74 -24.99
N GLY A 380 -15.87 24.96 -25.48
CA GLY A 380 -16.31 26.16 -24.81
C GLY A 380 -15.29 26.71 -23.84
N ALA A 381 -15.48 27.99 -23.51
CA ALA A 381 -14.58 28.68 -22.60
C ALA A 381 -15.33 29.81 -21.91
N PHE A 382 -15.05 30.00 -20.62
CA PHE A 382 -15.70 31.02 -19.80
C PHE A 382 -14.58 31.87 -19.18
N ILE A 383 -14.16 32.89 -19.91
CA ILE A 383 -13.07 33.77 -19.48
C ILE A 383 -13.67 35.02 -18.88
N GLU A 384 -13.32 35.30 -17.63
CA GLU A 384 -13.79 36.50 -16.94
C GLU A 384 -12.61 37.12 -16.20
N GLN A 385 -12.37 38.41 -16.42
CA GLN A 385 -11.21 39.08 -15.86
C GLN A 385 -11.53 40.53 -15.59
N SER A 386 -10.76 41.14 -14.70
CA SER A 386 -10.94 42.53 -14.33
C SER A 386 -10.32 43.44 -15.38
N SER A 387 -10.58 44.73 -15.24
CA SER A 387 -9.96 45.73 -16.09
C SER A 387 -8.47 45.82 -15.79
N GLY A 388 -7.67 45.94 -16.84
CA GLY A 388 -6.23 45.86 -16.72
C GLY A 388 -5.56 47.03 -16.03
N LYS A 389 -4.84 46.76 -14.96
CA LYS A 389 -3.93 47.71 -14.34
C LYS A 389 -2.53 47.12 -14.37
N GLU A 390 -1.53 48.00 -14.48
CA GLU A 390 -0.15 47.57 -14.68
C GLU A 390 0.61 47.52 -13.37
N CYS A 391 1.38 46.45 -13.18
CA CYS A 391 2.25 46.35 -12.02
C CYS A 391 3.39 47.36 -12.14
N ASP A 392 3.73 47.99 -11.02
CA ASP A 392 4.75 49.04 -11.00
C ASP A 392 6.11 48.39 -10.78
N PHE A 393 6.87 48.21 -11.85
CA PHE A 393 8.23 47.70 -11.79
C PHE A 393 9.26 48.80 -11.85
N SER A 394 8.83 50.07 -11.83
CA SER A 394 9.77 51.19 -11.86
C SER A 394 10.76 51.26 -10.69
N PRO A 395 10.40 50.98 -9.42
CA PRO A 395 11.44 50.93 -8.39
C PRO A 395 12.50 49.86 -8.62
N MET A 396 12.15 48.78 -9.33
CA MET A 396 13.14 47.75 -9.64
C MET A 396 14.10 48.22 -10.72
N LEU A 397 13.63 49.06 -11.66
CA LEU A 397 14.38 49.39 -12.87
C LEU A 397 14.86 50.84 -12.92
N THR A 398 14.69 51.62 -11.85
CA THR A 398 15.01 53.05 -11.91
C THR A 398 16.26 53.40 -11.13
N GLY A 399 16.33 53.08 -9.84
CA GLY A 399 17.43 53.54 -9.01
C GLY A 399 18.65 52.66 -9.10
N THR A 400 19.56 52.85 -8.15
CA THR A 400 20.69 51.93 -8.01
C THR A 400 20.24 50.72 -7.22
N PRO A 401 20.60 49.50 -7.65
CA PRO A 401 20.16 48.31 -6.92
C PRO A 401 20.85 48.23 -5.56
N PRO A 402 20.16 47.73 -4.55
CA PRO A 402 20.77 47.58 -3.24
C PRO A 402 21.64 46.32 -3.17
N GLN A 403 22.26 46.15 -2.01
CA GLN A 403 23.13 45.01 -1.77
C GLN A 403 22.31 43.86 -1.20
N VAL A 404 22.98 42.71 -0.98
CA VAL A 404 22.28 41.47 -0.64
C VAL A 404 21.66 41.54 0.76
N TYR A 405 22.34 42.18 1.71
CA TYR A 405 21.79 42.34 3.05
C TYR A 405 20.68 43.38 3.12
N ASN A 406 20.67 44.32 2.19
CA ASN A 406 19.73 45.43 2.17
C ASN A 406 18.73 45.29 1.02
N PHE A 407 18.30 44.05 0.76
CA PHE A 407 17.48 43.76 -0.41
C PHE A 407 16.13 44.45 -0.34
N ARG A 408 15.66 44.92 -1.49
CA ARG A 408 14.34 45.53 -1.61
C ARG A 408 13.33 44.48 -2.05
N ARG A 409 12.11 44.59 -1.52
CA ARG A 409 11.05 43.64 -1.80
C ARG A 409 9.88 44.34 -2.45
N LEU A 410 9.34 43.75 -3.50
CA LEU A 410 8.15 44.25 -4.18
C LEU A 410 7.08 43.15 -4.18
N VAL A 411 5.88 43.49 -3.73
CA VAL A 411 4.75 42.57 -3.71
C VAL A 411 3.67 43.12 -4.61
N PHE A 412 3.16 42.29 -5.52
CA PHE A 412 2.20 42.72 -6.49
C PHE A 412 0.95 41.95 -6.37
N THR A 413 -0.18 42.61 -6.26
CA THR A 413 -1.46 41.95 -6.24
C THR A 413 -2.42 42.62 -7.17
N ASP A 414 -3.31 41.88 -7.81
CA ASP A 414 -4.34 42.44 -8.71
C ASP A 414 -3.88 43.27 -9.90
N CYS A 415 -2.81 42.89 -10.59
CA CYS A 415 -2.27 43.70 -11.67
C CYS A 415 -1.82 42.91 -12.89
N ASN A 416 -1.53 43.58 -14.00
CA ASN A 416 -1.04 42.85 -15.17
C ASN A 416 0.33 43.38 -15.55
N TYR A 417 1.32 42.49 -15.65
CA TYR A 417 2.68 42.91 -15.96
C TYR A 417 3.16 42.29 -17.26
N ASN A 418 4.02 43.03 -17.94
CA ASN A 418 4.61 42.63 -19.23
C ASN A 418 5.88 41.86 -18.93
N LEU A 419 5.78 40.52 -18.91
CA LEU A 419 6.94 39.68 -18.61
C LEU A 419 7.96 39.68 -19.74
N THR A 420 7.49 39.83 -20.98
CA THR A 420 8.38 39.82 -22.14
C THR A 420 9.35 40.99 -22.11
N LYS A 421 8.88 42.17 -21.73
CA LYS A 421 9.75 43.34 -21.63
C LYS A 421 10.80 43.17 -20.53
N LEU A 422 10.39 42.64 -19.37
CA LEU A 422 11.34 42.42 -18.28
C LEU A 422 12.38 41.38 -18.65
N LEU A 423 11.97 40.33 -19.35
CA LEU A 423 12.94 39.32 -19.79
C LEU A 423 13.83 39.84 -20.90
N SER A 424 13.34 40.81 -21.68
CA SER A 424 14.19 41.43 -22.69
C SER A 424 15.19 42.40 -22.08
N LEU A 425 14.87 43.00 -20.93
CA LEU A 425 15.78 43.94 -20.29
C LEU A 425 17.02 43.26 -19.73
N PHE A 426 16.88 42.05 -19.20
CA PHE A 426 17.97 41.36 -18.52
C PHE A 426 18.42 40.15 -19.32
N GLN A 427 19.68 39.76 -19.12
CA GLN A 427 20.25 38.56 -19.71
C GLN A 427 20.50 37.56 -18.60
N VAL A 428 19.72 36.48 -18.60
CA VAL A 428 19.76 35.51 -17.51
C VAL A 428 20.98 34.62 -17.65
N SER A 429 21.77 34.54 -16.57
CA SER A 429 22.93 33.65 -16.55
C SER A 429 22.58 32.28 -16.02
N GLU A 430 21.84 32.20 -14.91
CA GLU A 430 21.39 30.92 -14.38
C GLU A 430 20.09 31.14 -13.61
N PHE A 431 19.32 30.06 -13.48
CA PHE A 431 18.10 30.08 -12.69
C PHE A 431 17.84 28.69 -12.15
N SER A 432 17.18 28.64 -10.99
CA SER A 432 16.82 27.38 -10.35
C SER A 432 15.51 27.58 -9.61
N CYS A 433 14.49 26.80 -9.99
CA CYS A 433 13.13 27.00 -9.51
C CYS A 433 12.69 25.82 -8.66
N HIS A 434 11.77 26.09 -7.74
CA HIS A 434 11.27 25.11 -6.79
C HIS A 434 9.76 25.05 -6.89
N GLN A 435 9.22 23.86 -7.19
CA GLN A 435 7.79 23.55 -7.25
C GLN A 435 7.04 24.34 -8.32
N VAL A 436 7.77 24.94 -9.26
CA VAL A 436 7.21 25.70 -10.37
C VAL A 436 8.27 25.79 -11.45
N CYS A 437 7.87 26.12 -12.67
CA CYS A 437 8.80 26.39 -13.75
C CYS A 437 8.45 27.74 -14.37
N PRO A 438 9.43 28.45 -14.92
CA PRO A 438 9.16 29.80 -15.47
C PRO A 438 8.16 29.83 -16.61
N ASP A 439 8.03 28.75 -17.37
CA ASP A 439 7.00 28.69 -18.40
C ASP A 439 5.60 28.66 -17.81
N ALA A 440 5.43 28.01 -16.65
CA ALA A 440 4.14 28.03 -15.96
C ALA A 440 3.82 29.42 -15.45
N LEU A 441 4.82 30.16 -14.97
CA LEU A 441 4.60 31.54 -14.56
C LEU A 441 4.31 32.44 -15.75
N ALA A 442 4.88 32.12 -16.91
CA ALA A 442 4.62 32.92 -18.10
C ALA A 442 3.24 32.65 -18.69
N SER A 443 2.74 31.42 -18.57
CA SER A 443 1.47 31.05 -19.19
C SER A 443 0.35 30.88 -18.18
N GLY A 444 0.52 31.37 -16.95
CA GLY A 444 -0.48 31.17 -15.93
C GLY A 444 -0.54 32.34 -14.97
N CYS A 445 -1.57 32.33 -14.10
CA CYS A 445 -1.81 33.41 -13.15
C CYS A 445 -1.73 33.02 -11.70
N TYR A 446 -1.37 33.92 -10.81
CA TYR A 446 -1.17 33.63 -9.42
C TYR A 446 -1.75 34.71 -8.60
N SER A 447 -2.07 34.46 -7.34
CA SER A 447 -2.56 35.49 -6.44
C SER A 447 -1.61 36.60 -6.10
N SER A 448 -0.33 36.30 -5.87
CA SER A 448 0.65 37.28 -5.55
C SER A 448 2.00 37.00 -6.11
N LEU A 449 2.84 38.01 -6.30
CA LEU A 449 4.20 37.82 -6.69
C LEU A 449 5.03 38.63 -5.78
N THR A 450 6.05 38.06 -5.17
CA THR A 450 7.00 38.83 -4.39
C THR A 450 8.32 38.75 -5.08
N VAL A 451 8.99 39.86 -5.30
CA VAL A 451 10.33 39.85 -5.85
C VAL A 451 11.26 40.50 -4.87
N ASP A 452 12.39 39.91 -4.52
CA ASP A 452 13.40 40.51 -3.72
C ASP A 452 14.60 40.59 -4.61
N TYR A 453 15.22 41.73 -4.75
CA TYR A 453 16.31 41.88 -5.66
C TYR A 453 17.43 42.61 -5.03
N PHE A 454 18.64 42.35 -5.46
CA PHE A 454 19.79 42.92 -4.89
C PHE A 454 20.86 42.85 -5.89
N ALA A 455 21.85 43.72 -5.84
CA ALA A 455 23.04 43.62 -6.67
C ALA A 455 23.92 42.51 -6.15
N TYR A 456 24.25 41.55 -7.01
CA TYR A 456 24.95 40.35 -6.59
C TYR A 456 25.80 39.81 -7.73
N PRO A 457 27.14 39.67 -7.47
CA PRO A 457 28.08 39.11 -8.42
C PRO A 457 27.79 37.70 -8.81
N THR A 458 27.85 37.39 -10.07
CA THR A 458 27.61 36.06 -10.58
C THR A 458 28.68 35.17 -10.01
N SER A 459 29.85 35.69 -9.78
CA SER A 459 30.89 34.84 -9.33
C SER A 459 30.50 34.22 -8.06
N LEU A 460 29.86 34.90 -7.15
CA LEU A 460 29.42 34.24 -5.96
C LEU A 460 28.09 33.53 -6.19
N ALA A 461 27.90 32.87 -7.31
CA ALA A 461 26.66 32.17 -7.61
C ALA A 461 26.45 30.94 -6.73
N SER A 462 27.53 30.33 -6.24
CA SER A 462 27.39 29.12 -5.44
C SER A 462 26.92 29.42 -4.02
N TYR A 463 27.05 30.68 -3.57
CA TYR A 463 26.72 31.00 -2.19
C TYR A 463 25.23 31.23 -1.99
N LEU A 464 24.42 31.31 -3.01
CA LEU A 464 23.02 31.45 -2.80
C LEU A 464 22.27 30.18 -3.07
N GLN A 465 22.94 29.09 -3.39
CA GLN A 465 22.35 27.81 -3.67
C GLN A 465 21.79 27.21 -2.45
N GLN A 466 20.78 26.37 -2.56
CA GLN A 466 20.03 25.84 -1.40
C GLN A 466 20.68 25.36 -0.12
N GLY A 467 21.67 24.55 -0.21
CA GLY A 467 22.38 24.02 0.93
C GLY A 467 23.61 24.78 1.36
N SER A 468 23.81 26.01 0.87
CA SER A 468 25.06 26.72 1.07
C SER A 468 25.23 27.14 2.53
N THR A 469 26.48 27.13 2.98
CA THR A 469 26.84 27.52 4.34
C THR A 469 27.79 28.70 4.35
N GLY A 470 27.77 29.51 3.30
CA GLY A 470 28.66 30.64 3.18
C GLY A 470 28.23 31.82 4.04
N GLU A 471 28.87 32.96 3.77
CA GLU A 471 28.53 34.17 4.52
C GLU A 471 27.18 34.71 4.11
N ILE A 472 26.77 34.49 2.86
CA ILE A 472 25.53 35.06 2.34
C ILE A 472 24.33 34.40 3.01
N THR A 473 24.34 33.07 3.12
CA THR A 473 23.23 32.38 3.75
C THR A 473 23.24 32.55 5.26
N GLN A 474 24.42 32.68 5.86
CA GLN A 474 24.52 32.79 7.31
C GLN A 474 24.19 34.19 7.81
N TYR A 475 24.47 35.24 7.03
CA TYR A 475 24.33 36.60 7.55
C TYR A 475 23.52 37.51 6.65
N ASN A 476 23.55 37.29 5.33
CA ASN A 476 23.02 38.26 4.38
C ASN A 476 21.59 37.95 3.95
N TYR A 477 21.35 36.77 3.38
CA TYR A 477 20.02 36.46 2.87
C TYR A 477 19.78 34.96 2.94
N LYS A 478 18.60 34.57 3.42
CA LYS A 478 18.18 33.17 3.47
C LYS A 478 16.88 33.03 2.71
N GLN A 479 16.87 32.17 1.69
CA GLN A 479 15.70 32.02 0.83
C GLN A 479 14.62 31.23 1.55
N ASP A 480 13.37 31.64 1.34
CA ASP A 480 12.20 30.98 1.93
C ASP A 480 11.65 29.96 0.94
N PHE A 481 11.59 28.70 1.35
CA PHE A 481 11.15 27.62 0.49
C PHE A 481 9.75 27.10 0.84
N SER A 482 8.99 27.85 1.64
CA SER A 482 7.65 27.41 2.01
C SER A 482 6.67 27.58 0.86
N ASN A 483 6.93 28.51 -0.04
CA ASN A 483 6.10 28.81 -1.20
C ASN A 483 6.78 28.36 -2.48
N PRO A 484 6.04 28.18 -3.57
CA PRO A 484 6.68 27.97 -4.87
C PRO A 484 7.53 29.17 -5.24
N THR A 485 8.78 28.91 -5.63
CA THR A 485 9.76 29.99 -5.71
C THR A 485 10.73 29.74 -6.86
N CYS A 486 11.40 30.83 -7.25
CA CYS A 486 12.47 30.79 -8.25
C CYS A 486 13.59 31.72 -7.79
N ARG A 487 14.79 31.45 -8.30
CA ARG A 487 15.95 32.30 -8.02
C ARG A 487 16.72 32.50 -9.31
N ILE A 488 16.83 33.74 -9.76
CA ILE A 488 17.40 34.08 -11.06
C ILE A 488 18.59 35.00 -10.85
N LEU A 489 19.68 34.73 -11.56
CA LEU A 489 20.81 35.62 -11.66
C LEU A 489 20.86 36.18 -13.09
N ALA A 490 20.86 37.50 -13.21
CA ALA A 490 20.76 38.14 -14.51
C ALA A 490 21.76 39.28 -14.58
N THR A 491 22.11 39.66 -15.82
CA THR A 491 23.06 40.72 -16.09
C THR A 491 22.37 41.85 -16.82
N ALA A 492 22.48 43.06 -16.29
CA ALA A 492 21.87 44.23 -16.91
C ALA A 492 22.86 44.89 -17.85
N PRO A 493 22.50 45.08 -19.14
CA PRO A 493 23.41 45.78 -20.06
C PRO A 493 23.61 47.26 -19.74
N ALA A 494 24.47 47.92 -20.53
CA ALA A 494 24.87 49.28 -20.20
C ALA A 494 23.77 50.30 -20.49
N ASN A 495 22.80 49.96 -21.30
CA ASN A 495 21.79 50.94 -21.65
C ASN A 495 20.64 50.90 -20.68
N ILE A 496 20.76 50.05 -19.68
CA ILE A 496 19.74 49.94 -18.67
C ILE A 496 19.72 51.19 -17.84
N THR A 497 18.57 51.60 -17.35
CA THR A 497 18.50 52.72 -16.46
C THR A 497 19.25 52.45 -15.18
N LEU A 498 19.17 51.24 -14.65
CA LEU A 498 19.80 50.95 -13.39
C LEU A 498 21.20 51.48 -13.34
N THR A 499 21.52 52.30 -12.36
CA THR A 499 22.84 52.88 -12.14
C THR A 499 23.68 51.90 -11.33
N LYS A 500 24.85 51.56 -11.84
CA LYS A 500 25.74 50.65 -11.14
C LYS A 500 26.26 51.30 -9.87
N PRO A 501 26.25 50.63 -8.73
CA PRO A 501 26.84 51.17 -7.51
C PRO A 501 28.37 51.10 -7.58
N SER A 502 29.00 51.49 -6.47
CA SER A 502 30.46 51.53 -6.42
C SER A 502 31.06 50.14 -6.54
N ASN A 503 30.51 49.17 -5.83
CA ASN A 503 31.03 47.82 -5.81
C ASN A 503 29.97 46.89 -5.23
N TYR A 504 30.32 45.60 -5.15
CA TYR A 504 29.50 44.62 -4.44
C TYR A 504 30.09 44.41 -3.06
N ASN A 505 29.24 44.48 -2.03
CA ASN A 505 29.67 44.16 -0.69
C ASN A 505 28.62 43.30 -0.01
N TRP A 506 29.06 42.53 0.99
CA TRP A 506 28.18 41.65 1.73
C TRP A 506 28.74 41.51 3.14
N LEU A 507 27.88 41.06 4.05
CA LEU A 507 28.28 40.84 5.43
C LEU A 507 29.01 39.51 5.57
N THR A 508 30.17 39.53 6.23
CA THR A 508 30.90 38.32 6.56
C THR A 508 30.74 37.91 8.01
N GLN A 509 30.48 38.87 8.90
CA GLN A 509 30.25 38.60 10.31
C GLN A 509 29.22 39.56 10.85
N CYS A 510 28.42 39.08 11.80
CA CYS A 510 27.45 39.92 12.51
C CYS A 510 27.30 39.30 13.90
N TYR A 511 28.02 39.85 14.87
CA TYR A 511 28.06 39.27 16.20
C TYR A 511 27.90 40.35 17.25
N LYS A 512 27.35 39.95 18.39
CA LYS A 512 27.27 40.82 19.57
C LYS A 512 28.52 40.58 20.39
N GLY A 513 29.42 41.57 20.39
CA GLY A 513 30.73 41.41 21.00
C GLY A 513 30.70 41.43 22.51
N SER A 514 31.87 41.14 23.09
CA SER A 514 32.13 41.12 24.52
C SER A 514 31.25 40.11 25.26
N ALA A 515 31.26 40.17 26.60
CA ALA A 515 30.53 39.25 27.48
C ALA A 515 30.96 37.80 27.22
N PHE A 516 32.23 37.55 27.55
CA PHE A 516 32.92 36.25 27.51
C PHE A 516 32.73 35.48 26.20
N GLY A 517 32.55 36.17 25.08
CA GLY A 517 32.43 35.45 23.82
C GLY A 517 32.05 36.39 22.70
N ASN A 518 31.75 35.79 21.55
CA ASN A 518 31.29 36.50 20.35
C ASN A 518 30.08 35.73 19.83
N GLN A 519 28.90 36.10 20.30
CA GLN A 519 27.68 35.39 19.90
C GLN A 519 27.30 35.78 18.48
N PRO A 520 27.27 34.85 17.53
CA PRO A 520 26.93 35.22 16.15
C PRO A 520 25.42 35.39 15.97
N HIS A 521 25.05 36.41 15.21
CA HIS A 521 23.65 36.74 14.95
C HIS A 521 23.34 36.37 13.51
N TYR A 522 22.68 35.27 13.26
CA TYR A 522 22.42 34.87 11.91
C TYR A 522 21.12 35.39 11.35
N VAL A 523 20.98 35.57 10.06
CA VAL A 523 19.75 36.03 9.41
C VAL A 523 18.75 34.94 9.50
N GLN A 524 17.46 35.23 9.44
CA GLN A 524 16.41 34.27 9.63
C GLN A 524 15.68 34.33 8.35
N THR A 525 14.98 33.30 7.89
CA THR A 525 14.50 33.28 6.51
C THR A 525 13.57 34.34 6.06
N GLY A 526 13.90 34.91 4.91
CA GLY A 526 13.11 35.99 4.35
C GLY A 526 13.07 37.18 5.24
N GLN A 527 14.09 37.42 6.03
CA GLN A 527 14.07 38.51 6.97
C GLN A 527 15.38 39.19 6.94
N TYR A 528 15.43 40.43 7.32
CA TYR A 528 16.63 41.18 7.26
C TYR A 528 17.55 40.85 8.41
N THR A 529 18.82 41.15 8.27
CA THR A 529 19.83 40.84 9.26
C THR A 529 19.73 41.79 10.46
N PRO A 530 20.09 41.32 11.65
CA PRO A 530 20.14 42.22 12.82
C PRO A 530 21.20 43.31 12.71
N CYS A 531 22.23 43.12 11.86
CA CYS A 531 23.25 44.12 11.64
C CYS A 531 22.96 44.99 10.43
N LEU A 532 21.69 45.23 10.13
CA LEU A 532 21.33 45.98 8.93
C LEU A 532 21.69 47.46 9.06
N GLY A 533 21.39 48.06 10.22
CA GLY A 533 21.62 49.48 10.41
C GLY A 533 23.09 49.87 10.35
N LEU A 534 23.97 48.97 10.80
CA LEU A 534 25.40 49.18 10.64
C LEU A 534 25.86 48.96 9.21
N ALA A 535 25.02 48.40 8.34
CA ALA A 535 25.41 48.04 6.99
C ALA A 535 24.74 48.86 5.90
N VAL A 536 23.79 49.74 6.25
CA VAL A 536 23.18 50.61 5.24
C VAL A 536 24.23 51.52 4.60
N GLN A 537 25.20 51.97 5.39
CA GLN A 537 26.26 52.82 4.87
C GLN A 537 27.16 52.12 3.86
N GLY A 538 27.23 50.78 3.90
CA GLY A 538 28.05 50.04 2.97
C GLY A 538 29.45 49.79 3.49
N PHE A 539 30.26 49.17 2.64
CA PHE A 539 31.62 48.81 2.97
C PHE A 539 32.57 49.29 1.89
N SER A 540 33.73 49.78 2.32
CA SER A 540 34.85 50.09 1.44
C SER A 540 36.09 49.40 1.99
N ALA A 541 36.84 48.75 1.08
CA ALA A 541 38.01 47.91 1.36
C ALA A 541 37.65 46.65 2.15
N ALA A 542 38.44 45.60 1.99
CA ALA A 542 38.09 44.30 2.55
C ALA A 542 38.20 44.29 4.06
N TYR A 543 37.25 43.58 4.70
CA TYR A 543 37.20 43.39 6.16
C TYR A 543 37.12 44.72 6.92
N GLN A 544 36.35 45.65 6.37
CA GLN A 544 35.99 46.86 7.10
C GLN A 544 34.91 46.54 8.11
N SER A 545 35.05 47.03 9.33
CA SER A 545 34.17 46.69 10.42
C SER A 545 33.52 47.94 11.00
N HIS A 546 32.22 47.84 11.27
CA HIS A 546 31.45 48.90 11.91
C HIS A 546 30.89 48.41 13.23
N ARG A 547 30.87 49.27 14.23
CA ARG A 547 30.41 48.91 15.57
C ARG A 547 29.37 49.92 16.05
N ASP A 548 28.40 49.39 16.79
CA ASP A 548 27.36 50.20 17.42
C ASP A 548 27.54 50.15 18.93
N PRO A 549 27.78 51.27 19.61
CA PRO A 549 28.03 51.23 21.04
C PRO A 549 26.79 51.02 21.90
N ILE A 550 25.60 51.06 21.33
CA ILE A 550 24.38 50.94 22.11
C ILE A 550 23.99 49.47 22.29
N THR A 551 24.02 48.68 21.22
CA THR A 551 23.67 47.26 21.29
C THR A 551 24.88 46.35 21.22
N LYS A 552 26.10 46.92 21.12
CA LYS A 552 27.36 46.17 21.07
C LYS A 552 27.39 45.19 19.91
N LEU A 553 26.87 45.62 18.75
CA LEU A 553 26.84 44.81 17.55
C LEU A 553 27.97 45.21 16.61
N VAL A 554 28.65 44.20 16.07
CA VAL A 554 29.78 44.41 15.16
C VAL A 554 29.44 43.78 13.82
N ALA A 555 29.67 44.51 12.74
CA ALA A 555 29.40 44.04 11.39
C ALA A 555 30.63 44.24 10.53
N THR A 556 31.16 43.15 9.97
CA THR A 556 32.30 43.19 9.08
C THR A 556 31.88 42.75 7.68
N GLY A 557 32.50 43.35 6.67
CA GLY A 557 32.12 43.14 5.30
C GLY A 557 33.27 42.62 4.43
N ASN A 558 32.94 42.43 3.15
CA ASN A 558 33.92 42.05 2.14
C ASN A 558 33.59 42.80 0.85
N ILE A 559 34.59 42.94 -0.01
CA ILE A 559 34.50 43.81 -1.18
C ILE A 559 34.80 43.00 -2.43
N ALA A 560 33.94 43.12 -3.43
CA ALA A 560 34.19 42.62 -4.77
C ALA A 560 34.13 43.77 -5.75
N ALA A 561 35.09 43.81 -6.68
CA ALA A 561 35.14 44.89 -7.66
C ALA A 561 33.97 44.78 -8.64
N MET A 562 33.41 45.93 -9.00
CA MET A 562 32.25 45.98 -9.87
C MET A 562 32.66 45.70 -11.31
N THR A 563 31.92 44.82 -11.98
CA THR A 563 32.23 44.39 -13.33
C THR A 563 31.84 45.46 -14.34
N ASP A 564 32.03 45.15 -15.63
CA ASP A 564 31.67 46.09 -16.69
C ASP A 564 30.16 46.24 -16.79
N ASN A 565 29.43 45.15 -16.64
CA ASN A 565 27.97 45.16 -16.67
C ASN A 565 27.43 44.81 -15.29
N LEU A 566 26.36 45.50 -14.90
CA LEU A 566 25.77 45.28 -13.58
C LEU A 566 25.09 43.93 -13.52
N GLN A 567 25.39 43.16 -12.48
CA GLN A 567 24.85 41.82 -12.30
C GLN A 567 23.91 41.82 -11.10
N MET A 568 22.70 41.30 -11.31
CA MET A 568 21.64 41.37 -10.31
C MET A 568 21.09 39.98 -10.04
N ALA A 569 20.55 39.80 -8.82
CA ALA A 569 19.93 38.55 -8.41
C ALA A 569 18.50 38.82 -7.99
N PHE A 570 17.59 37.93 -8.39
CA PHE A 570 16.18 38.05 -8.08
C PHE A 570 15.70 36.77 -7.42
N ILE A 571 15.01 36.91 -6.28
CA ILE A 571 14.34 35.78 -5.63
C ILE A 571 12.86 36.06 -5.71
N ILE A 572 12.12 35.14 -6.32
CA ILE A 572 10.74 35.34 -6.71
C ILE A 572 9.88 34.30 -6.02
N SER A 573 8.79 34.72 -5.39
CA SER A 573 7.86 33.82 -4.74
C SER A 573 6.45 34.12 -5.22
N VAL A 574 5.67 33.07 -5.46
CA VAL A 574 4.29 33.20 -5.93
C VAL A 574 3.36 32.48 -4.97
N GLN A 575 2.08 32.85 -5.05
CA GLN A 575 1.05 32.26 -4.22
C GLN A 575 -0.18 32.00 -5.07
N TYR A 576 -0.84 30.87 -4.81
CA TYR A 576 -2.01 30.45 -5.58
C TYR A 576 -3.22 30.33 -4.67
N GLY A 577 -4.35 30.82 -5.14
CA GLY A 577 -5.60 30.72 -4.41
C GLY A 577 -5.64 31.49 -3.09
N THR A 578 -5.17 32.73 -3.09
CA THR A 578 -5.13 33.55 -1.88
C THR A 578 -6.05 34.76 -1.97
N ASP A 579 -6.04 35.48 -3.09
CA ASP A 579 -6.86 36.67 -3.26
C ASP A 579 -7.99 36.38 -4.25
N THR A 580 -8.97 37.29 -4.26
CA THR A 580 -10.05 37.20 -5.24
C THR A 580 -9.55 37.53 -6.64
N ASN A 581 -8.70 38.55 -6.76
CA ASN A 581 -8.08 38.89 -8.03
C ASN A 581 -6.73 38.18 -8.16
N SER A 582 -6.15 38.26 -9.35
CA SER A 582 -4.92 37.53 -9.63
C SER A 582 -3.94 38.41 -10.38
N VAL A 583 -2.66 38.08 -10.25
CA VAL A 583 -1.59 38.71 -11.02
C VAL A 583 -1.39 37.89 -12.29
N CYS A 584 -1.66 38.50 -13.44
CA CYS A 584 -1.62 37.80 -14.70
C CYS A 584 -0.62 38.45 -15.65
N PRO A 585 0.31 37.69 -16.21
CA PRO A 585 1.14 38.23 -17.28
C PRO A 585 0.31 38.50 -18.53
N MET A 586 0.77 39.47 -19.32
CA MET A 586 -0.01 39.91 -20.48
C MET A 586 -0.05 38.87 -21.60
N GLN A 587 0.85 37.89 -21.59
CA GLN A 587 0.77 36.82 -22.58
C GLN A 587 -0.41 35.90 -22.32
N ALA A 588 -0.74 35.68 -21.05
CA ALA A 588 -1.81 34.76 -20.68
C ALA A 588 -3.20 35.37 -20.75
N LEU A 589 -3.30 36.67 -21.04
CA LEU A 589 -4.59 37.34 -21.09
C LEU A 589 -5.35 36.94 -22.35
N ARG A 590 -6.63 36.60 -22.17
CA ARG A 590 -7.51 36.23 -23.27
C ARG A 590 -8.78 37.06 -23.19
N ASN A 591 -9.51 37.11 -24.31
CA ASN A 591 -10.71 37.93 -24.38
C ASN A 591 -11.85 37.31 -23.60
N ASP A 592 -12.77 38.15 -23.14
CA ASP A 592 -13.83 37.71 -22.27
C ASP A 592 -14.94 37.00 -23.05
N THR A 593 -15.43 35.91 -22.47
CA THR A 593 -16.59 35.20 -22.99
C THR A 593 -17.61 35.03 -21.88
N SER A 594 -18.88 34.88 -22.26
CA SER A 594 -19.97 34.71 -21.32
C SER A 594 -20.36 33.24 -21.25
N VAL A 595 -21.10 32.90 -20.19
CA VAL A 595 -21.50 31.51 -19.95
C VAL A 595 -22.99 31.37 -20.24
N HIS A 596 -23.60 32.44 -20.78
CA HIS A 596 -25.03 32.47 -21.07
C HIS A 596 -25.47 31.46 -22.12
N ASP A 597 -24.56 30.98 -22.96
CA ASP A 597 -24.88 29.98 -23.97
C ASP A 597 -24.16 28.65 -23.74
N LYS A 598 -23.48 28.50 -22.60
CA LYS A 598 -22.70 27.29 -22.33
C LYS A 598 -23.04 26.69 -20.97
N LEU A 599 -24.25 26.93 -20.46
CA LEU A 599 -24.66 26.35 -19.20
C LEU A 599 -24.93 24.86 -19.37
N GLY A 600 -24.60 24.10 -18.32
CA GLY A 600 -24.85 22.66 -18.35
C GLY A 600 -23.91 21.87 -19.24
N GLN A 601 -22.73 22.41 -19.54
CA GLN A 601 -21.75 21.73 -20.36
C GLN A 601 -20.39 21.77 -19.66
N CYS A 602 -19.59 20.73 -19.91
CA CYS A 602 -18.23 20.67 -19.38
C CYS A 602 -17.38 21.66 -20.16
N ILE A 603 -17.08 22.80 -19.55
CA ILE A 603 -16.33 23.88 -20.19
C ILE A 603 -15.13 24.22 -19.33
N ASP A 604 -14.15 24.87 -19.95
CA ASP A 604 -13.00 25.42 -19.24
C ASP A 604 -13.27 26.86 -18.86
N TYR A 605 -12.73 27.28 -17.72
CA TYR A 605 -12.98 28.62 -17.22
C TYR A 605 -11.68 29.28 -16.78
N SER A 606 -11.63 30.60 -16.94
CA SER A 606 -10.55 31.44 -16.40
C SER A 606 -11.25 32.58 -15.65
N LEU A 607 -11.59 32.32 -14.38
CA LEU A 607 -12.37 33.25 -13.57
C LEU A 607 -11.43 33.99 -12.63
N TYR A 608 -10.96 35.16 -13.10
CA TYR A 608 -10.03 36.03 -12.37
C TYR A 608 -8.77 35.28 -11.94
N GLY A 609 -8.19 34.55 -12.89
CA GLY A 609 -6.96 33.82 -12.66
C GLY A 609 -7.13 32.38 -12.22
N LEU A 610 -8.36 31.96 -11.91
CA LEU A 610 -8.61 30.57 -11.52
C LEU A 610 -8.87 29.74 -12.77
N THR A 611 -8.05 28.71 -12.97
CA THR A 611 -8.08 27.90 -14.18
C THR A 611 -8.55 26.49 -13.85
N GLY A 612 -9.54 26.01 -14.58
CA GLY A 612 -10.02 24.65 -14.39
C GLY A 612 -11.12 24.33 -15.39
N ARG A 613 -11.68 23.14 -15.24
CA ARG A 613 -12.80 22.69 -16.05
C ARG A 613 -13.94 22.25 -15.15
N GLY A 614 -15.17 22.54 -15.59
CA GLY A 614 -16.33 22.20 -14.78
C GLY A 614 -17.61 22.51 -15.52
N VAL A 615 -18.72 22.25 -14.85
CA VAL A 615 -20.06 22.45 -15.39
C VAL A 615 -20.70 23.61 -14.66
N PHE A 616 -21.17 24.60 -15.41
CA PHE A 616 -21.79 25.80 -14.85
C PHE A 616 -23.30 25.77 -15.09
N GLN A 617 -24.05 26.22 -14.09
CA GLN A 617 -25.50 26.33 -14.22
C GLN A 617 -26.00 27.39 -13.26
N ASN A 618 -27.17 27.94 -13.56
CA ASN A 618 -27.74 29.00 -12.75
C ASN A 618 -28.23 28.43 -11.41
N CYS A 619 -27.73 29.02 -10.32
CA CYS A 619 -27.96 28.50 -8.98
C CYS A 619 -28.45 29.66 -8.11
N THR A 620 -29.15 29.32 -7.05
CA THR A 620 -29.58 30.36 -6.10
C THR A 620 -28.39 30.92 -5.36
N ALA A 621 -28.44 32.22 -5.06
CA ALA A 621 -27.30 32.90 -4.47
C ALA A 621 -27.04 32.42 -3.06
N VAL A 622 -25.79 32.05 -2.80
CA VAL A 622 -25.40 31.47 -1.52
C VAL A 622 -23.92 31.79 -1.29
N GLY A 623 -23.59 32.15 -0.05
CA GLY A 623 -22.24 32.54 0.29
C GLY A 623 -22.01 34.03 0.14
N LEU A 624 -20.81 34.45 0.54
CA LEU A 624 -20.45 35.85 0.49
C LEU A 624 -20.13 36.27 -0.94
N SER A 625 -20.82 37.30 -1.42
CA SER A 625 -20.64 37.75 -2.80
C SER A 625 -19.35 38.53 -3.01
N GLN A 626 -18.78 39.10 -1.94
CA GLN A 626 -17.56 39.90 -2.08
C GLN A 626 -16.33 39.03 -2.30
N GLN A 627 -16.33 37.80 -1.78
CA GLN A 627 -15.17 36.93 -1.92
C GLN A 627 -15.10 36.23 -3.27
N ARG A 628 -16.22 36.22 -4.02
CA ARG A 628 -16.32 35.84 -5.43
C ARG A 628 -16.15 34.34 -5.68
N PHE A 629 -15.78 33.57 -4.66
CA PHE A 629 -15.55 32.15 -4.82
C PHE A 629 -16.08 31.41 -3.60
N VAL A 630 -16.89 30.38 -3.84
CA VAL A 630 -17.46 29.55 -2.78
C VAL A 630 -16.85 28.16 -2.92
N TYR A 631 -16.16 27.69 -1.91
CA TYR A 631 -15.53 26.43 -1.99
C TYR A 631 -16.21 25.43 -1.11
N ASP A 632 -15.68 24.24 -1.04
CA ASP A 632 -16.24 23.25 -0.17
C ASP A 632 -15.21 22.81 0.81
N GLY A 633 -15.47 21.74 1.50
CA GLY A 633 -14.57 21.28 2.51
C GLY A 633 -13.25 20.87 2.01
N PHE A 634 -13.22 20.21 0.88
CA PHE A 634 -11.98 19.69 0.32
C PHE A 634 -11.27 20.70 -0.54
N ASP A 635 -11.83 21.90 -0.70
CA ASP A 635 -11.27 22.95 -1.55
C ASP A 635 -11.62 22.94 -3.01
N ILE A 636 -12.50 22.08 -3.47
CA ILE A 636 -12.96 22.19 -4.83
C ILE A 636 -13.79 23.44 -4.94
N LEU A 637 -13.78 24.17 -6.03
CA LEU A 637 -14.71 25.29 -6.17
C LEU A 637 -16.10 24.76 -6.37
N THR A 638 -17.10 25.40 -5.85
CA THR A 638 -18.50 25.03 -6.02
C THR A 638 -19.40 26.20 -6.40
N GLY A 639 -18.86 27.41 -6.54
CA GLY A 639 -19.69 28.55 -6.89
C GLY A 639 -18.83 29.71 -7.35
N TYR A 640 -19.50 30.68 -7.97
CA TYR A 640 -18.80 31.84 -8.51
C TYR A 640 -19.81 32.98 -8.65
N HIS A 641 -19.59 34.06 -7.90
CA HIS A 641 -20.41 35.26 -7.99
C HIS A 641 -19.87 36.11 -9.15
N SER A 642 -20.56 36.04 -10.28
CA SER A 642 -20.07 36.66 -11.51
C SER A 642 -20.37 38.16 -11.53
N ASP A 643 -19.84 38.82 -12.56
CA ASP A 643 -20.15 40.22 -12.81
C ASP A 643 -21.48 40.38 -13.53
N ASP A 644 -22.06 39.27 -14.01
CA ASP A 644 -23.39 39.32 -14.62
C ASP A 644 -24.48 39.59 -13.59
N GLY A 645 -24.19 39.39 -12.31
CA GLY A 645 -25.19 39.45 -11.27
C GLY A 645 -25.79 38.11 -10.90
N ASN A 646 -25.37 37.03 -11.55
CA ASN A 646 -25.91 35.70 -11.33
C ASN A 646 -24.86 34.84 -10.66
N TYR A 647 -25.24 34.18 -9.57
CA TYR A 647 -24.40 33.16 -8.96
C TYR A 647 -24.50 31.89 -9.78
N TYR A 648 -23.36 31.33 -10.17
CA TYR A 648 -23.31 30.14 -11.02
C TYR A 648 -22.82 28.96 -10.19
N CYS A 649 -23.31 27.78 -10.54
CA CYS A 649 -23.28 26.65 -9.62
C CYS A 649 -22.37 25.56 -10.18
N VAL A 650 -21.15 25.49 -9.64
CA VAL A 650 -20.05 24.79 -10.30
C VAL A 650 -19.97 23.37 -9.78
N ARG A 651 -19.93 22.40 -10.71
CA ARG A 651 -19.63 21.01 -10.44
C ARG A 651 -18.53 20.56 -11.39
N PRO A 652 -17.69 19.60 -10.97
CA PRO A 652 -16.68 19.07 -11.88
C PRO A 652 -17.31 18.26 -13.00
N CYS A 653 -16.54 18.10 -14.09
CA CYS A 653 -17.03 17.39 -15.25
C CYS A 653 -17.25 15.91 -14.94
N VAL A 654 -18.36 15.38 -15.44
CA VAL A 654 -18.80 14.03 -15.12
C VAL A 654 -18.88 13.20 -16.40
N SER A 655 -19.05 11.89 -16.22
CA SER A 655 -19.21 10.96 -17.32
C SER A 655 -20.35 10.02 -17.03
N VAL A 656 -21.15 9.74 -18.05
CA VAL A 656 -22.32 8.85 -17.89
C VAL A 656 -21.84 7.40 -17.84
N PRO A 657 -22.18 6.64 -16.80
CA PRO A 657 -21.76 5.24 -16.74
C PRO A 657 -22.43 4.39 -17.81
N LEU A 658 -21.74 3.33 -18.20
CA LEU A 658 -22.17 2.47 -19.30
C LEU A 658 -22.13 1.01 -18.89
N SER A 659 -23.00 0.22 -19.51
CA SER A 659 -23.03 -1.22 -19.28
C SER A 659 -23.34 -1.91 -20.61
N VAL A 660 -22.88 -3.16 -20.73
CA VAL A 660 -23.07 -3.97 -21.94
C VAL A 660 -23.78 -5.25 -21.54
N VAL A 661 -24.84 -5.60 -22.25
CA VAL A 661 -25.58 -6.84 -22.02
C VAL A 661 -25.24 -7.76 -23.19
N TYR A 662 -24.18 -8.56 -23.01
CA TYR A 662 -23.68 -9.40 -24.09
C TYR A 662 -24.25 -10.81 -23.95
N ASP A 663 -24.76 -11.34 -25.07
CA ASP A 663 -25.23 -12.73 -25.16
C ASP A 663 -24.38 -13.43 -26.20
N LYS A 664 -23.56 -14.38 -25.75
CA LYS A 664 -22.61 -15.05 -26.65
C LYS A 664 -23.25 -15.88 -27.76
N PRO A 665 -24.25 -16.76 -27.51
CA PRO A 665 -24.76 -17.60 -28.62
C PRO A 665 -25.38 -16.82 -29.77
N SER A 666 -26.05 -15.71 -29.51
CA SER A 666 -26.63 -14.91 -30.59
C SER A 666 -25.71 -13.79 -31.05
N ASN A 667 -24.63 -13.53 -30.32
CA ASN A 667 -23.69 -12.42 -30.60
C ASN A 667 -24.42 -11.09 -30.66
N ASN A 668 -25.38 -10.89 -29.77
CA ASN A 668 -26.16 -9.67 -29.69
C ASN A 668 -25.83 -8.95 -28.39
N TYR A 669 -25.73 -7.62 -28.46
CA TYR A 669 -25.40 -6.82 -27.29
C TYR A 669 -26.33 -5.62 -27.20
N ALA A 670 -26.58 -5.19 -25.97
CA ALA A 670 -27.34 -3.99 -25.68
C ALA A 670 -26.55 -3.12 -24.73
N THR A 671 -26.84 -1.82 -24.74
CA THR A 671 -26.12 -0.85 -23.93
C THR A 671 -27.08 -0.24 -22.90
N ILE A 672 -26.70 -0.33 -21.63
CA ILE A 672 -27.43 0.32 -20.55
C ILE A 672 -26.72 1.61 -20.20
N PHE A 673 -27.45 2.72 -20.25
CA PHE A 673 -26.94 4.00 -19.79
C PHE A 673 -27.35 4.16 -18.33
N GLY A 674 -26.38 3.98 -17.43
CA GLY A 674 -26.64 3.85 -16.01
C GLY A 674 -27.25 5.04 -15.32
N SER A 675 -28.49 4.86 -14.85
CA SER A 675 -29.17 5.80 -13.94
C SER A 675 -29.35 7.18 -14.57
N VAL A 676 -29.60 7.22 -15.87
CA VAL A 676 -29.83 8.46 -16.60
C VAL A 676 -31.01 8.26 -17.54
N ALA A 677 -31.92 9.24 -17.58
CA ALA A 677 -33.12 9.13 -18.39
C ALA A 677 -32.78 9.20 -19.87
N CYS A 678 -33.76 8.80 -20.70
CA CYS A 678 -33.52 8.69 -22.13
C CYS A 678 -33.49 10.06 -22.80
N ASP A 679 -33.97 11.10 -22.10
CA ASP A 679 -34.00 12.44 -22.67
C ASP A 679 -32.58 13.00 -22.80
N TYR A 680 -31.73 12.73 -21.82
CA TYR A 680 -30.34 13.19 -21.85
C TYR A 680 -29.53 12.52 -22.96
N VAL A 681 -29.84 11.27 -23.30
CA VAL A 681 -29.18 10.57 -24.39
C VAL A 681 -29.48 11.22 -25.73
N ASN A 682 -30.76 11.52 -25.98
CA ASN A 682 -31.28 12.18 -27.19
C ASN A 682 -30.71 11.67 -28.52
N THR A 703 -34.57 2.10 -31.23
CA THR A 703 -35.14 3.10 -30.36
C THR A 703 -34.83 2.80 -28.89
N PRO A 704 -34.53 3.84 -28.11
CA PRO A 704 -34.27 3.64 -26.68
C PRO A 704 -35.53 3.73 -25.85
N ILE A 705 -35.59 2.88 -24.82
CA ILE A 705 -36.74 2.80 -23.92
C ILE A 705 -36.27 2.98 -22.49
N GLN A 706 -37.09 3.64 -21.68
CA GLN A 706 -36.75 3.91 -20.30
C GLN A 706 -37.07 2.71 -19.42
N THR A 707 -36.12 2.32 -18.58
CA THR A 707 -36.27 1.21 -17.65
C THR A 707 -36.14 1.71 -16.23
N ALA A 708 -36.09 0.78 -15.28
CA ALA A 708 -35.87 1.09 -13.88
C ALA A 708 -34.40 1.20 -13.53
N VAL A 709 -33.50 1.00 -14.50
CA VAL A 709 -32.06 1.08 -14.26
C VAL A 709 -31.43 2.06 -15.24
N GLY A 710 -32.26 2.86 -15.90
CA GLY A 710 -31.77 3.88 -16.81
C GLY A 710 -32.35 3.71 -18.20
N CYS A 711 -31.57 4.11 -19.20
CA CYS A 711 -31.96 4.09 -20.59
C CYS A 711 -31.17 3.01 -21.32
N VAL A 712 -31.89 2.13 -22.01
CA VAL A 712 -31.28 1.00 -22.71
C VAL A 712 -31.46 1.17 -24.21
N ILE A 713 -30.40 0.92 -24.96
CA ILE A 713 -30.43 0.97 -26.42
C ILE A 713 -30.11 -0.43 -26.92
N GLY A 714 -31.04 -1.02 -27.69
CA GLY A 714 -30.89 -2.35 -28.23
C GLY A 714 -31.88 -3.36 -27.68
N LEU A 715 -32.59 -3.03 -26.62
CA LEU A 715 -33.57 -3.94 -26.04
C LEU A 715 -34.97 -3.62 -26.58
N VAL A 716 -35.74 -4.68 -26.84
CA VAL A 716 -37.09 -4.56 -27.35
C VAL A 716 -38.05 -4.89 -26.22
N ASN A 717 -38.88 -3.92 -25.85
CA ASN A 717 -39.91 -4.15 -24.84
C ASN A 717 -41.08 -4.91 -25.45
N SER A 718 -41.38 -6.08 -24.87
CA SER A 718 -42.42 -6.94 -25.44
C SER A 718 -43.41 -7.45 -24.39
N SER A 719 -43.35 -6.92 -23.16
CA SER A 719 -44.26 -7.30 -22.07
C SER A 719 -44.21 -8.81 -21.79
N LEU A 720 -43.02 -9.39 -21.88
CA LEU A 720 -42.81 -10.81 -21.62
C LEU A 720 -42.31 -10.99 -20.20
N VAL A 721 -42.92 -11.90 -19.46
CA VAL A 721 -42.58 -12.15 -18.07
C VAL A 721 -41.91 -13.51 -17.96
N VAL A 722 -40.66 -13.52 -17.51
CA VAL A 722 -39.97 -14.76 -17.18
C VAL A 722 -39.99 -14.93 -15.67
N ASP A 723 -39.47 -16.09 -15.28
CA ASP A 723 -39.47 -16.43 -13.89
C ASP A 723 -38.12 -16.61 -13.37
N ASP A 724 -37.99 -16.52 -12.06
CA ASP A 724 -36.72 -16.62 -11.42
C ASP A 724 -36.30 -18.00 -11.72
N ASP A 725 -35.02 -18.24 -11.85
CA ASP A 725 -34.52 -19.55 -12.22
C ASP A 725 -34.50 -19.77 -13.70
N LYS A 726 -34.83 -18.75 -14.47
CA LYS A 726 -34.70 -18.87 -15.91
C LYS A 726 -34.09 -17.59 -16.43
N CYS A 727 -33.53 -16.79 -15.54
CA CYS A 727 -32.91 -15.52 -15.94
C CYS A 727 -31.45 -15.64 -16.15
N THR A 728 -31.03 -15.70 -17.41
CA THR A 728 -29.61 -15.91 -17.68
C THR A 728 -28.83 -14.60 -17.61
N LEU A 729 -29.42 -13.50 -18.07
CA LEU A 729 -28.77 -12.19 -18.09
C LEU A 729 -29.58 -11.24 -17.23
N PRO A 730 -29.29 -11.17 -15.93
CA PRO A 730 -30.08 -10.29 -15.06
C PRO A 730 -29.55 -8.87 -15.00
N LEU A 731 -30.39 -7.91 -15.33
CA LEU A 731 -30.09 -6.50 -15.10
C LEU A 731 -30.48 -6.16 -13.67
N GLY A 732 -30.38 -4.89 -13.30
CA GLY A 732 -30.82 -4.47 -11.98
C GLY A 732 -32.33 -4.50 -11.85
N GLN A 733 -32.77 -4.59 -10.59
CA GLN A 733 -34.16 -4.79 -10.20
C GLN A 733 -34.76 -6.03 -10.86
N SER A 734 -36.08 -6.12 -10.90
CA SER A 734 -36.73 -7.29 -11.50
C SER A 734 -36.83 -7.14 -13.02
N LEU A 735 -35.65 -7.05 -13.64
CA LEU A 735 -35.52 -6.90 -15.08
C LEU A 735 -34.55 -7.94 -15.62
N CYS A 736 -34.90 -8.52 -16.75
CA CYS A 736 -34.09 -9.56 -17.38
C CYS A 736 -33.99 -9.28 -18.87
N ALA A 737 -32.90 -9.75 -19.48
CA ALA A 737 -32.70 -9.64 -20.92
C ALA A 737 -32.56 -11.06 -21.46
N VAL A 738 -33.60 -11.53 -22.14
CA VAL A 738 -33.59 -12.88 -22.69
C VAL A 738 -33.34 -12.81 -24.20
N PRO A 739 -32.71 -13.82 -24.80
CA PRO A 739 -32.58 -13.83 -26.26
C PRO A 739 -33.76 -14.51 -26.93
N SER A 740 -34.33 -13.89 -27.95
CA SER A 740 -35.46 -14.46 -28.66
C SER A 740 -35.04 -15.62 -29.55
N SER A 747 -32.56 -13.01 -34.42
CA SER A 747 -32.43 -13.05 -32.97
C SER A 747 -32.18 -11.65 -32.40
N ASN A 748 -32.85 -11.35 -31.30
CA ASN A 748 -32.68 -10.08 -30.62
C ASN A 748 -32.97 -10.26 -29.14
N LEU A 749 -32.41 -9.36 -28.33
CA LEU A 749 -32.61 -9.38 -26.89
C LEU A 749 -33.89 -8.65 -26.54
N GLN A 750 -34.73 -9.28 -25.73
CA GLN A 750 -36.01 -8.72 -25.31
C GLN A 750 -35.97 -8.40 -23.83
N LEU A 751 -36.57 -7.28 -23.44
CA LEU A 751 -36.66 -6.91 -22.04
C LEU A 751 -37.73 -7.74 -21.36
N ALA A 752 -37.41 -8.29 -20.19
CA ALA A 752 -38.31 -9.16 -19.46
C ALA A 752 -38.34 -8.74 -18.00
N VAL A 753 -39.42 -9.14 -17.32
CA VAL A 753 -39.62 -8.84 -15.91
C VAL A 753 -39.70 -10.15 -15.14
N ILE A 754 -38.86 -10.28 -14.12
CA ILE A 754 -38.83 -11.49 -13.31
C ILE A 754 -40.03 -11.50 -12.38
N ASN A 755 -40.72 -12.64 -12.32
CA ASN A 755 -41.84 -12.82 -11.40
C ASN A 755 -41.90 -14.29 -11.00
N PHE A 756 -41.74 -14.56 -9.71
CA PHE A 756 -41.76 -15.93 -9.21
C PHE A 756 -43.19 -16.44 -9.09
N THR A 757 -43.33 -17.76 -9.20
CA THR A 757 -44.64 -18.41 -9.14
C THR A 757 -45.13 -18.46 -7.70
N ARG A 758 -46.38 -18.05 -7.50
CA ARG A 758 -46.98 -18.09 -6.17
C ARG A 758 -47.25 -19.54 -5.75
N PRO A 759 -47.22 -19.83 -4.46
CA PRO A 759 -47.46 -21.21 -4.00
C PRO A 759 -48.90 -21.65 -4.22
N HIS A 760 -49.08 -22.97 -4.19
CA HIS A 760 -50.41 -23.55 -4.34
C HIS A 760 -51.28 -23.18 -3.15
N LEU A 761 -52.55 -22.89 -3.43
CA LEU A 761 -53.48 -22.37 -2.43
C LEU A 761 -54.43 -23.49 -2.02
N VAL A 762 -54.56 -23.70 -0.72
CA VAL A 762 -55.51 -24.65 -0.15
C VAL A 762 -56.58 -23.85 0.59
N GLU A 763 -57.83 -24.05 0.21
CA GLU A 763 -58.94 -23.38 0.88
C GLU A 763 -59.34 -24.18 2.11
N ALA A 764 -59.50 -23.49 3.24
CA ALA A 764 -59.85 -24.15 4.49
C ALA A 764 -61.28 -24.68 4.45
N LEU A 765 -61.46 -25.87 5.01
CA LEU A 765 -62.77 -26.51 5.01
C LEU A 765 -63.60 -25.99 6.17
N ASN A 766 -64.85 -25.62 5.89
CA ASN A 766 -65.77 -25.10 6.91
C ASN A 766 -66.52 -26.26 7.56
N SER A 767 -65.78 -27.02 8.36
CA SER A 767 -66.33 -28.16 9.07
C SER A 767 -65.57 -28.33 10.37
N SER A 768 -65.73 -29.49 11.01
CA SER A 768 -65.09 -29.74 12.29
C SER A 768 -63.59 -29.96 12.14
N GLY A 769 -63.19 -30.75 11.15
CA GLY A 769 -61.79 -31.06 10.93
C GLY A 769 -61.08 -30.04 10.06
N PHE A 770 -60.00 -30.48 9.43
CA PHE A 770 -59.22 -29.65 8.53
C PHE A 770 -58.91 -30.42 7.26
N VAL A 771 -58.42 -29.70 6.25
CA VAL A 771 -58.05 -30.28 4.97
C VAL A 771 -56.53 -30.32 4.88
N VAL A 772 -56.01 -31.47 4.44
CA VAL A 772 -54.57 -31.70 4.37
C VAL A 772 -54.23 -32.25 2.98
N GLN A 773 -53.16 -31.73 2.40
CA GLN A 773 -52.67 -32.21 1.10
C GLN A 773 -51.62 -33.29 1.37
N ILE A 774 -51.98 -34.53 1.08
CA ILE A 774 -51.13 -35.70 1.34
C ILE A 774 -50.67 -36.25 0.00
N PRO A 775 -49.39 -36.55 -0.18
CA PRO A 775 -48.91 -37.01 -1.49
C PRO A 775 -49.45 -38.38 -1.89
N THR A 776 -49.63 -38.55 -3.20
CA THR A 776 -49.94 -39.84 -3.80
C THR A 776 -48.85 -40.34 -4.72
N ASN A 777 -47.88 -39.51 -5.06
CA ASN A 777 -46.74 -39.90 -5.87
C ASN A 777 -45.52 -39.14 -5.37
N PHE A 778 -44.35 -39.67 -5.69
CA PHE A 778 -43.11 -39.11 -5.15
C PHE A 778 -41.97 -39.35 -6.13
N SER A 779 -40.81 -38.82 -5.79
CA SER A 779 -39.58 -39.03 -6.53
C SER A 779 -38.41 -38.68 -5.60
N PHE A 780 -37.21 -39.00 -6.04
CA PHE A 780 -35.99 -38.69 -5.31
C PHE A 780 -35.25 -37.55 -6.00
N SER A 781 -34.90 -36.53 -5.24
CA SER A 781 -34.16 -35.39 -5.74
C SER A 781 -32.80 -35.34 -5.05
N ILE A 782 -31.73 -35.29 -5.86
CA ILE A 782 -30.38 -35.24 -5.35
C ILE A 782 -29.90 -33.80 -5.45
N THR A 783 -29.61 -33.18 -4.31
CA THR A 783 -29.09 -31.82 -4.24
C THR A 783 -27.61 -31.87 -3.90
N GLN A 784 -26.79 -31.28 -4.76
CA GLN A 784 -25.34 -31.31 -4.62
C GLN A 784 -24.86 -30.06 -3.90
N GLU A 785 -23.94 -30.23 -2.97
CA GLU A 785 -23.42 -29.15 -2.15
C GLU A 785 -21.92 -29.30 -2.01
N TYR A 786 -21.19 -28.21 -2.19
CA TYR A 786 -19.74 -28.20 -2.06
C TYR A 786 -19.34 -27.28 -0.92
N ILE A 787 -18.49 -27.79 -0.02
CA ILE A 787 -17.93 -27.00 1.06
C ILE A 787 -16.41 -27.04 0.93
N GLN A 788 -15.81 -25.85 0.85
CA GLN A 788 -14.38 -25.71 0.59
C GLN A 788 -13.60 -26.00 1.87
N THR A 789 -12.61 -26.89 1.76
CA THR A 789 -11.78 -27.25 2.90
C THR A 789 -10.45 -26.53 2.93
N THR A 790 -9.71 -26.51 1.83
CA THR A 790 -8.36 -25.96 1.84
C THR A 790 -8.32 -24.71 0.98
N ILE A 791 -7.14 -24.09 0.97
CA ILE A 791 -6.71 -23.18 -0.09
C ILE A 791 -5.32 -23.64 -0.52
N GLN A 792 -4.86 -23.12 -1.64
CA GLN A 792 -3.55 -23.49 -2.16
C GLN A 792 -2.47 -22.91 -1.25
N LYS A 793 -1.59 -23.77 -0.73
CA LYS A 793 -0.54 -23.34 0.17
C LYS A 793 0.62 -22.80 -0.67
N VAL A 794 0.86 -21.50 -0.56
CA VAL A 794 1.87 -20.82 -1.36
C VAL A 794 2.87 -20.18 -0.41
N THR A 795 4.15 -20.51 -0.56
CA THR A 795 5.23 -19.84 0.14
C THR A 795 6.03 -19.01 -0.86
N VAL A 796 6.62 -17.92 -0.36
CA VAL A 796 7.30 -16.95 -1.21
C VAL A 796 8.72 -16.79 -0.70
N ASP A 797 9.69 -16.93 -1.59
CA ASP A 797 11.08 -16.56 -1.30
C ASP A 797 11.21 -15.05 -1.52
N CYS A 798 11.30 -14.30 -0.43
CA CYS A 798 11.22 -12.84 -0.51
C CYS A 798 12.41 -12.24 -1.25
N LYS A 799 13.61 -12.76 -1.01
CA LYS A 799 14.80 -12.23 -1.67
C LYS A 799 14.76 -12.47 -3.17
N GLN A 800 14.35 -13.66 -3.59
CA GLN A 800 14.24 -13.98 -5.02
C GLN A 800 13.11 -13.20 -5.67
N TYR A 801 12.00 -13.01 -4.96
CA TYR A 801 10.87 -12.25 -5.51
C TYR A 801 11.22 -10.79 -5.68
N VAL A 802 11.93 -10.20 -4.72
CA VAL A 802 12.20 -8.77 -4.77
C VAL A 802 13.37 -8.46 -5.70
N CYS A 803 14.49 -9.16 -5.54
CA CYS A 803 15.72 -8.78 -6.21
C CYS A 803 16.00 -9.54 -7.50
N ASN A 804 15.41 -10.74 -7.67
CA ASN A 804 15.58 -11.59 -8.85
C ASN A 804 17.04 -11.97 -9.10
N GLY A 805 17.82 -12.11 -8.04
CA GLY A 805 19.18 -12.58 -8.16
C GLY A 805 20.19 -11.56 -8.64
N PHE A 806 19.84 -10.28 -8.69
CA PHE A 806 20.77 -9.23 -9.09
C PHE A 806 21.51 -8.73 -7.87
N GLU A 807 22.83 -8.92 -7.86
CA GLU A 807 23.65 -8.76 -6.66
C GLU A 807 23.67 -7.34 -6.12
N LYS A 808 23.41 -6.34 -6.96
CA LYS A 808 23.34 -4.98 -6.46
C LYS A 808 22.07 -4.70 -5.67
N CYS A 809 21.03 -5.49 -5.89
CA CYS A 809 19.77 -5.31 -5.17
C CYS A 809 19.84 -5.87 -3.75
N GLU A 810 20.61 -6.95 -3.53
CA GLU A 810 20.70 -7.54 -2.20
C GLU A 810 21.35 -6.62 -1.19
N THR A 811 22.33 -5.81 -1.63
CA THR A 811 22.96 -4.85 -0.73
C THR A 811 21.97 -3.81 -0.24
N LEU A 812 21.04 -3.37 -1.09
CA LEU A 812 20.00 -2.45 -0.68
C LEU A 812 18.91 -3.15 0.13
N LEU A 813 18.65 -4.43 -0.17
CA LEU A 813 17.62 -5.17 0.55
C LEU A 813 18.07 -5.58 1.96
N ARG A 814 19.38 -5.61 2.21
CA ARG A 814 19.88 -5.94 3.55
C ARG A 814 19.47 -4.88 4.57
N GLU A 815 19.22 -3.65 4.12
CA GLU A 815 18.65 -2.64 5.02
C GLU A 815 17.22 -3.02 5.43
N TYR A 816 16.45 -3.56 4.49
CA TYR A 816 15.10 -4.06 4.78
C TYR A 816 15.17 -5.54 5.17
N GLY A 817 15.99 -5.82 6.18
CA GLY A 817 16.30 -7.19 6.55
C GLY A 817 15.18 -8.02 7.16
N GLN A 818 14.42 -7.42 8.08
CA GLN A 818 13.46 -8.18 8.88
C GLN A 818 12.14 -8.41 8.16
N PHE A 819 11.83 -7.64 7.12
CA PHE A 819 10.52 -7.73 6.50
C PHE A 819 10.35 -9.03 5.72
N CYS A 820 11.40 -9.47 5.02
CA CYS A 820 11.35 -10.74 4.31
C CYS A 820 11.20 -11.91 5.28
N ALA A 821 11.91 -11.86 6.41
CA ALA A 821 11.78 -12.91 7.42
C ALA A 821 10.39 -12.92 8.03
N LYS A 822 9.80 -11.74 8.25
CA LYS A 822 8.44 -11.68 8.78
C LYS A 822 7.42 -12.24 7.79
N ILE A 823 7.62 -11.95 6.50
CA ILE A 823 6.74 -12.49 5.46
C ILE A 823 6.83 -14.01 5.42
N ASN A 824 8.05 -14.54 5.46
CA ASN A 824 8.24 -16.00 5.44
C ASN A 824 7.64 -16.65 6.68
N GLN A 825 7.81 -16.03 7.85
CA GLN A 825 7.26 -16.58 9.08
C GLN A 825 5.74 -16.58 9.08
N ALA A 826 5.13 -15.51 8.57
CA ALA A 826 3.67 -15.44 8.49
C ALA A 826 3.12 -16.50 7.54
N LEU A 827 3.76 -16.67 6.38
CA LEU A 827 3.30 -17.68 5.43
C LEU A 827 3.49 -19.09 5.99
N HIS A 828 4.60 -19.33 6.70
CA HIS A 828 4.84 -20.64 7.31
C HIS A 828 3.80 -20.94 8.38
N GLY A 829 3.44 -19.95 9.20
CA GLY A 829 2.40 -20.16 10.20
C GLY A 829 1.05 -20.45 9.58
N ALA A 830 0.71 -19.73 8.50
CA ALA A 830 -0.57 -19.95 7.82
C ALA A 830 -0.64 -21.36 7.23
N ASN A 831 0.44 -21.81 6.59
CA ASN A 831 0.46 -23.15 6.01
C ASN A 831 0.41 -24.23 7.08
N LEU A 832 1.10 -24.01 8.21
CA LEU A 832 1.05 -24.97 9.31
C LEU A 832 -0.35 -25.08 9.90
N ARG A 833 -1.04 -23.94 10.08
CA ARG A 833 -2.39 -23.97 10.59
C ARG A 833 -3.35 -24.66 9.63
N GLN A 834 -3.15 -24.46 8.32
CA GLN A 834 -3.98 -25.15 7.34
C GLN A 834 -3.76 -26.65 7.37
N ASP A 835 -2.51 -27.09 7.53
CA ASP A 835 -2.22 -28.52 7.63
C ASP A 835 -2.86 -29.12 8.87
N GLU A 836 -2.81 -28.39 9.99
CA GLU A 836 -3.47 -28.85 11.21
C GLU A 836 -4.98 -28.97 11.02
N SER A 837 -5.59 -28.02 10.32
CA SER A 837 -7.02 -28.07 10.04
C SER A 837 -7.38 -29.27 9.17
N VAL A 838 -6.54 -29.57 8.18
CA VAL A 838 -6.78 -30.74 7.31
C VAL A 838 -6.71 -32.02 8.12
N ALA A 839 -5.69 -32.15 8.97
CA ALA A 839 -5.56 -33.34 9.79
C ALA A 839 -6.73 -33.49 10.75
N ASN A 840 -7.19 -32.38 11.33
CA ASN A 840 -8.34 -32.42 12.23
C ASN A 840 -9.61 -32.85 11.52
N LEU A 841 -9.83 -32.33 10.30
CA LEU A 841 -11.04 -32.70 9.54
C LEU A 841 -11.02 -34.18 9.18
N PHE A 842 -9.89 -34.67 8.67
CA PHE A 842 -9.86 -36.07 8.26
C PHE A 842 -9.79 -37.02 9.46
N ALA A 843 -9.40 -36.54 10.64
CA ALA A 843 -9.58 -37.33 11.85
C ALA A 843 -11.03 -37.32 12.33
N ASN A 844 -11.75 -36.23 12.10
CA ASN A 844 -13.14 -36.14 12.55
C ASN A 844 -14.06 -37.00 11.68
N ILE A 845 -13.83 -37.14 10.39
CA ILE A 845 -14.73 -37.90 9.49
C ILE A 845 -14.52 -39.40 9.40
N LYS A 846 -13.62 -39.97 10.15
CA LYS A 846 -13.38 -41.42 10.16
C LYS A 846 -14.42 -42.14 10.93
N THR A 847 -14.64 -43.41 10.61
CA THR A 847 -15.69 -44.20 11.25
C THR A 847 -15.11 -45.40 11.94
N GLN A 848 -15.53 -45.67 13.16
CA GLN A 848 -14.99 -46.78 13.93
C GLN A 848 -15.23 -48.20 13.41
N THR A 849 -16.41 -48.50 12.89
CA THR A 849 -16.69 -49.80 12.34
C THR A 849 -17.31 -49.72 10.98
N THR A 850 -17.06 -50.72 10.15
CA THR A 850 -17.60 -50.75 8.81
C THR A 850 -18.18 -52.09 8.49
N GLN A 851 -18.96 -52.13 7.44
CA GLN A 851 -19.55 -53.39 6.98
C GLN A 851 -19.10 -53.68 5.56
N ALA A 852 -18.99 -54.96 5.25
CA ALA A 852 -18.53 -55.39 3.92
C ALA A 852 -19.64 -55.26 2.88
N ASN A 858 -26.47 -55.01 -3.80
CA ASN A 858 -27.01 -54.27 -2.67
C ASN A 858 -28.51 -54.12 -2.81
N GLY A 859 -29.23 -55.23 -2.68
CA GLY A 859 -30.66 -55.21 -2.95
C GLY A 859 -30.90 -54.98 -4.42
N ASP A 860 -31.76 -54.00 -4.74
CA ASP A 860 -31.97 -53.56 -6.10
C ASP A 860 -31.45 -52.15 -6.34
N PHE A 861 -30.64 -51.62 -5.42
CA PHE A 861 -30.05 -50.30 -5.59
C PHE A 861 -28.71 -50.44 -6.32
N ASN A 862 -28.49 -49.58 -7.31
CA ASN A 862 -27.27 -49.61 -8.11
C ASN A 862 -26.32 -48.54 -7.58
N LEU A 863 -25.33 -48.99 -6.80
CA LEU A 863 -24.31 -48.10 -6.22
C LEU A 863 -23.00 -48.20 -6.98
N THR A 864 -23.07 -48.38 -8.30
CA THR A 864 -21.86 -48.48 -9.12
C THR A 864 -21.08 -47.17 -9.12
N LEU A 865 -21.77 -46.05 -9.16
CA LEU A 865 -21.09 -44.77 -9.25
C LEU A 865 -20.35 -44.48 -7.97
N LEU A 866 -20.97 -44.65 -6.83
CA LEU A 866 -20.32 -44.39 -5.58
C LEU A 866 -19.13 -45.29 -5.32
N GLN A 867 -19.22 -46.57 -5.64
CA GLN A 867 -18.11 -47.51 -5.49
C GLN A 867 -16.94 -47.42 -6.48
N VAL A 868 -15.77 -47.91 -6.11
CA VAL A 868 -14.57 -47.80 -6.95
C VAL A 868 -14.64 -48.63 -8.20
N PRO A 869 -14.21 -48.09 -9.32
CA PRO A 869 -14.41 -48.84 -10.55
C PRO A 869 -13.63 -50.12 -10.52
N LYS A 870 -14.20 -51.21 -11.02
CA LYS A 870 -13.50 -52.49 -11.06
C LYS A 870 -12.27 -52.48 -11.91
N VAL A 871 -12.34 -51.85 -13.08
CA VAL A 871 -11.17 -51.69 -13.92
C VAL A 871 -11.07 -50.20 -13.91
N THR A 872 -9.90 -49.66 -13.63
CA THR A 872 -9.82 -48.22 -13.40
C THR A 872 -9.11 -47.38 -14.38
N THR A 873 -9.77 -46.31 -14.76
CA THR A 873 -9.17 -45.38 -15.67
C THR A 873 -8.37 -44.33 -14.88
N SER A 874 -8.38 -44.41 -13.56
CA SER A 874 -7.73 -43.39 -12.74
C SER A 874 -6.47 -43.84 -12.05
N GLN A 875 -5.43 -43.02 -12.12
CA GLN A 875 -4.20 -43.36 -11.45
C GLN A 875 -4.35 -43.57 -9.97
N TYR A 876 -5.52 -43.33 -9.43
CA TYR A 876 -5.77 -43.51 -8.01
C TYR A 876 -6.66 -44.72 -7.82
N SER A 877 -6.23 -45.65 -6.96
CA SER A 877 -6.92 -46.92 -6.79
C SER A 877 -8.12 -46.84 -5.87
N TYR A 878 -8.33 -45.72 -5.18
CA TYR A 878 -9.42 -45.59 -4.23
C TYR A 878 -10.50 -44.62 -4.69
N ARG A 879 -10.30 -43.94 -5.80
CA ARG A 879 -11.28 -42.96 -6.27
C ARG A 879 -12.51 -43.64 -6.85
N SER A 880 -13.66 -43.01 -6.63
CA SER A 880 -14.91 -43.51 -7.18
C SER A 880 -15.06 -43.07 -8.64
N THR A 881 -16.11 -43.61 -9.29
CA THR A 881 -16.39 -43.21 -10.67
C THR A 881 -16.92 -41.79 -10.73
N ILE A 882 -17.82 -41.43 -9.81
CA ILE A 882 -18.39 -40.10 -9.80
C ILE A 882 -17.35 -39.06 -9.38
N GLU A 883 -16.42 -39.43 -8.50
CA GLU A 883 -15.31 -38.55 -8.17
C GLU A 883 -14.38 -38.37 -9.36
N ASP A 884 -14.16 -39.44 -10.14
CA ASP A 884 -13.37 -39.33 -11.36
C ASP A 884 -14.02 -38.39 -12.36
N LEU A 885 -15.35 -38.49 -12.52
CA LEU A 885 -16.06 -37.59 -13.43
C LEU A 885 -16.00 -36.15 -12.96
N LEU A 886 -16.14 -35.93 -11.65
CA LEU A 886 -16.08 -34.58 -11.09
C LEU A 886 -14.69 -33.97 -11.29
N PHE A 887 -13.63 -34.76 -11.08
CA PHE A 887 -12.29 -34.24 -11.29
C PHE A 887 -11.96 -34.07 -12.77
N ASN A 888 -12.60 -34.75 -13.69
CA ASN A 888 -12.32 -34.52 -15.11
C ASN A 888 -13.02 -33.31 -15.70
N LYS A 889 -14.01 -32.76 -15.04
CA LYS A 889 -14.77 -31.68 -15.59
C LYS A 889 -14.33 -30.35 -15.05
N VAL A 890 -13.40 -30.34 -14.12
CA VAL A 890 -12.91 -29.12 -13.50
C VAL A 890 -11.50 -29.06 -13.91
N THR A 891 -11.03 -27.93 -14.38
CA THR A 891 -9.67 -27.87 -14.90
C THR A 891 -8.72 -27.23 -13.94
N ILE A 892 -7.71 -27.97 -13.53
CA ILE A 892 -6.77 -27.46 -12.57
C ILE A 892 -5.37 -27.58 -13.15
N ALA A 893 -4.53 -26.55 -13.05
CA ALA A 893 -3.15 -26.62 -13.52
C ALA A 893 -2.38 -27.49 -12.61
N ASP A 894 -1.50 -28.31 -13.13
CA ASP A 894 -0.82 -29.28 -12.30
C ASP A 894 0.41 -28.65 -11.86
N PRO A 895 0.47 -28.36 -10.60
CA PRO A 895 1.64 -27.65 -10.05
C PRO A 895 2.94 -28.42 -10.26
N GLY A 896 2.92 -29.72 -10.05
CA GLY A 896 4.11 -30.53 -10.19
C GLY A 896 4.83 -30.65 -8.88
N TYR A 897 4.86 -31.85 -8.30
CA TYR A 897 5.48 -32.07 -7.00
C TYR A 897 6.68 -32.99 -7.05
N MET A 898 6.75 -33.88 -8.05
CA MET A 898 7.86 -34.80 -8.17
C MET A 898 8.88 -34.39 -9.22
N GLN A 899 8.42 -33.97 -10.41
CA GLN A 899 9.32 -33.66 -11.51
C GLN A 899 8.90 -32.38 -12.24
N GLY A 900 8.30 -31.43 -11.52
CA GLY A 900 7.80 -30.22 -12.16
C GLY A 900 8.89 -29.33 -12.74
N TYR A 901 10.04 -29.28 -12.07
CA TYR A 901 11.16 -28.45 -12.53
C TYR A 901 11.68 -28.96 -13.87
N ASP A 902 11.84 -30.27 -14.00
CA ASP A 902 12.32 -30.84 -15.27
C ASP A 902 11.27 -30.70 -16.37
N GLU A 903 9.98 -30.80 -16.02
CA GLU A 903 8.93 -30.61 -17.02
C GLU A 903 8.88 -29.17 -17.51
N CYS A 904 9.13 -28.21 -16.62
CA CYS A 904 9.16 -26.81 -17.05
C CYS A 904 10.43 -26.49 -17.82
N MET A 905 11.55 -27.15 -17.50
CA MET A 905 12.78 -26.91 -18.23
C MET A 905 12.75 -27.55 -19.62
N GLN A 906 12.15 -28.72 -19.73
CA GLN A 906 11.93 -29.31 -21.05
C GLN A 906 10.89 -28.50 -21.82
N GLN A 907 11.16 -28.31 -23.12
CA GLN A 907 10.41 -27.43 -24.03
C GLN A 907 10.41 -25.97 -23.55
N ILE A 916 1.98 -24.43 -12.10
CA ILE A 916 2.44 -23.41 -13.04
C ILE A 916 3.97 -23.41 -13.07
N CYS A 917 4.56 -22.97 -14.18
CA CYS A 917 6.00 -22.89 -14.32
C CYS A 917 6.56 -21.54 -13.89
N ALA A 918 5.72 -20.61 -13.46
CA ALA A 918 6.17 -19.29 -13.05
C ALA A 918 6.68 -19.26 -11.61
N GLN A 919 6.56 -20.37 -10.88
CA GLN A 919 7.05 -20.41 -9.50
C GLN A 919 8.55 -20.23 -9.44
N PHE A 920 9.28 -20.89 -10.33
CA PHE A 920 10.73 -20.83 -10.31
C PHE A 920 11.24 -19.50 -10.85
N VAL A 921 10.49 -18.86 -11.73
CA VAL A 921 10.91 -17.58 -12.29
C VAL A 921 10.62 -16.44 -11.31
N ALA A 922 9.37 -16.34 -10.86
CA ALA A 922 8.98 -15.22 -10.00
C ALA A 922 9.61 -15.34 -8.60
N GLY A 923 9.53 -16.52 -8.00
CA GLY A 923 10.15 -16.74 -6.71
C GLY A 923 9.24 -17.30 -5.65
N TYR A 924 8.03 -17.72 -6.02
CA TYR A 924 7.13 -18.37 -5.09
C TYR A 924 7.17 -19.88 -5.31
N LYS A 925 6.34 -20.60 -4.56
CA LYS A 925 6.32 -22.05 -4.61
C LYS A 925 5.01 -22.55 -4.02
N VAL A 926 4.38 -23.50 -4.72
CA VAL A 926 3.14 -24.11 -4.25
C VAL A 926 3.50 -25.34 -3.44
N LEU A 927 3.21 -25.31 -2.14
CA LEU A 927 3.49 -26.44 -1.28
C LEU A 927 2.51 -27.58 -1.56
N PRO A 928 2.93 -28.83 -1.42
CA PRO A 928 2.02 -29.94 -1.64
C PRO A 928 0.99 -30.04 -0.53
N PRO A 929 -0.21 -30.54 -0.82
CA PRO A 929 -1.19 -30.75 0.24
C PRO A 929 -0.77 -31.88 1.16
N LEU A 930 -1.34 -31.87 2.37
CA LEU A 930 -0.90 -32.76 3.45
C LEU A 930 -1.09 -34.22 3.09
N TYR A 931 -2.22 -34.57 2.50
CA TYR A 931 -2.50 -35.93 2.07
C TYR A 931 -2.56 -36.00 0.55
N ASP A 932 -1.98 -37.05 -0.02
CA ASP A 932 -2.14 -37.30 -1.44
C ASP A 932 -3.59 -37.70 -1.72
N PRO A 933 -4.08 -37.47 -2.95
CA PRO A 933 -5.50 -37.76 -3.25
C PRO A 933 -5.90 -39.22 -3.06
N ASN A 934 -4.95 -40.16 -3.14
CA ASN A 934 -5.29 -41.55 -2.88
C ASN A 934 -5.72 -41.77 -1.43
N MET A 935 -5.03 -41.14 -0.48
CA MET A 935 -5.40 -41.29 0.92
C MET A 935 -6.74 -40.61 1.23
N GLU A 936 -6.99 -39.46 0.61
CA GLU A 936 -8.28 -38.79 0.79
C GLU A 936 -9.41 -39.63 0.20
N ALA A 937 -9.18 -40.24 -0.96
CA ALA A 937 -10.17 -41.15 -1.53
C ALA A 937 -10.34 -42.39 -0.66
N ALA A 938 -9.28 -42.84 0.00
CA ALA A 938 -9.40 -43.95 0.94
C ALA A 938 -10.27 -43.58 2.15
N TYR A 939 -10.09 -42.37 2.67
CA TYR A 939 -10.93 -41.88 3.75
C TYR A 939 -12.40 -41.82 3.33
N THR A 940 -12.66 -41.27 2.14
CA THR A 940 -14.03 -41.17 1.64
C THR A 940 -14.64 -42.54 1.38
N SER A 941 -13.87 -43.47 0.81
CA SER A 941 -14.38 -44.80 0.54
C SER A 941 -14.63 -45.60 1.82
N SER A 942 -13.80 -45.38 2.85
CA SER A 942 -14.07 -45.98 4.15
C SER A 942 -15.32 -45.40 4.79
N LEU A 943 -15.56 -44.09 4.63
CA LEU A 943 -16.79 -43.49 5.12
C LEU A 943 -18.02 -43.98 4.38
N LEU A 944 -17.86 -44.35 3.10
CA LEU A 944 -18.99 -44.79 2.30
C LEU A 944 -19.55 -46.12 2.82
N GLY A 945 -18.69 -46.99 3.36
CA GLY A 945 -19.17 -48.23 3.94
C GLY A 945 -20.01 -48.01 5.18
N SER A 946 -19.46 -47.32 6.18
CA SER A 946 -20.14 -46.92 7.42
C SER A 946 -20.80 -48.07 8.18
N LEU A 956 -24.10 -43.53 17.21
CA LEU A 956 -24.35 -44.21 18.48
C LEU A 956 -23.17 -45.09 18.87
N SER A 957 -23.22 -45.64 20.08
CA SER A 957 -22.15 -46.49 20.57
C SER A 957 -22.20 -47.91 20.01
N SER A 958 -23.32 -48.31 19.41
CA SER A 958 -23.48 -49.64 18.84
C SER A 958 -23.61 -49.54 17.33
N PHE A 959 -23.01 -50.50 16.63
CA PHE A 959 -23.04 -50.55 15.18
C PHE A 959 -23.86 -51.75 14.73
N ALA A 960 -24.88 -51.50 13.91
CA ALA A 960 -25.72 -52.55 13.34
C ALA A 960 -25.31 -52.79 11.89
N ALA A 961 -25.27 -54.06 11.51
CA ALA A 961 -24.79 -54.48 10.19
C ALA A 961 -25.93 -54.73 9.22
N ILE A 962 -27.00 -53.94 9.28
CA ILE A 962 -28.13 -54.07 8.38
C ILE A 962 -27.71 -53.67 6.97
N PRO A 963 -28.25 -54.31 5.92
CA PRO A 963 -27.85 -53.94 4.55
C PRO A 963 -28.40 -52.60 4.10
N PHE A 964 -28.05 -52.18 2.89
CA PHE A 964 -28.42 -50.86 2.40
C PHE A 964 -29.91 -50.77 2.11
N ALA A 965 -30.52 -51.85 1.60
CA ALA A 965 -31.96 -51.85 1.36
C ALA A 965 -32.74 -51.73 2.66
N GLN A 966 -32.30 -52.43 3.70
CA GLN A 966 -32.92 -52.31 5.01
C GLN A 966 -32.77 -50.90 5.57
N SER A 967 -31.60 -50.28 5.37
CA SER A 967 -31.36 -48.93 5.83
C SER A 967 -32.26 -47.92 5.11
N ILE A 968 -32.43 -48.08 3.80
CA ILE A 968 -33.31 -47.21 3.04
C ILE A 968 -34.77 -47.41 3.45
N PHE A 969 -35.15 -48.67 3.71
CA PHE A 969 -36.50 -48.98 4.17
C PHE A 969 -36.80 -48.30 5.50
N TYR A 970 -35.86 -48.38 6.46
CA TYR A 970 -36.08 -47.77 7.76
C TYR A 970 -36.02 -46.24 7.68
N ARG A 971 -35.13 -45.70 6.84
CA ARG A 971 -35.01 -44.26 6.71
C ARG A 971 -36.25 -43.65 6.05
N MET A 972 -36.88 -44.36 5.12
CA MET A 972 -38.11 -43.87 4.51
C MET A 972 -39.35 -44.24 5.31
N ASN A 973 -39.25 -45.21 6.21
CA ASN A 973 -40.34 -45.46 7.16
C ASN A 973 -40.35 -44.43 8.28
N GLY A 974 -39.18 -43.87 8.61
CA GLY A 974 -39.11 -42.90 9.69
C GLY A 974 -39.67 -41.53 9.33
N ILE A 975 -39.80 -41.23 8.03
CA ILE A 975 -40.26 -39.90 7.63
C ILE A 975 -41.77 -39.81 7.48
N GLY A 976 -42.50 -40.92 7.64
CA GLY A 976 -43.94 -40.86 7.63
C GLY A 976 -44.63 -41.96 6.85
N ILE A 977 -43.93 -42.55 5.88
CA ILE A 977 -44.52 -43.60 5.06
C ILE A 977 -44.62 -44.89 5.86
N THR A 978 -45.78 -45.51 5.82
CA THR A 978 -46.02 -46.73 6.58
C THR A 978 -45.35 -47.93 5.91
N GLN A 979 -45.34 -49.05 6.63
CA GLN A 979 -44.65 -50.25 6.15
C GLN A 979 -45.34 -50.86 4.93
N GLN A 980 -46.66 -50.77 4.86
CA GLN A 980 -47.40 -51.39 3.76
C GLN A 980 -47.07 -50.75 2.42
N VAL A 981 -46.91 -49.43 2.39
CA VAL A 981 -46.57 -48.74 1.14
C VAL A 981 -45.17 -49.10 0.69
N LEU A 982 -44.23 -49.23 1.63
CA LEU A 982 -42.87 -49.61 1.28
C LEU A 982 -42.79 -51.07 0.83
N SER A 983 -43.65 -51.92 1.38
CA SER A 983 -43.67 -53.32 0.96
C SER A 983 -44.30 -53.48 -0.42
N GLU A 984 -45.37 -52.72 -0.69
CA GLU A 984 -46.06 -52.86 -1.97
C GLU A 984 -45.28 -52.21 -3.10
N ASN A 985 -44.70 -51.04 -2.87
CA ASN A 985 -44.07 -50.23 -3.92
C ASN A 985 -42.55 -50.32 -3.90
N GLN A 986 -42.00 -51.48 -3.53
CA GLN A 986 -40.55 -51.61 -3.39
C GLN A 986 -39.82 -51.46 -4.71
N LYS A 987 -40.34 -52.08 -5.77
CA LYS A 987 -39.68 -52.01 -7.08
C LYS A 987 -39.69 -50.59 -7.63
N GLN A 988 -40.78 -49.86 -7.45
CA GLN A 988 -40.83 -48.46 -7.88
C GLN A 988 -39.86 -47.60 -7.08
N ILE A 989 -39.72 -47.90 -5.78
CA ILE A 989 -38.76 -47.18 -4.94
C ILE A 989 -37.34 -47.39 -5.44
N ASP A 990 -36.99 -48.65 -5.74
CA ASP A 990 -35.65 -48.96 -6.24
C ASP A 990 -35.40 -48.32 -7.60
N LYS A 991 -36.40 -48.35 -8.48
CA LYS A 991 -36.26 -47.75 -9.80
C LYS A 991 -36.08 -46.23 -9.71
N LYS A 992 -36.84 -45.58 -8.82
CA LYS A 992 -36.71 -44.14 -8.65
C LYS A 992 -35.35 -43.78 -8.03
N PHE A 993 -34.86 -44.59 -7.10
CA PHE A 993 -33.55 -44.34 -6.51
C PHE A 993 -32.44 -44.49 -7.54
N ASN A 994 -32.43 -45.58 -8.29
CA ASN A 994 -31.35 -45.82 -9.21
C ASN A 994 -31.33 -44.74 -10.26
N GLN A 995 -32.46 -44.29 -10.73
CA GLN A 995 -32.54 -43.22 -11.69
C GLN A 995 -32.01 -41.91 -11.23
N ALA A 996 -32.29 -41.52 -10.01
CA ALA A 996 -31.76 -40.30 -9.44
C ALA A 996 -30.26 -40.34 -9.32
N LEU A 997 -29.70 -41.47 -8.91
CA LEU A 997 -28.29 -41.61 -8.81
C LEU A 997 -27.68 -41.46 -10.17
N ASN A 998 -28.30 -42.00 -11.19
CA ASN A 998 -27.78 -41.87 -12.52
C ASN A 998 -27.81 -40.48 -13.13
N ALA A 999 -28.44 -39.49 -12.53
CA ALA A 999 -28.34 -38.11 -12.98
C ALA A 999 -27.17 -37.36 -12.34
N MET A 1000 -26.46 -37.99 -11.40
CA MET A 1000 -25.34 -37.33 -10.72
C MET A 1000 -24.20 -37.05 -11.69
N GLN A 1001 -23.95 -37.96 -12.63
CA GLN A 1001 -22.91 -37.75 -13.63
C GLN A 1001 -23.29 -36.62 -14.61
N THR A 1002 -24.57 -36.51 -14.94
CA THR A 1002 -25.02 -35.44 -15.82
C THR A 1002 -25.19 -34.11 -15.12
N GLY A 1003 -25.15 -34.09 -13.78
CA GLY A 1003 -25.24 -32.84 -13.06
C GLY A 1003 -23.96 -32.03 -12.96
N PHE A 1004 -22.86 -32.51 -13.55
CA PHE A 1004 -21.58 -31.82 -13.45
C PHE A 1004 -21.37 -30.87 -14.63
N THR A 1005 -22.31 -29.94 -14.78
CA THR A 1005 -22.26 -28.93 -15.83
C THR A 1005 -22.26 -27.55 -15.20
N THR A 1006 -22.27 -26.53 -16.07
CA THR A 1006 -22.44 -25.16 -15.65
C THR A 1006 -23.93 -24.91 -15.34
N THR A 1007 -24.22 -23.74 -14.77
CA THR A 1007 -25.52 -23.38 -14.18
C THR A 1007 -25.96 -24.38 -13.11
N ASN A 1008 -24.98 -24.96 -12.41
CA ASN A 1008 -25.21 -25.73 -11.20
C ASN A 1008 -24.43 -25.06 -10.08
N LEU A 1009 -25.09 -24.89 -8.93
CA LEU A 1009 -24.53 -24.04 -7.87
C LEU A 1009 -23.26 -24.65 -7.27
N ALA A 1010 -23.29 -25.96 -6.97
CA ALA A 1010 -22.15 -26.59 -6.33
C ALA A 1010 -20.94 -26.67 -7.26
N PHE A 1011 -21.18 -26.99 -8.54
CA PHE A 1011 -20.09 -27.03 -9.50
C PHE A 1011 -19.52 -25.64 -9.76
N SER A 1012 -20.38 -24.61 -9.74
CA SER A 1012 -19.89 -23.24 -9.84
C SER A 1012 -19.03 -22.88 -8.62
N LYS A 1013 -19.42 -23.33 -7.43
CA LYS A 1013 -18.60 -23.08 -6.25
C LYS A 1013 -17.26 -23.78 -6.36
N VAL A 1014 -17.24 -24.99 -6.91
CA VAL A 1014 -15.98 -25.70 -7.16
C VAL A 1014 -15.11 -24.91 -8.13
N GLN A 1015 -15.71 -24.38 -9.20
CA GLN A 1015 -14.94 -23.64 -10.20
C GLN A 1015 -14.38 -22.34 -9.62
N ASP A 1016 -15.16 -21.63 -8.80
CA ASP A 1016 -14.65 -20.42 -8.16
C ASP A 1016 -13.56 -20.74 -7.13
N ALA A 1017 -13.69 -21.87 -6.42
CA ALA A 1017 -12.65 -22.28 -5.49
C ALA A 1017 -11.34 -22.59 -6.22
N VAL A 1018 -11.45 -23.19 -7.41
CA VAL A 1018 -10.27 -23.41 -8.24
C VAL A 1018 -9.70 -22.08 -8.74
N ASN A 1019 -10.57 -21.18 -9.18
CA ASN A 1019 -10.13 -19.93 -9.81
C ASN A 1019 -9.53 -18.94 -8.82
N ALA A 1020 -9.90 -19.02 -7.53
CA ALA A 1020 -9.34 -18.09 -6.55
C ALA A 1020 -7.84 -18.26 -6.39
N ASN A 1021 -7.37 -19.51 -6.36
CA ASN A 1021 -5.93 -19.77 -6.24
C ASN A 1021 -5.19 -19.28 -7.48
N ALA A 1022 -5.76 -19.50 -8.66
CA ALA A 1022 -5.14 -19.03 -9.89
C ALA A 1022 -5.11 -17.50 -9.95
N GLN A 1023 -6.16 -16.84 -9.44
CA GLN A 1023 -6.16 -15.39 -9.39
C GLN A 1023 -5.11 -14.85 -8.42
N ALA A 1024 -4.93 -15.51 -7.29
CA ALA A 1024 -3.88 -15.11 -6.35
C ALA A 1024 -2.50 -15.28 -6.95
N LEU A 1025 -2.26 -16.40 -7.64
CA LEU A 1025 -0.97 -16.62 -8.29
C LEU A 1025 -0.74 -15.63 -9.43
N ALA A 1026 -1.80 -15.30 -10.18
CA ALA A 1026 -1.69 -14.33 -11.26
C ALA A 1026 -1.38 -12.94 -10.73
N LYS A 1027 -1.99 -12.56 -9.60
CA LYS A 1027 -1.67 -11.27 -8.99
C LYS A 1027 -0.23 -11.25 -8.49
N LEU A 1028 0.23 -12.35 -7.88
CA LEU A 1028 1.60 -12.43 -7.39
C LEU A 1028 2.61 -12.33 -8.53
N ALA A 1029 2.30 -12.96 -9.67
CA ALA A 1029 3.20 -12.89 -10.82
C ALA A 1029 3.14 -11.53 -11.51
N SER A 1030 1.96 -10.90 -11.55
CA SER A 1030 1.79 -9.65 -12.29
C SER A 1030 2.22 -8.43 -11.49
N GLU A 1031 2.39 -8.56 -10.17
CA GLU A 1031 2.94 -7.44 -9.41
C GLU A 1031 4.43 -7.24 -9.65
N LEU A 1032 5.10 -8.17 -10.33
CA LEU A 1032 6.50 -7.99 -10.68
C LEU A 1032 6.70 -7.11 -11.90
N SER A 1033 5.63 -6.83 -12.65
CA SER A 1033 5.70 -5.99 -13.84
C SER A 1033 5.42 -4.53 -13.55
N ASN A 1034 5.17 -4.18 -12.30
CA ASN A 1034 4.91 -2.79 -11.93
C ASN A 1034 6.23 -2.04 -11.83
N THR A 1035 6.30 -0.87 -12.45
CA THR A 1035 7.54 -0.09 -12.44
C THR A 1035 7.69 0.73 -11.16
N PHE A 1036 6.57 1.07 -10.51
CA PHE A 1036 6.55 1.87 -9.27
C PHE A 1036 7.24 3.22 -9.45
N GLY A 1037 7.08 3.81 -10.63
CA GLY A 1037 7.66 5.11 -10.92
C GLY A 1037 9.06 5.08 -11.48
N ALA A 1038 9.70 3.91 -11.54
CA ALA A 1038 11.03 3.81 -12.10
C ALA A 1038 10.97 3.80 -13.63
N ILE A 1039 12.15 3.83 -14.25
CA ILE A 1039 12.21 3.85 -15.71
C ILE A 1039 11.87 2.50 -16.32
N SER A 1040 11.96 1.42 -15.55
CA SER A 1040 11.65 0.08 -16.04
C SER A 1040 11.32 -0.80 -14.85
N SER A 1041 10.61 -1.90 -15.14
CA SER A 1041 10.29 -2.89 -14.13
C SER A 1041 11.39 -3.94 -13.99
N SER A 1042 12.43 -3.87 -14.80
CA SER A 1042 13.53 -4.81 -14.76
C SER A 1042 14.73 -4.20 -14.06
N ILE A 1043 15.35 -4.98 -13.18
CA ILE A 1043 16.56 -4.53 -12.50
C ILE A 1043 17.71 -4.38 -13.49
N SER A 1044 17.76 -5.27 -14.49
CA SER A 1044 18.85 -5.24 -15.47
C SER A 1044 18.83 -3.97 -16.31
N ASP A 1045 17.64 -3.51 -16.71
CA ASP A 1045 17.53 -2.27 -17.48
C ASP A 1045 17.97 -1.07 -16.65
N ILE A 1046 17.62 -1.05 -15.36
CA ILE A 1046 18.04 0.04 -14.49
C ILE A 1046 19.56 0.02 -14.30
N LEU A 1047 20.13 -1.17 -14.12
CA LEU A 1047 21.58 -1.27 -13.91
C LEU A 1047 22.37 -0.97 -15.18
N LYS A 1048 21.80 -1.20 -16.36
CA LYS A 1048 22.52 -0.98 -17.60
C LYS A 1048 22.17 0.33 -18.28
N ARG A 1049 21.18 1.08 -17.77
CA ARG A 1049 20.80 2.35 -18.36
C ARG A 1049 21.10 3.56 -17.50
N LEU A 1050 21.44 3.38 -16.23
CA LEU A 1050 21.66 4.49 -15.33
C LEU A 1050 23.04 4.40 -14.67
N CYS A 1051 23.28 5.30 -13.73
CA CYS A 1051 24.58 5.52 -13.12
C CYS A 1051 24.43 5.39 -11.61
N PRO A 1052 25.49 4.99 -10.90
CA PRO A 1052 25.37 4.53 -9.49
C PRO A 1052 24.72 5.51 -8.52
N PRO A 1053 24.89 6.84 -8.64
CA PRO A 1053 24.11 7.69 -7.71
C PRO A 1053 22.62 7.66 -7.96
N GLU A 1054 22.18 7.27 -9.17
CA GLU A 1054 20.75 7.24 -9.50
C GLU A 1054 20.22 5.81 -9.59
N GLN A 1055 21.09 4.81 -9.73
CA GLN A 1055 20.64 3.42 -9.72
C GLN A 1055 20.02 3.03 -8.39
N GLU A 1056 20.64 3.41 -7.26
CA GLU A 1056 20.13 3.01 -5.95
C GLU A 1056 18.78 3.68 -5.65
N ALA A 1057 18.52 4.84 -6.25
CA ALA A 1057 17.22 5.49 -6.08
C ALA A 1057 16.14 4.73 -6.82
N GLN A 1058 16.42 4.21 -7.98
CA GLN A 1058 15.42 3.57 -8.78
C GLN A 1058 15.25 2.15 -8.44
N ILE A 1059 16.29 1.46 -8.04
CA ILE A 1059 16.22 0.07 -7.60
C ILE A 1059 15.38 0.08 -6.38
N ASP A 1060 15.51 1.06 -5.52
CA ASP A 1060 14.74 1.15 -4.30
C ASP A 1060 13.27 1.28 -4.54
N ARG A 1061 12.81 2.01 -5.49
CA ARG A 1061 11.42 2.10 -5.76
C ARG A 1061 10.89 0.77 -5.98
N LEU A 1062 11.60 -0.07 -6.69
CA LEU A 1062 11.19 -1.45 -6.96
C LEU A 1062 11.21 -2.28 -5.69
N ILE A 1063 12.15 -2.02 -4.79
CA ILE A 1063 12.24 -2.77 -3.54
C ILE A 1063 11.06 -2.44 -2.64
N ASN A 1064 10.76 -1.15 -2.48
CA ASN A 1064 9.68 -0.74 -1.59
C ASN A 1064 8.32 -1.10 -2.17
N GLY A 1065 8.17 -1.04 -3.49
CA GLY A 1065 6.92 -1.43 -4.11
C GLY A 1065 6.64 -2.91 -4.00
N ARG A 1066 7.63 -3.74 -4.19
CA ARG A 1066 7.47 -5.17 -4.16
C ARG A 1066 7.26 -5.68 -2.78
N LEU A 1067 7.92 -5.18 -1.78
CA LEU A 1067 7.64 -5.56 -0.40
C LEU A 1067 6.26 -5.16 0.04
N THR A 1068 5.75 -4.03 -0.30
CA THR A 1068 4.38 -3.70 0.01
C THR A 1068 3.41 -4.63 -0.70
N SER A 1069 3.63 -4.98 -1.93
CA SER A 1069 2.79 -5.90 -2.63
C SER A 1069 2.84 -7.24 -2.01
N LEU A 1070 3.99 -7.71 -1.59
CA LEU A 1070 4.11 -8.98 -0.86
C LEU A 1070 3.40 -8.95 0.44
N ASN A 1071 3.43 -7.87 1.14
CA ASN A 1071 2.71 -7.73 2.39
C ASN A 1071 1.25 -7.83 2.21
N ALA A 1072 0.72 -7.30 1.14
CA ALA A 1072 -0.70 -7.39 0.82
C ALA A 1072 -1.08 -8.72 0.31
N PHE A 1073 -0.18 -9.47 -0.25
CA PHE A 1073 -0.40 -10.87 -0.59
C PHE A 1073 -0.48 -11.73 0.67
N VAL A 1074 0.37 -11.44 1.66
CA VAL A 1074 0.34 -12.20 2.91
C VAL A 1074 -0.94 -11.93 3.67
N ALA A 1075 -1.41 -10.67 3.65
CA ALA A 1075 -2.64 -10.31 4.35
C ALA A 1075 -3.85 -10.98 3.73
N GLN A 1076 -3.91 -11.04 2.40
CA GLN A 1076 -5.07 -11.66 1.75
C GLN A 1076 -5.00 -13.18 1.81
N GLN A 1077 -3.79 -13.75 1.95
CA GLN A 1077 -3.66 -15.18 2.14
C GLN A 1077 -4.06 -15.58 3.55
N LEU A 1078 -3.88 -14.68 4.51
CA LEU A 1078 -4.32 -14.94 5.88
C LEU A 1078 -5.84 -14.91 5.98
N VAL A 1079 -6.50 -13.99 5.27
CA VAL A 1079 -7.96 -13.93 5.28
C VAL A 1079 -8.54 -15.19 4.64
N ARG A 1080 -7.95 -15.64 3.54
CA ARG A 1080 -8.42 -16.84 2.86
C ARG A 1080 -8.13 -18.10 3.69
N SER A 1081 -7.04 -18.11 4.45
CA SER A 1081 -6.68 -19.30 5.21
C SER A 1081 -7.60 -19.51 6.40
N GLU A 1082 -7.87 -18.44 7.17
CA GLU A 1082 -8.86 -18.55 8.24
C GLU A 1082 -10.27 -18.74 7.71
N THR A 1083 -10.58 -18.22 6.52
CA THR A 1083 -11.90 -18.48 5.92
C THR A 1083 -12.06 -19.96 5.61
N ALA A 1084 -11.02 -20.58 5.06
CA ALA A 1084 -11.04 -22.01 4.81
C ALA A 1084 -10.87 -22.85 6.07
N ALA A 1085 -10.78 -22.34 7.24
CA ALA A 1085 -10.72 -23.24 8.34
C ALA A 1085 -12.04 -23.34 8.96
N ARG A 1086 -12.87 -22.34 8.85
CA ARG A 1086 -14.13 -22.37 9.45
C ARG A 1086 -15.01 -23.20 8.55
N SER A 1087 -14.77 -23.24 7.26
CA SER A 1087 -15.47 -24.11 6.34
C SER A 1087 -15.23 -25.56 6.62
N ALA A 1088 -14.05 -25.96 6.98
CA ALA A 1088 -13.78 -27.30 7.33
C ALA A 1088 -14.54 -27.70 8.53
N GLN A 1089 -14.67 -26.85 9.53
CA GLN A 1089 -15.50 -27.20 10.66
C GLN A 1089 -16.92 -27.38 10.20
N LEU A 1090 -17.41 -26.56 9.30
CA LEU A 1090 -18.74 -26.75 8.74
C LEU A 1090 -18.88 -28.01 7.97
N ALA A 1091 -17.90 -28.37 7.20
CA ALA A 1091 -17.96 -29.57 6.38
C ALA A 1091 -18.05 -30.78 7.19
N SER A 1092 -17.34 -30.86 8.28
CA SER A 1092 -17.51 -32.00 9.16
C SER A 1092 -18.83 -31.97 9.86
N ASP A 1093 -19.27 -30.84 10.36
CA ASP A 1093 -20.61 -30.84 10.93
C ASP A 1093 -21.62 -31.38 9.93
N LYS A 1094 -21.44 -31.08 8.65
CA LYS A 1094 -22.36 -31.58 7.63
C LYS A 1094 -22.17 -33.09 7.42
N VAL A 1095 -20.92 -33.56 7.52
CA VAL A 1095 -20.66 -35.00 7.43
C VAL A 1095 -21.28 -35.72 8.63
N ASN A 1096 -21.12 -35.15 9.83
CA ASN A 1096 -21.64 -35.78 11.04
C ASN A 1096 -23.15 -35.74 11.12
N GLU A 1097 -23.80 -34.80 10.43
CA GLU A 1097 -25.25 -34.66 10.48
C GLU A 1097 -25.93 -35.25 9.25
N CYS A 1098 -25.57 -34.77 8.05
CA CYS A 1098 -26.25 -35.23 6.84
C CYS A 1098 -25.78 -36.61 6.40
N VAL A 1099 -24.49 -36.91 6.52
CA VAL A 1099 -23.94 -38.13 5.95
C VAL A 1099 -24.01 -39.29 6.94
N LYS A 1100 -23.50 -39.11 8.15
CA LYS A 1100 -23.44 -40.19 9.13
C LYS A 1100 -24.80 -40.54 9.74
N SER A 1101 -25.81 -39.71 9.52
CA SER A 1101 -27.12 -39.95 10.10
C SER A 1101 -28.19 -39.34 9.20
N GLN A 1102 -29.44 -39.70 9.46
CA GLN A 1102 -30.56 -39.09 8.77
C GLN A 1102 -30.99 -37.83 9.53
N SER A 1103 -30.99 -36.70 8.83
CA SER A 1103 -31.24 -35.41 9.46
C SER A 1103 -32.73 -35.11 9.50
N LYS A 1104 -33.23 -34.79 10.69
CA LYS A 1104 -34.61 -34.36 10.87
C LYS A 1104 -34.77 -32.86 10.73
N ARG A 1105 -33.68 -32.12 10.55
CA ARG A 1105 -33.73 -30.67 10.45
C ARG A 1105 -33.98 -30.27 8.99
N ASN A 1106 -34.95 -29.39 8.78
CA ASN A 1106 -35.34 -28.98 7.44
C ASN A 1106 -34.29 -28.03 6.85
N GLY A 1107 -33.87 -28.30 5.62
CA GLY A 1107 -33.04 -27.41 4.86
C GLY A 1107 -31.55 -27.56 5.05
N PHE A 1108 -31.11 -28.29 6.09
CA PHE A 1108 -29.67 -28.45 6.31
C PHE A 1108 -29.05 -29.31 5.22
N CYS A 1109 -29.67 -30.44 4.92
CA CYS A 1109 -29.34 -31.21 3.73
C CYS A 1109 -30.16 -30.67 2.56
N GLY A 1110 -30.29 -31.45 1.49
CA GLY A 1110 -30.99 -31.00 0.30
C GLY A 1110 -32.48 -30.80 0.50
N SER A 1111 -33.12 -30.29 -0.55
CA SER A 1111 -34.54 -29.99 -0.52
C SER A 1111 -35.38 -31.25 -0.40
N GLY A 1112 -36.55 -31.11 0.23
CA GLY A 1112 -37.38 -32.25 0.54
C GLY A 1112 -36.97 -32.90 1.84
N THR A 1113 -37.66 -33.99 2.17
CA THR A 1113 -37.36 -34.75 3.38
C THR A 1113 -36.09 -35.57 3.16
N HIS A 1114 -35.13 -35.41 4.06
CA HIS A 1114 -33.83 -36.05 3.90
C HIS A 1114 -33.92 -37.55 4.15
N ILE A 1115 -33.25 -38.33 3.32
CA ILE A 1115 -33.24 -39.78 3.42
C ILE A 1115 -31.83 -40.26 3.68
N VAL A 1116 -30.93 -39.98 2.75
CA VAL A 1116 -29.53 -40.39 2.85
C VAL A 1116 -28.70 -39.40 2.04
N SER A 1117 -27.40 -39.35 2.35
CA SER A 1117 -26.50 -38.50 1.59
C SER A 1117 -25.11 -39.13 1.58
N PHE A 1118 -24.35 -38.80 0.54
CA PHE A 1118 -22.99 -39.31 0.35
C PHE A 1118 -22.04 -38.14 0.13
N VAL A 1119 -20.79 -38.35 0.49
CA VAL A 1119 -19.75 -37.33 0.35
C VAL A 1119 -18.59 -37.93 -0.42
N ILE A 1120 -18.05 -37.17 -1.38
CA ILE A 1120 -16.86 -37.51 -2.13
C ILE A 1120 -15.86 -36.37 -1.99
N ASN A 1121 -14.69 -36.55 -2.58
CA ASN A 1121 -13.66 -35.52 -2.57
C ASN A 1121 -13.82 -34.60 -3.77
N ALA A 1122 -13.56 -33.32 -3.55
CA ALA A 1122 -13.66 -32.27 -4.55
C ALA A 1122 -12.37 -31.47 -4.52
N PRO A 1123 -12.06 -30.72 -5.59
CA PRO A 1123 -10.92 -29.79 -5.53
C PRO A 1123 -11.03 -28.78 -4.39
N ASP A 1124 -10.11 -28.91 -3.44
CA ASP A 1124 -10.03 -28.06 -2.24
C ASP A 1124 -11.32 -28.11 -1.41
N GLY A 1125 -11.89 -29.29 -1.25
CA GLY A 1125 -13.07 -29.41 -0.41
C GLY A 1125 -13.74 -30.76 -0.56
N LEU A 1126 -14.98 -30.83 -0.08
CA LEU A 1126 -15.79 -32.03 -0.15
C LEU A 1126 -17.07 -31.73 -0.93
N TYR A 1127 -17.55 -32.74 -1.64
CA TYR A 1127 -18.74 -32.64 -2.48
C TYR A 1127 -19.79 -33.61 -1.96
N PHE A 1128 -20.99 -33.09 -1.70
CA PHE A 1128 -22.06 -33.88 -1.11
C PHE A 1128 -23.14 -34.19 -2.14
N PHE A 1129 -23.89 -35.25 -1.87
CA PHE A 1129 -25.01 -35.68 -2.72
C PHE A 1129 -26.18 -36.01 -1.80
N HIS A 1130 -27.00 -35.01 -1.51
CA HIS A 1130 -28.11 -35.18 -0.57
C HIS A 1130 -29.32 -35.74 -1.30
N VAL A 1131 -29.65 -37.00 -1.03
CA VAL A 1131 -30.82 -37.63 -1.61
C VAL A 1131 -32.03 -37.30 -0.73
N GLY A 1132 -33.00 -36.61 -1.31
CA GLY A 1132 -34.18 -36.18 -0.59
C GLY A 1132 -35.44 -36.84 -1.13
N TYR A 1133 -36.52 -36.63 -0.38
CA TYR A 1133 -37.85 -37.17 -0.72
C TYR A 1133 -38.74 -36.00 -1.10
N VAL A 1134 -39.15 -35.95 -2.37
CA VAL A 1134 -40.00 -34.87 -2.85
C VAL A 1134 -41.28 -35.46 -3.44
N PRO A 1135 -42.43 -34.85 -3.20
CA PRO A 1135 -43.67 -35.33 -3.81
C PRO A 1135 -43.97 -34.65 -5.14
N THR A 1136 -44.61 -35.41 -6.02
CA THR A 1136 -45.02 -34.92 -7.33
C THR A 1136 -46.52 -34.70 -7.43
N ASP A 1137 -47.33 -35.59 -6.85
CA ASP A 1137 -48.77 -35.46 -6.84
C ASP A 1137 -49.26 -35.38 -5.40
N HIS A 1138 -50.51 -34.97 -5.24
CA HIS A 1138 -51.10 -34.82 -3.91
C HIS A 1138 -52.61 -34.90 -4.02
N ILE A 1139 -53.26 -35.12 -2.89
CA ILE A 1139 -54.71 -35.16 -2.80
C ILE A 1139 -55.14 -34.38 -1.56
N ASN A 1140 -56.19 -33.57 -1.71
CA ASN A 1140 -56.77 -32.88 -0.57
C ASN A 1140 -57.76 -33.81 0.12
N ALA A 1141 -57.51 -34.06 1.41
CA ALA A 1141 -58.32 -35.01 2.17
C ALA A 1141 -58.78 -34.37 3.48
N THR A 1142 -59.97 -34.76 3.92
CA THR A 1142 -60.53 -34.25 5.16
C THR A 1142 -59.95 -35.04 6.33
N ALA A 1143 -59.28 -34.34 7.25
CA ALA A 1143 -58.64 -34.97 8.39
C ALA A 1143 -59.34 -34.56 9.68
N ALA A 1144 -58.91 -35.16 10.78
CA ALA A 1144 -59.48 -34.91 12.09
C ALA A 1144 -58.37 -34.63 13.10
N TYR A 1145 -58.65 -33.74 14.04
CA TYR A 1145 -57.70 -33.50 15.13
C TYR A 1145 -57.63 -34.70 16.06
N GLY A 1146 -58.76 -35.36 16.29
CA GLY A 1146 -58.79 -36.54 17.14
C GLY A 1146 -60.20 -37.09 17.18
N LEU A 1147 -60.31 -38.29 17.76
CA LEU A 1147 -61.58 -39.00 17.86
C LEU A 1147 -61.82 -39.41 19.30
N CYS A 1148 -63.07 -39.27 19.75
CA CYS A 1148 -63.47 -39.62 21.11
C CYS A 1148 -64.73 -40.47 21.07
N ASN A 1149 -64.82 -41.45 21.96
CA ASN A 1149 -65.98 -42.32 22.03
C ASN A 1149 -67.11 -41.64 22.81
N ASN A 1150 -68.19 -42.40 23.02
CA ASN A 1150 -69.37 -41.89 23.71
C ASN A 1150 -69.52 -42.47 25.11
N ASP A 1151 -68.42 -42.89 25.72
CA ASP A 1151 -68.48 -43.44 27.07
C ASP A 1151 -68.74 -42.33 28.09
N ASN A 1152 -69.16 -42.74 29.29
CA ASN A 1152 -69.37 -41.79 30.36
C ASN A 1152 -68.10 -41.04 30.76
N PRO A 1153 -66.92 -41.68 30.92
CA PRO A 1153 -65.69 -40.91 30.78
C PRO A 1153 -65.22 -40.92 29.34
N PRO A 1154 -65.19 -39.75 28.69
CA PRO A 1154 -64.80 -39.70 27.27
C PRO A 1154 -63.31 -39.95 27.09
N ARG A 1155 -62.98 -40.99 26.35
CA ARG A 1155 -61.60 -41.33 26.03
C ARG A 1155 -61.29 -40.90 24.61
N CYS A 1156 -60.24 -40.11 24.45
CA CYS A 1156 -59.90 -39.53 23.16
C CYS A 1156 -58.56 -40.06 22.67
N ILE A 1157 -58.35 -39.94 21.36
CA ILE A 1157 -57.26 -40.60 20.66
C ILE A 1157 -56.64 -39.63 19.66
N ALA A 1158 -55.41 -39.93 19.26
CA ALA A 1158 -54.65 -39.04 18.38
C ALA A 1158 -53.64 -39.88 17.60
N PRO A 1159 -53.38 -39.52 16.34
CA PRO A 1159 -52.47 -40.34 15.53
C PRO A 1159 -51.00 -40.08 15.86
N ILE A 1160 -50.17 -41.02 15.45
CA ILE A 1160 -48.71 -40.90 15.56
C ILE A 1160 -48.14 -40.91 14.15
N ASP A 1161 -47.46 -39.82 13.77
CA ASP A 1161 -46.81 -39.66 12.46
C ASP A 1161 -47.79 -39.87 11.31
N GLY A 1162 -48.99 -39.33 11.44
CA GLY A 1162 -50.00 -39.52 10.42
C GLY A 1162 -51.23 -38.67 10.70
N TYR A 1163 -52.29 -38.97 9.96
CA TYR A 1163 -53.54 -38.22 10.05
C TYR A 1163 -54.71 -39.18 10.12
N PHE A 1164 -55.81 -38.71 10.72
CA PHE A 1164 -57.07 -39.44 10.73
C PHE A 1164 -57.89 -38.94 9.55
N VAL A 1165 -57.71 -39.58 8.39
CA VAL A 1165 -58.34 -39.14 7.18
C VAL A 1165 -59.64 -39.91 6.96
N ARG A 1166 -60.52 -39.33 6.15
CA ARG A 1166 -61.80 -39.93 5.81
C ARG A 1166 -61.71 -40.50 4.40
N ASN A 1167 -62.41 -41.63 4.19
CA ASN A 1167 -62.46 -42.37 2.93
C ASN A 1167 -61.06 -42.81 2.46
N GLU A 1177 -65.08 -45.50 7.76
CA GLU A 1177 -65.35 -44.13 8.18
C GLU A 1177 -64.05 -43.33 8.30
N TRP A 1178 -63.38 -43.46 9.44
CA TRP A 1178 -62.10 -42.81 9.68
C TRP A 1178 -60.98 -43.82 9.53
N TYR A 1179 -59.95 -43.45 8.77
CA TYR A 1179 -58.80 -44.31 8.54
C TYR A 1179 -57.53 -43.59 8.91
N TYR A 1180 -56.46 -44.35 9.05
CA TYR A 1180 -55.13 -43.82 9.31
C TYR A 1180 -54.29 -43.87 8.04
N THR A 1181 -53.56 -42.80 7.77
CA THR A 1181 -52.66 -42.73 6.63
C THR A 1181 -51.33 -42.17 7.07
N GLY A 1182 -50.32 -42.37 6.22
CA GLY A 1182 -49.01 -41.83 6.51
C GLY A 1182 -48.92 -40.35 6.24
N SER A 1183 -47.93 -39.71 6.87
CA SER A 1183 -47.73 -38.27 6.70
C SER A 1183 -47.10 -37.92 5.36
N SER A 1184 -46.46 -38.88 4.69
CA SER A 1184 -45.77 -38.60 3.44
C SER A 1184 -46.32 -39.41 2.26
N TYR A 1185 -47.36 -40.21 2.47
CA TYR A 1185 -47.99 -40.95 1.38
C TYR A 1185 -49.44 -41.24 1.79
N TYR A 1186 -50.34 -41.16 0.82
CA TYR A 1186 -51.76 -41.39 1.06
C TYR A 1186 -52.06 -42.87 0.90
N ASN A 1187 -52.36 -43.54 2.01
CA ASN A 1187 -52.78 -44.93 2.00
C ASN A 1187 -53.68 -45.15 3.21
N PRO A 1188 -55.00 -45.20 3.00
CA PRO A 1188 -55.92 -45.37 4.13
C PRO A 1188 -55.83 -46.78 4.71
N GLU A 1189 -55.53 -46.85 6.00
CA GLU A 1189 -55.37 -48.09 6.74
C GLU A 1189 -56.30 -48.10 7.96
N PRO A 1190 -56.70 -49.27 8.45
CA PRO A 1190 -57.51 -49.32 9.66
C PRO A 1190 -56.77 -48.76 10.87
N ILE A 1191 -57.52 -48.11 11.74
CA ILE A 1191 -56.95 -47.48 12.93
C ILE A 1191 -56.66 -48.55 13.96
N SER A 1192 -55.42 -48.62 14.42
CA SER A 1192 -54.97 -49.63 15.37
C SER A 1192 -54.28 -48.95 16.54
N MET A 1193 -53.87 -49.77 17.51
CA MET A 1193 -53.14 -49.25 18.67
C MET A 1193 -51.72 -48.85 18.32
N ALA A 1194 -51.15 -49.43 17.26
CA ALA A 1194 -49.79 -49.07 16.86
C ALA A 1194 -49.75 -47.66 16.26
N ASN A 1195 -50.80 -47.31 15.54
CA ASN A 1195 -50.94 -46.03 14.89
C ASN A 1195 -51.36 -44.89 15.76
N THR A 1196 -51.93 -45.14 16.92
CA THR A 1196 -52.50 -44.08 17.71
C THR A 1196 -52.10 -43.93 19.16
N ARG A 1197 -52.13 -42.70 19.66
CA ARG A 1197 -51.73 -42.40 21.02
C ARG A 1197 -52.88 -41.80 21.78
N TYR A 1198 -53.06 -42.20 23.03
CA TYR A 1198 -54.15 -41.67 23.83
C TYR A 1198 -53.86 -40.28 24.26
N VAL A 1199 -54.83 -39.39 24.13
CA VAL A 1199 -54.62 -38.01 24.46
C VAL A 1199 -55.80 -37.47 25.22
N SER A 1200 -55.59 -36.42 25.98
CA SER A 1200 -56.69 -35.78 26.69
C SER A 1200 -57.70 -35.15 25.76
N GLN A 1201 -58.96 -35.16 26.13
CA GLN A 1201 -60.02 -34.68 25.25
C GLN A 1201 -59.92 -33.25 24.88
N ASP A 1202 -60.24 -32.95 23.62
CA ASP A 1202 -60.25 -31.58 23.17
C ASP A 1202 -61.60 -31.31 22.54
N THR A 1203 -62.06 -30.09 22.60
CA THR A 1203 -63.39 -29.77 22.09
C THR A 1203 -63.43 -29.74 20.57
N LYS A 1204 -62.27 -29.74 19.92
CA LYS A 1204 -62.23 -29.73 18.46
C LYS A 1204 -62.09 -31.16 17.93
N PHE A 1205 -62.15 -32.14 18.81
CA PHE A 1205 -62.11 -33.54 18.41
C PHE A 1205 -63.49 -33.98 17.93
N GLU A 1206 -63.50 -34.99 17.07
CA GLU A 1206 -64.74 -35.47 16.46
C GLU A 1206 -65.34 -36.57 17.34
N ASN A 1207 -66.54 -36.31 17.86
CA ASN A 1207 -67.27 -37.28 18.67
C ASN A 1207 -67.98 -38.25 17.73
N LEU A 1208 -67.42 -39.44 17.57
CA LEU A 1208 -67.95 -40.45 16.67
C LEU A 1208 -68.68 -41.52 17.47
N THR A 1209 -69.89 -41.87 17.03
CA THR A 1209 -70.76 -42.79 17.77
C THR A 1209 -71.27 -43.97 16.95
N THR A 1210 -71.23 -43.91 15.62
CA THR A 1210 -71.73 -45.02 14.81
C THR A 1210 -70.68 -46.13 14.68
N ASN A 1211 -69.56 -45.81 14.05
CA ASN A 1211 -68.45 -46.74 13.88
C ASN A 1211 -67.25 -46.23 14.67
N ILE A 1212 -66.74 -47.07 15.58
CA ILE A 1212 -65.70 -46.69 16.52
C ILE A 1212 -64.49 -47.56 16.23
N PRO A 1213 -63.28 -46.99 16.11
CA PRO A 1213 -62.10 -47.81 15.88
C PRO A 1213 -61.79 -48.69 17.08
N PRO A 1214 -61.14 -49.84 16.87
CA PRO A 1214 -60.89 -50.80 17.96
C PRO A 1214 -60.07 -50.26 19.13
N PRO A 1215 -59.08 -49.37 18.94
CA PRO A 1215 -58.41 -48.82 20.14
C PRO A 1215 -59.30 -47.98 21.04
N LEU A 1216 -60.44 -47.50 20.56
CA LEU A 1216 -61.39 -46.78 21.40
C LEU A 1216 -62.51 -47.66 21.92
N LEU A 1217 -62.48 -48.96 21.63
CA LEU A 1217 -63.44 -49.90 22.17
C LEU A 1217 -63.10 -50.27 23.62
N ASN A 1218 -63.96 -51.09 24.21
CA ASN A 1218 -63.75 -51.58 25.57
C ASN A 1218 -63.39 -53.06 25.55
N ASP B 18 9.20 58.89 -1.72
CA ASP B 18 8.74 59.44 -0.46
C ASP B 18 7.47 60.25 -0.64
N VAL B 19 6.74 60.46 0.44
CA VAL B 19 5.46 61.18 0.41
C VAL B 19 5.55 62.33 1.40
N ASP B 20 5.32 63.55 0.91
CA ASP B 20 5.25 64.71 1.78
C ASP B 20 3.93 64.70 2.56
N LEU B 21 4.00 65.08 3.83
CA LEU B 21 2.83 65.09 4.70
C LEU B 21 2.54 66.49 5.22
N GLY B 22 2.84 67.50 4.41
CA GLY B 22 2.55 68.87 4.75
C GLY B 22 3.57 69.49 5.67
N PRO B 23 3.38 70.76 6.02
CA PRO B 23 4.34 71.42 6.90
C PRO B 23 4.23 70.93 8.34
N ASP B 24 5.33 71.04 9.07
CA ASP B 24 5.36 70.64 10.46
C ASP B 24 4.70 71.70 11.33
N SER B 25 4.29 71.29 12.52
CA SER B 25 3.58 72.18 13.43
C SER B 25 4.52 73.24 13.98
N SER B 26 4.01 74.47 14.08
CA SER B 26 4.77 75.61 14.60
C SER B 26 4.36 75.97 16.02
N ALA B 27 3.96 74.98 16.81
CA ALA B 27 3.54 75.23 18.18
C ALA B 27 4.75 75.51 19.06
N GLN B 28 4.68 76.60 19.83
CA GLN B 28 5.77 76.95 20.73
C GLN B 28 5.82 76.07 21.97
N SER B 29 4.73 75.39 22.30
CA SER B 29 4.67 74.52 23.45
C SER B 29 3.80 73.31 23.12
N CYS B 30 3.98 72.25 23.92
CA CYS B 30 3.26 71.01 23.73
C CYS B 30 2.33 70.79 24.91
N GLN B 31 1.29 69.98 24.70
CA GLN B 31 0.18 69.91 25.63
C GLN B 31 0.59 69.30 26.98
N GLU B 32 0.02 69.84 28.05
CA GLU B 32 0.29 69.38 29.41
C GLU B 32 -0.78 68.39 29.83
N VAL B 33 -0.35 67.21 30.28
CA VAL B 33 -1.24 66.16 30.72
C VAL B 33 -0.89 65.79 32.16
N ASP B 34 -1.80 65.07 32.80
CA ASP B 34 -1.56 64.47 34.10
C ASP B 34 -1.90 62.99 34.02
N ILE B 35 -1.08 62.17 34.67
CA ILE B 35 -1.18 60.71 34.60
C ILE B 35 -1.70 60.21 35.93
N GLN B 36 -2.88 59.59 35.91
CA GLN B 36 -3.49 58.98 37.10
C GLN B 36 -3.88 57.55 36.74
N PRO B 37 -2.93 56.61 36.82
CA PRO B 37 -3.23 55.24 36.39
C PRO B 37 -4.21 54.52 37.31
N GLN B 38 -4.30 54.92 38.57
CA GLN B 38 -5.20 54.24 39.51
C GLN B 38 -6.67 54.55 39.21
N TYR B 39 -6.95 55.64 38.50
CA TYR B 39 -8.33 55.97 38.14
C TYR B 39 -8.80 55.19 36.91
N PHE B 40 -7.90 54.59 36.14
CA PHE B 40 -8.27 53.89 34.93
C PHE B 40 -8.36 52.37 35.12
N GLN B 41 -7.89 51.84 36.23
CA GLN B 41 -7.97 50.41 36.50
C GLN B 41 -9.38 50.08 36.98
N LYS B 42 -10.23 49.69 36.05
CA LYS B 42 -11.60 49.29 36.33
C LYS B 42 -11.79 47.83 36.01
N ASP B 43 -12.65 47.17 36.79
CA ASP B 43 -12.92 45.74 36.62
C ASP B 43 -13.99 45.57 35.55
N TRP B 44 -13.56 45.48 34.30
CA TRP B 44 -14.44 45.25 33.16
C TRP B 44 -13.78 44.20 32.29
N THR B 45 -14.31 42.98 32.29
CA THR B 45 -13.75 41.88 31.53
C THR B 45 -14.69 41.48 30.39
N LYS B 46 -14.10 41.27 29.22
CA LYS B 46 -14.82 40.74 28.05
C LYS B 46 -13.96 39.67 27.42
N PRO B 47 -13.94 38.46 28.00
CA PRO B 47 -13.05 37.42 27.49
C PRO B 47 -13.54 36.86 26.16
N ILE B 48 -12.63 36.17 25.46
CA ILE B 48 -12.91 35.66 24.14
C ILE B 48 -13.89 34.50 24.25
N ASP B 49 -15.02 34.61 23.57
CA ASP B 49 -16.03 33.55 23.53
C ASP B 49 -16.14 33.04 22.09
N PRO B 50 -15.56 31.87 21.79
CA PRO B 50 -15.64 31.34 20.42
C PRO B 50 -17.04 30.89 20.01
N ALA B 51 -17.96 30.72 20.96
CA ALA B 51 -19.34 30.37 20.61
C ALA B 51 -20.07 31.50 19.91
N LYS B 52 -19.57 32.74 20.03
CA LYS B 52 -20.12 33.87 19.31
C LYS B 52 -19.19 34.35 18.19
N ALA B 53 -18.13 33.58 17.90
CA ALA B 53 -17.13 33.90 16.87
C ALA B 53 -16.48 35.26 17.12
N ASP B 54 -15.79 35.35 18.27
CA ASP B 54 -15.14 36.59 18.68
C ASP B 54 -13.71 36.63 18.16
N GLY B 55 -13.39 37.71 17.44
CA GLY B 55 -12.05 37.90 16.92
C GLY B 55 -11.63 36.92 15.85
N ILE B 56 -12.54 36.56 14.95
CA ILE B 56 -12.28 35.57 13.92
C ILE B 56 -11.89 36.30 12.64
N ILE B 57 -10.72 35.97 12.10
CA ILE B 57 -10.26 36.51 10.82
C ILE B 57 -10.82 35.63 9.72
N TYR B 58 -11.59 36.23 8.82
CA TYR B 58 -12.19 35.47 7.73
C TYR B 58 -11.12 35.05 6.73
N PRO B 59 -11.22 33.85 6.15
CA PRO B 59 -10.27 33.46 5.09
C PRO B 59 -10.37 34.38 3.88
N THR B 60 -9.21 34.65 3.28
CA THR B 60 -9.11 35.60 2.20
C THR B 60 -9.30 34.92 0.84
N GLY B 61 -9.99 35.61 -0.06
CA GLY B 61 -10.12 35.15 -1.42
C GLY B 61 -11.03 33.97 -1.64
N ARG B 62 -11.83 33.60 -0.64
CA ARG B 62 -12.71 32.45 -0.75
C ARG B 62 -13.85 32.60 0.23
N SER B 63 -14.84 31.72 0.11
CA SER B 63 -15.99 31.72 0.99
C SER B 63 -16.48 30.29 1.16
N TYR B 64 -17.24 30.07 2.23
CA TYR B 64 -17.83 28.77 2.52
C TYR B 64 -19.27 28.97 2.92
N SER B 65 -20.09 27.95 2.72
CA SER B 65 -21.52 28.04 2.98
C SER B 65 -22.03 26.73 3.56
N ASN B 66 -22.65 26.79 4.73
CA ASN B 66 -23.24 25.64 5.38
C ASN B 66 -22.31 24.47 5.55
N ILE B 67 -21.15 24.68 6.15
CA ILE B 67 -20.23 23.61 6.32
C ILE B 67 -19.48 23.87 7.59
N THR B 68 -18.73 22.91 8.15
CA THR B 68 -17.86 23.14 9.32
C THR B 68 -16.46 22.77 8.90
N LEU B 69 -15.49 23.63 9.12
CA LEU B 69 -14.15 23.38 8.64
C LEU B 69 -13.14 23.57 9.74
N SER B 70 -11.97 22.99 9.61
CA SER B 70 -10.97 23.18 10.61
C SER B 70 -9.90 23.93 9.92
N TYR B 71 -9.42 25.00 10.52
CA TYR B 71 -8.48 25.86 9.88
C TYR B 71 -7.39 26.08 10.86
N GLN B 72 -6.18 26.35 10.42
CA GLN B 72 -5.10 26.69 11.34
C GLN B 72 -4.86 28.10 10.96
N GLY B 73 -4.85 29.00 11.93
CA GLY B 73 -4.81 30.41 11.62
C GLY B 73 -4.36 31.20 12.77
N LEU B 74 -4.15 32.47 12.60
CA LEU B 74 -3.85 33.30 13.71
C LEU B 74 -5.18 33.60 14.39
N PHE B 75 -5.46 33.00 15.56
CA PHE B 75 -6.71 33.09 16.31
C PHE B 75 -6.43 33.39 17.77
N PRO B 76 -7.32 34.11 18.45
CA PRO B 76 -7.14 34.35 19.87
C PRO B 76 -7.49 33.13 20.71
N ARG B 77 -6.90 33.07 21.90
CA ARG B 77 -7.18 31.99 22.83
C ARG B 77 -8.54 32.18 23.48
N GLN B 78 -9.24 31.07 23.70
CA GLN B 78 -10.50 31.11 24.42
C GLN B 78 -10.25 31.43 25.90
N GLY B 79 -11.06 32.33 26.45
CA GLY B 79 -10.91 32.69 27.84
C GLY B 79 -9.78 33.68 28.09
N ASP B 80 -9.26 34.34 27.08
CA ASP B 80 -8.23 35.35 27.28
C ASP B 80 -8.89 36.65 27.53
N GLN B 81 -8.53 37.32 28.59
CA GLN B 81 -9.20 38.52 28.97
C GLN B 81 -8.84 39.77 28.16
N GLY B 82 -7.69 39.76 27.52
CA GLY B 82 -7.26 40.92 26.79
C GLY B 82 -6.68 41.91 27.72
N GLN B 83 -6.42 43.12 27.25
CA GLN B 83 -5.96 44.15 28.12
C GLN B 83 -6.91 45.22 27.79
N LEU B 84 -7.32 46.00 28.75
CA LEU B 84 -8.37 46.96 28.51
C LEU B 84 -7.79 48.28 28.54
N TYR B 85 -8.06 49.07 27.53
CA TYR B 85 -7.47 50.36 27.47
C TYR B 85 -8.57 51.33 27.46
N LEU B 86 -8.50 52.34 28.31
CA LEU B 86 -9.56 53.32 28.42
C LEU B 86 -9.19 54.77 28.16
N TYR B 87 -9.89 55.45 27.26
CA TYR B 87 -9.62 56.83 26.91
C TYR B 87 -10.68 57.73 27.52
N SER B 88 -10.30 58.79 28.24
CA SER B 88 -11.27 59.63 28.97
C SER B 88 -11.51 61.03 28.48
N VAL B 89 -12.06 61.90 29.35
CA VAL B 89 -12.18 63.29 28.97
C VAL B 89 -11.22 64.12 29.82
N SER B 90 -11.03 65.37 29.42
CA SER B 90 -10.12 66.25 30.14
C SER B 90 -10.80 66.81 31.38
N HIS B 91 -10.03 67.57 32.16
CA HIS B 91 -10.54 68.19 33.38
C HIS B 91 -11.53 69.31 33.06
N ILE B 104 -12.53 72.32 30.50
CA ILE B 104 -11.40 72.34 29.59
C ILE B 104 -10.12 72.68 30.35
N GLY B 105 -9.19 71.73 30.40
CA GLY B 105 -7.93 71.93 31.10
C GLY B 105 -6.85 70.97 30.64
N LYS B 106 -6.05 70.48 31.57
CA LYS B 106 -5.03 69.50 31.23
C LYS B 106 -5.67 68.16 30.89
N LEU B 107 -5.07 67.47 29.91
CA LEU B 107 -5.63 66.22 29.44
C LEU B 107 -5.41 65.11 30.46
N PHE B 108 -6.38 64.21 30.56
CA PHE B 108 -6.40 63.15 31.56
C PHE B 108 -6.14 61.82 30.86
N ILE B 109 -4.98 61.22 31.12
CA ILE B 109 -4.58 59.97 30.49
C ILE B 109 -4.00 59.04 31.55
N SER B 110 -3.82 57.78 31.17
CA SER B 110 -3.21 56.76 32.01
C SER B 110 -1.78 56.51 31.56
N ASN B 111 -1.14 55.50 32.15
CA ASN B 111 0.23 55.14 31.77
C ASN B 111 0.24 54.02 30.73
N TYR B 112 -0.53 54.21 29.66
CA TYR B 112 -0.55 53.22 28.58
C TYR B 112 0.80 53.19 27.86
N THR B 113 1.49 54.31 27.81
CA THR B 113 2.89 54.35 27.42
C THR B 113 3.71 54.18 28.71
N ASN B 114 4.96 53.73 28.55
CA ASN B 114 5.88 53.02 29.47
C ASN B 114 5.64 51.52 29.40
N GLU B 115 4.68 51.06 28.61
CA GLU B 115 4.34 49.65 28.51
C GLU B 115 5.13 49.04 27.36
N THR B 116 5.92 48.01 27.66
CA THR B 116 6.67 47.28 26.63
C THR B 116 5.81 46.12 26.15
N ASN B 117 5.14 46.31 25.02
CA ASN B 117 4.25 45.31 24.44
C ASN B 117 4.91 44.75 23.19
N THR B 118 4.87 43.43 23.05
CA THR B 118 5.48 42.75 21.91
C THR B 118 4.41 42.44 20.87
N PHE B 119 4.77 42.65 19.60
CA PHE B 119 3.81 42.43 18.51
C PHE B 119 3.52 40.95 18.33
N ASP B 120 4.57 40.12 18.28
CA ASP B 120 4.50 38.66 18.09
C ASP B 120 3.82 38.39 16.75
N ASN B 121 2.72 37.64 16.72
CA ASN B 121 2.01 37.38 15.47
C ASN B 121 1.00 38.46 15.12
N GLY B 122 0.68 39.36 16.06
CA GLY B 122 -0.30 40.41 15.88
C GLY B 122 -1.25 40.43 17.04
N PHE B 123 -2.35 41.16 16.86
CA PHE B 123 -3.38 41.23 17.89
C PHE B 123 -4.70 41.60 17.24
N VAL B 124 -5.77 41.52 18.04
CA VAL B 124 -7.11 41.91 17.63
C VAL B 124 -7.68 42.86 18.67
N VAL B 125 -8.41 43.87 18.20
CA VAL B 125 -9.00 44.89 19.07
C VAL B 125 -10.52 44.76 19.00
N ARG B 126 -11.15 44.74 20.17
CA ARG B 126 -12.61 44.70 20.28
C ARG B 126 -13.09 46.13 20.55
N ILE B 127 -13.62 46.78 19.52
CA ILE B 127 -13.99 48.19 19.58
C ILE B 127 -15.50 48.29 19.69
N GLY B 128 -15.97 49.12 20.61
CA GLY B 128 -17.38 49.39 20.75
C GLY B 128 -18.13 48.55 21.76
N ASP B 129 -17.43 47.91 22.69
CA ASP B 129 -18.11 47.17 23.75
C ASP B 129 -18.80 48.15 24.69
N ALA B 130 -20.08 47.87 24.98
CA ALA B 130 -20.96 48.73 25.77
C ALA B 130 -21.02 50.15 25.18
N ALA B 131 -21.40 50.21 23.91
CA ALA B 131 -21.50 51.47 23.18
C ALA B 131 -22.85 52.14 23.35
N ASN B 132 -23.73 51.59 24.19
CA ASN B 132 -25.00 52.22 24.50
C ASN B 132 -25.33 52.24 25.98
N SER B 133 -24.56 51.58 26.84
CA SER B 133 -24.83 51.53 28.26
C SER B 133 -24.48 52.86 28.92
N SER B 134 -25.02 53.06 30.12
CA SER B 134 -24.78 54.26 30.91
C SER B 134 -24.04 53.87 32.18
N TYR B 135 -22.86 54.43 32.36
CA TYR B 135 -22.00 54.21 33.51
C TYR B 135 -21.51 55.55 34.02
N PRO B 136 -21.06 55.62 35.28
CA PRO B 136 -20.39 56.83 35.75
C PRO B 136 -19.10 57.08 34.97
N ILE B 137 -18.80 58.36 34.75
CA ILE B 137 -17.63 58.75 33.98
C ILE B 137 -16.37 58.40 34.77
N ILE B 138 -15.29 58.06 34.05
CA ILE B 138 -14.03 57.68 34.68
C ILE B 138 -13.45 58.84 35.47
N ILE B 139 -13.53 60.06 34.93
CA ILE B 139 -13.00 61.21 35.64
C ILE B 139 -13.94 61.69 36.74
N SER B 140 -15.23 61.33 36.69
CA SER B 140 -16.22 61.76 37.68
C SER B 140 -17.01 60.54 38.14
N PRO B 141 -16.46 59.75 39.09
CA PRO B 141 -17.14 58.55 39.58
C PRO B 141 -18.39 58.86 40.38
N ALA B 145 -23.74 59.44 36.05
CA ALA B 145 -23.82 58.46 34.98
C ALA B 145 -24.39 59.08 33.71
N ARG B 146 -23.68 58.90 32.60
CA ARG B 146 -24.06 59.46 31.32
C ARG B 146 -23.94 58.40 30.24
N THR B 147 -24.42 58.74 29.04
CA THR B 147 -24.34 57.84 27.90
C THR B 147 -22.90 57.68 27.46
N ILE B 148 -22.58 56.50 26.93
CA ILE B 148 -21.23 56.13 26.53
C ILE B 148 -21.22 55.85 25.03
N LYS B 149 -20.32 56.53 24.32
CA LYS B 149 -20.19 56.35 22.87
C LYS B 149 -18.97 55.49 22.57
N LYS B 150 -18.73 55.29 21.28
CA LYS B 150 -17.66 54.42 20.79
C LYS B 150 -16.47 55.27 20.35
N ILE B 151 -15.27 54.88 20.79
CA ILE B 151 -14.04 55.57 20.44
C ILE B 151 -13.11 54.59 19.73
N TYR B 152 -12.21 55.14 18.92
CA TYR B 152 -11.30 54.33 18.13
C TYR B 152 -9.88 54.41 18.67
N PRO B 153 -9.17 53.29 18.75
CA PRO B 153 -7.79 53.31 19.24
C PRO B 153 -6.82 53.93 18.24
N ALA B 154 -5.74 54.48 18.79
CA ALA B 154 -4.62 54.99 18.01
C ALA B 154 -3.38 54.20 18.38
N PHE B 155 -2.57 53.86 17.37
CA PHE B 155 -1.49 52.90 17.56
C PHE B 155 -0.17 53.50 17.08
N MET B 156 0.91 52.80 17.44
CA MET B 156 2.27 53.17 17.03
C MET B 156 3.08 51.89 17.05
N LEU B 157 3.37 51.34 15.87
CA LEU B 157 4.07 50.08 15.74
C LEU B 157 5.43 50.30 15.08
N GLY B 158 6.47 49.68 15.64
CA GLY B 158 7.81 49.85 15.11
C GLY B 158 8.63 48.59 15.33
N ALA B 159 9.77 48.55 14.65
CA ALA B 159 10.68 47.41 14.73
C ALA B 159 11.79 47.64 15.74
N TYR B 160 12.27 48.87 15.87
CA TYR B 160 13.35 49.21 16.79
C TYR B 160 12.88 50.28 17.75
N ILE B 161 13.23 50.12 19.03
CA ILE B 161 12.88 51.08 20.07
C ILE B 161 14.15 51.60 20.71
N GLY B 162 14.00 52.69 21.45
CA GLY B 162 15.11 53.30 22.15
C GLY B 162 14.60 54.11 23.31
N ASN B 163 15.33 55.19 23.62
CA ASN B 163 14.96 56.08 24.70
C ASN B 163 15.13 57.53 24.26
N PHE B 164 14.38 58.42 24.90
CA PHE B 164 14.58 59.85 24.73
C PHE B 164 15.75 60.31 25.59
N THR B 165 16.01 61.61 25.58
CA THR B 165 17.08 62.16 26.41
C THR B 165 16.72 62.15 27.89
N ASN B 166 15.43 62.08 28.22
CA ASN B 166 15.00 62.03 29.61
C ASN B 166 14.71 60.61 30.10
N ASN B 167 14.94 59.60 29.26
CA ASN B 167 14.74 58.18 29.58
C ASN B 167 13.31 57.89 30.02
N ARG B 168 12.35 58.56 29.40
CA ARG B 168 10.94 58.34 29.67
C ARG B 168 10.27 57.79 28.45
N THR B 169 9.21 57.00 28.68
CA THR B 169 8.34 56.41 27.66
C THR B 169 9.09 55.57 26.64
N VAL B 170 8.47 55.33 25.49
CA VAL B 170 9.04 54.49 24.43
C VAL B 170 9.23 55.35 23.19
N ARG B 171 10.46 55.41 22.69
CA ARG B 171 10.78 56.10 21.46
C ARG B 171 11.02 55.08 20.37
N TYR B 172 10.33 55.25 19.23
CA TYR B 172 10.46 54.34 18.11
C TYR B 172 11.47 54.91 17.11
N LEU B 173 12.62 54.26 17.01
CA LEU B 173 13.64 54.66 16.05
C LEU B 173 13.28 54.17 14.65
N ASN B 174 13.91 54.80 13.66
CA ASN B 174 13.80 54.47 12.24
C ASN B 174 12.34 54.65 11.79
N HIS B 175 11.91 53.85 10.81
CA HIS B 175 10.56 53.99 10.28
C HIS B 175 9.54 53.39 11.24
N THR B 176 8.47 54.13 11.50
CA THR B 176 7.45 53.75 12.46
C THR B 176 6.09 53.75 11.78
N LEU B 177 5.32 52.68 11.99
CA LEU B 177 3.96 52.59 11.49
C LEU B 177 3.02 53.24 12.50
N VAL B 178 2.37 54.33 12.10
CA VAL B 178 1.46 55.07 12.97
C VAL B 178 0.07 55.01 12.38
N ILE B 179 -0.90 54.57 13.18
CA ILE B 179 -2.29 54.47 12.77
C ILE B 179 -3.09 55.42 13.65
N LEU B 180 -3.70 56.42 13.04
CA LEU B 180 -4.41 57.41 13.83
C LEU B 180 -5.84 57.58 13.36
N PRO B 181 -6.81 57.47 14.27
CA PRO B 181 -8.20 57.74 13.89
C PRO B 181 -8.33 59.20 13.54
N GLU B 182 -9.05 59.57 12.49
CA GLU B 182 -9.06 60.96 12.08
C GLU B 182 -10.34 61.39 11.46
N GLY B 183 -10.59 62.69 11.39
CA GLY B 183 -11.77 63.15 10.70
C GLY B 183 -12.87 62.95 11.67
N CYS B 184 -12.65 63.45 12.87
CA CYS B 184 -13.61 63.29 13.96
C CYS B 184 -14.20 61.88 14.00
N GLY B 185 -13.35 60.88 13.77
CA GLY B 185 -13.76 59.50 13.79
C GLY B 185 -14.42 59.00 12.53
N THR B 186 -14.35 59.75 11.43
CA THR B 186 -14.93 59.33 10.16
C THR B 186 -13.88 58.90 9.14
N SER B 187 -12.61 58.84 9.50
CA SER B 187 -11.58 58.37 8.59
C SER B 187 -10.43 57.79 9.40
N LEU B 188 -9.63 56.96 8.73
CA LEU B 188 -8.45 56.35 9.34
C LEU B 188 -7.25 56.62 8.45
N SER B 189 -6.19 57.16 9.02
CA SER B 189 -4.98 57.52 8.28
C SER B 189 -3.83 56.63 8.73
N VAL B 190 -3.16 56.00 7.76
CA VAL B 190 -2.07 55.06 8.01
C VAL B 190 -0.84 55.57 7.27
N PHE B 191 0.29 55.66 7.95
CA PHE B 191 1.52 56.10 7.33
C PHE B 191 2.73 55.49 8.02
N TYR B 192 3.71 55.10 7.21
CA TYR B 192 4.98 54.52 7.65
C TYR B 192 6.02 55.65 7.56
N CYS B 193 6.46 56.14 8.72
CA CYS B 193 7.13 57.43 8.76
C CYS B 193 8.20 57.40 9.83
N VAL B 194 9.23 58.23 9.65
CA VAL B 194 10.28 58.38 10.65
C VAL B 194 9.98 59.61 11.49
N LEU B 195 9.95 59.44 12.80
CA LEU B 195 9.57 60.48 13.73
C LEU B 195 10.79 61.04 14.43
N ILE B 196 10.95 62.36 14.38
CA ILE B 196 12.03 63.07 15.05
C ILE B 196 11.41 63.82 16.23
N PRO B 197 11.78 63.51 17.47
CA PRO B 197 11.21 64.23 18.61
C PRO B 197 11.64 65.68 18.65
N ARG B 198 10.75 66.53 19.12
CA ARG B 198 10.95 67.98 19.11
C ARG B 198 11.44 68.47 20.46
N THR B 199 12.16 69.59 20.44
CA THR B 199 12.82 70.14 21.62
C THR B 199 12.03 71.29 22.22
N GLN B 200 10.70 71.21 22.23
CA GLN B 200 9.87 72.26 22.79
C GLN B 200 9.77 72.09 24.30
N HIS B 201 8.84 72.82 24.92
CA HIS B 201 8.76 72.88 26.38
C HIS B 201 8.34 71.55 26.99
N ARG B 202 7.25 70.95 26.50
CA ARG B 202 6.72 69.72 27.05
C ARG B 202 6.80 68.56 26.07
N CYS B 203 7.57 68.70 25.02
CA CYS B 203 7.74 67.72 23.96
C CYS B 203 8.91 66.80 24.27
N PRO B 204 8.98 65.56 23.69
CA PRO B 204 9.84 64.53 24.28
C PRO B 204 11.33 64.70 24.08
N GLU B 205 11.90 65.79 24.49
CA GLU B 205 13.34 65.92 24.46
C GLU B 205 13.52 67.02 25.45
N ASP B 206 12.59 67.10 26.39
CA ASP B 206 12.64 68.10 27.39
C ASP B 206 12.43 67.46 28.71
N ASN B 207 12.92 68.06 29.78
CA ASN B 207 12.77 67.46 31.09
C ASN B 207 11.32 67.52 31.50
N ALA B 208 10.57 68.45 30.96
CA ALA B 208 9.15 68.59 31.25
C ALA B 208 8.25 67.45 30.84
N TYR B 209 8.48 66.80 29.70
CA TYR B 209 7.54 65.83 29.14
C TYR B 209 7.16 64.58 29.87
N SER B 210 5.86 64.30 29.88
CA SER B 210 5.38 63.06 30.45
C SER B 210 4.82 62.05 29.47
N SER B 211 4.43 62.48 28.28
CA SER B 211 3.77 61.56 27.38
C SER B 211 3.24 62.20 26.14
N TYR B 212 3.06 61.41 25.10
CA TYR B 212 2.55 61.94 23.88
C TYR B 212 1.12 61.49 23.73
N VAL B 213 0.19 62.40 23.50
CA VAL B 213 -1.21 62.08 23.42
C VAL B 213 -1.83 62.81 22.24
N ILE B 214 -2.92 62.33 21.66
CA ILE B 214 -3.60 63.05 20.61
C ILE B 214 -4.95 63.58 21.13
N TRP B 215 -5.39 64.75 20.72
CA TRP B 215 -6.60 65.35 21.31
C TRP B 215 -7.53 65.83 20.21
N GLU B 216 -8.74 66.14 20.59
CA GLU B 216 -9.70 66.67 19.67
C GLU B 216 -10.64 67.44 20.52
N THR B 217 -11.21 68.52 20.04
CA THR B 217 -12.23 69.20 20.82
C THR B 217 -13.46 69.00 20.04
N PRO B 218 -14.49 68.47 20.69
CA PRO B 218 -15.65 68.16 19.87
C PRO B 218 -16.13 69.46 19.34
N HIS B 219 -16.11 70.48 20.17
CA HIS B 219 -16.45 71.79 19.65
C HIS B 219 -15.25 72.35 18.92
N GLN B 220 -15.47 72.98 17.78
CA GLN B 220 -14.43 73.58 16.98
C GLN B 220 -13.86 72.53 16.07
N ASP B 221 -14.44 71.34 16.11
CA ASP B 221 -13.97 70.24 15.29
C ASP B 221 -15.14 69.32 15.33
N CYS B 222 -16.03 69.39 14.34
CA CYS B 222 -17.23 68.59 14.35
C CYS B 222 -17.98 68.73 15.67
N VAL B 227 -15.47 70.67 8.82
CA VAL B 227 -14.81 69.55 9.47
C VAL B 227 -13.38 69.41 8.95
N ASN B 228 -12.41 69.74 9.79
CA ASN B 228 -11.01 69.64 9.41
C ASN B 228 -10.59 68.17 9.33
N ARG B 229 -9.81 67.84 8.31
CA ARG B 229 -9.37 66.47 8.09
C ARG B 229 -8.00 66.17 8.68
N ASN B 230 -7.34 67.17 9.29
CA ASN B 230 -6.04 66.99 9.92
C ASN B 230 -6.14 67.19 11.43
N ILE B 231 -7.20 66.66 12.03
CA ILE B 231 -7.41 66.78 13.47
C ILE B 231 -6.34 66.01 14.23
N SER B 232 -6.12 64.75 13.85
CA SER B 232 -5.18 63.90 14.56
C SER B 232 -3.73 64.20 14.18
N LEU B 233 -3.48 64.55 12.92
CA LEU B 233 -2.11 64.77 12.47
C LEU B 233 -1.51 66.03 13.09
N ASN B 234 -2.31 67.10 13.21
CA ASN B 234 -1.81 68.33 13.81
C ASN B 234 -1.51 68.16 15.29
N ALA B 235 -2.31 67.34 15.99
CA ALA B 235 -1.96 66.97 17.36
C ALA B 235 -0.73 66.07 17.37
N PHE B 236 -0.61 65.17 16.39
CA PHE B 236 0.54 64.28 16.32
C PHE B 236 1.80 65.01 15.88
N LYS B 237 1.67 66.01 15.01
CA LYS B 237 2.82 66.78 14.57
C LYS B 237 3.37 67.71 15.64
N HIS B 238 2.64 67.89 16.75
CA HIS B 238 3.16 68.67 17.87
C HIS B 238 4.38 68.00 18.47
N TYR B 239 4.33 66.68 18.65
CA TYR B 239 5.38 65.95 19.36
C TYR B 239 6.52 65.51 18.45
N PHE B 240 6.24 65.13 17.22
CA PHE B 240 7.24 64.54 16.35
C PHE B 240 7.29 65.27 15.01
N ASN B 241 8.47 65.23 14.39
CA ASN B 241 8.66 65.73 13.04
C ASN B 241 8.57 64.56 12.07
N LEU B 242 7.77 64.73 11.01
CA LEU B 242 7.45 63.64 10.09
C LEU B 242 8.37 63.77 8.87
N THR B 243 9.42 62.93 8.83
CA THR B 243 10.40 62.94 7.77
C THR B 243 10.58 61.55 7.21
N GLN B 244 11.12 61.48 5.99
CA GLN B 244 11.45 60.24 5.29
C GLN B 244 10.24 59.31 5.19
N CYS B 245 9.11 59.89 4.79
CA CYS B 245 7.82 59.26 5.00
C CYS B 245 7.48 58.43 3.76
N LYS B 246 7.28 57.12 3.96
CA LYS B 246 7.22 56.21 2.82
C LYS B 246 5.89 56.28 2.08
N PHE B 247 4.78 56.05 2.79
CA PHE B 247 3.46 56.14 2.15
C PHE B 247 2.49 56.82 3.09
N PHE B 248 1.26 56.98 2.61
CA PHE B 248 0.16 57.53 3.40
C PHE B 248 -1.14 57.03 2.78
N TYR B 249 -1.94 56.33 3.57
CA TYR B 249 -3.22 55.80 3.13
C TYR B 249 -4.34 56.38 3.98
N SER B 250 -5.51 56.53 3.37
CA SER B 250 -6.69 57.05 4.06
C SER B 250 -7.88 56.18 3.72
N TYR B 251 -8.64 55.79 4.75
CA TYR B 251 -9.79 54.92 4.59
C TYR B 251 -11.00 55.57 5.27
N ASN B 252 -12.09 55.69 4.52
CA ASN B 252 -13.28 56.36 5.02
C ASN B 252 -14.10 55.44 5.91
N ILE B 253 -14.60 55.99 7.02
CA ILE B 253 -15.40 55.25 7.99
C ILE B 253 -16.75 55.94 8.11
N THR B 254 -17.82 55.18 7.94
CA THR B 254 -19.16 55.68 8.23
C THR B 254 -19.40 55.65 9.73
N GLU B 255 -20.06 56.68 10.25
CA GLU B 255 -20.24 56.84 11.68
C GLU B 255 -21.45 56.04 12.16
N ASP B 256 -21.22 55.18 13.15
CA ASP B 256 -22.29 54.40 13.78
C ASP B 256 -21.81 53.98 15.15
N GLU B 257 -22.67 53.23 15.85
CA GLU B 257 -22.38 52.80 17.21
C GLU B 257 -22.35 51.28 17.36
N HIS B 258 -22.21 50.55 16.25
CA HIS B 258 -22.07 49.10 16.32
C HIS B 258 -20.72 48.71 16.90
N ALA B 259 -20.69 47.59 17.60
CA ALA B 259 -19.43 47.04 18.09
C ALA B 259 -18.61 46.52 16.92
N GLU B 260 -17.34 46.91 16.87
CA GLU B 260 -16.46 46.59 15.76
C GLU B 260 -15.32 45.71 16.21
N TRP B 261 -14.55 45.23 15.23
CA TRP B 261 -13.37 44.42 15.48
C TRP B 261 -12.27 44.84 14.52
N PHE B 262 -11.05 45.00 15.04
CA PHE B 262 -9.91 45.43 14.25
C PHE B 262 -8.74 44.52 14.55
N GLY B 263 -8.04 44.09 13.50
CA GLY B 263 -6.90 43.20 13.66
C GLY B 263 -5.79 43.57 12.71
N ILE B 264 -4.55 43.39 13.18
CA ILE B 264 -3.36 43.68 12.40
C ILE B 264 -2.39 42.52 12.58
N THR B 265 -1.97 41.90 11.47
CA THR B 265 -0.97 40.85 11.47
C THR B 265 0.20 41.27 10.58
N GLN B 266 1.16 40.36 10.39
CA GLN B 266 2.29 40.61 9.53
C GLN B 266 2.86 39.27 9.05
N ASP B 267 3.15 39.19 7.76
CA ASP B 267 3.78 38.00 7.18
C ASP B 267 4.79 38.48 6.16
N ALA B 268 5.23 37.56 5.29
CA ALA B 268 6.25 37.89 4.30
C ALA B 268 5.76 38.81 3.19
N ARG B 269 4.46 39.06 3.10
CA ARG B 269 3.88 39.93 2.08
C ARG B 269 3.54 41.31 2.62
N GLY B 270 4.00 41.65 3.81
CA GLY B 270 3.75 42.95 4.40
C GLY B 270 2.89 42.88 5.64
N VAL B 271 2.27 44.02 5.95
CA VAL B 271 1.43 44.17 7.14
C VAL B 271 -0.02 44.28 6.66
N HIS B 272 -0.86 43.39 7.17
CA HIS B 272 -2.27 43.36 6.79
C HIS B 272 -3.14 43.93 7.91
N LEU B 273 -4.13 44.71 7.52
CA LEU B 273 -5.10 45.28 8.47
C LEU B 273 -6.46 44.66 8.20
N TYR B 274 -7.20 44.30 9.24
CA TYR B 274 -8.52 43.65 9.10
C TYR B 274 -9.65 44.37 9.81
N SER B 275 -10.85 44.42 9.27
CA SER B 275 -11.97 45.01 9.97
C SER B 275 -13.28 44.34 9.76
N SER B 276 -14.24 44.53 10.62
CA SER B 276 -15.53 43.93 10.50
C SER B 276 -16.38 44.84 9.71
N ARG B 277 -16.03 46.10 9.63
CA ARG B 277 -16.71 47.06 8.82
C ARG B 277 -16.66 46.71 7.37
N LYS B 278 -15.57 46.17 6.87
CA LYS B 278 -15.46 45.75 5.49
C LYS B 278 -15.87 44.34 5.49
N GLY B 279 -17.16 44.06 5.45
CA GLY B 279 -17.50 42.68 5.63
C GLY B 279 -18.70 42.78 6.49
N ASP B 280 -18.85 41.86 7.43
CA ASP B 280 -20.04 41.88 8.18
C ASP B 280 -19.94 42.80 9.31
N LEU B 281 -20.62 43.94 9.24
CA LEU B 281 -20.70 44.85 10.36
C LEU B 281 -21.43 44.36 11.57
N TYR B 282 -22.57 43.72 11.36
CA TYR B 282 -23.41 43.21 12.42
C TYR B 282 -22.79 42.12 13.24
N GLY B 283 -22.09 41.21 12.58
CA GLY B 283 -21.34 40.20 13.29
C GLY B 283 -19.95 40.72 13.26
N GLY B 284 -19.04 40.07 13.91
CA GLY B 284 -17.69 40.58 14.00
C GLY B 284 -16.71 40.02 13.05
N ASN B 285 -17.13 39.24 12.10
CA ASN B 285 -16.20 38.53 11.29
C ASN B 285 -15.40 39.59 10.67
N MET B 286 -14.10 39.42 10.58
CA MET B 286 -13.18 40.44 10.13
C MET B 286 -12.53 40.17 8.83
N PHE B 287 -12.49 41.14 7.93
CA PHE B 287 -11.98 40.94 6.58
C PHE B 287 -10.89 41.92 6.20
N LEU B 288 -9.94 41.52 5.36
CA LEU B 288 -8.83 42.40 4.95
C LEU B 288 -9.26 43.56 4.19
N PHE B 289 -8.66 44.67 4.48
CA PHE B 289 -8.93 45.91 3.77
C PHE B 289 -7.69 46.73 3.46
N ALA B 290 -6.51 46.31 3.91
CA ALA B 290 -5.28 47.06 3.67
C ALA B 290 -4.09 46.14 3.81
N SER B 291 -3.25 46.10 2.79
CA SER B 291 -1.99 45.35 2.82
C SER B 291 -0.85 46.35 2.67
N LEU B 292 -0.17 46.65 3.78
CA LEU B 292 0.84 47.68 3.83
C LEU B 292 2.21 47.13 3.43
N PRO B 293 2.97 47.87 2.63
CA PRO B 293 4.32 47.41 2.21
C PRO B 293 5.38 47.64 3.29
N ILE B 294 5.22 46.98 4.42
CA ILE B 294 6.16 47.05 5.54
C ILE B 294 6.77 45.67 5.68
N TYR B 295 8.03 45.53 5.30
CA TYR B 295 8.67 44.22 5.25
C TYR B 295 9.63 43.97 6.40
N ASP B 296 10.06 45.00 7.11
CA ASP B 296 10.82 44.78 8.34
C ASP B 296 9.87 44.32 9.44
N THR B 297 10.32 43.34 10.23
CA THR B 297 9.45 42.69 11.20
C THR B 297 9.15 43.61 12.37
N LEU B 298 7.87 43.88 12.59
CA LEU B 298 7.46 44.66 13.75
C LEU B 298 7.62 43.83 15.02
N LYS B 299 8.29 44.40 16.02
CA LYS B 299 8.53 43.72 17.28
C LYS B 299 7.84 44.36 18.48
N TYR B 300 7.52 45.65 18.41
CA TYR B 300 6.90 46.36 19.52
C TYR B 300 5.73 47.19 19.01
N TYR B 301 4.74 47.36 19.88
CA TYR B 301 3.64 48.27 19.62
C TYR B 301 3.27 48.98 20.91
N THR B 302 2.80 50.22 20.78
CA THR B 302 2.26 50.96 21.89
C THR B 302 0.94 51.59 21.48
N VAL B 303 0.11 51.87 22.47
CA VAL B 303 -1.19 52.49 22.26
C VAL B 303 -1.06 53.96 22.63
N ILE B 304 -1.22 54.84 21.63
CA ILE B 304 -1.13 56.27 21.89
C ILE B 304 -2.34 56.71 22.71
N PRO B 305 -2.13 57.37 23.85
CA PRO B 305 -3.27 57.86 24.64
C PRO B 305 -4.06 58.92 23.88
N ARG B 306 -5.36 58.97 24.17
CA ARG B 306 -6.27 59.85 23.45
C ARG B 306 -7.21 60.49 24.46
N SER B 307 -7.32 61.81 24.41
CA SER B 307 -8.16 62.56 25.32
C SER B 307 -9.09 63.46 24.54
N ILE B 308 -10.39 63.32 24.77
CA ILE B 308 -11.41 64.18 24.17
C ILE B 308 -11.70 65.32 25.14
N ARG B 309 -11.33 66.53 24.76
CA ARG B 309 -11.50 67.70 25.61
C ARG B 309 -12.77 68.44 25.22
N SER B 310 -13.70 68.50 26.17
CA SER B 310 -14.97 69.09 25.90
C SER B 310 -15.55 69.75 27.12
N LYS B 311 -16.74 70.30 27.01
CA LYS B 311 -17.38 71.01 28.12
C LYS B 311 -17.81 70.15 29.30
N TYR B 312 -17.67 70.69 30.53
CA TYR B 312 -18.09 69.95 31.72
C TYR B 312 -19.50 69.58 31.47
N ASN B 313 -20.23 70.47 30.87
CA ASN B 313 -21.60 70.18 30.51
C ASN B 313 -21.66 69.05 29.48
N SER B 314 -20.72 69.04 28.55
CA SER B 314 -20.74 68.08 27.43
C SER B 314 -20.04 66.79 27.67
N ARG B 315 -19.52 66.55 28.85
CA ARG B 315 -18.74 65.35 29.01
C ARG B 315 -19.60 64.18 28.65
N GLN B 316 -19.05 63.23 27.91
CA GLN B 316 -19.79 62.07 27.45
C GLN B 316 -18.90 60.92 27.65
N GLY B 317 -19.47 59.74 27.75
CA GLY B 317 -18.70 58.56 27.98
C GLY B 317 -18.11 57.99 26.73
N TRP B 318 -17.03 57.22 26.88
CA TRP B 318 -16.39 56.58 25.74
C TRP B 318 -16.18 55.10 26.05
N ALA B 319 -16.49 54.26 25.07
CA ALA B 319 -16.37 52.82 25.26
C ALA B 319 -14.90 52.41 25.36
N ALA B 320 -14.67 51.35 26.13
CA ALA B 320 -13.33 50.80 26.31
C ALA B 320 -13.10 49.65 25.33
N PHE B 321 -11.86 49.51 24.89
CA PHE B 321 -11.50 48.48 23.94
C PHE B 321 -10.46 47.55 24.55
N TYR B 322 -10.44 46.31 24.06
CA TYR B 322 -9.60 45.25 24.59
C TYR B 322 -8.72 44.71 23.48
N ILE B 323 -7.47 44.41 23.82
CA ILE B 323 -6.48 43.92 22.86
C ILE B 323 -6.10 42.50 23.25
N TYR B 324 -6.36 41.55 22.35
CA TYR B 324 -6.04 40.15 22.56
C TYR B 324 -4.96 39.74 21.56
N LYS B 325 -3.90 39.12 22.07
CA LYS B 325 -2.83 38.66 21.20
C LYS B 325 -3.28 37.45 20.37
N LEU B 326 -2.86 37.42 19.11
CA LEU B 326 -3.17 36.32 18.23
C LEU B 326 -2.16 35.20 18.38
N HIS B 327 -2.63 33.96 18.21
CA HIS B 327 -1.80 32.78 18.39
C HIS B 327 -2.06 31.81 17.25
N GLN B 328 -1.05 30.98 16.98
CA GLN B 328 -1.14 29.95 15.94
C GLN B 328 -1.93 28.78 16.50
N LEU B 329 -3.25 28.85 16.36
CA LEU B 329 -4.16 27.86 16.91
C LEU B 329 -5.01 27.26 15.81
N THR B 330 -5.63 26.11 16.12
CA THR B 330 -6.56 25.45 15.23
C THR B 330 -7.98 25.75 15.70
N TYR B 331 -8.85 26.10 14.76
CA TYR B 331 -10.23 26.46 15.08
C TYR B 331 -11.18 25.68 14.18
N LEU B 332 -12.30 25.23 14.74
CA LEU B 332 -13.37 24.62 13.99
C LEU B 332 -14.43 25.68 13.75
N LEU B 333 -14.54 26.15 12.51
CA LEU B 333 -15.40 27.28 12.17
C LEU B 333 -16.71 26.78 11.58
N ASP B 334 -17.83 27.36 12.02
CA ASP B 334 -19.15 27.03 11.50
C ASP B 334 -19.59 28.14 10.57
N PHE B 335 -19.93 27.78 9.34
CA PHE B 335 -20.35 28.74 8.32
C PHE B 335 -21.85 28.61 8.10
N THR B 336 -22.53 29.75 8.00
CA THR B 336 -23.95 29.76 7.72
C THR B 336 -24.18 29.66 6.22
N VAL B 337 -25.45 29.70 5.82
CA VAL B 337 -25.79 29.70 4.39
C VAL B 337 -25.36 31.01 3.75
N ASP B 338 -25.48 32.12 4.48
CA ASP B 338 -25.03 33.41 3.97
C ASP B 338 -23.52 33.50 3.87
N GLY B 339 -22.79 32.67 4.60
CA GLY B 339 -21.34 32.62 4.53
C GLY B 339 -20.60 33.13 5.75
N TYR B 340 -21.30 33.67 6.74
CA TYR B 340 -20.65 34.22 7.91
C TYR B 340 -20.31 33.13 8.92
N ILE B 341 -19.45 33.47 9.86
CA ILE B 341 -19.03 32.55 10.92
C ILE B 341 -19.72 33.00 12.21
N ARG B 342 -20.54 32.11 12.78
CA ARG B 342 -21.28 32.42 13.99
C ARG B 342 -20.88 31.57 15.18
N ARG B 343 -20.28 30.39 14.97
CA ARG B 343 -19.79 29.56 16.05
C ARG B 343 -18.37 29.11 15.74
N ALA B 344 -17.58 28.91 16.80
CA ALA B 344 -16.21 28.44 16.66
C ALA B 344 -15.84 27.62 17.88
N VAL B 345 -14.85 26.76 17.71
CA VAL B 345 -14.36 25.89 18.77
C VAL B 345 -12.83 25.98 18.78
N ASP B 346 -12.26 26.34 19.92
CA ASP B 346 -10.81 26.38 20.11
C ASP B 346 -10.36 24.99 20.54
N CYS B 347 -9.66 24.29 19.64
CA CYS B 347 -9.34 22.88 19.88
C CYS B 347 -8.33 22.69 21.01
N GLY B 348 -7.51 23.70 21.29
CA GLY B 348 -6.52 23.58 22.32
C GLY B 348 -6.96 23.98 23.71
N HIS B 349 -8.24 24.30 23.91
CA HIS B 349 -8.70 24.75 25.23
C HIS B 349 -8.82 23.58 26.20
N ASP B 350 -9.69 22.61 25.88
CA ASP B 350 -9.85 21.42 26.69
C ASP B 350 -10.01 20.21 25.79
N ASP B 351 -10.21 19.05 26.42
CA ASP B 351 -10.22 17.79 25.69
C ASP B 351 -11.52 17.60 24.92
N LEU B 352 -12.64 18.13 25.44
CA LEU B 352 -13.90 18.03 24.71
C LEU B 352 -13.85 18.81 23.41
N ALA B 353 -13.24 19.99 23.42
CA ALA B 353 -13.08 20.77 22.19
C ALA B 353 -12.15 20.08 21.21
N GLN B 354 -11.11 19.40 21.72
CA GLN B 354 -10.24 18.62 20.85
C GLN B 354 -11.01 17.47 20.20
N LEU B 355 -11.90 16.82 20.97
CA LEU B 355 -12.74 15.76 20.40
C LEU B 355 -13.69 16.32 19.34
N ARG B 356 -14.27 17.48 19.60
CA ARG B 356 -15.16 18.11 18.62
C ARG B 356 -14.42 18.51 17.35
N CYS B 357 -13.17 18.99 17.49
CA CYS B 357 -12.37 19.34 16.32
C CYS B 357 -11.97 18.09 15.54
N SER B 358 -11.66 16.99 16.24
CA SER B 358 -11.28 15.77 15.55
C SER B 358 -12.47 15.15 14.81
N TYR B 359 -13.67 15.25 15.38
CA TYR B 359 -14.84 14.73 14.70
C TYR B 359 -15.41 15.71 13.68
N GLU B 360 -14.93 16.96 13.65
CA GLU B 360 -15.36 17.99 12.71
C GLU B 360 -16.87 18.22 12.81
N SER B 361 -17.35 18.38 14.04
CA SER B 361 -18.76 18.60 14.30
C SER B 361 -18.91 19.21 15.68
N PHE B 362 -19.94 20.04 15.84
CA PHE B 362 -20.26 20.62 17.14
C PHE B 362 -21.06 19.67 18.01
N ASP B 363 -21.58 18.58 17.46
CA ASP B 363 -22.36 17.59 18.21
C ASP B 363 -21.69 16.24 18.07
N VAL B 364 -21.21 15.70 19.20
CA VAL B 364 -20.60 14.39 19.25
C VAL B 364 -21.46 13.50 20.14
N ASP B 365 -21.63 12.25 19.74
CA ASP B 365 -22.43 11.31 20.52
C ASP B 365 -21.70 10.94 21.81
N SER B 366 -22.48 10.43 22.77
CA SER B 366 -21.92 10.00 24.04
C SER B 366 -21.06 8.75 23.85
N GLY B 367 -19.95 8.71 24.56
CA GLY B 367 -19.06 7.57 24.48
C GLY B 367 -17.73 7.89 25.13
N VAL B 368 -16.88 6.86 25.18
CA VAL B 368 -15.52 7.00 25.67
C VAL B 368 -14.60 7.04 24.46
N TYR B 369 -13.98 8.18 24.23
CA TYR B 369 -13.15 8.42 23.07
C TYR B 369 -11.69 8.52 23.45
N SER B 370 -10.82 8.51 22.44
CA SER B 370 -9.40 8.72 22.60
C SER B 370 -9.00 9.97 21.86
N VAL B 371 -8.23 10.84 22.51
CA VAL B 371 -7.81 12.10 21.90
C VAL B 371 -6.29 12.11 21.78
N SER B 372 -5.75 13.15 21.16
CA SER B 372 -4.31 13.27 21.00
C SER B 372 -3.64 13.54 22.34
N SER B 373 -2.48 12.92 22.53
CA SER B 373 -1.74 13.04 23.78
C SER B 373 -1.02 14.39 23.87
N PRO B 378 11.85 18.80 25.28
CA PRO B 378 13.17 19.46 25.23
C PRO B 378 13.35 20.48 26.35
N ARG B 379 13.44 20.02 27.58
CA ARG B 379 13.66 20.87 28.75
C ARG B 379 15.10 20.67 29.21
N GLY B 380 15.97 21.60 28.85
CA GLY B 380 17.38 21.47 29.16
C GLY B 380 18.11 20.64 28.14
N ALA B 381 19.39 20.43 28.39
CA ALA B 381 20.25 19.68 27.48
C ALA B 381 21.28 18.89 28.26
N PHE B 382 21.74 17.81 27.63
CA PHE B 382 22.80 16.96 28.19
C PHE B 382 23.91 16.90 27.14
N ILE B 383 24.91 17.76 27.29
CA ILE B 383 25.97 17.90 26.30
C ILE B 383 27.26 17.36 26.90
N GLU B 384 27.82 16.34 26.27
CA GLU B 384 29.09 15.74 26.67
C GLU B 384 30.03 15.73 25.48
N GLN B 385 31.27 16.17 25.69
CA GLN B 385 32.23 16.24 24.60
C GLN B 385 33.63 16.09 25.17
N SER B 386 34.55 15.61 24.34
CA SER B 386 35.92 15.39 24.74
C SER B 386 36.69 16.70 24.73
N SER B 387 37.94 16.63 25.21
CA SER B 387 38.83 17.79 25.17
C SER B 387 39.17 18.14 23.73
N GLY B 388 39.34 19.44 23.47
CA GLY B 388 39.48 19.91 22.11
C GLY B 388 40.82 19.55 21.52
N LYS B 389 40.82 18.78 20.42
CA LYS B 389 42.00 18.53 19.62
C LYS B 389 41.70 18.98 18.20
N GLU B 390 42.68 19.63 17.56
CA GLU B 390 42.46 20.24 16.26
C GLU B 390 42.86 19.30 15.13
N CYS B 391 42.02 19.25 14.10
CA CYS B 391 42.36 18.50 12.89
C CYS B 391 43.49 19.19 12.14
N ASP B 392 44.35 18.42 11.49
CA ASP B 392 45.40 19.02 10.69
C ASP B 392 45.05 19.14 9.24
N PHE B 393 44.59 20.32 8.82
CA PHE B 393 44.26 20.56 7.44
C PHE B 393 45.48 21.14 6.80
N SER B 394 46.58 21.25 7.53
CA SER B 394 47.83 21.82 7.04
C SER B 394 48.42 21.07 5.89
N PRO B 395 48.31 19.77 5.91
CA PRO B 395 48.90 19.15 4.73
C PRO B 395 48.18 19.68 3.50
N MET B 396 46.89 19.89 3.50
CA MET B 396 46.16 20.50 2.39
C MET B 396 46.52 21.92 2.04
N LEU B 397 46.78 22.77 3.03
CA LEU B 397 47.00 24.19 2.79
C LEU B 397 48.45 24.57 2.71
N THR B 398 49.34 23.60 2.72
CA THR B 398 50.76 23.89 2.55
C THR B 398 51.34 22.98 1.48
N GLY B 399 52.06 23.56 0.54
CA GLY B 399 52.76 22.82 -0.47
C GLY B 399 52.19 22.99 -1.86
N THR B 400 52.46 22.00 -2.71
CA THR B 400 51.97 21.97 -4.08
C THR B 400 50.89 20.92 -4.21
N PRO B 401 49.67 21.28 -4.63
CA PRO B 401 48.62 20.28 -4.76
C PRO B 401 48.89 19.35 -5.92
N PRO B 402 48.44 18.10 -5.84
CA PRO B 402 48.74 17.16 -6.92
C PRO B 402 47.66 17.15 -8.00
N GLN B 403 47.85 16.33 -9.03
CA GLN B 403 46.90 16.25 -10.13
C GLN B 403 45.74 15.32 -9.77
N VAL B 404 44.81 15.17 -10.70
CA VAL B 404 43.58 14.44 -10.43
C VAL B 404 43.85 12.94 -10.26
N TYR B 405 44.77 12.38 -11.05
CA TYR B 405 45.09 10.96 -10.94
C TYR B 405 45.91 10.64 -9.71
N ASN B 406 46.57 11.63 -9.12
CA ASN B 406 47.45 11.46 -7.97
C ASN B 406 46.88 12.20 -6.76
N PHE B 407 45.57 12.07 -6.55
CA PHE B 407 44.88 12.81 -5.49
C PHE B 407 45.37 12.37 -4.11
N ARG B 408 45.44 13.33 -3.19
CA ARG B 408 45.84 13.07 -1.82
C ARG B 408 44.60 13.04 -0.94
N ARG B 409 44.53 12.03 -0.07
CA ARG B 409 43.37 11.79 0.77
C ARG B 409 43.72 12.05 2.23
N LEU B 410 42.86 12.80 2.92
CA LEU B 410 43.01 13.07 4.35
C LEU B 410 41.80 12.52 5.08
N VAL B 411 42.04 11.73 6.13
CA VAL B 411 40.99 11.15 6.94
C VAL B 411 41.11 11.70 8.35
N PHE B 412 40.03 12.28 8.85
CA PHE B 412 40.02 12.92 10.16
C PHE B 412 39.07 12.18 11.09
N THR B 413 39.55 11.86 12.29
CA THR B 413 38.75 11.20 13.30
C THR B 413 39.10 11.78 14.67
N ASP B 414 38.07 12.10 15.46
CA ASP B 414 38.20 12.61 16.83
C ASP B 414 39.02 13.91 16.86
N CYS B 415 38.48 14.94 16.20
CA CYS B 415 39.12 16.23 16.19
C CYS B 415 38.08 17.30 15.87
N ASN B 416 38.42 18.55 16.23
CA ASN B 416 37.62 19.72 15.89
C ASN B 416 38.34 20.52 14.82
N TYR B 417 37.59 21.03 13.85
CA TYR B 417 38.18 21.81 12.77
C TYR B 417 37.42 23.11 12.59
N ASN B 418 38.16 24.14 12.18
CA ASN B 418 37.62 25.48 11.97
C ASN B 418 37.13 25.57 10.53
N LEU B 419 35.83 25.32 10.34
CA LEU B 419 35.25 25.36 9.01
C LEU B 419 35.19 26.77 8.45
N THR B 420 35.03 27.77 9.32
CA THR B 420 34.95 29.16 8.88
C THR B 420 36.26 29.62 8.24
N LYS B 421 37.40 29.27 8.84
CA LYS B 421 38.70 29.63 8.28
C LYS B 421 38.93 28.92 6.95
N LEU B 422 38.57 27.64 6.87
CA LEU B 422 38.73 26.87 5.64
C LEU B 422 37.87 27.44 4.51
N LEU B 423 36.64 27.84 4.83
CA LEU B 423 35.78 28.42 3.81
C LEU B 423 36.21 29.84 3.44
N SER B 424 36.85 30.55 4.37
CA SER B 424 37.37 31.87 4.05
C SER B 424 38.64 31.79 3.19
N LEU B 425 39.37 30.68 3.29
CA LEU B 425 40.60 30.54 2.51
C LEU B 425 40.35 30.25 1.03
N PHE B 426 39.14 29.84 0.66
CA PHE B 426 38.84 29.46 -0.72
C PHE B 426 37.59 30.18 -1.20
N GLN B 427 37.47 30.29 -2.52
CA GLN B 427 36.28 30.83 -3.17
C GLN B 427 35.64 29.71 -3.97
N VAL B 428 34.47 29.25 -3.53
CA VAL B 428 33.84 28.07 -4.11
C VAL B 428 33.19 28.45 -5.43
N SER B 429 33.62 27.78 -6.51
CA SER B 429 32.98 27.98 -7.81
C SER B 429 31.62 27.28 -7.86
N GLU B 430 31.56 26.03 -7.40
CA GLU B 430 30.33 25.25 -7.41
C GLU B 430 30.48 24.09 -6.43
N PHE B 431 29.33 23.53 -6.05
CA PHE B 431 29.31 22.33 -5.22
C PHE B 431 28.09 21.50 -5.59
N SER B 432 28.25 20.17 -5.51
CA SER B 432 27.14 19.24 -5.72
C SER B 432 27.22 18.18 -4.64
N CYS B 433 26.21 18.15 -3.77
CA CYS B 433 26.21 17.29 -2.61
C CYS B 433 25.16 16.18 -2.74
N HIS B 434 25.48 15.03 -2.17
CA HIS B 434 24.64 13.84 -2.25
C HIS B 434 24.32 13.38 -0.84
N GLN B 435 23.03 13.34 -0.50
CA GLN B 435 22.49 12.84 0.76
C GLN B 435 22.95 13.64 1.97
N VAL B 436 23.52 14.83 1.77
CA VAL B 436 23.98 15.68 2.86
C VAL B 436 23.95 17.12 2.38
N CYS B 437 24.07 18.06 3.30
CA CYS B 437 24.08 19.49 2.99
C CYS B 437 25.34 20.12 3.56
N PRO B 438 25.90 21.12 2.86
CA PRO B 438 26.99 21.91 3.45
C PRO B 438 26.59 22.64 4.71
N ASP B 439 25.33 23.08 4.81
CA ASP B 439 24.84 23.67 6.04
C ASP B 439 24.64 22.63 7.14
N ALA B 440 24.33 21.38 6.77
CA ALA B 440 24.21 20.32 7.76
C ALA B 440 25.57 19.93 8.32
N LEU B 441 26.61 19.95 7.49
CA LEU B 441 27.96 19.66 7.97
C LEU B 441 28.52 20.76 8.84
N ALA B 442 28.03 21.99 8.68
CA ALA B 442 28.48 23.11 9.49
C ALA B 442 27.77 23.21 10.83
N SER B 443 26.71 22.50 11.06
CA SER B 443 26.13 22.50 12.38
C SER B 443 25.96 21.12 12.88
N GLY B 444 26.93 20.25 12.74
CA GLY B 444 26.70 18.92 13.14
C GLY B 444 27.93 18.11 13.23
N CYS B 445 27.82 16.88 13.69
CA CYS B 445 29.00 16.09 13.88
C CYS B 445 28.91 14.77 13.24
N TYR B 446 30.02 14.28 12.76
CA TYR B 446 30.07 13.06 12.04
C TYR B 446 31.17 12.27 12.59
N SER B 447 31.10 10.96 12.48
CA SER B 447 32.18 10.11 12.93
C SER B 447 33.46 10.30 12.22
N SER B 448 33.45 10.48 10.89
CA SER B 448 34.63 10.72 10.12
C SER B 448 34.51 11.68 9.01
N LEU B 449 35.58 12.34 8.59
CA LEU B 449 35.60 13.14 7.38
C LEU B 449 36.71 12.62 6.51
N THR B 450 36.47 12.39 5.23
CA THR B 450 37.54 12.03 4.31
C THR B 450 37.52 13.01 3.22
N VAL B 451 38.60 13.75 3.04
CA VAL B 451 38.70 14.70 1.98
C VAL B 451 39.76 14.31 1.02
N ASP B 452 39.48 14.25 -0.26
CA ASP B 452 40.52 14.08 -1.23
C ASP B 452 40.55 15.27 -2.14
N TYR B 453 41.72 15.85 -2.33
CA TYR B 453 41.83 17.05 -3.08
C TYR B 453 42.88 17.00 -4.11
N PHE B 454 42.74 17.80 -5.13
CA PHE B 454 43.67 17.85 -6.19
C PHE B 454 43.52 19.10 -6.93
N ALA B 455 44.50 19.46 -7.71
CA ALA B 455 44.42 20.61 -8.57
C ALA B 455 43.62 20.23 -9.75
N TYR B 456 42.64 21.03 -10.11
CA TYR B 456 41.70 20.71 -11.18
C TYR B 456 41.11 21.99 -11.76
N PRO B 457 41.24 22.21 -13.06
CA PRO B 457 40.68 23.43 -13.66
C PRO B 457 39.16 23.44 -13.64
N THR B 458 38.54 24.59 -13.60
CA THR B 458 37.11 24.65 -13.58
C THR B 458 36.60 24.62 -14.99
N SER B 459 37.46 24.62 -15.97
CA SER B 459 37.05 24.48 -17.31
C SER B 459 36.61 23.10 -17.56
N LEU B 460 37.11 22.15 -16.83
CA LEU B 460 36.85 20.75 -17.03
C LEU B 460 35.85 20.26 -16.04
N ALA B 461 35.01 21.12 -15.51
CA ALA B 461 34.14 20.76 -14.40
C ALA B 461 33.07 19.80 -14.70
N SER B 462 32.67 19.70 -15.93
CA SER B 462 31.69 18.75 -16.35
C SER B 462 32.16 17.38 -16.17
N TYR B 463 33.42 17.12 -16.35
CA TYR B 463 33.92 15.78 -16.30
C TYR B 463 33.85 15.13 -15.00
N LEU B 464 33.98 15.85 -13.92
CA LEU B 464 33.77 15.36 -12.59
C LEU B 464 32.36 14.94 -12.37
N GLN B 465 31.38 15.57 -12.96
CA GLN B 465 29.97 15.38 -12.68
C GLN B 465 29.54 14.03 -12.94
N GLN B 466 28.58 13.54 -12.18
CA GLN B 466 28.16 12.15 -12.19
C GLN B 466 27.59 11.64 -13.45
N GLY B 467 27.83 10.38 -13.73
CA GLY B 467 27.45 9.85 -15.01
C GLY B 467 28.13 10.46 -16.19
N SER B 468 29.38 10.84 -16.07
CA SER B 468 30.08 11.45 -17.13
C SER B 468 30.95 10.41 -17.71
N THR B 469 31.20 10.45 -18.99
CA THR B 469 32.06 9.51 -19.64
C THR B 469 33.38 10.05 -20.12
N GLY B 470 33.91 11.07 -19.53
CA GLY B 470 35.14 11.64 -20.05
C GLY B 470 36.36 10.83 -19.71
N GLU B 471 37.50 11.39 -19.87
CA GLU B 471 38.68 10.71 -19.55
C GLU B 471 38.86 10.69 -18.10
N ILE B 472 38.46 11.71 -17.41
CA ILE B 472 38.77 11.75 -16.00
C ILE B 472 38.12 10.64 -15.25
N THR B 473 36.89 10.38 -15.50
CA THR B 473 36.22 9.27 -14.88
C THR B 473 36.69 7.91 -15.25
N GLN B 474 36.94 7.69 -16.51
CA GLN B 474 37.44 6.43 -16.97
C GLN B 474 38.79 6.13 -16.47
N TYR B 475 39.68 7.09 -16.43
CA TYR B 475 41.06 6.84 -16.03
C TYR B 475 41.63 7.61 -14.87
N ASN B 476 41.13 8.78 -14.50
CA ASN B 476 41.78 9.58 -13.47
C ASN B 476 41.15 9.40 -12.10
N TYR B 477 39.87 9.73 -11.96
CA TYR B 477 39.21 9.71 -10.67
C TYR B 477 37.75 9.30 -10.83
N LYS B 478 37.29 8.40 -9.95
CA LYS B 478 35.89 8.00 -9.91
C LYS B 478 35.38 8.22 -8.50
N GLN B 479 34.33 9.05 -8.39
CA GLN B 479 33.76 9.35 -7.08
C GLN B 479 32.99 8.16 -6.54
N ASP B 480 33.00 8.02 -5.21
CA ASP B 480 32.33 6.93 -4.53
C ASP B 480 31.00 7.42 -3.98
N PHE B 481 29.91 6.80 -4.41
CA PHE B 481 28.58 7.11 -3.91
C PHE B 481 28.10 5.92 -3.08
N SER B 482 28.54 5.89 -1.83
CA SER B 482 28.06 4.94 -0.84
C SER B 482 27.93 5.57 0.54
N ASN B 483 28.51 6.74 0.75
CA ASN B 483 28.41 7.54 1.95
C ASN B 483 27.94 8.92 1.51
N PRO B 484 27.38 9.72 2.42
CA PRO B 484 27.06 11.12 2.09
C PRO B 484 28.32 11.89 1.71
N THR B 485 28.32 12.43 0.49
CA THR B 485 29.51 13.04 -0.08
C THR B 485 29.16 14.33 -0.79
N CYS B 486 30.15 15.21 -0.90
CA CYS B 486 30.06 16.46 -1.63
C CYS B 486 31.23 16.58 -2.58
N ARG B 487 31.05 17.38 -3.62
CA ARG B 487 32.10 17.64 -4.60
C ARG B 487 32.22 19.15 -4.77
N ILE B 488 33.28 19.73 -4.23
CA ILE B 488 33.47 21.17 -4.18
C ILE B 488 34.55 21.56 -5.18
N LEU B 489 34.27 22.56 -6.01
CA LEU B 489 35.25 23.17 -6.88
C LEU B 489 35.52 24.57 -6.38
N ALA B 490 36.77 24.86 -6.03
CA ALA B 490 37.13 26.13 -5.43
C ALA B 490 38.44 26.63 -6.02
N THR B 491 38.64 27.95 -5.93
CA THR B 491 39.85 28.59 -6.39
C THR B 491 40.54 29.30 -5.24
N ALA B 492 41.86 29.27 -5.24
CA ALA B 492 42.63 29.84 -4.15
C ALA B 492 43.17 31.21 -4.53
N PRO B 493 43.03 32.21 -3.67
CA PRO B 493 43.64 33.52 -3.95
C PRO B 493 45.16 33.43 -3.90
N ALA B 494 45.80 34.46 -4.47
CA ALA B 494 47.25 34.46 -4.64
C ALA B 494 48.01 34.57 -3.31
N ASN B 495 47.34 34.99 -2.23
CA ASN B 495 48.00 35.13 -0.94
C ASN B 495 48.02 33.83 -0.15
N ILE B 496 47.50 32.74 -0.71
CA ILE B 496 47.48 31.47 0.00
C ILE B 496 48.89 30.87 0.04
N THR B 497 49.11 29.96 0.99
CA THR B 497 50.40 29.30 1.12
C THR B 497 50.63 28.26 0.04
N LEU B 498 49.59 27.86 -0.69
CA LEU B 498 49.71 26.85 -1.72
C LEU B 498 50.54 27.36 -2.89
N THR B 499 51.37 26.48 -3.44
CA THR B 499 52.22 26.81 -4.58
C THR B 499 51.58 26.23 -5.84
N LYS B 500 51.34 27.09 -6.83
CA LYS B 500 50.71 26.63 -8.06
C LYS B 500 51.67 25.74 -8.84
N PRO B 501 51.17 24.65 -9.46
CA PRO B 501 52.05 23.78 -10.24
C PRO B 501 52.39 24.37 -11.60
N SER B 502 53.10 23.61 -12.43
CA SER B 502 53.45 24.10 -13.76
C SER B 502 52.23 24.17 -14.66
N ASN B 503 51.40 23.13 -14.65
CA ASN B 503 50.20 23.10 -15.47
C ASN B 503 49.19 22.17 -14.80
N TYR B 504 48.13 21.83 -15.54
CA TYR B 504 47.14 20.85 -15.11
C TYR B 504 47.30 19.60 -15.96
N ASN B 505 47.49 18.46 -15.31
CA ASN B 505 47.67 17.19 -16.00
C ASN B 505 46.52 16.24 -15.67
N TRP B 506 46.19 15.40 -16.64
CA TRP B 506 45.25 14.30 -16.42
C TRP B 506 45.58 13.21 -17.44
N LEU B 507 45.09 12.01 -17.16
CA LEU B 507 45.35 10.86 -18.02
C LEU B 507 44.31 10.80 -19.13
N THR B 508 44.76 10.94 -20.38
CA THR B 508 43.86 10.76 -21.51
C THR B 508 43.46 9.30 -21.68
N GLN B 509 44.43 8.39 -21.62
CA GLN B 509 44.14 6.97 -21.69
C GLN B 509 45.27 6.21 -21.00
N CYS B 510 44.92 5.05 -20.46
CA CYS B 510 45.88 4.15 -19.81
C CYS B 510 45.50 2.73 -20.21
N TYR B 511 46.39 2.05 -20.92
CA TYR B 511 46.10 0.73 -21.46
C TYR B 511 47.32 -0.15 -21.35
N LYS B 512 47.14 -1.44 -21.39
CA LYS B 512 48.27 -2.33 -21.42
C LYS B 512 48.01 -3.03 -22.66
N GLY B 513 49.02 -3.25 -23.44
CA GLY B 513 48.75 -3.85 -24.70
C GLY B 513 49.32 -5.23 -24.76
N SER B 514 48.49 -6.21 -25.08
CA SER B 514 48.99 -7.55 -25.31
C SER B 514 48.24 -8.21 -26.42
N ALA B 515 48.87 -9.12 -27.17
CA ALA B 515 48.12 -9.91 -28.15
C ALA B 515 47.31 -9.14 -29.17
N PHE B 516 47.88 -8.07 -29.71
CA PHE B 516 47.19 -7.26 -30.70
C PHE B 516 45.88 -6.70 -30.19
N GLY B 517 45.86 -6.27 -28.95
CA GLY B 517 44.68 -5.63 -28.45
C GLY B 517 44.91 -4.68 -27.31
N ASN B 518 44.96 -3.40 -27.59
CA ASN B 518 45.08 -2.45 -26.49
C ASN B 518 43.91 -2.67 -25.53
N GLN B 519 44.20 -3.17 -24.33
CA GLN B 519 43.17 -3.38 -23.33
C GLN B 519 43.16 -2.19 -22.38
N PRO B 520 42.09 -1.39 -22.35
CA PRO B 520 42.07 -0.23 -21.46
C PRO B 520 41.95 -0.65 -19.99
N HIS B 521 42.61 0.11 -19.13
CA HIS B 521 42.61 -0.13 -17.69
C HIS B 521 41.89 1.04 -17.03
N TYR B 522 40.59 0.88 -16.82
CA TYR B 522 39.79 1.92 -16.20
C TYR B 522 40.06 1.99 -14.70
N VAL B 523 39.86 3.18 -14.14
CA VAL B 523 40.06 3.37 -12.71
C VAL B 523 38.90 2.73 -11.95
N GLN B 524 39.17 2.34 -10.71
CA GLN B 524 38.14 1.78 -9.84
C GLN B 524 37.53 2.89 -8.99
N THR B 525 36.42 2.56 -8.35
CA THR B 525 35.64 3.55 -7.61
C THR B 525 36.35 3.92 -6.32
N GLY B 526 36.84 5.16 -6.24
CA GLY B 526 37.53 5.63 -5.06
C GLY B 526 38.96 5.17 -4.91
N GLN B 527 39.54 4.56 -5.94
CA GLN B 527 40.89 4.02 -5.87
C GLN B 527 41.78 4.73 -6.88
N TYR B 528 43.08 4.49 -6.76
CA TYR B 528 44.05 5.07 -7.68
C TYR B 528 44.08 4.31 -8.99
N THR B 529 44.58 4.97 -10.02
CA THR B 529 44.69 4.37 -11.34
C THR B 529 45.84 3.38 -11.39
N PRO B 530 45.72 2.32 -12.21
CA PRO B 530 46.86 1.40 -12.39
C PRO B 530 48.07 2.04 -13.05
N CYS B 531 47.90 3.14 -13.78
CA CYS B 531 48.99 3.83 -14.44
C CYS B 531 49.58 4.96 -13.59
N LEU B 532 49.51 4.83 -12.25
CA LEU B 532 49.99 5.90 -11.39
C LEU B 532 51.51 6.03 -11.43
N GLY B 533 52.22 4.90 -11.52
CA GLY B 533 53.66 4.93 -11.54
C GLY B 533 54.25 5.63 -12.75
N LEU B 534 53.57 5.53 -13.89
CA LEU B 534 53.99 6.21 -15.10
C LEU B 534 53.46 7.63 -15.20
N ALA B 535 52.64 8.07 -14.24
CA ALA B 535 52.03 9.38 -14.29
C ALA B 535 52.44 10.31 -13.16
N VAL B 536 53.09 9.79 -12.11
CA VAL B 536 53.52 10.63 -10.99
C VAL B 536 54.50 11.70 -11.47
N GLN B 537 55.36 11.35 -12.43
CA GLN B 537 56.32 12.30 -12.99
C GLN B 537 55.65 13.48 -13.70
N GLY B 538 54.41 13.32 -14.13
CA GLY B 538 53.66 14.40 -14.76
C GLY B 538 53.74 14.34 -16.27
N PHE B 539 53.02 15.28 -16.89
CA PHE B 539 52.93 15.37 -18.34
C PHE B 539 53.25 16.79 -18.79
N SER B 540 54.16 16.91 -19.74
CA SER B 540 54.42 18.17 -20.43
C SER B 540 54.04 17.99 -21.89
N ALA B 541 53.33 19.00 -22.42
CA ALA B 541 52.75 19.06 -23.77
C ALA B 541 51.64 18.02 -23.96
N ALA B 542 50.73 18.31 -24.89
CA ALA B 542 49.56 17.46 -25.07
C ALA B 542 49.94 16.12 -25.70
N TYR B 543 49.25 15.06 -25.25
CA TYR B 543 49.36 13.70 -25.78
C TYR B 543 50.79 13.15 -25.65
N GLN B 544 51.44 13.48 -24.53
CA GLN B 544 52.67 12.82 -24.16
C GLN B 544 52.39 11.40 -23.68
N SER B 545 53.36 10.51 -23.90
CA SER B 545 53.17 9.09 -23.59
C SER B 545 54.35 8.57 -22.77
N HIS B 546 54.04 7.78 -21.76
CA HIS B 546 55.04 7.07 -20.96
C HIS B 546 54.70 5.58 -20.95
N ARG B 547 55.73 4.75 -21.09
CA ARG B 547 55.54 3.31 -21.19
C ARG B 547 56.40 2.60 -20.14
N ASP B 548 55.89 1.46 -19.68
CA ASP B 548 56.60 0.60 -18.74
C ASP B 548 57.09 -0.64 -19.47
N PRO B 549 58.39 -0.86 -19.59
CA PRO B 549 58.88 -2.07 -20.27
C PRO B 549 58.62 -3.35 -19.51
N ILE B 550 58.35 -3.29 -18.22
CA ILE B 550 58.15 -4.50 -17.42
C ILE B 550 56.69 -4.93 -17.41
N THR B 551 55.78 -4.03 -17.06
CA THR B 551 54.36 -4.35 -16.95
C THR B 551 53.60 -4.13 -18.24
N LYS B 552 54.27 -3.64 -19.30
CA LYS B 552 53.66 -3.36 -20.60
C LYS B 552 52.47 -2.40 -20.48
N LEU B 553 52.60 -1.40 -19.61
CA LEU B 553 51.56 -0.41 -19.39
C LEU B 553 51.94 0.89 -20.07
N VAL B 554 50.98 1.50 -20.77
CA VAL B 554 51.18 2.75 -21.49
C VAL B 554 50.25 3.79 -20.90
N ALA B 555 50.79 4.95 -20.55
CA ALA B 555 50.02 6.06 -20.01
C ALA B 555 50.15 7.26 -20.93
N THR B 556 49.00 7.83 -21.32
CA THR B 556 48.95 9.00 -22.17
C THR B 556 48.23 10.11 -21.41
N GLY B 557 48.79 11.32 -21.47
CA GLY B 557 48.26 12.43 -20.70
C GLY B 557 48.03 13.66 -21.55
N ASN B 558 47.18 14.54 -21.03
CA ASN B 558 46.87 15.82 -21.66
C ASN B 558 47.14 16.94 -20.67
N ILE B 559 47.49 18.11 -21.19
CA ILE B 559 47.87 19.25 -20.37
C ILE B 559 46.92 20.41 -20.63
N ALA B 560 46.89 21.34 -19.68
CA ALA B 560 46.11 22.56 -19.78
C ALA B 560 46.91 23.69 -19.16
N ALA B 561 46.71 24.90 -19.70
CA ALA B 561 47.49 26.05 -19.26
C ALA B 561 47.15 26.45 -17.84
N MET B 562 48.18 26.83 -17.07
CA MET B 562 47.97 27.24 -15.69
C MET B 562 47.28 28.59 -15.63
N THR B 563 46.31 28.71 -14.73
CA THR B 563 45.51 29.92 -14.63
C THR B 563 46.20 30.96 -13.75
N ASP B 564 45.60 32.14 -13.65
CA ASP B 564 46.13 33.18 -12.77
C ASP B 564 46.00 32.79 -11.31
N ASN B 565 44.90 32.16 -10.94
CA ASN B 565 44.66 31.68 -9.59
C ASN B 565 44.54 30.16 -9.62
N LEU B 566 45.12 29.51 -8.62
CA LEU B 566 45.08 28.05 -8.55
C LEU B 566 43.67 27.57 -8.27
N GLN B 567 43.20 26.62 -9.06
CA GLN B 567 41.86 26.07 -8.95
C GLN B 567 41.95 24.63 -8.49
N MET B 568 41.20 24.29 -7.45
CA MET B 568 41.30 23.00 -6.79
C MET B 568 39.93 22.34 -6.72
N ALA B 569 39.94 21.02 -6.56
CA ALA B 569 38.73 20.24 -6.41
C ALA B 569 38.78 19.46 -5.11
N PHE B 570 37.65 19.41 -4.41
CA PHE B 570 37.54 18.69 -3.14
C PHE B 570 36.36 17.75 -3.20
N ILE B 571 36.59 16.49 -2.88
CA ILE B 571 35.54 15.50 -2.72
C ILE B 571 35.58 15.02 -1.27
N ILE B 572 34.62 15.48 -0.48
CA ILE B 572 34.55 15.17 0.94
C ILE B 572 33.55 14.03 1.13
N SER B 573 33.70 13.29 2.22
CA SER B 573 32.80 12.20 2.55
C SER B 573 32.71 12.07 4.07
N VAL B 574 31.50 11.82 4.56
CA VAL B 574 31.26 11.72 5.99
C VAL B 574 30.60 10.41 6.32
N GLN B 575 30.85 9.93 7.55
CA GLN B 575 30.27 8.72 8.07
C GLN B 575 29.62 9.02 9.41
N TYR B 576 28.50 8.35 9.70
CA TYR B 576 27.72 8.61 10.88
C TYR B 576 27.61 7.36 11.74
N GLY B 577 27.91 7.49 13.03
CA GLY B 577 27.76 6.40 13.97
C GLY B 577 28.70 5.23 13.78
N THR B 578 29.96 5.48 13.46
CA THR B 578 30.96 4.43 13.31
C THR B 578 32.09 4.53 14.32
N ASP B 579 32.00 5.44 15.28
CA ASP B 579 33.04 5.60 16.28
C ASP B 579 32.45 6.19 17.56
N THR B 580 33.20 6.05 18.65
CA THR B 580 32.76 6.62 19.92
C THR B 580 32.86 8.13 19.92
N ASN B 581 33.94 8.67 19.36
CA ASN B 581 34.11 10.11 19.23
C ASN B 581 33.61 10.56 17.87
N SER B 582 33.57 11.89 17.67
CA SER B 582 33.04 12.47 16.46
C SER B 582 33.89 13.66 16.03
N VAL B 583 33.82 13.96 14.74
CA VAL B 583 34.46 15.13 14.17
C VAL B 583 33.43 16.25 14.14
N CYS B 584 33.75 17.37 14.77
CA CYS B 584 32.79 18.46 14.88
C CYS B 584 33.42 19.77 14.41
N PRO B 585 32.70 20.56 13.62
CA PRO B 585 33.12 21.94 13.39
C PRO B 585 33.04 22.75 14.67
N MET B 586 33.89 23.76 14.78
CA MET B 586 33.96 24.55 15.99
C MET B 586 32.74 25.43 16.20
N GLN B 587 31.93 25.64 15.16
CA GLN B 587 30.67 26.37 15.34
C GLN B 587 29.65 25.53 16.10
N ALA B 588 29.68 24.21 15.92
CA ALA B 588 28.70 23.34 16.54
C ALA B 588 29.00 23.03 18.00
N LEU B 589 30.16 23.42 18.51
CA LEU B 589 30.52 23.11 19.88
C LEU B 589 29.75 23.99 20.86
N ARG B 590 29.15 23.35 21.86
CA ARG B 590 28.45 24.03 22.94
C ARG B 590 29.07 23.64 24.27
N ASN B 591 28.72 24.34 25.35
CA ASN B 591 29.35 24.09 26.62
C ASN B 591 28.71 22.91 27.26
N ASP B 592 29.48 22.11 27.97
CA ASP B 592 28.96 20.90 28.56
C ASP B 592 27.92 21.05 29.64
N THR B 593 26.90 20.19 29.65
CA THR B 593 25.88 20.20 30.67
C THR B 593 25.69 18.84 31.35
N SER B 594 25.63 18.75 32.67
CA SER B 594 25.36 17.49 33.40
C SER B 594 23.91 16.97 33.40
N VAL B 595 23.73 15.66 33.61
CA VAL B 595 22.37 15.10 33.70
C VAL B 595 21.98 14.66 35.09
N HIS B 596 22.34 15.42 36.11
CA HIS B 596 21.91 15.10 37.48
C HIS B 596 20.64 15.84 37.87
N ASP B 597 20.38 16.99 37.27
CA ASP B 597 19.15 17.73 37.51
C ASP B 597 18.14 17.56 36.38
N LYS B 598 18.40 16.65 35.44
CA LYS B 598 17.55 16.50 34.26
C LYS B 598 17.12 15.04 34.04
N LEU B 599 17.20 14.20 35.08
CA LEU B 599 16.83 12.81 34.93
C LEU B 599 15.31 12.67 34.84
N GLY B 600 14.87 11.73 34.00
CA GLY B 600 13.45 11.43 33.88
C GLY B 600 12.64 12.44 33.09
N GLN B 601 13.28 13.24 32.25
CA GLN B 601 12.58 14.21 31.42
C GLN B 601 13.02 14.05 29.97
N CYS B 602 12.14 14.43 29.05
CA CYS B 602 12.45 14.38 27.62
C CYS B 602 13.39 15.53 27.29
N ILE B 603 14.68 15.26 27.29
CA ILE B 603 15.70 16.27 27.04
C ILE B 603 16.40 15.95 25.73
N ASP B 604 17.09 16.96 25.18
CA ASP B 604 17.91 16.80 24.00
C ASP B 604 19.36 16.60 24.41
N TYR B 605 20.01 15.60 23.83
CA TYR B 605 21.37 15.26 24.22
C TYR B 605 22.31 15.42 23.03
N SER B 606 23.56 15.78 23.33
CA SER B 606 24.65 15.81 22.36
C SER B 606 25.83 15.07 23.01
N LEU B 607 25.84 13.74 22.87
CA LEU B 607 26.78 12.89 23.57
C LEU B 607 27.90 12.49 22.61
N TYR B 608 29.01 13.23 22.68
CA TYR B 608 30.20 13.00 21.84
C TYR B 608 29.86 13.03 20.36
N GLY B 609 29.08 14.03 19.96
CA GLY B 609 28.68 14.20 18.59
C GLY B 609 27.42 13.47 18.18
N LEU B 610 26.86 12.64 19.06
CA LEU B 610 25.62 11.92 18.79
C LEU B 610 24.46 12.73 19.35
N THR B 611 23.56 13.17 18.48
CA THR B 611 22.46 14.04 18.86
C THR B 611 21.14 13.30 18.81
N GLY B 612 20.17 13.81 19.57
CA GLY B 612 18.86 13.20 19.62
C GLY B 612 18.09 13.74 20.81
N ARG B 613 16.96 13.08 21.09
CA ARG B 613 16.13 13.41 22.24
C ARG B 613 15.68 12.12 22.91
N GLY B 614 15.58 12.16 24.23
CA GLY B 614 15.19 10.96 24.98
C GLY B 614 15.13 11.25 26.46
N VAL B 615 14.85 10.19 27.22
CA VAL B 615 14.72 10.24 28.67
C VAL B 615 15.90 9.49 29.27
N PHE B 616 16.61 10.16 30.19
CA PHE B 616 17.77 9.58 30.85
C PHE B 616 17.43 9.25 32.29
N GLN B 617 17.83 8.07 32.74
CA GLN B 617 17.69 7.68 34.13
C GLN B 617 18.82 6.74 34.52
N ASN B 618 19.12 6.73 35.82
CA ASN B 618 20.18 5.86 36.33
C ASN B 618 19.76 4.40 36.19
N CYS B 619 20.73 3.56 35.81
CA CYS B 619 20.42 2.21 35.38
C CYS B 619 21.63 1.34 35.72
N THR B 620 21.41 0.04 35.79
CA THR B 620 22.52 -0.88 36.06
C THR B 620 23.42 -0.98 34.84
N ALA B 621 24.73 -1.07 35.09
CA ALA B 621 25.70 -1.00 34.00
C ALA B 621 25.68 -2.28 33.17
N VAL B 622 25.40 -2.12 31.89
CA VAL B 622 25.39 -3.23 30.93
C VAL B 622 26.20 -2.83 29.72
N GLY B 623 26.62 -3.83 28.95
CA GLY B 623 27.41 -3.58 27.77
C GLY B 623 28.85 -3.23 28.09
N LEU B 624 29.56 -2.81 27.05
CA LEU B 624 30.97 -2.46 27.17
C LEU B 624 31.13 -0.98 27.43
N SER B 625 31.87 -0.63 28.47
CA SER B 625 32.08 0.77 28.82
C SER B 625 33.06 1.47 27.89
N GLN B 626 33.88 0.71 27.15
CA GLN B 626 34.85 1.31 26.25
C GLN B 626 34.22 1.75 24.93
N GLN B 627 33.02 1.29 24.62
CA GLN B 627 32.36 1.66 23.37
C GLN B 627 31.39 2.82 23.53
N ARG B 628 31.01 3.15 24.76
CA ARG B 628 30.32 4.37 25.18
C ARG B 628 28.85 4.43 24.74
N PHE B 629 28.41 3.49 23.90
CA PHE B 629 27.05 3.52 23.37
C PHE B 629 26.53 2.09 23.30
N VAL B 630 25.37 1.86 23.91
CA VAL B 630 24.72 0.56 23.91
C VAL B 630 23.46 0.67 23.08
N TYR B 631 23.35 -0.18 22.06
CA TYR B 631 22.22 -0.18 21.14
C TYR B 631 21.41 -1.45 21.29
N ASP B 632 20.17 -1.41 20.80
CA ASP B 632 19.32 -2.58 20.74
C ASP B 632 19.39 -3.19 19.34
N GLY B 633 18.50 -4.14 19.05
CA GLY B 633 18.51 -4.79 17.76
C GLY B 633 17.99 -3.93 16.62
N PHE B 634 17.28 -2.85 16.93
CA PHE B 634 16.72 -1.96 15.93
C PHE B 634 17.56 -0.70 15.72
N ASP B 635 18.75 -0.64 16.29
CA ASP B 635 19.73 0.43 16.12
C ASP B 635 19.17 1.79 16.56
N ILE B 636 18.79 1.86 17.83
CA ILE B 636 18.54 3.13 18.51
C ILE B 636 19.28 3.09 19.83
N LEU B 637 19.60 4.27 20.36
CA LEU B 637 20.42 4.35 21.56
C LEU B 637 19.63 3.98 22.80
N THR B 638 20.12 2.98 23.54
CA THR B 638 19.49 2.54 24.78
C THR B 638 20.42 2.65 25.98
N GLY B 639 21.59 3.26 25.83
CA GLY B 639 22.52 3.35 26.94
C GLY B 639 23.64 4.31 26.63
N TYR B 640 24.31 4.74 27.70
CA TYR B 640 25.42 5.68 27.58
C TYR B 640 26.30 5.56 28.81
N HIS B 641 27.54 5.09 28.63
CA HIS B 641 28.51 5.01 29.71
C HIS B 641 29.16 6.39 29.85
N SER B 642 28.60 7.21 30.73
CA SER B 642 28.96 8.61 30.82
C SER B 642 30.31 8.79 31.51
N ASP B 643 30.84 10.01 31.40
CA ASP B 643 32.10 10.37 32.05
C ASP B 643 31.96 10.61 33.54
N ASP B 644 30.72 10.70 34.05
CA ASP B 644 30.51 10.81 35.49
C ASP B 644 30.86 9.53 36.23
N GLY B 645 30.94 8.40 35.53
CA GLY B 645 31.23 7.13 36.13
C GLY B 645 30.04 6.21 36.31
N ASN B 646 28.87 6.62 35.85
CA ASN B 646 27.65 5.83 36.00
C ASN B 646 26.96 5.67 34.66
N TYR B 647 26.47 4.46 34.40
CA TYR B 647 25.76 4.16 33.18
C TYR B 647 24.37 4.79 33.20
N TYR B 648 23.93 5.30 32.05
CA TYR B 648 22.61 5.88 31.91
C TYR B 648 21.81 5.03 30.93
N CYS B 649 20.49 5.15 31.03
CA CYS B 649 19.57 4.13 30.53
C CYS B 649 18.57 4.87 29.65
N VAL B 650 18.92 5.04 28.38
CA VAL B 650 18.22 5.97 27.51
C VAL B 650 16.95 5.32 26.97
N ARG B 651 15.85 6.07 26.98
CA ARG B 651 14.57 5.69 26.40
C ARG B 651 14.06 6.85 25.57
N PRO B 652 13.41 6.58 24.42
CA PRO B 652 12.75 7.66 23.69
C PRO B 652 11.62 8.24 24.53
N CYS B 653 11.52 9.57 24.53
CA CYS B 653 10.57 10.23 25.41
C CYS B 653 9.15 10.07 24.88
N VAL B 654 8.22 9.83 25.80
CA VAL B 654 6.91 9.31 25.47
C VAL B 654 5.85 10.36 25.80
N SER B 655 4.61 10.04 25.45
CA SER B 655 3.45 10.85 25.76
C SER B 655 2.40 10.00 26.45
N VAL B 656 1.75 10.50 27.48
CA VAL B 656 0.77 9.72 28.20
C VAL B 656 -0.49 9.62 27.40
N PRO B 657 -1.11 8.45 27.39
CA PRO B 657 -2.36 8.27 26.69
C PRO B 657 -3.45 9.10 27.33
N LEU B 658 -4.34 9.71 26.57
CA LEU B 658 -5.45 10.43 27.14
C LEU B 658 -6.72 9.93 26.54
N SER B 659 -7.77 9.79 27.34
CA SER B 659 -9.07 9.38 26.86
C SER B 659 -10.11 10.28 27.43
N VAL B 660 -11.23 10.45 26.77
CA VAL B 660 -12.31 11.33 27.21
C VAL B 660 -13.68 10.67 27.33
N VAL B 661 -14.39 10.83 28.42
CA VAL B 661 -15.72 10.26 28.63
C VAL B 661 -16.72 11.39 28.47
N TYR B 662 -17.54 11.33 27.42
CA TYR B 662 -18.47 12.40 27.10
C TYR B 662 -19.90 11.91 27.28
N ASP B 663 -20.72 12.74 27.93
CA ASP B 663 -22.14 12.49 28.11
C ASP B 663 -22.91 13.62 27.43
N LYS B 664 -23.56 13.31 26.32
CA LYS B 664 -24.24 14.33 25.52
C LYS B 664 -25.40 15.03 26.22
N PRO B 665 -26.35 14.35 26.88
CA PRO B 665 -27.47 15.10 27.50
C PRO B 665 -27.06 16.04 28.62
N SER B 666 -26.03 15.69 29.40
CA SER B 666 -25.60 16.55 30.50
C SER B 666 -24.45 17.47 30.12
N ASN B 667 -23.80 17.23 28.97
CA ASN B 667 -22.63 18.00 28.51
C ASN B 667 -21.51 18.04 29.55
N ASN B 668 -21.31 16.91 30.22
CA ASN B 668 -20.25 16.75 31.21
C ASN B 668 -19.20 15.81 30.65
N TYR B 669 -17.94 16.18 30.78
CA TYR B 669 -16.85 15.38 30.27
C TYR B 669 -15.86 15.05 31.39
N ALA B 670 -15.33 13.83 31.35
CA ALA B 670 -14.28 13.39 32.26
C ALA B 670 -13.05 12.99 31.45
N THR B 671 -11.92 12.84 32.14
CA THR B 671 -10.65 12.58 31.50
C THR B 671 -10.03 11.33 32.11
N ILE B 672 -9.73 10.35 31.27
CA ILE B 672 -9.01 9.15 31.68
C ILE B 672 -7.57 9.26 31.21
N PHE B 673 -6.62 9.02 32.11
CA PHE B 673 -5.22 8.95 31.76
C PHE B 673 -4.81 7.50 31.54
N GLY B 674 -3.98 7.27 30.54
CA GLY B 674 -3.75 5.94 30.02
C GLY B 674 -2.83 5.07 30.85
N SER B 675 -3.37 4.52 31.95
CA SER B 675 -2.69 3.55 32.81
C SER B 675 -1.44 4.16 33.46
N VAL B 676 -1.65 5.28 34.14
CA VAL B 676 -0.61 5.97 34.87
C VAL B 676 -1.18 6.41 36.21
N ALA B 677 -0.39 6.27 37.28
CA ALA B 677 -0.84 6.63 38.61
C ALA B 677 -1.02 8.14 38.74
N CYS B 678 -1.84 8.54 39.72
CA CYS B 678 -2.13 9.96 39.93
C CYS B 678 -0.94 10.74 40.47
N ASP B 679 0.08 10.07 41.03
CA ASP B 679 1.24 10.79 41.54
C ASP B 679 2.06 11.39 40.41
N TYR B 680 2.02 10.79 39.22
CA TYR B 680 2.67 11.37 38.05
C TYR B 680 1.85 12.53 37.49
N VAL B 681 0.52 12.47 37.63
CA VAL B 681 -0.35 13.50 37.06
C VAL B 681 -0.14 14.83 37.76
N ASN B 682 -0.09 14.82 39.09
CA ASN B 682 0.14 16.05 39.83
C ASN B 682 1.62 16.22 40.16
N THR B 703 -10.59 16.72 42.48
CA THR B 703 -9.64 15.76 43.03
C THR B 703 -9.59 14.49 42.16
N PRO B 704 -8.43 14.23 41.56
CA PRO B 704 -8.28 13.00 40.78
C PRO B 704 -8.29 11.76 41.66
N ILE B 705 -8.80 10.67 41.10
CA ILE B 705 -8.91 9.40 41.81
C ILE B 705 -8.29 8.29 40.97
N GLN B 706 -7.84 7.24 41.64
CA GLN B 706 -7.16 6.13 40.99
C GLN B 706 -8.15 5.00 40.73
N THR B 707 -8.26 4.60 39.46
CA THR B 707 -9.12 3.50 39.05
C THR B 707 -8.25 2.35 38.52
N ALA B 708 -8.91 1.32 37.99
CA ALA B 708 -8.23 0.18 37.41
C ALA B 708 -7.92 0.36 35.93
N VAL B 709 -8.30 1.50 35.34
CA VAL B 709 -8.03 1.78 33.93
C VAL B 709 -7.14 2.99 33.84
N GLY B 710 -6.34 3.23 34.86
CA GLY B 710 -5.63 4.48 34.97
C GLY B 710 -6.40 5.49 35.78
N CYS B 711 -5.67 6.46 36.33
CA CYS B 711 -6.28 7.40 37.27
C CYS B 711 -6.92 8.55 36.51
N VAL B 712 -8.11 8.94 36.93
CA VAL B 712 -9.00 9.80 36.15
C VAL B 712 -9.21 11.12 36.87
N ILE B 713 -9.51 12.16 36.08
CA ILE B 713 -9.84 13.49 36.60
C ILE B 713 -11.22 13.86 36.08
N GLY B 714 -12.10 14.26 37.00
CA GLY B 714 -13.45 14.67 36.66
C GLY B 714 -14.53 13.74 37.11
N LEU B 715 -14.18 12.58 37.67
CA LEU B 715 -15.14 11.60 38.16
C LEU B 715 -15.10 11.56 39.68
N VAL B 716 -16.26 11.40 40.30
CA VAL B 716 -16.37 11.29 41.74
C VAL B 716 -16.65 9.84 42.10
N ASN B 717 -16.11 9.42 43.24
CA ASN B 717 -16.28 8.06 43.75
C ASN B 717 -17.36 8.08 44.82
N SER B 718 -18.49 7.42 44.54
CA SER B 718 -19.63 7.44 45.44
C SER B 718 -20.05 6.04 45.88
N SER B 719 -19.28 5.01 45.53
CA SER B 719 -19.56 3.61 45.88
C SER B 719 -20.93 3.16 45.39
N LEU B 720 -21.31 3.62 44.21
CA LEU B 720 -22.57 3.26 43.59
C LEU B 720 -22.35 2.09 42.63
N VAL B 721 -23.19 1.07 42.74
CA VAL B 721 -23.04 -0.15 41.96
C VAL B 721 -24.20 -0.23 40.98
N VAL B 722 -23.87 -0.29 39.69
CA VAL B 722 -24.84 -0.55 38.65
C VAL B 722 -24.63 -1.99 38.17
N ASP B 723 -25.56 -2.45 37.34
CA ASP B 723 -25.49 -3.79 36.78
C ASP B 723 -25.23 -3.71 35.28
N ASP B 724 -25.26 -4.88 34.64
CA ASP B 724 -25.22 -4.92 33.19
C ASP B 724 -26.54 -4.42 32.61
N ASP B 725 -26.52 -4.16 31.30
CA ASP B 725 -27.56 -3.58 30.44
C ASP B 725 -28.18 -2.29 30.98
N LYS B 726 -27.53 -1.62 31.93
CA LYS B 726 -27.85 -0.26 32.32
C LYS B 726 -26.63 0.64 32.29
N CYS B 727 -25.46 0.09 31.97
CA CYS B 727 -24.20 0.83 32.05
C CYS B 727 -23.83 1.33 30.65
N THR B 728 -24.19 2.57 30.38
CA THR B 728 -23.57 3.30 29.28
C THR B 728 -22.23 3.84 29.74
N LEU B 729 -21.38 4.21 28.76
CA LEU B 729 -19.99 4.60 28.95
C LEU B 729 -19.26 3.51 29.73
N PRO B 730 -18.96 2.37 29.11
CA PRO B 730 -18.46 1.21 29.87
C PRO B 730 -17.07 1.37 30.44
N LEU B 731 -16.30 2.37 30.02
CA LEU B 731 -15.11 2.90 30.69
C LEU B 731 -13.92 1.94 30.74
N GLY B 732 -14.05 0.70 30.26
CA GLY B 732 -12.99 -0.27 30.42
C GLY B 732 -13.02 -0.94 31.78
N GLN B 733 -12.78 -2.26 31.81
CA GLN B 733 -12.90 -3.12 32.99
C GLN B 733 -14.30 -3.03 33.63
N SER B 734 -14.45 -3.52 34.85
CA SER B 734 -15.76 -3.48 35.49
C SER B 734 -16.00 -2.13 36.14
N LEU B 735 -15.83 -1.05 35.37
CA LEU B 735 -16.09 0.30 35.83
C LEU B 735 -17.18 0.91 34.95
N CYS B 736 -17.73 2.03 35.39
CA CYS B 736 -18.82 2.67 34.66
C CYS B 736 -18.88 4.13 35.05
N ALA B 737 -19.16 4.98 34.07
CA ALA B 737 -19.40 6.40 34.31
C ALA B 737 -20.87 6.67 33.98
N VAL B 738 -21.67 6.91 35.02
CA VAL B 738 -23.10 7.16 34.87
C VAL B 738 -23.39 8.56 35.41
N PRO B 739 -24.15 9.38 34.68
CA PRO B 739 -24.52 10.69 35.22
C PRO B 739 -25.55 10.58 36.33
N SER B 740 -25.52 11.55 37.24
CA SER B 740 -26.45 11.59 38.34
C SER B 740 -27.77 12.24 37.92
N SER B 747 -25.85 18.31 36.60
CA SER B 747 -25.46 16.89 36.62
C SER B 747 -23.96 16.74 36.77
N ASN B 748 -23.53 15.54 37.14
CA ASN B 748 -22.11 15.23 37.25
C ASN B 748 -21.92 13.74 37.02
N LEU B 749 -20.72 13.38 36.58
CA LEU B 749 -20.39 11.99 36.26
C LEU B 749 -19.92 11.27 37.51
N GLN B 750 -20.51 10.10 37.78
CA GLN B 750 -20.19 9.29 38.94
C GLN B 750 -19.50 8.02 38.50
N LEU B 751 -18.53 7.57 39.29
CA LEU B 751 -17.82 6.33 39.02
C LEU B 751 -18.61 5.17 39.61
N ALA B 752 -18.88 4.17 38.78
CA ALA B 752 -19.70 3.03 39.18
C ALA B 752 -18.96 1.74 38.84
N VAL B 753 -19.41 0.65 39.45
CA VAL B 753 -18.84 -0.68 39.24
C VAL B 753 -19.95 -1.60 38.75
N ILE B 754 -19.73 -2.26 37.62
CA ILE B 754 -20.73 -3.17 37.07
C ILE B 754 -20.77 -4.45 37.90
N ASN B 755 -21.97 -4.91 38.21
CA ASN B 755 -22.13 -6.17 38.95
C ASN B 755 -23.48 -6.77 38.55
N PHE B 756 -23.42 -7.91 37.86
CA PHE B 756 -24.64 -8.58 37.41
C PHE B 756 -25.33 -9.28 38.58
N THR B 757 -26.64 -9.44 38.45
CA THR B 757 -27.46 -10.05 39.49
C THR B 757 -27.27 -11.57 39.48
N ARG B 758 -27.06 -12.14 40.66
CA ARG B 758 -26.89 -13.57 40.79
C ARG B 758 -28.23 -14.28 40.53
N PRO B 759 -28.20 -15.52 40.05
CA PRO B 759 -29.45 -16.24 39.79
C PRO B 759 -30.17 -16.62 41.07
N HIS B 760 -31.46 -16.93 40.91
CA HIS B 760 -32.29 -17.38 42.02
C HIS B 760 -31.76 -18.72 42.52
N LEU B 761 -31.63 -18.85 43.84
CA LEU B 761 -31.13 -20.07 44.45
C LEU B 761 -32.30 -20.89 44.97
N VAL B 762 -32.38 -22.14 44.53
CA VAL B 762 -33.43 -23.06 44.94
C VAL B 762 -32.89 -23.96 46.03
N GLU B 763 -33.54 -23.95 47.19
CA GLU B 763 -33.17 -24.85 48.26
C GLU B 763 -33.56 -26.29 47.92
N ALA B 764 -32.72 -27.22 48.33
CA ALA B 764 -32.93 -28.64 48.07
C ALA B 764 -33.40 -29.31 49.35
N LEU B 765 -34.52 -30.02 49.28
CA LEU B 765 -35.11 -30.67 50.45
C LEU B 765 -34.55 -32.08 50.60
N ASN B 766 -34.29 -32.46 51.85
CA ASN B 766 -33.77 -33.78 52.17
C ASN B 766 -34.94 -34.74 52.35
N SER B 767 -35.44 -35.24 51.22
CA SER B 767 -36.55 -36.17 51.21
C SER B 767 -36.38 -37.11 50.03
N SER B 768 -37.43 -37.88 49.73
CA SER B 768 -37.36 -38.85 48.64
C SER B 768 -37.36 -38.18 47.28
N GLY B 769 -38.21 -37.17 47.10
CA GLY B 769 -38.34 -36.48 45.83
C GLY B 769 -37.36 -35.32 45.70
N PHE B 770 -37.67 -34.42 44.76
CA PHE B 770 -36.87 -33.25 44.51
C PHE B 770 -37.76 -32.02 44.45
N VAL B 771 -37.13 -30.85 44.55
CA VAL B 771 -37.83 -29.58 44.50
C VAL B 771 -37.78 -29.02 43.09
N VAL B 772 -38.93 -28.61 42.57
CA VAL B 772 -39.04 -28.08 41.22
C VAL B 772 -39.77 -26.75 41.28
N GLN B 773 -39.54 -25.92 40.27
CA GLN B 773 -40.12 -24.58 40.18
C GLN B 773 -40.91 -24.47 38.88
N ILE B 774 -42.21 -24.72 38.95
CA ILE B 774 -43.09 -24.65 37.79
C ILE B 774 -43.70 -23.26 37.72
N PRO B 775 -43.74 -22.63 36.55
CA PRO B 775 -44.39 -21.32 36.43
C PRO B 775 -45.88 -21.38 36.71
N THR B 776 -46.42 -20.29 37.25
CA THR B 776 -47.84 -20.14 37.49
C THR B 776 -48.42 -18.94 36.75
N ASN B 777 -47.60 -18.17 36.05
CA ASN B 777 -48.03 -17.02 35.27
C ASN B 777 -46.93 -16.72 34.27
N PHE B 778 -47.31 -16.32 33.06
CA PHE B 778 -46.36 -16.23 31.97
C PHE B 778 -46.53 -14.90 31.23
N SER B 779 -45.74 -14.77 30.16
CA SER B 779 -45.80 -13.61 29.28
C SER B 779 -45.18 -14.01 27.95
N PHE B 780 -45.30 -13.12 26.97
CA PHE B 780 -44.69 -13.32 25.66
C PHE B 780 -43.62 -12.25 25.43
N SER B 781 -42.43 -12.69 25.07
CA SER B 781 -41.31 -11.81 24.78
C SER B 781 -40.90 -11.96 23.33
N ILE B 782 -40.73 -10.84 22.64
CA ILE B 782 -40.32 -10.82 21.24
C ILE B 782 -38.87 -10.39 21.17
N THR B 783 -38.02 -11.25 20.61
CA THR B 783 -36.61 -10.95 20.40
C THR B 783 -36.38 -10.67 18.93
N GLN B 784 -35.71 -9.56 18.63
CA GLN B 784 -35.48 -9.12 17.27
C GLN B 784 -34.05 -9.43 16.87
N GLU B 785 -33.88 -10.04 15.70
CA GLU B 785 -32.57 -10.44 15.20
C GLU B 785 -32.46 -10.04 13.74
N TYR B 786 -31.29 -9.50 13.37
CA TYR B 786 -31.00 -9.09 12.01
C TYR B 786 -29.80 -9.86 11.50
N ILE B 787 -29.94 -10.48 10.32
CA ILE B 787 -28.85 -11.21 9.68
C ILE B 787 -28.63 -10.60 8.31
N GLN B 788 -27.41 -10.10 8.08
CA GLN B 788 -27.06 -9.52 6.80
C GLN B 788 -26.99 -10.59 5.72
N THR B 789 -27.46 -10.26 4.52
CA THR B 789 -27.43 -11.19 3.40
C THR B 789 -26.68 -10.67 2.19
N THR B 790 -26.48 -9.36 2.08
CA THR B 790 -25.80 -8.79 0.93
C THR B 790 -25.18 -7.45 1.32
N ILE B 791 -24.24 -6.99 0.50
CA ILE B 791 -23.64 -5.68 0.65
C ILE B 791 -23.97 -4.85 -0.59
N GLN B 792 -23.60 -3.58 -0.53
CA GLN B 792 -23.82 -2.69 -1.66
C GLN B 792 -22.83 -3.03 -2.78
N LYS B 793 -23.36 -3.24 -3.98
CA LYS B 793 -22.54 -3.63 -5.12
C LYS B 793 -21.98 -2.37 -5.78
N VAL B 794 -20.67 -2.18 -5.67
CA VAL B 794 -20.00 -0.99 -6.18
C VAL B 794 -19.02 -1.43 -7.26
N THR B 795 -19.17 -0.87 -8.46
CA THR B 795 -18.21 -1.06 -9.53
C THR B 795 -17.43 0.23 -9.74
N VAL B 796 -16.21 0.11 -10.24
CA VAL B 796 -15.28 1.23 -10.37
C VAL B 796 -14.78 1.29 -11.80
N ASP B 797 -14.88 2.46 -12.42
CA ASP B 797 -14.22 2.74 -13.69
C ASP B 797 -12.81 3.20 -13.38
N CYS B 798 -11.82 2.36 -13.67
CA CYS B 798 -10.46 2.60 -13.20
C CYS B 798 -9.82 3.79 -13.88
N LYS B 799 -10.05 3.96 -15.19
CA LYS B 799 -9.44 5.07 -15.92
C LYS B 799 -10.02 6.41 -15.48
N GLN B 800 -11.35 6.48 -15.31
CA GLN B 800 -11.99 7.70 -14.85
C GLN B 800 -11.61 8.03 -13.41
N TYR B 801 -11.50 7.01 -12.56
CA TYR B 801 -11.09 7.24 -11.18
C TYR B 801 -9.65 7.72 -11.09
N VAL B 802 -8.75 7.11 -11.85
CA VAL B 802 -7.33 7.44 -11.75
C VAL B 802 -7.04 8.80 -12.39
N CYS B 803 -7.60 9.07 -13.56
CA CYS B 803 -7.15 10.20 -14.36
C CYS B 803 -8.13 11.35 -14.45
N ASN B 804 -9.42 11.13 -14.19
CA ASN B 804 -10.46 12.15 -14.27
C ASN B 804 -10.53 12.81 -15.64
N GLY B 805 -10.34 12.01 -16.69
CA GLY B 805 -10.53 12.49 -18.05
C GLY B 805 -9.45 13.39 -18.60
N PHE B 806 -8.23 13.33 -18.08
CA PHE B 806 -7.11 14.10 -18.60
C PHE B 806 -6.29 13.21 -19.53
N GLU B 807 -5.96 13.74 -20.72
CA GLU B 807 -5.36 12.93 -21.78
C GLU B 807 -3.91 12.57 -21.44
N LYS B 808 -3.18 13.48 -20.79
CA LYS B 808 -1.80 13.20 -20.41
C LYS B 808 -1.74 12.07 -19.38
N CYS B 809 -2.65 12.08 -18.41
CA CYS B 809 -2.71 11.01 -17.43
C CYS B 809 -3.06 9.69 -18.09
N GLU B 810 -3.97 9.70 -19.07
CA GLU B 810 -4.36 8.46 -19.74
C GLU B 810 -3.21 7.91 -20.58
N THR B 811 -2.46 8.80 -21.23
CA THR B 811 -1.26 8.38 -21.95
C THR B 811 -0.23 7.76 -21.00
N LEU B 812 -0.11 8.32 -19.79
CA LEU B 812 0.77 7.73 -18.80
C LEU B 812 0.23 6.40 -18.28
N LEU B 813 -1.09 6.29 -18.17
CA LEU B 813 -1.75 5.10 -17.64
C LEU B 813 -1.77 3.94 -18.63
N ARG B 814 -1.56 4.22 -19.92
CA ARG B 814 -1.48 3.15 -20.91
C ARG B 814 -0.31 2.21 -20.65
N GLU B 815 0.74 2.69 -19.98
CA GLU B 815 1.82 1.81 -19.54
C GLU B 815 1.33 0.82 -18.49
N TYR B 816 0.53 1.28 -17.54
CA TYR B 816 -0.11 0.41 -16.55
C TYR B 816 -1.36 -0.19 -17.18
N GLY B 817 -1.15 -1.17 -18.05
CA GLY B 817 -2.22 -1.68 -18.89
C GLY B 817 -3.26 -2.54 -18.20
N GLN B 818 -2.84 -3.67 -17.65
CA GLN B 818 -3.77 -4.70 -17.20
C GLN B 818 -4.25 -4.53 -15.77
N PHE B 819 -3.73 -3.55 -15.03
CA PHE B 819 -4.13 -3.37 -13.63
C PHE B 819 -5.59 -2.93 -13.52
N CYS B 820 -6.00 -1.98 -14.36
CA CYS B 820 -7.40 -1.53 -14.35
C CYS B 820 -8.33 -2.64 -14.82
N ALA B 821 -7.90 -3.42 -15.81
CA ALA B 821 -8.70 -4.55 -16.28
C ALA B 821 -8.87 -5.60 -15.18
N LYS B 822 -7.80 -5.88 -14.43
CA LYS B 822 -7.90 -6.86 -13.36
C LYS B 822 -8.78 -6.36 -12.21
N ILE B 823 -8.73 -5.05 -11.93
CA ILE B 823 -9.61 -4.47 -10.92
C ILE B 823 -11.07 -4.61 -11.34
N ASN B 824 -11.37 -4.29 -12.61
CA ASN B 824 -12.73 -4.41 -13.11
C ASN B 824 -13.21 -5.86 -13.10
N GLN B 825 -12.34 -6.80 -13.48
CA GLN B 825 -12.72 -8.21 -13.49
C GLN B 825 -12.97 -8.74 -12.08
N ALA B 826 -12.14 -8.33 -11.11
CA ALA B 826 -12.35 -8.75 -9.73
C ALA B 826 -13.67 -8.22 -9.18
N LEU B 827 -13.96 -6.94 -9.42
CA LEU B 827 -15.22 -6.38 -8.94
C LEU B 827 -16.43 -7.01 -9.64
N HIS B 828 -16.30 -7.31 -10.94
CA HIS B 828 -17.38 -7.97 -11.66
C HIS B 828 -17.64 -9.36 -11.11
N GLY B 829 -16.57 -10.11 -10.81
CA GLY B 829 -16.75 -11.43 -10.21
C GLY B 829 -17.40 -11.37 -8.84
N ALA B 830 -16.99 -10.39 -8.02
CA ALA B 830 -17.60 -10.24 -6.70
C ALA B 830 -19.09 -9.92 -6.80
N ASN B 831 -19.46 -9.01 -7.71
CA ASN B 831 -20.87 -8.68 -7.87
C ASN B 831 -21.68 -9.85 -8.43
N LEU B 832 -21.07 -10.64 -9.33
CA LEU B 832 -21.75 -11.81 -9.86
C LEU B 832 -22.01 -12.85 -8.77
N ARG B 833 -21.01 -13.08 -7.90
CA ARG B 833 -21.21 -13.99 -6.78
C ARG B 833 -22.26 -13.47 -5.80
N GLN B 834 -22.31 -12.15 -5.59
CA GLN B 834 -23.36 -11.58 -4.75
C GLN B 834 -24.75 -11.83 -5.33
N ASP B 835 -24.91 -11.63 -6.64
CA ASP B 835 -26.20 -11.88 -7.29
C ASP B 835 -26.59 -13.36 -7.18
N GLU B 836 -25.62 -14.26 -7.38
CA GLU B 836 -25.91 -15.69 -7.26
C GLU B 836 -26.32 -16.05 -5.84
N SER B 837 -25.66 -15.47 -4.84
CA SER B 837 -26.01 -15.74 -3.45
C SER B 837 -27.41 -15.24 -3.11
N VAL B 838 -27.77 -14.04 -3.59
CA VAL B 838 -29.10 -13.50 -3.33
C VAL B 838 -30.17 -14.36 -3.99
N ALA B 839 -29.93 -14.79 -5.24
CA ALA B 839 -30.89 -15.65 -5.93
C ALA B 839 -31.05 -16.98 -5.21
N ASN B 840 -29.95 -17.57 -4.73
CA ASN B 840 -30.02 -18.83 -4.00
C ASN B 840 -30.79 -18.67 -2.69
N LEU B 841 -30.56 -17.57 -1.97
CA LEU B 841 -31.26 -17.35 -0.71
C LEU B 841 -32.76 -17.20 -0.92
N PHE B 842 -33.15 -16.40 -1.91
CA PHE B 842 -34.58 -16.19 -2.15
C PHE B 842 -35.24 -17.39 -2.81
N ALA B 843 -34.47 -18.27 -3.46
CA ALA B 843 -35.03 -19.55 -3.89
C ALA B 843 -35.18 -20.51 -2.72
N ASN B 844 -34.31 -20.40 -1.71
CA ASN B 844 -34.40 -21.29 -0.56
C ASN B 844 -35.56 -20.93 0.35
N ILE B 845 -35.78 -19.63 0.59
CA ILE B 845 -36.79 -19.23 1.59
C ILE B 845 -38.22 -19.30 1.07
N LYS B 846 -38.43 -19.61 -0.20
CA LYS B 846 -39.79 -19.72 -0.70
C LYS B 846 -40.43 -21.03 -0.26
N THR B 847 -41.76 -21.06 -0.28
CA THR B 847 -42.52 -22.20 0.20
C THR B 847 -43.34 -22.82 -0.93
N GLN B 848 -43.54 -24.13 -0.83
CA GLN B 848 -44.27 -24.86 -1.87
C GLN B 848 -45.76 -24.60 -1.82
N THR B 849 -46.36 -24.59 -0.63
CA THR B 849 -47.79 -24.50 -0.46
C THR B 849 -48.13 -23.45 0.58
N THR B 850 -49.17 -22.67 0.31
CA THR B 850 -49.64 -21.64 1.23
C THR B 850 -51.15 -21.75 1.39
N GLN B 851 -51.69 -20.98 2.34
CA GLN B 851 -53.11 -20.95 2.60
C GLN B 851 -53.52 -19.54 3.01
N ALA B 852 -54.54 -19.00 2.35
CA ALA B 852 -55.02 -17.66 2.64
C ALA B 852 -55.89 -17.67 3.90
N ASN B 858 -58.20 -13.41 13.01
CA ASN B 858 -57.56 -14.72 12.95
C ASN B 858 -57.63 -15.43 14.31
N GLY B 859 -58.85 -15.68 14.77
CA GLY B 859 -59.04 -16.32 16.07
C GLY B 859 -58.59 -15.46 17.23
N ASP B 860 -58.96 -14.17 17.21
CA ASP B 860 -58.63 -13.12 18.18
C ASP B 860 -57.13 -12.82 18.23
N PHE B 861 -56.35 -13.26 17.26
CA PHE B 861 -54.95 -12.87 17.14
C PHE B 861 -54.84 -11.76 16.12
N ASN B 862 -54.32 -10.60 16.55
CA ASN B 862 -54.26 -9.42 15.71
C ASN B 862 -52.90 -9.35 15.03
N LEU B 863 -52.89 -9.63 13.72
CA LEU B 863 -51.66 -9.63 12.94
C LEU B 863 -51.69 -8.58 11.84
N THR B 864 -52.29 -7.42 12.11
CA THR B 864 -52.34 -6.37 11.11
C THR B 864 -50.99 -5.70 10.90
N LEU B 865 -50.10 -5.77 11.90
CA LEU B 865 -48.76 -5.23 11.73
C LEU B 865 -47.96 -6.06 10.73
N LEU B 866 -48.13 -7.38 10.76
CA LEU B 866 -47.38 -8.26 9.87
C LEU B 866 -47.95 -8.25 8.46
N GLN B 867 -49.24 -7.98 8.29
CA GLN B 867 -49.88 -8.09 7.00
C GLN B 867 -49.81 -6.77 6.23
N VAL B 868 -50.18 -6.82 4.96
CA VAL B 868 -50.12 -5.64 4.10
C VAL B 868 -51.27 -4.70 4.45
N PRO B 869 -51.02 -3.41 4.64
CA PRO B 869 -52.12 -2.47 4.89
C PRO B 869 -53.00 -2.30 3.67
N LYS B 870 -54.29 -2.06 3.93
CA LYS B 870 -55.23 -1.83 2.84
C LYS B 870 -55.10 -0.43 2.27
N VAL B 871 -54.78 0.55 3.10
CA VAL B 871 -54.56 1.91 2.61
C VAL B 871 -53.30 1.97 1.75
N THR B 872 -52.28 1.18 2.09
CA THR B 872 -50.96 1.06 1.44
C THR B 872 -50.40 2.42 1.00
N THR B 873 -50.15 3.27 2.00
CA THR B 873 -49.56 4.58 1.75
C THR B 873 -48.14 4.50 1.20
N SER B 874 -47.45 3.37 1.40
CA SER B 874 -46.13 3.19 0.82
C SER B 874 -46.23 2.96 -0.68
N GLN B 875 -45.07 3.09 -1.35
CA GLN B 875 -45.01 2.91 -2.79
C GLN B 875 -44.86 1.46 -3.22
N TYR B 876 -44.78 0.53 -2.27
CA TYR B 876 -44.67 -0.89 -2.56
C TYR B 876 -45.95 -1.59 -2.12
N SER B 877 -46.54 -2.36 -3.04
CA SER B 877 -47.84 -2.99 -2.78
C SER B 877 -47.75 -4.24 -1.92
N TYR B 878 -46.55 -4.80 -1.73
CA TYR B 878 -46.38 -6.02 -0.96
C TYR B 878 -45.70 -5.80 0.38
N ARG B 879 -45.42 -4.55 0.76
CA ARG B 879 -44.70 -4.26 1.98
C ARG B 879 -45.64 -4.26 3.18
N SER B 880 -45.15 -4.76 4.31
CA SER B 880 -45.92 -4.81 5.54
C SER B 880 -45.85 -3.47 6.28
N THR B 881 -46.66 -3.36 7.34
CA THR B 881 -46.63 -2.16 8.17
C THR B 881 -45.36 -2.09 8.99
N ILE B 882 -44.96 -3.21 9.60
CA ILE B 882 -43.76 -3.23 10.42
C ILE B 882 -42.51 -3.06 9.54
N GLU B 883 -42.54 -3.59 8.32
CA GLU B 883 -41.46 -3.35 7.36
C GLU B 883 -41.40 -1.88 6.97
N ASP B 884 -42.56 -1.24 6.81
CA ASP B 884 -42.63 0.18 6.52
C ASP B 884 -42.01 1.00 7.64
N LEU B 885 -42.33 0.67 8.90
CA LEU B 885 -41.77 1.38 10.03
C LEU B 885 -40.26 1.16 10.15
N LEU B 886 -39.81 -0.08 9.91
CA LEU B 886 -38.39 -0.38 9.97
C LEU B 886 -37.61 0.37 8.91
N PHE B 887 -38.14 0.45 7.69
CA PHE B 887 -37.44 1.19 6.64
C PHE B 887 -37.55 2.70 6.84
N ASN B 888 -38.62 3.17 7.48
CA ASN B 888 -38.73 4.59 7.81
C ASN B 888 -37.78 4.99 8.93
N LYS B 889 -37.40 4.06 9.80
CA LYS B 889 -36.52 4.41 10.91
C LYS B 889 -35.05 4.43 10.52
N VAL B 890 -34.66 3.76 9.45
CA VAL B 890 -33.27 3.73 9.01
C VAL B 890 -33.06 4.76 7.91
N THR B 891 -31.99 5.54 8.03
CA THR B 891 -31.64 6.59 7.07
C THR B 891 -30.67 6.02 6.05
N ILE B 892 -31.13 5.88 4.81
CA ILE B 892 -30.33 5.35 3.71
C ILE B 892 -30.32 6.39 2.59
N ALA B 893 -29.14 6.68 2.06
CA ALA B 893 -29.02 7.57 0.92
C ALA B 893 -29.54 6.89 -0.33
N ASP B 894 -30.35 7.59 -1.11
CA ASP B 894 -30.94 7.02 -2.31
C ASP B 894 -29.91 6.98 -3.44
N PRO B 895 -29.58 5.82 -3.99
CA PRO B 895 -28.63 5.79 -5.11
C PRO B 895 -29.22 6.31 -6.41
N GLY B 896 -30.55 6.29 -6.56
CA GLY B 896 -31.18 6.78 -7.78
C GLY B 896 -30.88 5.92 -8.99
N TYR B 897 -31.41 4.69 -9.01
CA TYR B 897 -31.10 3.78 -10.11
C TYR B 897 -31.79 4.17 -11.41
N MET B 898 -32.87 4.89 -11.45
CA MET B 898 -33.50 5.15 -12.75
C MET B 898 -33.12 6.44 -13.36
N GLN B 899 -33.46 7.55 -12.74
CA GLN B 899 -33.18 8.88 -13.22
C GLN B 899 -32.18 9.61 -12.44
N GLY B 900 -31.38 8.97 -11.65
CA GLY B 900 -30.55 9.67 -10.70
C GLY B 900 -29.56 10.67 -11.14
N TYR B 901 -28.89 10.43 -12.23
CA TYR B 901 -27.86 11.33 -12.70
C TYR B 901 -28.47 12.62 -12.99
N ASP B 902 -29.65 12.63 -13.57
CA ASP B 902 -30.32 13.88 -13.77
C ASP B 902 -30.71 14.52 -12.46
N GLU B 903 -31.27 13.79 -11.52
CA GLU B 903 -31.59 14.39 -10.23
C GLU B 903 -30.36 15.04 -9.60
N CYS B 904 -29.18 14.48 -9.83
CA CYS B 904 -27.96 15.08 -9.30
C CYS B 904 -27.54 16.32 -10.08
N MET B 905 -27.83 16.37 -11.38
CA MET B 905 -27.40 17.50 -12.19
C MET B 905 -28.43 18.61 -12.31
N GLN B 906 -29.71 18.33 -12.13
CA GLN B 906 -30.72 19.36 -12.38
C GLN B 906 -30.91 20.30 -11.19
N GLN B 907 -30.47 19.91 -10.00
CA GLN B 907 -30.73 20.70 -8.81
C GLN B 907 -29.49 21.47 -8.37
N ILE B 916 -26.53 8.97 -3.87
CA ILE B 916 -25.28 9.70 -3.75
C ILE B 916 -24.86 10.25 -5.11
N CYS B 917 -24.41 11.50 -5.13
CA CYS B 917 -24.08 12.20 -6.36
C CYS B 917 -22.60 12.15 -6.71
N ALA B 918 -21.78 11.50 -5.89
CA ALA B 918 -20.33 11.45 -6.11
C ALA B 918 -19.91 10.30 -7.01
N GLN B 919 -20.85 9.58 -7.54
CA GLN B 919 -20.53 8.46 -8.32
C GLN B 919 -19.95 9.00 -9.54
N PHE B 920 -20.66 9.90 -10.18
CA PHE B 920 -20.22 10.44 -11.44
C PHE B 920 -18.93 11.25 -11.54
N VAL B 921 -18.65 12.16 -10.64
CA VAL B 921 -17.38 12.84 -10.64
C VAL B 921 -16.25 11.91 -10.33
N ALA B 922 -16.45 11.07 -9.35
CA ALA B 922 -15.44 10.11 -8.88
C ALA B 922 -15.04 9.04 -9.80
N GLY B 923 -15.95 8.51 -10.57
CA GLY B 923 -15.68 7.35 -11.35
C GLY B 923 -16.14 6.03 -10.86
N TYR B 924 -16.90 5.95 -9.79
CA TYR B 924 -17.50 4.69 -9.34
C TYR B 924 -18.98 4.64 -9.65
N LYS B 925 -19.65 3.53 -9.40
CA LYS B 925 -21.07 3.38 -9.69
C LYS B 925 -21.65 2.32 -8.79
N VAL B 926 -22.76 2.63 -8.15
CA VAL B 926 -23.46 1.69 -7.28
C VAL B 926 -24.39 0.85 -8.15
N LEU B 927 -24.12 -0.44 -8.24
CA LEU B 927 -24.94 -1.32 -9.06
C LEU B 927 -26.29 -1.57 -8.40
N PRO B 928 -27.37 -1.60 -9.17
CA PRO B 928 -28.67 -1.91 -8.59
C PRO B 928 -28.75 -3.36 -8.17
N PRO B 929 -29.56 -3.69 -7.17
CA PRO B 929 -29.62 -5.07 -6.67
C PRO B 929 -30.39 -5.98 -7.63
N LEU B 930 -30.36 -7.28 -7.30
CA LEU B 930 -30.96 -8.28 -8.17
C LEU B 930 -32.49 -8.19 -8.18
N TYR B 931 -33.10 -7.85 -7.06
CA TYR B 931 -34.55 -7.74 -6.98
C TYR B 931 -34.94 -6.37 -6.42
N ASP B 932 -36.03 -5.82 -6.95
CA ASP B 932 -36.62 -4.63 -6.37
C ASP B 932 -37.23 -4.95 -5.01
N PRO B 933 -37.39 -3.96 -4.14
CA PRO B 933 -37.98 -4.23 -2.82
C PRO B 933 -39.40 -4.79 -2.86
N ASN B 934 -40.16 -4.52 -3.93
CA ASN B 934 -41.50 -5.08 -4.05
C ASN B 934 -41.47 -6.60 -4.19
N MET B 935 -40.54 -7.13 -4.98
CA MET B 935 -40.46 -8.58 -5.16
C MET B 935 -39.95 -9.27 -3.91
N GLU B 936 -39.01 -8.66 -3.20
CA GLU B 936 -38.54 -9.21 -1.93
C GLU B 936 -39.65 -9.18 -0.88
N ALA B 937 -40.46 -8.11 -0.86
CA ALA B 937 -41.61 -8.07 0.02
C ALA B 937 -42.65 -9.11 -0.36
N ALA B 938 -42.79 -9.40 -1.66
CA ALA B 938 -43.68 -10.48 -2.09
C ALA B 938 -43.20 -11.82 -1.60
N TYR B 939 -41.89 -12.07 -1.68
CA TYR B 939 -41.30 -13.29 -1.14
C TYR B 939 -41.57 -13.41 0.37
N THR B 940 -41.35 -12.31 1.10
CA THR B 940 -41.55 -12.31 2.54
C THR B 940 -43.01 -12.54 2.91
N SER B 941 -43.95 -11.91 2.19
CA SER B 941 -45.37 -12.08 2.49
C SER B 941 -45.84 -13.49 2.12
N SER B 942 -45.30 -14.06 1.04
CA SER B 942 -45.63 -15.44 0.69
C SER B 942 -45.11 -16.41 1.74
N LEU B 943 -43.93 -16.13 2.31
CA LEU B 943 -43.44 -16.93 3.44
C LEU B 943 -44.30 -16.73 4.68
N LEU B 944 -44.82 -15.52 4.89
CA LEU B 944 -45.71 -15.25 6.01
C LEU B 944 -47.01 -16.03 5.89
N GLY B 945 -47.52 -16.18 4.67
CA GLY B 945 -48.70 -17.00 4.47
C GLY B 945 -48.50 -18.46 4.85
N SER B 946 -47.28 -18.96 4.68
CA SER B 946 -46.84 -20.30 5.10
C SER B 946 -47.70 -21.41 4.50
N LEU B 956 -41.71 -30.72 5.59
CA LEU B 956 -42.77 -31.72 5.61
C LEU B 956 -43.38 -31.91 4.22
N SER B 957 -43.60 -33.16 3.85
CA SER B 957 -44.16 -33.47 2.54
C SER B 957 -45.65 -33.17 2.45
N SER B 958 -46.33 -33.04 3.57
CA SER B 958 -47.76 -32.78 3.61
C SER B 958 -48.03 -31.41 4.22
N PHE B 959 -49.00 -30.70 3.65
CA PHE B 959 -49.42 -29.39 4.13
C PHE B 959 -50.83 -29.51 4.71
N ALA B 960 -50.99 -29.05 5.95
CA ALA B 960 -52.27 -29.05 6.63
C ALA B 960 -52.74 -27.61 6.83
N ALA B 961 -53.97 -27.33 6.41
CA ALA B 961 -54.53 -25.98 6.49
C ALA B 961 -55.03 -25.72 7.91
N ILE B 962 -54.07 -25.54 8.81
CA ILE B 962 -54.35 -25.28 10.22
C ILE B 962 -54.44 -23.78 10.43
N PRO B 963 -55.49 -23.27 11.07
CA PRO B 963 -55.57 -21.83 11.36
C PRO B 963 -54.51 -21.40 12.36
N PHE B 964 -54.29 -20.08 12.42
CA PHE B 964 -53.22 -19.53 13.24
C PHE B 964 -53.48 -19.77 14.74
N ALA B 965 -54.74 -19.64 15.17
CA ALA B 965 -55.05 -19.90 16.57
C ALA B 965 -54.81 -21.35 16.95
N GLN B 966 -55.18 -22.28 16.07
CA GLN B 966 -54.94 -23.70 16.34
C GLN B 966 -53.45 -24.02 16.27
N SER B 967 -52.72 -23.33 15.39
CA SER B 967 -51.26 -23.52 15.33
C SER B 967 -50.59 -23.06 16.62
N ILE B 968 -51.03 -21.92 17.15
CA ILE B 968 -50.49 -21.43 18.42
C ILE B 968 -50.88 -22.38 19.55
N PHE B 969 -52.11 -22.91 19.50
CA PHE B 969 -52.56 -23.91 20.46
C PHE B 969 -51.65 -25.13 20.46
N TYR B 970 -51.36 -25.67 19.28
CA TYR B 970 -50.49 -26.85 19.19
C TYR B 970 -49.05 -26.55 19.58
N ARG B 971 -48.56 -25.35 19.27
CA ARG B 971 -47.20 -25.00 19.66
C ARG B 971 -47.06 -24.90 21.19
N MET B 972 -47.99 -24.20 21.83
CA MET B 972 -47.95 -24.08 23.29
C MET B 972 -48.31 -25.38 23.98
N ASN B 973 -49.03 -26.28 23.32
CA ASN B 973 -49.17 -27.64 23.85
C ASN B 973 -47.88 -28.42 23.71
N GLY B 974 -47.13 -28.18 22.63
CA GLY B 974 -45.87 -28.88 22.45
C GLY B 974 -44.80 -28.45 23.46
N ILE B 975 -44.79 -27.16 23.83
CA ILE B 975 -43.77 -26.70 24.77
C ILE B 975 -44.00 -27.17 26.20
N GLY B 976 -45.14 -27.80 26.50
CA GLY B 976 -45.34 -28.36 27.82
C GLY B 976 -46.48 -27.74 28.61
N ILE B 977 -47.54 -27.30 27.94
CA ILE B 977 -48.72 -26.80 28.61
C ILE B 977 -49.90 -27.68 28.22
N THR B 978 -50.66 -28.13 29.22
CA THR B 978 -51.75 -29.07 28.98
C THR B 978 -52.92 -28.37 28.28
N GLN B 979 -53.84 -29.20 27.78
CA GLN B 979 -55.00 -28.68 27.04
C GLN B 979 -55.94 -27.89 27.94
N GLN B 980 -56.07 -28.29 29.20
CA GLN B 980 -56.98 -27.60 30.12
C GLN B 980 -56.52 -26.18 30.41
N VAL B 981 -55.22 -25.97 30.55
CA VAL B 981 -54.68 -24.63 30.79
C VAL B 981 -54.91 -23.74 29.59
N LEU B 982 -54.68 -24.25 28.38
CA LEU B 982 -54.90 -23.46 27.18
C LEU B 982 -56.38 -23.18 26.95
N SER B 983 -57.26 -24.11 27.33
CA SER B 983 -58.69 -23.88 27.18
C SER B 983 -59.20 -22.85 28.19
N GLU B 984 -58.70 -22.92 29.42
CA GLU B 984 -59.16 -21.98 30.46
C GLU B 984 -58.59 -20.59 30.28
N ASN B 985 -57.39 -20.47 29.71
CA ASN B 985 -56.67 -19.20 29.63
C ASN B 985 -56.50 -18.74 28.18
N GLN B 986 -57.53 -18.98 27.35
CA GLN B 986 -57.43 -18.61 25.93
C GLN B 986 -57.42 -17.11 25.74
N LYS B 987 -58.30 -16.39 26.45
CA LYS B 987 -58.37 -14.94 26.31
C LYS B 987 -57.10 -14.26 26.83
N GLN B 988 -56.53 -14.78 27.92
CA GLN B 988 -55.28 -14.25 28.44
C GLN B 988 -54.15 -14.47 27.45
N ILE B 989 -54.12 -15.65 26.79
CA ILE B 989 -53.11 -15.93 25.78
C ILE B 989 -53.23 -14.99 24.61
N ASP B 990 -54.46 -14.75 24.13
CA ASP B 990 -54.67 -13.84 23.01
C ASP B 990 -54.30 -12.41 23.38
N LYS B 991 -54.65 -11.96 24.59
CA LYS B 991 -54.32 -10.61 25.02
C LYS B 991 -52.81 -10.43 25.16
N LYS B 992 -52.12 -11.42 25.72
CA LYS B 992 -50.66 -11.33 25.88
C LYS B 992 -49.96 -11.36 24.53
N PHE B 993 -50.44 -12.19 23.59
CA PHE B 993 -49.85 -12.21 22.26
C PHE B 993 -50.07 -10.90 21.53
N ASN B 994 -51.26 -10.31 21.66
CA ASN B 994 -51.52 -9.02 21.02
C ASN B 994 -50.67 -7.92 21.64
N GLN B 995 -50.48 -7.94 22.96
CA GLN B 995 -49.62 -6.96 23.61
C GLN B 995 -48.16 -7.11 23.16
N ALA B 996 -47.68 -8.34 23.04
CA ALA B 996 -46.30 -8.57 22.59
C ALA B 996 -46.12 -8.16 21.13
N LEU B 997 -47.14 -8.41 20.29
CA LEU B 997 -47.02 -8.05 18.89
C LEU B 997 -47.14 -6.55 18.67
N ASN B 998 -47.89 -5.85 19.53
CA ASN B 998 -47.94 -4.40 19.47
C ASN B 998 -46.75 -3.74 20.14
N ALA B 999 -46.02 -4.49 20.97
CA ALA B 999 -44.84 -3.92 21.64
C ALA B 999 -43.63 -3.81 20.72
N MET B 1000 -43.62 -4.53 19.60
CA MET B 1000 -42.46 -4.51 18.70
C MET B 1000 -42.46 -3.31 17.77
N GLN B 1001 -43.50 -2.46 17.83
CA GLN B 1001 -43.48 -1.22 17.07
C GLN B 1001 -42.41 -0.26 17.58
N THR B 1002 -42.12 -0.28 18.87
CA THR B 1002 -41.18 0.64 19.50
C THR B 1002 -39.81 0.03 19.73
N GLY B 1003 -39.49 -1.08 19.09
CA GLY B 1003 -38.19 -1.71 19.26
C GLY B 1003 -37.19 -1.28 18.21
N PHE B 1004 -37.41 -0.10 17.64
CA PHE B 1004 -36.58 0.43 16.55
C PHE B 1004 -35.76 1.64 17.01
N THR B 1005 -35.23 1.57 18.22
CA THR B 1005 -34.39 2.63 18.76
C THR B 1005 -32.93 2.22 18.70
N THR B 1006 -32.05 3.11 19.17
CA THR B 1006 -30.62 2.84 19.17
C THR B 1006 -30.24 1.81 20.23
N THR B 1007 -31.03 1.69 21.30
CA THR B 1007 -30.70 0.76 22.37
C THR B 1007 -30.90 -0.70 21.95
N ASN B 1008 -31.77 -0.94 20.97
CA ASN B 1008 -31.97 -2.29 20.47
C ASN B 1008 -30.75 -2.77 19.71
N LEU B 1009 -30.39 -4.04 19.91
CA LEU B 1009 -29.16 -4.56 19.31
C LEU B 1009 -29.33 -4.82 17.82
N ALA B 1010 -30.48 -5.36 17.41
CA ALA B 1010 -30.69 -5.67 16.00
C ALA B 1010 -30.80 -4.42 15.15
N PHE B 1011 -31.49 -3.39 15.65
CA PHE B 1011 -31.55 -2.13 14.93
C PHE B 1011 -30.18 -1.46 14.86
N SER B 1012 -29.38 -1.62 15.91
CA SER B 1012 -28.00 -1.14 15.89
C SER B 1012 -27.19 -1.87 14.82
N LYS B 1013 -27.43 -3.17 14.64
CA LYS B 1013 -26.74 -3.92 13.60
C LYS B 1013 -27.18 -3.48 12.20
N VAL B 1014 -28.46 -3.15 12.04
CA VAL B 1014 -28.96 -2.64 10.76
C VAL B 1014 -28.28 -1.31 10.44
N GLN B 1015 -28.23 -0.41 11.42
CA GLN B 1015 -27.58 0.88 11.21
C GLN B 1015 -26.07 0.72 10.99
N ASP B 1016 -25.45 -0.27 11.63
CA ASP B 1016 -24.03 -0.53 11.41
C ASP B 1016 -23.77 -1.02 9.99
N ALA B 1017 -24.65 -1.87 9.46
CA ALA B 1017 -24.51 -2.33 8.07
C ALA B 1017 -24.65 -1.16 7.10
N VAL B 1018 -25.64 -0.30 7.34
CA VAL B 1018 -25.84 0.87 6.46
C VAL B 1018 -24.63 1.82 6.57
N ASN B 1019 -24.10 1.99 7.77
CA ASN B 1019 -22.95 2.87 7.96
C ASN B 1019 -21.69 2.30 7.31
N ALA B 1020 -21.52 0.98 7.33
CA ALA B 1020 -20.38 0.37 6.63
C ALA B 1020 -20.51 0.55 5.12
N ASN B 1021 -21.73 0.38 4.59
CA ASN B 1021 -21.97 0.60 3.17
C ASN B 1021 -21.66 2.04 2.76
N ALA B 1022 -22.03 3.00 3.61
CA ALA B 1022 -21.71 4.40 3.32
C ALA B 1022 -20.23 4.70 3.50
N GLN B 1023 -19.58 4.05 4.48
CA GLN B 1023 -18.18 4.35 4.78
C GLN B 1023 -17.24 3.82 3.72
N ALA B 1024 -17.61 2.71 3.06
CA ALA B 1024 -16.80 2.22 1.94
C ALA B 1024 -16.75 3.25 0.82
N LEU B 1025 -17.90 3.81 0.45
CA LEU B 1025 -17.95 4.85 -0.58
C LEU B 1025 -17.27 6.12 -0.12
N ALA B 1026 -17.39 6.46 1.17
CA ALA B 1026 -16.72 7.63 1.71
C ALA B 1026 -15.21 7.51 1.61
N LYS B 1027 -14.66 6.34 1.95
CA LYS B 1027 -13.22 6.12 1.83
C LYS B 1027 -12.78 6.13 0.36
N LEU B 1028 -13.58 5.53 -0.52
CA LEU B 1028 -13.25 5.52 -1.94
C LEU B 1028 -13.22 6.92 -2.53
N ALA B 1029 -14.16 7.78 -2.13
CA ALA B 1029 -14.17 9.15 -2.61
C ALA B 1029 -13.09 9.99 -1.96
N SER B 1030 -12.76 9.72 -0.69
CA SER B 1030 -11.75 10.52 0.01
C SER B 1030 -10.33 10.13 -0.36
N GLU B 1031 -10.13 8.97 -0.97
CA GLU B 1031 -8.79 8.61 -1.44
C GLU B 1031 -8.35 9.44 -2.64
N LEU B 1032 -9.26 10.15 -3.30
CA LEU B 1032 -8.91 11.01 -4.42
C LEU B 1032 -8.36 12.37 -3.98
N SER B 1033 -8.47 12.70 -2.70
CA SER B 1033 -7.97 13.96 -2.17
C SER B 1033 -6.52 13.86 -1.68
N ASN B 1034 -5.90 12.69 -1.82
CA ASN B 1034 -4.54 12.49 -1.37
C ASN B 1034 -3.55 12.96 -2.43
N THR B 1035 -2.60 13.80 -2.02
CA THR B 1035 -1.58 14.29 -2.95
C THR B 1035 -0.51 13.26 -3.26
N PHE B 1036 -0.30 12.30 -2.35
CA PHE B 1036 0.70 11.23 -2.47
C PHE B 1036 2.13 11.74 -2.63
N GLY B 1037 2.39 12.98 -2.23
CA GLY B 1037 3.72 13.55 -2.36
C GLY B 1037 3.87 14.54 -3.50
N ALA B 1038 2.85 14.70 -4.34
CA ALA B 1038 2.91 15.67 -5.43
C ALA B 1038 2.62 17.07 -4.91
N ILE B 1039 2.71 18.06 -5.80
CA ILE B 1039 2.44 19.44 -5.40
C ILE B 1039 0.95 19.69 -5.24
N SER B 1040 0.10 18.83 -5.81
CA SER B 1040 -1.33 18.97 -5.71
C SER B 1040 -1.98 17.63 -6.00
N SER B 1041 -3.20 17.45 -5.51
CA SER B 1041 -3.96 16.23 -5.80
C SER B 1041 -4.69 16.31 -7.14
N SER B 1042 -4.77 17.50 -7.74
CA SER B 1042 -5.43 17.66 -9.02
C SER B 1042 -4.44 17.48 -10.16
N ILE B 1043 -4.86 16.75 -11.20
CA ILE B 1043 -4.06 16.66 -12.41
C ILE B 1043 -3.97 18.02 -13.10
N SER B 1044 -5.04 18.80 -13.03
CA SER B 1044 -5.07 20.10 -13.70
C SER B 1044 -4.04 21.06 -13.13
N ASP B 1045 -3.91 21.10 -11.80
CA ASP B 1045 -2.93 21.99 -11.17
C ASP B 1045 -1.50 21.58 -11.50
N ILE B 1046 -1.24 20.27 -11.56
CA ILE B 1046 0.08 19.79 -11.96
C ILE B 1046 0.37 20.16 -13.41
N LEU B 1047 -0.65 20.10 -14.26
CA LEU B 1047 -0.45 20.46 -15.66
C LEU B 1047 -0.23 21.95 -15.85
N LYS B 1048 -0.91 22.80 -15.07
CA LYS B 1048 -0.78 24.24 -15.25
C LYS B 1048 0.28 24.86 -14.35
N ARG B 1049 0.96 24.06 -13.52
CA ARG B 1049 2.01 24.59 -12.66
C ARG B 1049 3.40 24.05 -12.95
N LEU B 1050 3.53 23.01 -13.76
CA LEU B 1050 4.84 22.40 -14.01
C LEU B 1050 5.07 22.27 -15.52
N CYS B 1051 6.26 21.81 -15.84
CA CYS B 1051 6.77 21.73 -17.21
C CYS B 1051 7.01 20.27 -17.56
N PRO B 1052 6.96 19.92 -18.85
CA PRO B 1052 6.92 18.49 -19.26
C PRO B 1052 8.12 17.65 -18.84
N PRO B 1053 9.30 18.22 -18.52
CA PRO B 1053 10.27 17.38 -17.78
C PRO B 1053 9.76 16.88 -16.44
N GLU B 1054 8.89 17.64 -15.75
CA GLU B 1054 8.51 17.31 -14.38
C GLU B 1054 7.02 17.05 -14.19
N GLN B 1055 6.19 17.17 -15.22
CA GLN B 1055 4.78 16.84 -15.05
C GLN B 1055 4.56 15.33 -14.93
N GLU B 1056 5.22 14.54 -15.76
CA GLU B 1056 5.03 13.09 -15.72
C GLU B 1056 5.65 12.49 -14.46
N ALA B 1057 6.54 13.21 -13.79
CA ALA B 1057 7.07 12.72 -12.52
C ALA B 1057 6.03 12.83 -11.41
N GLN B 1058 5.23 13.89 -11.44
CA GLN B 1058 4.21 14.08 -10.41
C GLN B 1058 2.91 13.35 -10.75
N ILE B 1059 2.60 13.23 -12.04
CA ILE B 1059 1.39 12.52 -12.46
C ILE B 1059 1.54 11.03 -12.20
N ASP B 1060 2.74 10.48 -12.44
CA ASP B 1060 2.99 9.07 -12.13
C ASP B 1060 2.91 8.81 -10.64
N ARG B 1061 3.22 9.81 -9.82
CA ARG B 1061 3.07 9.67 -8.37
C ARG B 1061 1.61 9.57 -7.98
N LEU B 1062 0.73 10.32 -8.67
CA LEU B 1062 -0.69 10.22 -8.41
C LEU B 1062 -1.27 8.92 -8.97
N ILE B 1063 -0.73 8.45 -10.09
CA ILE B 1063 -1.24 7.23 -10.73
C ILE B 1063 -0.91 6.01 -9.88
N ASN B 1064 0.33 5.93 -9.39
CA ASN B 1064 0.74 4.80 -8.57
C ASN B 1064 0.02 4.80 -7.23
N GLY B 1065 -0.23 5.98 -6.66
CA GLY B 1065 -0.94 6.06 -5.40
C GLY B 1065 -2.40 5.64 -5.51
N ARG B 1066 -3.05 6.06 -6.60
CA ARG B 1066 -4.47 5.74 -6.77
C ARG B 1066 -4.68 4.29 -7.19
N LEU B 1067 -3.75 3.71 -7.95
CA LEU B 1067 -3.85 2.30 -8.30
C LEU B 1067 -3.64 1.41 -7.09
N THR B 1068 -2.81 1.84 -6.15
CA THR B 1068 -2.61 1.07 -4.92
C THR B 1068 -3.82 1.21 -4.00
N SER B 1069 -4.45 2.38 -3.97
CA SER B 1069 -5.64 2.56 -3.14
C SER B 1069 -6.85 1.86 -3.76
N LEU B 1070 -6.85 1.68 -5.07
CA LEU B 1070 -7.91 0.91 -5.71
C LEU B 1070 -7.75 -0.58 -5.43
N ASN B 1071 -6.51 -1.04 -5.28
CA ASN B 1071 -6.27 -2.44 -4.94
C ASN B 1071 -6.72 -2.75 -3.52
N ALA B 1072 -6.59 -1.76 -2.62
CA ALA B 1072 -7.04 -1.96 -1.24
C ALA B 1072 -8.56 -1.94 -1.15
N PHE B 1073 -9.21 -1.15 -2.01
CA PHE B 1073 -10.67 -1.12 -2.03
C PHE B 1073 -11.24 -2.44 -2.55
N VAL B 1074 -10.60 -3.01 -3.58
CA VAL B 1074 -11.05 -4.28 -4.13
C VAL B 1074 -10.86 -5.41 -3.13
N ALA B 1075 -9.72 -5.41 -2.43
CA ALA B 1075 -9.46 -6.44 -1.42
C ALA B 1075 -10.43 -6.34 -0.25
N GLN B 1076 -10.73 -5.11 0.18
CA GLN B 1076 -11.72 -4.92 1.25
C GLN B 1076 -13.11 -5.34 0.81
N GLN B 1077 -13.50 -4.99 -0.41
CA GLN B 1077 -14.83 -5.36 -0.91
C GLN B 1077 -14.95 -6.85 -1.15
N LEU B 1078 -13.84 -7.54 -1.41
CA LEU B 1078 -13.88 -8.99 -1.55
C LEU B 1078 -14.12 -9.66 -0.19
N VAL B 1079 -13.47 -9.17 0.86
CA VAL B 1079 -13.63 -9.74 2.19
C VAL B 1079 -15.06 -9.53 2.68
N ARG B 1080 -15.64 -8.36 2.39
CA ARG B 1080 -17.02 -8.08 2.76
C ARG B 1080 -17.99 -8.93 1.95
N SER B 1081 -17.65 -9.23 0.69
CA SER B 1081 -18.58 -9.95 -0.18
C SER B 1081 -18.70 -11.42 0.21
N GLU B 1082 -17.57 -12.09 0.47
CA GLU B 1082 -17.63 -13.47 0.96
C GLU B 1082 -18.21 -13.54 2.36
N THR B 1083 -18.00 -12.50 3.17
CA THR B 1083 -18.60 -12.49 4.52
C THR B 1083 -20.11 -12.43 4.46
N ALA B 1084 -20.65 -11.59 3.57
CA ALA B 1084 -22.10 -11.50 3.44
C ALA B 1084 -22.69 -12.72 2.75
N ALA B 1085 -21.90 -13.39 1.91
CA ALA B 1085 -22.37 -14.63 1.27
C ALA B 1085 -22.48 -15.76 2.29
N ARG B 1086 -21.53 -15.85 3.22
CA ARG B 1086 -21.62 -16.83 4.30
C ARG B 1086 -22.77 -16.50 5.23
N SER B 1087 -23.14 -15.27 5.46
CA SER B 1087 -24.24 -14.91 6.32
C SER B 1087 -25.61 -15.07 5.73
N ALA B 1088 -25.76 -15.36 4.47
CA ALA B 1088 -27.04 -15.46 3.89
C ALA B 1088 -27.39 -16.88 4.03
N GLN B 1089 -26.41 -17.74 4.09
CA GLN B 1089 -26.66 -19.12 4.39
C GLN B 1089 -27.20 -19.26 5.79
N LEU B 1090 -26.68 -18.50 6.70
CA LEU B 1090 -27.14 -18.53 8.06
C LEU B 1090 -28.54 -18.12 8.10
N ALA B 1091 -28.90 -17.13 7.32
CA ALA B 1091 -30.25 -16.59 7.31
C ALA B 1091 -31.23 -17.58 6.89
N SER B 1092 -30.90 -18.39 5.91
CA SER B 1092 -31.79 -19.47 5.52
C SER B 1092 -32.01 -20.47 6.62
N ASP B 1093 -31.01 -20.83 7.38
CA ASP B 1093 -31.17 -21.73 8.45
C ASP B 1093 -32.10 -21.20 9.49
N LYS B 1094 -32.01 -19.94 9.80
CA LYS B 1094 -32.85 -19.36 10.77
C LYS B 1094 -34.19 -19.30 10.16
N VAL B 1095 -34.32 -19.18 8.85
CA VAL B 1095 -35.67 -19.23 8.29
C VAL B 1095 -36.21 -20.65 8.33
N ASN B 1096 -35.38 -21.62 7.98
CA ASN B 1096 -35.85 -23.01 7.94
C ASN B 1096 -36.05 -23.60 9.33
N GLU B 1097 -35.37 -23.06 10.33
CA GLU B 1097 -35.42 -23.61 11.69
C GLU B 1097 -36.34 -22.83 12.61
N CYS B 1098 -36.27 -21.50 12.59
CA CYS B 1098 -37.08 -20.68 13.50
C CYS B 1098 -38.43 -20.30 12.89
N VAL B 1099 -38.46 -19.96 11.60
CA VAL B 1099 -39.66 -19.41 10.98
C VAL B 1099 -40.58 -20.51 10.48
N LYS B 1100 -40.06 -21.43 9.66
CA LYS B 1100 -40.90 -22.45 9.06
C LYS B 1100 -41.39 -23.47 10.08
N SER B 1101 -40.58 -23.77 11.10
CA SER B 1101 -40.92 -24.78 12.08
C SER B 1101 -40.63 -24.27 13.48
N GLN B 1102 -41.20 -24.97 14.46
CA GLN B 1102 -40.90 -24.68 15.86
C GLN B 1102 -39.57 -25.33 16.23
N SER B 1103 -38.71 -24.55 16.89
CA SER B 1103 -37.36 -25.00 17.22
C SER B 1103 -37.31 -25.49 18.67
N LYS B 1104 -36.85 -26.72 18.84
CA LYS B 1104 -36.69 -27.30 20.17
C LYS B 1104 -35.34 -26.95 20.79
N ARG B 1105 -34.44 -26.34 20.04
CA ARG B 1105 -33.16 -25.92 20.58
C ARG B 1105 -33.34 -24.70 21.48
N ASN B 1106 -32.39 -24.52 22.38
CA ASN B 1106 -32.41 -23.43 23.35
C ASN B 1106 -31.50 -22.31 22.86
N GLY B 1107 -32.05 -21.11 22.71
CA GLY B 1107 -31.27 -19.94 22.40
C GLY B 1107 -30.96 -19.72 20.93
N PHE B 1108 -31.29 -20.67 20.06
CA PHE B 1108 -31.07 -20.45 18.63
C PHE B 1108 -32.02 -19.40 18.10
N CYS B 1109 -33.30 -19.51 18.43
CA CYS B 1109 -34.26 -18.42 18.27
C CYS B 1109 -34.17 -17.53 19.49
N GLY B 1110 -35.17 -16.67 19.70
CA GLY B 1110 -35.15 -15.75 20.82
C GLY B 1110 -35.20 -16.42 22.18
N SER B 1111 -35.00 -15.60 23.21
CA SER B 1111 -34.93 -16.09 24.57
C SER B 1111 -36.28 -16.63 25.04
N GLY B 1112 -36.22 -17.58 25.98
CA GLY B 1112 -37.39 -18.31 26.39
C GLY B 1112 -37.67 -19.47 25.46
N THR B 1113 -38.74 -20.20 25.79
CA THR B 1113 -39.14 -21.32 24.95
C THR B 1113 -39.79 -20.80 23.67
N HIS B 1114 -39.30 -21.27 22.53
CA HIS B 1114 -39.70 -20.73 21.24
C HIS B 1114 -41.09 -21.21 20.86
N ILE B 1115 -41.95 -20.28 20.46
CA ILE B 1115 -43.31 -20.59 20.01
C ILE B 1115 -43.43 -20.41 18.49
N VAL B 1116 -43.21 -19.19 17.99
CA VAL B 1116 -43.35 -18.88 16.58
C VAL B 1116 -42.43 -17.69 16.28
N SER B 1117 -42.13 -17.50 15.01
CA SER B 1117 -41.33 -16.35 14.60
C SER B 1117 -41.70 -15.95 13.19
N PHE B 1118 -41.46 -14.68 12.87
CA PHE B 1118 -41.74 -14.10 11.58
C PHE B 1118 -40.51 -13.39 11.07
N VAL B 1119 -40.42 -13.23 9.75
CA VAL B 1119 -39.28 -12.59 9.11
C VAL B 1119 -39.79 -11.53 8.15
N ILE B 1120 -39.13 -10.36 8.13
CA ILE B 1120 -39.41 -9.30 7.18
C ILE B 1120 -38.10 -8.91 6.51
N ASN B 1121 -38.14 -7.90 5.65
CA ASN B 1121 -36.97 -7.46 4.92
C ASN B 1121 -36.33 -6.26 5.59
N ALA B 1122 -35.00 -6.27 5.63
CA ALA B 1122 -34.16 -5.19 6.12
C ALA B 1122 -33.48 -4.49 4.95
N PRO B 1123 -32.85 -3.34 5.18
CA PRO B 1123 -32.07 -2.71 4.09
C PRO B 1123 -31.00 -3.59 3.48
N ASP B 1124 -30.34 -4.44 4.26
CA ASP B 1124 -29.29 -5.29 3.72
C ASP B 1124 -29.39 -6.73 4.24
N GLY B 1125 -30.60 -7.18 4.56
CA GLY B 1125 -30.74 -8.53 5.06
C GLY B 1125 -32.17 -8.81 5.48
N LEU B 1126 -32.29 -9.71 6.46
CA LEU B 1126 -33.58 -10.17 6.97
C LEU B 1126 -33.71 -9.82 8.45
N TYR B 1127 -34.90 -9.41 8.85
CA TYR B 1127 -35.19 -9.04 10.22
C TYR B 1127 -36.20 -10.02 10.81
N PHE B 1128 -35.85 -10.62 11.94
CA PHE B 1128 -36.64 -11.67 12.54
C PHE B 1128 -37.33 -11.18 13.81
N PHE B 1129 -38.50 -11.75 14.09
CA PHE B 1129 -39.30 -11.43 15.28
C PHE B 1129 -39.61 -12.75 16.00
N HIS B 1130 -38.72 -13.18 16.88
CA HIS B 1130 -38.87 -14.46 17.56
C HIS B 1130 -39.79 -14.28 18.77
N VAL B 1131 -40.98 -14.87 18.71
CA VAL B 1131 -41.91 -14.84 19.83
C VAL B 1131 -41.60 -16.02 20.73
N GLY B 1132 -41.33 -15.74 22.01
CA GLY B 1132 -40.93 -16.77 22.93
C GLY B 1132 -41.80 -16.77 24.18
N TYR B 1133 -41.86 -17.94 24.81
CA TYR B 1133 -42.63 -18.13 26.04
C TYR B 1133 -41.72 -17.88 27.24
N VAL B 1134 -42.07 -16.88 28.05
CA VAL B 1134 -41.27 -16.56 29.22
C VAL B 1134 -42.14 -16.59 30.46
N PRO B 1135 -41.65 -17.13 31.57
CA PRO B 1135 -42.41 -17.07 32.83
C PRO B 1135 -42.12 -15.80 33.61
N THR B 1136 -43.12 -15.38 34.39
CA THR B 1136 -43.00 -14.21 35.24
C THR B 1136 -42.67 -14.59 36.68
N ASP B 1137 -43.50 -15.43 37.30
CA ASP B 1137 -43.22 -15.95 38.63
C ASP B 1137 -43.52 -17.45 38.64
N HIS B 1138 -43.27 -18.09 39.77
CA HIS B 1138 -43.31 -19.54 39.86
C HIS B 1138 -43.71 -19.93 41.27
N ILE B 1139 -43.85 -21.24 41.49
CA ILE B 1139 -44.12 -21.79 42.81
C ILE B 1139 -43.25 -23.03 42.99
N ASN B 1140 -42.53 -23.10 44.12
CA ASN B 1140 -41.73 -24.27 44.42
C ASN B 1140 -42.62 -25.42 44.84
N ALA B 1141 -42.43 -26.58 44.21
CA ALA B 1141 -43.29 -27.73 44.43
C ALA B 1141 -42.44 -28.98 44.65
N THR B 1142 -43.02 -29.94 45.38
CA THR B 1142 -42.36 -31.21 45.64
C THR B 1142 -42.74 -32.20 44.55
N ALA B 1143 -41.75 -32.64 43.77
CA ALA B 1143 -41.96 -33.55 42.66
C ALA B 1143 -41.28 -34.88 42.94
N ALA B 1144 -41.77 -35.93 42.29
CA ALA B 1144 -41.24 -37.27 42.44
C ALA B 1144 -40.70 -37.79 41.12
N TYR B 1145 -39.67 -38.63 41.21
CA TYR B 1145 -39.12 -39.27 40.01
C TYR B 1145 -40.12 -40.25 39.41
N GLY B 1146 -40.84 -40.98 40.24
CA GLY B 1146 -41.83 -41.93 39.76
C GLY B 1146 -42.56 -42.55 40.93
N LEU B 1147 -43.61 -43.29 40.60
CA LEU B 1147 -44.47 -43.93 41.59
C LEU B 1147 -44.59 -45.41 41.29
N CYS B 1148 -44.50 -46.24 42.32
CA CYS B 1148 -44.62 -47.69 42.18
C CYS B 1148 -45.66 -48.21 43.17
N ASN B 1149 -46.38 -49.25 42.76
CA ASN B 1149 -47.43 -49.83 43.58
C ASN B 1149 -46.82 -50.89 44.51
N ASN B 1150 -47.69 -51.65 45.19
CA ASN B 1150 -47.27 -52.68 46.12
C ASN B 1150 -47.60 -54.09 45.62
N ASP B 1151 -47.60 -54.30 44.30
CA ASP B 1151 -47.93 -55.60 43.73
C ASP B 1151 -46.76 -56.57 43.95
N ASN B 1152 -47.00 -57.84 43.61
CA ASN B 1152 -45.94 -58.84 43.71
C ASN B 1152 -44.77 -58.54 42.78
N PRO B 1153 -44.93 -58.15 41.53
CA PRO B 1153 -43.87 -57.38 40.86
C PRO B 1153 -44.14 -55.88 40.97
N PRO B 1154 -43.13 -55.08 41.26
CA PRO B 1154 -43.33 -53.64 41.32
C PRO B 1154 -43.53 -53.05 39.93
N ARG B 1155 -44.70 -52.45 39.72
CA ARG B 1155 -45.02 -51.76 38.47
C ARG B 1155 -44.94 -50.26 38.70
N CYS B 1156 -44.24 -49.57 37.81
CA CYS B 1156 -43.90 -48.17 38.03
C CYS B 1156 -44.21 -47.35 36.78
N ILE B 1157 -44.47 -46.06 37.00
CA ILE B 1157 -44.74 -45.11 35.93
C ILE B 1157 -43.82 -43.91 36.08
N ALA B 1158 -43.64 -43.19 34.97
CA ALA B 1158 -42.90 -41.95 34.94
C ALA B 1158 -43.68 -40.97 34.07
N PRO B 1159 -43.69 -39.68 34.41
CA PRO B 1159 -44.44 -38.73 33.60
C PRO B 1159 -43.73 -38.42 32.29
N ILE B 1160 -44.52 -38.00 31.31
CA ILE B 1160 -44.00 -37.50 30.04
C ILE B 1160 -44.45 -36.05 29.87
N ASP B 1161 -43.49 -35.18 29.54
CA ASP B 1161 -43.70 -33.74 29.37
C ASP B 1161 -44.36 -33.12 30.59
N GLY B 1162 -43.90 -33.50 31.78
CA GLY B 1162 -44.52 -33.01 32.99
C GLY B 1162 -43.84 -33.59 34.21
N TYR B 1163 -44.45 -33.31 35.37
CA TYR B 1163 -43.93 -33.75 36.67
C TYR B 1163 -45.06 -34.35 37.50
N PHE B 1164 -44.66 -35.19 38.45
CA PHE B 1164 -45.59 -35.75 39.44
C PHE B 1164 -45.53 -34.90 40.69
N VAL B 1165 -46.49 -33.99 40.84
CA VAL B 1165 -46.47 -33.04 41.95
C VAL B 1165 -47.53 -33.45 42.97
N ARG B 1166 -47.32 -32.98 44.21
CA ARG B 1166 -48.29 -33.15 45.28
C ARG B 1166 -48.78 -31.78 45.74
N ASN B 1167 -50.03 -31.72 46.19
CA ASN B 1167 -50.63 -30.47 46.60
C ASN B 1167 -50.48 -30.25 48.11
N GLU B 1177 -51.63 -37.98 48.14
CA GLU B 1177 -51.81 -38.33 46.74
C GLU B 1177 -50.93 -37.46 45.83
N TRP B 1178 -50.85 -37.85 44.56
CA TRP B 1178 -50.00 -37.17 43.59
C TRP B 1178 -50.84 -36.72 42.40
N TYR B 1179 -50.39 -35.64 41.77
CA TYR B 1179 -51.04 -35.09 40.58
C TYR B 1179 -50.01 -34.88 39.49
N TYR B 1180 -50.50 -34.73 38.26
CA TYR B 1180 -49.68 -34.43 37.11
C TYR B 1180 -49.78 -32.95 36.77
N THR B 1181 -48.64 -32.34 36.47
CA THR B 1181 -48.58 -30.92 36.14
C THR B 1181 -48.01 -30.74 34.74
N GLY B 1182 -48.15 -29.51 34.23
CA GLY B 1182 -47.77 -29.23 32.86
C GLY B 1182 -46.27 -29.28 32.61
N SER B 1183 -45.48 -28.79 33.58
CA SER B 1183 -44.04 -28.49 33.60
C SER B 1183 -43.71 -27.19 32.87
N SER B 1184 -44.71 -26.51 32.29
CA SER B 1184 -44.55 -25.12 31.87
C SER B 1184 -45.63 -24.22 32.43
N TYR B 1185 -46.69 -24.78 33.00
CA TYR B 1185 -47.68 -24.03 33.77
C TYR B 1185 -48.16 -24.93 34.89
N TYR B 1186 -48.17 -24.40 36.12
CA TYR B 1186 -48.54 -25.21 37.27
C TYR B 1186 -50.05 -25.44 37.29
N ASN B 1187 -50.45 -26.69 37.14
CA ASN B 1187 -51.86 -27.07 37.17
C ASN B 1187 -51.98 -28.54 37.57
N PRO B 1188 -52.31 -28.83 38.83
CA PRO B 1188 -52.44 -30.22 39.28
C PRO B 1188 -53.65 -30.90 38.63
N GLU B 1189 -53.40 -32.00 37.95
CA GLU B 1189 -54.40 -32.76 37.22
C GLU B 1189 -54.34 -34.22 37.64
N PRO B 1190 -55.46 -34.94 37.54
CA PRO B 1190 -55.44 -36.37 37.86
C PRO B 1190 -54.51 -37.16 36.95
N ILE B 1191 -53.86 -38.16 37.53
CA ILE B 1191 -52.89 -38.97 36.80
C ILE B 1191 -53.65 -40.00 35.96
N SER B 1192 -53.35 -40.03 34.67
CA SER B 1192 -54.04 -40.89 33.73
C SER B 1192 -53.02 -41.61 32.86
N MET B 1193 -53.52 -42.43 31.93
CA MET B 1193 -52.63 -43.15 31.02
C MET B 1193 -52.02 -42.21 29.98
N ALA B 1194 -52.69 -41.10 29.69
CA ALA B 1194 -52.16 -40.13 28.75
C ALA B 1194 -51.05 -39.28 29.34
N ASN B 1195 -50.86 -39.34 30.66
CA ASN B 1195 -49.84 -38.54 31.33
C ASN B 1195 -48.56 -39.32 31.61
N THR B 1196 -48.64 -40.65 31.68
CA THR B 1196 -47.54 -41.47 32.16
C THR B 1196 -47.07 -42.44 31.08
N ARG B 1197 -45.90 -43.03 31.34
CA ARG B 1197 -45.38 -44.14 30.56
C ARG B 1197 -44.79 -45.15 31.53
N TYR B 1198 -44.83 -46.42 31.14
CA TYR B 1198 -44.38 -47.49 32.03
C TYR B 1198 -42.87 -47.66 31.92
N VAL B 1199 -42.18 -47.56 33.06
CA VAL B 1199 -40.74 -47.71 33.13
C VAL B 1199 -40.41 -48.77 34.19
N SER B 1200 -39.12 -49.12 34.27
CA SER B 1200 -38.66 -50.14 35.19
C SER B 1200 -38.66 -49.62 36.63
N GLN B 1201 -38.37 -50.48 37.59
CA GLN B 1201 -38.31 -50.04 38.98
C GLN B 1201 -37.09 -49.23 39.30
N ASP B 1202 -37.24 -48.22 40.15
CA ASP B 1202 -36.09 -47.46 40.61
C ASP B 1202 -36.14 -47.28 42.10
N THR B 1203 -34.99 -47.22 42.74
CA THR B 1203 -34.94 -47.00 44.18
C THR B 1203 -35.53 -45.65 44.51
N LYS B 1204 -35.25 -44.66 43.68
CA LYS B 1204 -35.73 -43.30 43.90
C LYS B 1204 -37.24 -43.15 43.91
N PHE B 1205 -37.93 -43.85 43.03
CA PHE B 1205 -39.40 -43.81 43.00
C PHE B 1205 -40.15 -43.97 44.33
N GLU B 1206 -41.26 -43.28 44.51
CA GLU B 1206 -42.09 -43.26 45.71
C GLU B 1206 -43.00 -44.48 45.73
N ASN B 1207 -42.88 -45.27 46.81
CA ASN B 1207 -43.74 -46.43 47.02
C ASN B 1207 -45.00 -45.96 47.72
N LEU B 1208 -46.09 -45.86 46.97
CA LEU B 1208 -47.35 -45.36 47.49
C LEU B 1208 -48.34 -46.51 47.59
N THR B 1209 -49.05 -46.58 48.71
CA THR B 1209 -49.95 -47.70 48.99
C THR B 1209 -51.36 -47.27 49.36
N THR B 1210 -51.52 -46.12 50.04
CA THR B 1210 -52.84 -45.71 50.50
C THR B 1210 -53.73 -45.27 49.35
N ASN B 1211 -53.21 -44.42 48.47
CA ASN B 1211 -53.96 -43.93 47.32
C ASN B 1211 -53.14 -44.19 46.07
N ILE B 1212 -53.74 -44.86 45.09
CA ILE B 1212 -53.04 -45.34 43.91
C ILE B 1212 -53.63 -44.64 42.69
N PRO B 1213 -52.81 -44.13 41.77
CA PRO B 1213 -53.35 -43.61 40.51
C PRO B 1213 -53.90 -44.74 39.65
N PRO B 1214 -54.83 -44.44 38.75
CA PRO B 1214 -55.43 -45.49 37.89
C PRO B 1214 -54.44 -46.25 37.01
N PRO B 1215 -53.35 -45.61 36.43
CA PRO B 1215 -52.42 -46.43 35.63
C PRO B 1215 -51.68 -47.51 36.40
N LEU B 1216 -51.60 -47.40 37.72
CA LEU B 1216 -50.94 -48.40 38.54
C LEU B 1216 -51.90 -49.42 39.13
N LEU B 1217 -53.18 -49.37 38.77
CA LEU B 1217 -54.16 -50.32 39.25
C LEU B 1217 -54.06 -51.64 38.49
N ASN B 1218 -54.70 -52.66 39.06
CA ASN B 1218 -54.73 -53.97 38.43
C ASN B 1218 -55.79 -54.04 37.33
N ASP C 18 57.18 12.88 6.42
CA ASP C 18 58.26 11.90 6.26
C ASP C 18 59.14 11.88 7.50
N VAL C 19 59.33 10.69 8.05
CA VAL C 19 60.12 10.51 9.27
C VAL C 19 61.38 9.72 8.92
N ASP C 20 62.29 9.66 9.89
CA ASP C 20 63.52 8.88 9.76
C ASP C 20 63.56 7.84 10.86
N LEU C 21 63.95 6.63 10.47
CA LEU C 21 63.91 5.55 11.39
C LEU C 21 65.30 5.17 11.71
N GLY C 22 66.17 6.13 11.91
CA GLY C 22 67.52 5.85 12.33
C GLY C 22 68.62 5.54 11.38
N PRO C 23 69.80 5.26 11.93
CA PRO C 23 70.95 5.03 11.08
C PRO C 23 70.84 3.73 10.31
N ASP C 24 71.30 3.64 9.07
CA ASP C 24 71.26 2.36 8.39
C ASP C 24 72.21 1.39 9.03
N SER C 25 72.07 0.11 8.74
CA SER C 25 72.92 -0.90 9.34
C SER C 25 74.32 -0.84 8.86
N SER C 26 75.25 -1.10 9.77
CA SER C 26 76.65 -1.08 9.45
C SER C 26 77.15 -2.44 9.03
N ALA C 27 76.29 -3.44 9.01
CA ALA C 27 76.78 -4.79 8.79
C ALA C 27 77.45 -5.12 7.51
N GLN C 28 78.57 -5.80 7.61
CA GLN C 28 79.25 -6.28 6.43
C GLN C 28 78.45 -7.28 5.72
N SER C 29 77.81 -8.12 6.49
CA SER C 29 77.11 -9.20 5.88
C SER C 29 75.80 -9.44 6.49
N CYS C 30 75.10 -10.37 5.92
CA CYS C 30 73.74 -10.63 6.39
C CYS C 30 73.63 -12.09 6.78
N GLN C 31 72.68 -12.38 7.67
CA GLN C 31 72.65 -13.64 8.40
C GLN C 31 72.38 -14.82 7.48
N GLU C 32 73.03 -15.94 7.80
CA GLU C 32 72.90 -17.18 7.04
C GLU C 32 71.83 -18.07 7.69
N VAL C 33 70.90 -18.54 6.87
CA VAL C 33 69.78 -19.34 7.35
C VAL C 33 69.84 -20.72 6.71
N ASP C 34 69.07 -21.64 7.29
CA ASP C 34 68.89 -22.98 6.75
C ASP C 34 67.41 -23.22 6.52
N ILE C 35 67.04 -23.53 5.28
CA ILE C 35 65.64 -23.67 4.89
C ILE C 35 65.35 -25.15 4.72
N GLN C 36 64.53 -25.70 5.62
CA GLN C 36 64.09 -27.10 5.57
C GLN C 36 62.57 -27.11 5.68
N PRO C 37 61.86 -27.01 4.56
CA PRO C 37 60.40 -26.94 4.62
C PRO C 37 59.73 -28.22 5.08
N GLN C 38 60.38 -29.38 4.89
CA GLN C 38 59.75 -30.65 5.25
C GLN C 38 59.65 -30.85 6.76
N TYR C 39 60.51 -30.17 7.54
CA TYR C 39 60.43 -30.28 8.99
C TYR C 39 59.28 -29.46 9.56
N PHE C 40 58.94 -28.35 8.91
CA PHE C 40 57.91 -27.44 9.42
C PHE C 40 56.50 -27.86 9.05
N GLN C 41 56.34 -28.87 8.19
CA GLN C 41 55.01 -29.34 7.81
C GLN C 41 54.48 -30.28 8.88
N LYS C 42 53.51 -29.80 9.66
CA LYS C 42 52.92 -30.56 10.74
C LYS C 42 51.41 -30.55 10.62
N ASP C 43 50.78 -31.55 11.24
CA ASP C 43 49.32 -31.68 11.23
C ASP C 43 48.80 -31.19 12.57
N TRP C 44 48.61 -29.87 12.69
CA TRP C 44 48.09 -29.24 13.88
C TRP C 44 46.91 -28.34 13.55
N THR C 45 46.10 -28.73 12.57
CA THR C 45 45.06 -27.86 12.05
C THR C 45 43.87 -27.80 13.00
N LYS C 46 43.40 -26.60 13.27
CA LYS C 46 42.14 -26.37 13.98
C LYS C 46 41.31 -25.37 13.19
N PRO C 47 40.18 -25.77 12.65
CA PRO C 47 39.38 -24.88 11.80
C PRO C 47 38.61 -23.85 12.64
N ILE C 48 37.92 -22.96 11.94
CA ILE C 48 37.14 -21.90 12.59
C ILE C 48 35.88 -22.51 13.18
N ASP C 49 35.67 -22.30 14.48
CA ASP C 49 34.46 -22.75 15.14
C ASP C 49 33.63 -21.56 15.55
N PRO C 50 32.50 -21.28 14.88
CA PRO C 50 31.67 -20.13 15.27
C PRO C 50 31.01 -20.28 16.63
N ALA C 51 30.90 -21.50 17.16
CA ALA C 51 30.28 -21.69 18.47
C ALA C 51 31.12 -21.14 19.61
N LYS C 52 32.42 -20.90 19.38
CA LYS C 52 33.29 -20.28 20.37
C LYS C 52 33.63 -18.84 20.01
N ALA C 53 32.99 -18.28 18.97
CA ALA C 53 33.24 -16.93 18.46
C ALA C 53 34.71 -16.74 18.10
N ASP C 54 35.15 -17.53 17.12
CA ASP C 54 36.55 -17.54 16.70
C ASP C 54 36.74 -16.51 15.59
N GLY C 55 37.63 -15.56 15.82
CA GLY C 55 37.95 -14.53 14.83
C GLY C 55 36.82 -13.57 14.51
N ILE C 56 36.11 -13.11 15.53
CA ILE C 56 34.99 -12.18 15.35
C ILE C 56 35.48 -10.77 15.62
N ILE C 57 35.25 -9.88 14.67
CA ILE C 57 35.60 -8.47 14.82
C ILE C 57 34.42 -7.75 15.42
N TYR C 58 34.63 -7.12 16.58
CA TYR C 58 33.55 -6.42 17.27
C TYR C 58 33.17 -5.16 16.50
N PRO C 59 31.88 -4.81 16.46
CA PRO C 59 31.48 -3.54 15.82
C PRO C 59 32.09 -2.35 16.54
N THR C 60 32.48 -1.35 15.75
CA THR C 60 33.23 -0.21 16.26
C THR C 60 32.27 0.92 16.66
N GLY C 61 32.58 1.55 17.79
CA GLY C 61 31.83 2.71 18.24
C GLY C 61 30.48 2.42 18.85
N ARG C 62 30.17 1.16 19.14
CA ARG C 62 28.89 0.81 19.74
C ARG C 62 29.04 -0.53 20.45
N SER C 63 28.01 -0.88 21.22
CA SER C 63 28.00 -2.13 21.96
C SER C 63 26.56 -2.64 22.03
N TYR C 64 26.43 -3.94 22.27
CA TYR C 64 25.13 -4.58 22.41
C TYR C 64 25.13 -5.43 23.68
N SER C 65 23.96 -5.59 24.28
CA SER C 65 23.83 -6.34 25.52
C SER C 65 22.61 -7.24 25.46
N ASN C 66 22.83 -8.54 25.69
CA ASN C 66 21.77 -9.53 25.93
C ASN C 66 20.81 -9.66 24.75
N ILE C 67 21.28 -9.47 23.52
CA ILE C 67 20.46 -9.63 22.34
C ILE C 67 21.20 -10.51 21.34
N THR C 68 20.46 -10.99 20.35
CA THR C 68 21.01 -11.71 19.21
C THR C 68 20.83 -10.85 17.96
N LEU C 69 21.85 -10.68 17.13
CA LEU C 69 21.81 -9.78 15.99
C LEU C 69 22.42 -10.35 14.75
N SER C 70 22.05 -9.86 13.58
CA SER C 70 22.57 -10.39 12.35
C SER C 70 23.34 -9.29 11.75
N TYR C 71 24.55 -9.52 11.32
CA TYR C 71 25.41 -8.48 10.86
C TYR C 71 26.04 -8.94 9.60
N GLN C 72 26.38 -8.05 8.67
CA GLN C 72 27.13 -8.46 7.50
C GLN C 72 28.45 -7.78 7.74
N GLY C 73 29.53 -8.52 7.68
CA GLY C 73 30.81 -8.00 8.08
C GLY C 73 31.87 -8.84 7.50
N LEU C 74 33.12 -8.47 7.66
CA LEU C 74 34.21 -9.33 7.23
C LEU C 74 34.45 -10.39 8.27
N PHE C 75 34.10 -11.66 8.00
CA PHE C 75 34.17 -12.78 8.92
C PHE C 75 34.82 -13.98 8.24
N PRO C 76 35.50 -14.83 8.99
CA PRO C 76 36.04 -16.05 8.40
C PRO C 76 34.96 -17.10 8.18
N ARG C 77 35.24 -17.98 7.21
CA ARG C 77 34.33 -19.08 6.91
C ARG C 77 34.42 -20.15 7.98
N GLN C 78 33.29 -20.78 8.28
CA GLN C 78 33.27 -21.88 9.23
C GLN C 78 33.93 -23.11 8.63
N GLY C 79 34.81 -23.74 9.41
CA GLY C 79 35.52 -24.91 8.94
C GLY C 79 36.75 -24.63 8.13
N ASP C 80 37.13 -23.36 7.96
CA ASP C 80 38.34 -23.03 7.22
C ASP C 80 39.56 -23.36 8.06
N GLN C 81 40.43 -24.22 7.54
CA GLN C 81 41.60 -24.64 8.31
C GLN C 81 42.62 -23.53 8.44
N GLY C 82 42.69 -22.64 7.46
CA GLY C 82 43.69 -21.60 7.47
C GLY C 82 45.04 -22.11 7.01
N GLN C 83 46.05 -21.27 7.18
CA GLN C 83 47.42 -21.60 6.83
C GLN C 83 48.27 -21.64 8.08
N LEU C 84 49.02 -22.68 8.39
CA LEU C 84 49.74 -22.74 9.66
C LEU C 84 51.13 -22.34 9.49
N TYR C 85 51.61 -21.43 10.30
CA TYR C 85 52.94 -20.92 10.13
C TYR C 85 53.70 -21.16 11.37
N LEU C 86 54.89 -21.70 11.24
CA LEU C 86 55.72 -22.01 12.40
C LEU C 86 57.07 -21.31 12.50
N TYR C 87 57.41 -20.78 13.67
CA TYR C 87 58.68 -20.10 13.89
C TYR C 87 59.53 -20.91 14.88
N SER C 88 60.80 -21.17 14.59
CA SER C 88 61.66 -22.06 15.41
C SER C 88 63.07 -21.61 15.81
N VAL C 89 63.65 -22.16 16.88
CA VAL C 89 65.06 -21.84 17.26
C VAL C 89 66.22 -22.22 16.29
N SER C 90 67.39 -21.58 16.37
CA SER C 90 68.57 -21.77 15.52
C SER C 90 69.20 -23.13 15.77
N HIS C 91 70.07 -23.52 14.84
CA HIS C 91 70.78 -24.79 14.92
C HIS C 91 71.75 -24.82 16.10
N ILE C 104 75.30 -21.68 19.25
CA ILE C 104 74.30 -21.06 18.39
C ILE C 104 74.79 -21.06 16.94
N GLY C 105 74.17 -21.90 16.11
CA GLY C 105 74.55 -22.06 14.73
C GLY C 105 73.74 -21.19 13.80
N LYS C 106 73.58 -21.68 12.56
CA LYS C 106 72.81 -20.95 11.55
C LYS C 106 71.33 -20.98 11.88
N LEU C 107 70.60 -20.01 11.33
CA LEU C 107 69.18 -19.89 11.59
C LEU C 107 68.40 -20.98 10.86
N PHE C 108 67.30 -21.41 11.47
CA PHE C 108 66.48 -22.50 10.96
C PHE C 108 65.08 -21.96 10.67
N ILE C 109 64.73 -21.86 9.40
CA ILE C 109 63.44 -21.34 8.96
C ILE C 109 62.88 -22.24 7.86
N SER C 110 61.72 -21.87 7.35
CA SER C 110 61.03 -22.62 6.30
C SER C 110 60.89 -21.73 5.06
N ASN C 111 60.16 -22.24 4.07
CA ASN C 111 59.87 -21.46 2.86
C ASN C 111 58.54 -20.72 3.00
N TYR C 112 58.45 -19.92 4.07
CA TYR C 112 57.29 -19.08 4.28
C TYR C 112 57.29 -17.85 3.38
N THR C 113 58.41 -17.56 2.74
CA THR C 113 58.46 -16.61 1.63
C THR C 113 58.26 -17.48 0.38
N ASN C 114 58.51 -16.97 -0.83
CA ASN C 114 58.22 -17.62 -2.11
C ASN C 114 56.73 -17.83 -2.34
N GLU C 115 55.87 -17.27 -1.49
CA GLU C 115 54.44 -17.51 -1.53
C GLU C 115 53.72 -16.27 -2.04
N THR C 116 52.83 -16.45 -3.01
CA THR C 116 52.04 -15.35 -3.56
C THR C 116 50.69 -15.37 -2.87
N ASN C 117 50.66 -14.81 -1.66
CA ASN C 117 49.44 -14.71 -0.87
C ASN C 117 48.75 -13.39 -1.19
N THR C 118 47.48 -13.46 -1.59
CA THR C 118 46.71 -12.28 -1.91
C THR C 118 46.04 -11.74 -0.65
N PHE C 119 46.02 -10.42 -0.51
CA PHE C 119 45.44 -9.80 0.67
C PHE C 119 43.91 -9.91 0.66
N ASP C 120 43.29 -9.63 -0.48
CA ASP C 120 41.84 -9.68 -0.71
C ASP C 120 41.18 -8.71 0.26
N ASN C 121 40.30 -9.17 1.16
CA ASN C 121 39.66 -8.29 2.13
C ASN C 121 40.42 -8.18 3.44
N GLY C 122 41.45 -8.99 3.64
CA GLY C 122 42.23 -9.03 4.86
C GLY C 122 42.30 -10.44 5.39
N PHE C 123 42.78 -10.57 6.62
CA PHE C 123 42.86 -11.88 7.26
C PHE C 123 42.83 -11.68 8.77
N VAL C 124 42.72 -12.81 9.47
CA VAL C 124 42.76 -12.84 10.93
C VAL C 124 43.79 -13.88 11.36
N VAL C 125 44.52 -13.58 12.43
CA VAL C 125 45.59 -14.44 12.93
C VAL C 125 45.19 -14.94 14.32
N ARG C 126 45.34 -16.25 14.54
CA ARG C 126 45.10 -16.86 15.85
C ARG C 126 46.46 -17.06 16.52
N ILE C 127 46.78 -16.19 17.47
CA ILE C 127 48.09 -16.13 18.08
C ILE C 127 48.01 -16.73 19.49
N GLY C 128 49.00 -17.56 19.82
CA GLY C 128 49.11 -18.07 21.17
C GLY C 128 48.37 -19.36 21.43
N ASP C 129 47.98 -20.10 20.39
CA ASP C 129 47.34 -21.39 20.59
C ASP C 129 48.36 -22.40 21.11
N ALA C 130 47.92 -23.22 22.07
CA ALA C 130 48.76 -24.20 22.76
C ALA C 130 49.99 -23.54 23.39
N ALA C 131 49.75 -22.47 24.14
CA ALA C 131 50.80 -21.73 24.82
C ALA C 131 51.14 -22.30 26.19
N ASN C 132 50.52 -23.41 26.57
CA ASN C 132 50.86 -24.11 27.80
C ASN C 132 51.08 -25.59 27.60
N SER C 133 51.13 -26.03 26.36
CA SER C 133 51.34 -27.41 26.06
C SER C 133 52.80 -27.76 26.02
N SER C 134 53.15 -29.02 26.20
CA SER C 134 54.54 -29.45 26.06
C SER C 134 54.69 -30.53 25.02
N TYR C 135 55.60 -30.35 24.10
CA TYR C 135 55.77 -31.29 23.00
C TYR C 135 57.17 -31.20 22.44
N PRO C 136 57.59 -32.21 21.67
CA PRO C 136 58.94 -32.22 21.12
C PRO C 136 59.13 -31.08 20.15
N ILE C 137 60.29 -30.44 20.15
CA ILE C 137 60.55 -29.27 19.29
C ILE C 137 60.73 -29.64 17.82
N ILE C 138 60.36 -28.76 16.94
CA ILE C 138 60.36 -28.99 15.49
C ILE C 138 61.76 -29.35 15.00
N ILE C 139 62.78 -28.69 15.54
CA ILE C 139 64.15 -28.96 15.10
C ILE C 139 64.75 -30.19 15.79
N SER C 140 64.21 -30.60 16.93
CA SER C 140 64.69 -31.77 17.67
C SER C 140 63.49 -32.61 18.07
N PRO C 141 62.95 -33.43 17.16
CA PRO C 141 61.78 -34.26 17.45
C PRO C 141 62.09 -35.40 18.42
N ALA C 145 58.87 -32.18 24.43
CA ALA C 145 59.63 -32.49 25.63
C ALA C 145 59.93 -31.23 26.43
N ARG C 146 59.59 -30.08 25.84
CA ARG C 146 59.85 -28.79 26.46
C ARG C 146 58.56 -27.98 26.50
N THR C 147 58.51 -27.03 27.43
CA THR C 147 57.37 -26.13 27.53
C THR C 147 57.33 -25.17 26.35
N ILE C 148 56.13 -24.71 26.01
CA ILE C 148 55.89 -23.93 24.80
C ILE C 148 55.43 -22.54 25.19
N LYS C 149 56.07 -21.53 24.61
CA LYS C 149 55.67 -20.14 24.80
C LYS C 149 54.92 -19.65 23.55
N LYS C 150 54.49 -18.40 23.60
CA LYS C 150 53.72 -17.79 22.53
C LYS C 150 54.60 -16.84 21.74
N ILE C 151 54.60 -16.99 20.42
CA ILE C 151 55.38 -16.16 19.53
C ILE C 151 54.44 -15.20 18.81
N TYR C 152 54.99 -14.07 18.37
CA TYR C 152 54.22 -13.06 17.66
C TYR C 152 54.61 -13.03 16.19
N PRO C 153 53.65 -13.02 15.27
CA PRO C 153 53.99 -13.01 13.85
C PRO C 153 54.53 -11.67 13.39
N ALA C 154 55.32 -11.72 12.32
CA ALA C 154 55.83 -10.55 11.64
C ALA C 154 55.31 -10.54 10.21
N PHE C 155 54.90 -9.38 9.72
CA PHE C 155 54.23 -9.27 8.44
C PHE C 155 54.95 -8.26 7.56
N MET C 156 54.60 -8.30 6.27
CA MET C 156 55.18 -7.38 5.29
C MET C 156 54.15 -7.27 4.15
N LEU C 157 53.38 -6.19 4.16
CA LEU C 157 52.25 -6.01 3.25
C LEU C 157 52.55 -4.88 2.28
N GLY C 158 52.29 -5.13 1.00
CA GLY C 158 52.53 -4.12 -0.02
C GLY C 158 51.53 -4.23 -1.15
N ALA C 159 51.47 -3.17 -1.95
CA ALA C 159 50.56 -3.13 -3.08
C ALA C 159 51.21 -3.57 -4.39
N TYR C 160 52.51 -3.32 -4.53
CA TYR C 160 53.24 -3.68 -5.74
C TYR C 160 54.38 -4.62 -5.37
N ILE C 161 54.57 -5.66 -6.19
CA ILE C 161 55.63 -6.63 -5.98
C ILE C 161 56.46 -6.75 -7.26
N GLY C 162 57.69 -7.19 -7.09
CA GLY C 162 58.60 -7.38 -8.21
C GLY C 162 59.52 -8.55 -7.97
N ASN C 163 60.77 -8.41 -8.40
CA ASN C 163 61.77 -9.45 -8.25
C ASN C 163 63.11 -8.84 -7.91
N PHE C 164 63.94 -9.60 -7.21
CA PHE C 164 65.31 -9.18 -6.95
C PHE C 164 66.18 -9.52 -8.17
N THR C 165 67.48 -9.26 -8.04
CA THR C 165 68.38 -9.54 -9.16
C THR C 165 68.60 -11.03 -9.36
N ASN C 166 68.45 -11.83 -8.31
CA ASN C 166 68.60 -13.27 -8.39
C ASN C 166 67.29 -14.00 -8.59
N ASN C 167 66.17 -13.27 -8.76
CA ASN C 167 64.83 -13.83 -8.99
C ASN C 167 64.40 -14.77 -7.89
N ARG C 168 64.81 -14.51 -6.66
CA ARG C 168 64.43 -15.31 -5.51
C ARG C 168 63.53 -14.50 -4.59
N THR C 169 62.62 -15.20 -3.91
CA THR C 169 61.67 -14.65 -2.94
C THR C 169 60.79 -13.55 -3.53
N VAL C 170 60.16 -12.76 -2.66
CA VAL C 170 59.20 -11.75 -3.07
C VAL C 170 59.77 -10.38 -2.73
N ARG C 171 59.99 -9.57 -3.76
CA ARG C 171 60.39 -8.18 -3.59
C ARG C 171 59.15 -7.30 -3.46
N TYR C 172 59.23 -6.29 -2.61
CA TYR C 172 58.13 -5.35 -2.41
C TYR C 172 58.56 -3.98 -2.90
N LEU C 173 57.92 -3.50 -3.95
CA LEU C 173 58.27 -2.23 -4.56
C LEU C 173 57.49 -1.09 -3.91
N ASN C 174 58.15 0.06 -3.85
CA ASN C 174 57.61 1.34 -3.33
C ASN C 174 57.24 1.14 -1.86
N HIS C 175 56.16 1.76 -1.39
CA HIS C 175 55.87 1.80 0.04
C HIS C 175 55.34 0.45 0.51
N THR C 176 55.95 -0.08 1.57
CA THR C 176 55.60 -1.38 2.13
C THR C 176 55.21 -1.21 3.58
N LEU C 177 54.09 -1.83 3.97
CA LEU C 177 53.64 -1.82 5.36
C LEU C 177 54.30 -2.98 6.09
N VAL C 178 55.18 -2.66 7.03
CA VAL C 178 55.95 -3.65 7.78
C VAL C 178 55.48 -3.63 9.22
N ILE C 179 55.09 -4.80 9.73
CA ILE C 179 54.66 -4.96 11.11
C ILE C 179 55.64 -5.89 11.80
N LEU C 180 56.32 -5.39 12.84
CA LEU C 180 57.35 -6.14 13.52
C LEU C 180 57.14 -6.09 15.02
N PRO C 181 57.14 -7.23 15.71
CA PRO C 181 57.12 -7.20 17.18
C PRO C 181 58.47 -6.74 17.71
N GLU C 182 58.45 -5.78 18.64
CA GLU C 182 59.64 -5.10 19.09
C GLU C 182 59.79 -5.24 20.59
N GLY C 183 61.03 -5.13 21.05
CA GLY C 183 61.32 -5.18 22.48
C GLY C 183 61.05 -6.50 23.15
N CYS C 184 61.46 -7.61 22.51
CA CYS C 184 61.26 -8.98 23.01
C CYS C 184 59.78 -9.28 23.26
N GLY C 185 58.92 -8.80 22.36
CA GLY C 185 57.50 -9.04 22.47
C GLY C 185 56.74 -8.11 23.39
N THR C 186 57.36 -7.02 23.84
CA THR C 186 56.69 -6.06 24.70
C THR C 186 56.08 -4.89 23.95
N SER C 187 56.31 -4.79 22.64
CA SER C 187 55.74 -3.70 21.86
C SER C 187 55.63 -4.13 20.41
N LEU C 188 54.83 -3.39 19.65
CA LEU C 188 54.64 -3.63 18.23
C LEU C 188 54.96 -2.36 17.46
N SER C 189 55.83 -2.47 16.46
CA SER C 189 56.26 -1.34 15.65
C SER C 189 55.71 -1.48 14.24
N VAL C 190 55.01 -0.45 13.77
CA VAL C 190 54.36 -0.44 12.46
C VAL C 190 54.85 0.78 11.69
N PHE C 191 55.25 0.59 10.44
CA PHE C 191 55.75 1.69 9.63
C PHE C 191 55.51 1.45 8.14
N TYR C 192 54.92 2.43 7.47
CA TYR C 192 54.78 2.47 6.02
C TYR C 192 56.06 3.08 5.47
N CYS C 193 56.86 2.28 4.78
CA CYS C 193 58.24 2.73 4.61
C CYS C 193 58.84 1.99 3.41
N VAL C 194 59.67 2.69 2.66
CA VAL C 194 60.19 2.20 1.38
C VAL C 194 61.51 1.49 1.64
N LEU C 195 61.62 0.26 1.16
CA LEU C 195 62.78 -0.59 1.41
C LEU C 195 63.61 -0.72 0.15
N ILE C 196 64.91 -0.45 0.27
CA ILE C 196 65.88 -0.65 -0.79
C ILE C 196 66.80 -1.79 -0.38
N PRO C 197 66.88 -2.87 -1.18
CA PRO C 197 67.73 -4.01 -0.80
C PRO C 197 69.21 -3.65 -0.82
N ARG C 198 69.97 -4.33 0.02
CA ARG C 198 71.39 -4.08 0.19
C ARG C 198 72.21 -5.06 -0.64
N THR C 199 73.40 -4.62 -1.04
CA THR C 199 74.29 -5.40 -1.89
C THR C 199 75.40 -6.10 -1.11
N GLN C 200 75.10 -6.56 0.10
CA GLN C 200 76.09 -7.22 0.94
C GLN C 200 76.23 -8.70 0.59
N HIS C 201 76.87 -9.48 1.46
CA HIS C 201 77.25 -10.85 1.15
C HIS C 201 76.04 -11.75 0.96
N ARG C 202 75.12 -11.76 1.92
CA ARG C 202 73.95 -12.63 1.86
C ARG C 202 72.65 -11.84 1.78
N CYS C 203 72.73 -10.56 1.42
CA CYS C 203 71.59 -9.68 1.33
C CYS C 203 70.97 -9.79 -0.07
N PRO C 204 69.70 -9.38 -0.25
CA PRO C 204 68.95 -9.79 -1.45
C PRO C 204 69.53 -9.38 -2.81
N GLU C 205 70.49 -8.47 -2.87
CA GLU C 205 71.14 -8.15 -4.13
C GLU C 205 72.38 -8.99 -4.39
N ASP C 206 72.45 -10.20 -3.84
CA ASP C 206 73.59 -11.09 -4.03
C ASP C 206 73.11 -12.49 -4.39
N ASN C 207 74.02 -13.26 -4.98
CA ASN C 207 73.67 -14.62 -5.41
C ASN C 207 73.58 -15.58 -4.23
N ALA C 208 74.23 -15.25 -3.11
CA ALA C 208 74.19 -16.11 -1.94
C ALA C 208 72.94 -15.90 -1.11
N TYR C 209 72.07 -14.97 -1.51
CA TYR C 209 70.85 -14.68 -0.78
C TYR C 209 69.86 -15.83 -0.88
N SER C 210 69.21 -16.15 0.24
CA SER C 210 68.17 -17.18 0.24
C SER C 210 66.85 -16.66 0.79
N SER C 211 66.88 -15.90 1.88
CA SER C 211 65.68 -15.37 2.50
C SER C 211 66.08 -14.28 3.49
N TYR C 212 65.09 -13.45 3.84
CA TYR C 212 65.26 -12.44 4.89
C TYR C 212 64.53 -12.89 6.15
N VAL C 213 65.13 -12.62 7.30
CA VAL C 213 64.61 -13.04 8.59
C VAL C 213 64.80 -11.92 9.61
N ILE C 214 64.19 -12.11 10.77
CA ILE C 214 64.45 -11.27 11.94
C ILE C 214 64.69 -12.20 13.12
N TRP C 215 65.72 -11.90 13.91
CA TRP C 215 66.14 -12.77 14.99
C TRP C 215 66.22 -11.98 16.29
N GLU C 216 65.99 -12.70 17.40
CA GLU C 216 66.07 -12.12 18.74
C GLU C 216 66.83 -13.09 19.62
N THR C 217 67.81 -12.57 20.37
CA THR C 217 68.57 -13.37 21.30
C THR C 217 68.04 -13.15 22.70
N PRO C 218 67.44 -14.16 23.35
CA PRO C 218 66.94 -13.95 24.72
C PRO C 218 68.01 -13.58 25.73
N HIS C 219 69.22 -14.11 25.59
CA HIS C 219 70.32 -13.67 26.44
C HIS C 219 71.02 -12.48 25.81
N GLN C 220 71.69 -11.70 26.66
CA GLN C 220 72.29 -10.40 26.34
C GLN C 220 71.26 -9.39 25.83
N ASP C 221 69.99 -9.58 26.17
CA ASP C 221 68.90 -8.72 25.75
C ASP C 221 67.70 -8.97 26.66
N CYS C 222 66.59 -8.34 26.34
CA CYS C 222 65.30 -8.46 27.05
C CYS C 222 65.42 -8.19 28.55
N VAL C 227 66.39 -4.81 26.59
CA VAL C 227 65.36 -3.78 26.60
C VAL C 227 65.78 -2.61 25.71
N ASN C 228 66.53 -2.91 24.65
CA ASN C 228 67.00 -1.88 23.73
C ASN C 228 65.90 -1.40 22.78
N ARG C 229 64.83 -2.17 22.63
CA ARG C 229 63.66 -1.83 21.81
C ARG C 229 63.99 -1.60 20.35
N ASN C 230 65.08 -2.21 19.85
CA ASN C 230 65.45 -2.06 18.44
C ASN C 230 65.92 -3.37 17.83
N ILE C 231 65.60 -4.51 18.43
CA ILE C 231 66.13 -5.79 17.95
C ILE C 231 65.54 -6.14 16.59
N SER C 232 64.22 -6.03 16.46
CA SER C 232 63.58 -6.33 15.18
C SER C 232 63.95 -5.31 14.12
N LEU C 233 64.05 -4.03 14.50
CA LEU C 233 64.43 -2.99 13.55
C LEU C 233 65.87 -3.16 13.09
N ASN C 234 66.78 -3.54 13.99
CA ASN C 234 68.16 -3.77 13.58
C ASN C 234 68.30 -5.03 12.75
N ALA C 235 67.51 -6.06 13.04
CA ALA C 235 67.51 -7.26 12.20
C ALA C 235 66.96 -6.97 10.81
N PHE C 236 65.91 -6.15 10.73
CA PHE C 236 65.32 -5.81 9.45
C PHE C 236 66.19 -4.85 8.65
N LYS C 237 66.94 -3.98 9.34
CA LYS C 237 67.77 -2.99 8.68
C LYS C 237 68.99 -3.58 8.00
N HIS C 238 69.36 -4.83 8.30
CA HIS C 238 70.44 -5.48 7.60
C HIS C 238 70.08 -5.72 6.14
N TYR C 239 68.87 -6.20 5.89
CA TYR C 239 68.48 -6.57 4.53
C TYR C 239 68.06 -5.37 3.69
N PHE C 240 67.48 -4.33 4.30
CA PHE C 240 66.87 -3.25 3.56
C PHE C 240 67.29 -1.90 4.11
N ASN C 241 67.26 -0.89 3.24
CA ASN C 241 67.47 0.50 3.61
C ASN C 241 66.11 1.18 3.74
N LEU C 242 65.91 1.89 4.85
CA LEU C 242 64.59 2.42 5.22
C LEU C 242 64.56 3.92 4.92
N THR C 243 63.99 4.17 3.73
CA THR C 243 63.88 5.48 3.24
C THR C 243 62.47 5.81 2.88
N GLN C 244 62.14 7.08 2.80
CA GLN C 244 60.83 7.54 2.43
C GLN C 244 59.84 7.00 3.39
N CYS C 245 60.25 6.92 4.63
CA CYS C 245 59.41 6.36 5.62
C CYS C 245 58.37 7.31 5.85
N LYS C 246 57.19 6.85 5.60
CA LYS C 246 56.06 7.75 5.82
C LYS C 246 55.80 8.01 7.30
N PHE C 247 55.42 6.98 8.05
CA PHE C 247 55.14 7.17 9.47
C PHE C 247 55.79 6.03 10.27
N PHE C 248 55.60 6.09 11.58
CA PHE C 248 56.06 5.05 12.49
C PHE C 248 55.18 5.08 13.72
N TYR C 249 54.65 3.92 14.11
CA TYR C 249 53.77 3.82 15.25
C TYR C 249 54.27 2.71 16.17
N SER C 250 54.09 2.92 17.47
CA SER C 250 54.49 1.94 18.48
C SER C 250 53.35 1.73 19.46
N TYR C 251 53.01 0.48 19.71
CA TYR C 251 51.92 0.12 20.61
C TYR C 251 52.44 -0.84 21.66
N ASN C 252 52.25 -0.50 22.92
CA ASN C 252 52.75 -1.32 24.02
C ASN C 252 51.80 -2.48 24.30
N ILE C 253 52.37 -3.66 24.53
CA ILE C 253 51.61 -4.85 24.91
C ILE C 253 52.25 -5.48 26.13
N THR C 254 51.43 -5.86 27.10
CA THR C 254 51.92 -6.51 28.30
C THR C 254 52.32 -7.96 28.01
N GLU C 255 53.23 -8.49 28.82
CA GLU C 255 53.71 -9.85 28.64
C GLU C 255 52.71 -10.82 29.28
N ASP C 256 52.03 -11.59 28.45
CA ASP C 256 51.07 -12.58 28.89
C ASP C 256 51.17 -13.81 28.00
N GLU C 257 50.51 -14.89 28.42
CA GLU C 257 50.42 -16.12 27.63
C GLU C 257 48.94 -16.44 27.45
N HIS C 258 48.31 -15.83 26.45
CA HIS C 258 46.90 -16.02 26.17
C HIS C 258 46.69 -16.22 24.68
N ALA C 259 45.61 -16.90 24.34
CA ALA C 259 45.23 -17.07 22.94
C ALA C 259 44.71 -15.74 22.41
N GLU C 260 45.57 -15.00 21.71
CA GLU C 260 45.22 -13.70 21.18
C GLU C 260 44.76 -13.80 19.74
N TRP C 261 44.03 -12.77 19.30
CA TRP C 261 43.53 -12.70 17.94
C TRP C 261 43.93 -11.36 17.34
N PHE C 262 44.50 -11.39 16.15
CA PHE C 262 44.96 -10.20 15.44
C PHE C 262 44.39 -10.22 14.03
N GLY C 263 43.99 -9.05 13.54
CA GLY C 263 43.45 -8.96 12.21
C GLY C 263 43.69 -7.62 11.54
N ILE C 264 43.96 -7.64 10.25
CA ILE C 264 44.20 -6.44 9.47
C ILE C 264 43.29 -6.45 8.26
N THR C 265 42.63 -5.32 8.00
CA THR C 265 41.79 -5.16 6.82
C THR C 265 41.93 -3.74 6.31
N GLN C 266 41.56 -3.55 5.05
CA GLN C 266 41.67 -2.26 4.39
C GLN C 266 40.30 -1.75 3.97
N ASP C 267 40.07 -0.46 4.17
CA ASP C 267 38.83 0.18 3.81
C ASP C 267 39.14 1.40 2.93
N ALA C 268 38.13 2.23 2.66
CA ALA C 268 38.36 3.48 1.96
C ALA C 268 39.00 4.54 2.85
N ARG C 269 39.07 4.30 4.17
CA ARG C 269 39.64 5.24 5.11
C ARG C 269 40.96 4.75 5.70
N GLY C 270 41.65 3.86 5.00
CA GLY C 270 42.96 3.40 5.41
C GLY C 270 42.93 1.97 5.91
N VAL C 271 44.09 1.56 6.44
CA VAL C 271 44.30 0.20 6.92
C VAL C 271 43.95 0.15 8.41
N HIS C 272 43.08 -0.80 8.77
CA HIS C 272 42.62 -0.97 10.14
C HIS C 272 43.27 -2.19 10.76
N LEU C 273 43.82 -2.02 11.96
CA LEU C 273 44.44 -3.11 12.71
C LEU C 273 43.55 -3.47 13.89
N TYR C 274 43.30 -4.76 14.08
CA TYR C 274 42.43 -5.26 15.14
C TYR C 274 43.20 -6.20 16.04
N SER C 275 42.97 -6.11 17.35
CA SER C 275 43.63 -6.99 18.31
C SER C 275 42.64 -7.38 19.39
N SER C 276 42.86 -8.58 19.95
CA SER C 276 42.06 -9.06 21.06
C SER C 276 42.54 -8.52 22.40
N ARG C 277 43.75 -7.96 22.45
CA ARG C 277 44.30 -7.42 23.69
C ARG C 277 43.63 -6.13 24.13
N LYS C 278 42.83 -5.51 23.27
CA LYS C 278 42.18 -4.24 23.62
C LYS C 278 40.98 -4.47 24.53
N GLY C 279 40.00 -5.23 24.06
CA GLY C 279 38.76 -5.40 24.79
C GLY C 279 38.76 -6.48 25.83
N ASP C 280 39.04 -7.71 25.43
CA ASP C 280 39.02 -8.86 26.34
C ASP C 280 40.22 -9.75 26.06
N LEU C 281 41.16 -9.79 27.00
CA LEU C 281 42.29 -10.68 26.87
C LEU C 281 41.87 -12.12 27.05
N TYR C 282 40.94 -12.38 27.98
CA TYR C 282 40.50 -13.73 28.27
C TYR C 282 39.47 -14.27 27.27
N GLY C 283 38.91 -13.41 26.44
CA GLY C 283 37.99 -13.81 25.40
C GLY C 283 38.68 -13.95 24.06
N GLY C 284 37.94 -13.65 23.00
CA GLY C 284 38.51 -13.69 21.66
C GLY C 284 37.99 -12.58 20.78
N ASN C 285 37.25 -11.65 21.36
CA ASN C 285 36.68 -10.55 20.59
C ASN C 285 37.76 -9.57 20.19
N MET C 286 37.64 -9.03 18.98
CA MET C 286 38.67 -8.23 18.35
C MET C 286 38.23 -6.78 18.26
N PHE C 287 39.08 -5.86 18.69
CA PHE C 287 38.75 -4.46 18.76
C PHE C 287 39.78 -3.62 18.02
N LEU C 288 39.46 -2.43 17.55
CA LEU C 288 40.40 -1.62 16.72
C LEU C 288 41.46 -0.78 17.35
N PHE C 289 42.65 -1.28 17.56
CA PHE C 289 43.74 -0.43 18.00
C PHE C 289 44.23 0.66 17.07
N ALA C 290 44.37 0.44 15.78
CA ALA C 290 44.94 1.44 14.91
C ALA C 290 44.29 1.59 13.60
N SER C 291 44.22 2.79 13.05
CA SER C 291 43.76 2.98 11.69
C SER C 291 44.96 3.60 11.11
N LEU C 292 45.44 3.08 10.00
CA LEU C 292 46.70 3.48 9.46
C LEU C 292 46.49 4.12 8.14
N PRO C 293 47.19 5.18 7.84
CA PRO C 293 46.94 5.94 6.62
C PRO C 293 47.59 5.43 5.35
N ILE C 294 47.09 4.32 4.81
CA ILE C 294 47.59 3.71 3.61
C ILE C 294 46.41 3.57 2.69
N TYR C 295 46.36 4.27 1.56
CA TYR C 295 45.23 4.33 0.64
C TYR C 295 45.47 3.58 -0.66
N ASP C 296 46.70 3.19 -0.96
CA ASP C 296 46.94 2.23 -2.03
C ASP C 296 46.41 0.87 -1.60
N THR C 297 45.68 0.21 -2.49
CA THR C 297 45.04 -1.05 -2.17
C THR C 297 46.09 -2.15 -2.00
N LEU C 298 46.20 -2.67 -0.79
CA LEU C 298 47.15 -3.75 -0.52
C LEU C 298 46.70 -5.01 -1.25
N LYS C 299 47.65 -5.67 -1.89
CA LYS C 299 47.36 -6.84 -2.71
C LYS C 299 48.14 -8.08 -2.34
N TYR C 300 49.26 -7.96 -1.64
CA TYR C 300 50.08 -9.11 -1.27
C TYR C 300 50.57 -8.95 0.15
N TYR C 301 50.81 -10.08 0.82
CA TYR C 301 51.43 -10.09 2.12
C TYR C 301 52.32 -11.32 2.24
N THR C 302 53.46 -11.15 2.91
CA THR C 302 54.36 -12.26 3.21
C THR C 302 54.64 -12.27 4.70
N VAL C 303 54.64 -13.45 5.29
CA VAL C 303 54.98 -13.62 6.69
C VAL C 303 56.50 -13.72 6.80
N ILE C 304 57.12 -12.76 7.46
CA ILE C 304 58.59 -12.76 7.59
C ILE C 304 59.00 -13.87 8.54
N PRO C 305 59.90 -14.77 8.12
CA PRO C 305 60.34 -15.85 9.02
C PRO C 305 61.10 -15.31 10.21
N ARG C 306 60.94 -15.98 11.34
CA ARG C 306 61.52 -15.56 12.60
C ARG C 306 62.22 -16.73 13.27
N SER C 307 63.38 -16.46 13.86
CA SER C 307 64.16 -17.50 14.53
C SER C 307 64.70 -16.93 15.84
N ILE C 308 64.57 -17.70 16.92
CA ILE C 308 65.04 -17.30 18.23
C ILE C 308 66.39 -17.95 18.47
N ARG C 309 67.41 -17.14 18.72
CA ARG C 309 68.78 -17.62 18.89
C ARG C 309 68.98 -17.94 20.37
N SER C 310 68.81 -19.20 20.72
CA SER C 310 68.93 -19.59 22.10
C SER C 310 69.84 -20.79 22.27
N LYS C 311 70.38 -20.95 23.47
CA LYS C 311 71.28 -22.04 23.80
C LYS C 311 70.63 -23.42 23.76
N TYR C 312 71.38 -24.47 23.43
CA TYR C 312 70.76 -25.77 23.28
C TYR C 312 70.20 -26.08 24.62
N ASN C 313 70.92 -25.75 25.66
CA ASN C 313 70.39 -25.93 26.99
C ASN C 313 69.15 -25.05 27.24
N SER C 314 68.92 -24.04 26.41
CA SER C 314 67.71 -23.18 26.53
C SER C 314 66.64 -23.31 25.49
N ARG C 315 66.74 -24.25 24.56
CA ARG C 315 65.77 -24.26 23.48
C ARG C 315 64.39 -24.44 24.06
N GLN C 316 63.42 -23.69 23.52
CA GLN C 316 62.05 -23.70 24.03
C GLN C 316 61.07 -23.71 22.92
N GLY C 317 59.88 -24.19 23.17
CA GLY C 317 58.82 -24.17 22.19
C GLY C 317 58.27 -22.83 21.84
N TRP C 318 57.88 -22.64 20.59
CA TRP C 318 57.25 -21.40 20.18
C TRP C 318 55.91 -21.72 19.50
N ALA C 319 54.82 -21.31 20.11
CA ALA C 319 53.52 -21.68 19.59
C ALA C 319 53.43 -21.37 18.10
N ALA C 320 52.41 -21.96 17.46
CA ALA C 320 52.14 -21.76 16.05
C ALA C 320 50.88 -20.93 15.87
N PHE C 321 50.87 -20.12 14.83
CA PHE C 321 49.74 -19.26 14.54
C PHE C 321 49.15 -19.63 13.18
N TYR C 322 47.85 -19.36 13.03
CA TYR C 322 47.10 -19.71 11.83
C TYR C 322 46.51 -18.45 11.22
N ILE C 323 46.52 -18.38 9.89
CA ILE C 323 46.03 -17.22 9.16
C ILE C 323 44.79 -17.64 8.40
N TYR C 324 43.66 -17.03 8.73
CA TYR C 324 42.38 -17.30 8.08
C TYR C 324 41.96 -16.07 7.27
N LYS C 325 41.63 -16.29 6.01
CA LYS C 325 41.19 -15.18 5.16
C LYS C 325 39.80 -14.70 5.57
N LEU C 326 39.59 -13.40 5.46
CA LEU C 326 38.30 -12.79 5.79
C LEU C 326 37.44 -12.71 4.54
N HIS C 327 36.14 -13.00 4.71
CA HIS C 327 35.19 -12.98 3.61
C HIS C 327 33.98 -12.16 4.02
N GLN C 328 33.30 -11.61 3.02
CA GLN C 328 32.07 -10.85 3.24
C GLN C 328 30.94 -11.85 3.46
N LEU C 329 30.61 -12.10 4.73
CA LEU C 329 29.62 -13.09 5.10
C LEU C 329 28.63 -12.48 6.07
N THR C 330 27.53 -13.21 6.30
CA THR C 330 26.52 -12.84 7.27
C THR C 330 26.68 -13.73 8.50
N TYR C 331 26.64 -13.12 9.68
CA TYR C 331 26.85 -13.83 10.94
C TYR C 331 25.76 -13.45 11.92
N LEU C 332 25.24 -14.46 12.63
CA LEU C 332 24.35 -14.23 13.76
C LEU C 332 25.19 -14.24 15.03
N LEU C 333 25.18 -13.11 15.74
CA LEU C 333 26.05 -12.92 16.89
C LEU C 333 25.25 -12.88 18.17
N ASP C 334 25.75 -13.56 19.19
CA ASP C 334 25.12 -13.59 20.51
C ASP C 334 25.89 -12.69 21.46
N PHE C 335 25.23 -11.68 21.99
CA PHE C 335 25.84 -10.73 22.91
C PHE C 335 25.39 -11.04 24.32
N THR C 336 26.35 -11.06 25.26
CA THR C 336 26.04 -11.34 26.64
C THR C 336 25.55 -10.06 27.34
N VAL C 337 25.30 -10.17 28.64
CA VAL C 337 24.92 -9.00 29.42
C VAL C 337 26.09 -8.05 29.56
N ASP C 338 27.30 -8.59 29.75
CA ASP C 338 28.50 -7.77 29.81
C ASP C 338 28.87 -7.17 28.47
N GLY C 339 28.34 -7.71 27.37
CA GLY C 339 28.54 -7.14 26.05
C GLY C 339 29.41 -7.93 25.12
N TYR C 340 30.04 -9.01 25.59
CA TYR C 340 30.95 -9.76 24.75
C TYR C 340 30.19 -10.71 23.83
N ILE C 341 30.89 -11.24 22.83
CA ILE C 341 30.35 -12.22 21.90
C ILE C 341 30.94 -13.58 22.25
N ARG C 342 30.06 -14.53 22.56
CA ARG C 342 30.50 -15.85 22.99
C ARG C 342 29.98 -16.99 22.12
N ARG C 343 29.06 -16.72 21.18
CA ARG C 343 28.53 -17.75 20.32
C ARG C 343 28.09 -17.10 19.02
N ALA C 344 28.39 -17.75 17.90
CA ALA C 344 28.08 -17.21 16.57
C ALA C 344 27.64 -18.32 15.64
N VAL C 345 26.99 -17.93 14.56
CA VAL C 345 26.51 -18.85 13.53
C VAL C 345 26.86 -18.27 12.16
N ASP C 346 27.55 -19.06 11.36
CA ASP C 346 27.87 -18.69 9.98
C ASP C 346 26.71 -19.12 9.09
N CYS C 347 25.92 -18.18 8.64
CA CYS C 347 24.71 -18.48 7.89
C CYS C 347 24.91 -19.29 6.65
N GLY C 348 25.99 -19.11 6.00
CA GLY C 348 26.35 -19.85 4.83
C GLY C 348 26.63 -21.29 4.81
N HIS C 349 27.23 -21.82 5.84
CA HIS C 349 27.68 -23.16 5.78
C HIS C 349 26.68 -24.23 5.58
N ASP C 350 25.53 -24.19 6.23
CA ASP C 350 24.61 -25.28 6.14
C ASP C 350 23.25 -24.71 6.04
N ASP C 351 22.33 -25.47 5.50
CA ASP C 351 20.95 -25.02 5.37
C ASP C 351 20.26 -24.89 6.70
N LEU C 352 20.72 -25.56 7.71
CA LEU C 352 20.11 -25.27 8.97
C LEU C 352 20.52 -23.93 9.50
N ALA C 353 21.79 -23.53 9.39
CA ALA C 353 22.17 -22.22 9.81
C ALA C 353 21.27 -21.26 9.16
N GLN C 354 21.27 -21.24 7.85
CA GLN C 354 20.45 -20.27 7.14
C GLN C 354 19.10 -20.11 7.82
N LEU C 355 18.50 -21.21 8.26
CA LEU C 355 17.23 -21.15 8.97
C LEU C 355 17.38 -20.41 10.30
N ARG C 356 18.47 -20.67 11.03
CA ARG C 356 18.70 -20.00 12.30
C ARG C 356 18.94 -18.51 12.12
N CYS C 357 19.64 -18.12 11.05
CA CYS C 357 19.86 -16.71 10.78
C CYS C 357 18.58 -16.02 10.31
N SER C 358 17.73 -16.74 9.57
CA SER C 358 16.45 -16.18 9.15
C SER C 358 15.52 -15.98 10.33
N TYR C 359 15.51 -16.92 11.27
CA TYR C 359 14.69 -16.76 12.46
C TYR C 359 15.35 -15.90 13.53
N GLU C 360 16.64 -15.57 13.36
CA GLU C 360 17.40 -14.73 14.29
C GLU C 360 17.41 -15.30 15.70
N SER C 361 17.61 -16.59 15.81
CA SER C 361 17.65 -17.23 17.09
C SER C 361 18.50 -18.43 16.94
N PHE C 362 19.29 -18.71 17.94
CA PHE C 362 20.16 -19.87 17.93
C PHE C 362 19.33 -21.11 17.89
N ASP C 363 18.20 -21.11 18.57
CA ASP C 363 17.31 -22.26 18.60
C ASP C 363 16.01 -22.06 17.85
N VAL C 364 15.64 -23.04 17.01
CA VAL C 364 14.45 -22.93 16.17
C VAL C 364 13.70 -24.21 16.46
N ASP C 365 12.39 -24.25 16.27
CA ASP C 365 11.60 -25.41 16.64
C ASP C 365 11.68 -26.53 15.67
N SER C 366 10.95 -27.59 15.91
CA SER C 366 10.94 -28.63 14.88
C SER C 366 9.83 -28.38 13.86
N GLY C 367 10.17 -28.57 12.60
CA GLY C 367 9.20 -28.35 11.54
C GLY C 367 9.89 -28.38 10.19
N VAL C 368 9.06 -28.28 9.15
CA VAL C 368 9.52 -28.26 7.77
C VAL C 368 9.45 -26.80 7.32
N TYR C 369 10.61 -26.16 7.24
CA TYR C 369 10.71 -24.75 6.88
C TYR C 369 11.18 -24.60 5.44
N SER C 370 11.15 -23.38 4.92
CA SER C 370 11.64 -23.12 3.57
C SER C 370 12.78 -22.22 3.72
N VAL C 371 13.83 -22.45 2.98
CA VAL C 371 15.03 -21.72 3.17
C VAL C 371 15.38 -21.16 1.84
N SER C 372 15.97 -20.00 1.81
CA SER C 372 16.22 -19.38 0.53
C SER C 372 17.15 -20.17 -0.27
N SER C 373 16.88 -20.25 -1.55
CA SER C 373 17.77 -20.94 -2.46
C SER C 373 18.87 -20.00 -2.88
N PRO C 378 25.11 -15.90 -14.68
CA PRO C 378 26.31 -15.42 -15.38
C PRO C 378 27.40 -16.48 -15.46
N ARG C 379 27.10 -17.61 -16.11
CA ARG C 379 28.05 -18.72 -16.23
C ARG C 379 28.64 -18.81 -17.64
N GLY C 380 28.56 -17.73 -18.41
CA GLY C 380 29.05 -17.75 -19.77
C GLY C 380 28.62 -16.49 -20.49
N ALA C 381 28.80 -16.52 -21.81
CA ALA C 381 28.45 -15.36 -22.64
C ALA C 381 28.00 -15.85 -24.01
N PHE C 382 26.91 -15.25 -24.50
CA PHE C 382 26.38 -15.51 -25.83
C PHE C 382 26.29 -14.15 -26.53
N ILE C 383 27.38 -13.75 -27.17
CA ILE C 383 27.47 -12.44 -27.80
C ILE C 383 27.35 -12.63 -29.31
N GLU C 384 26.29 -12.07 -29.88
CA GLU C 384 26.04 -12.13 -31.31
C GLU C 384 25.86 -10.71 -31.83
N GLN C 385 26.56 -10.37 -32.91
CA GLN C 385 26.54 -9.01 -33.42
C GLN C 385 26.70 -9.03 -34.93
N SER C 386 26.42 -7.89 -35.55
CA SER C 386 26.53 -7.77 -36.99
C SER C 386 27.99 -7.70 -37.42
N SER C 387 28.19 -7.67 -38.74
CA SER C 387 29.55 -7.62 -39.30
C SER C 387 30.23 -6.30 -38.95
N GLY C 388 29.49 -5.19 -39.03
CA GLY C 388 30.06 -3.90 -38.68
C GLY C 388 29.80 -2.83 -39.72
N LYS C 389 29.43 -1.64 -39.26
CA LYS C 389 29.19 -0.50 -40.14
C LYS C 389 29.43 0.77 -39.34
N GLU C 390 29.98 1.78 -40.00
CA GLU C 390 30.35 3.03 -39.35
C GLU C 390 29.28 4.09 -39.58
N CYS C 391 28.87 4.76 -38.49
CA CYS C 391 27.93 5.86 -38.61
C CYS C 391 28.60 7.06 -39.26
N ASP C 392 27.83 7.77 -40.08
CA ASP C 392 28.35 8.92 -40.83
C ASP C 392 28.17 10.17 -39.98
N PHE C 393 29.20 10.54 -39.24
CA PHE C 393 29.21 11.77 -38.46
C PHE C 393 29.87 12.93 -39.20
N SER C 394 30.29 12.71 -40.44
CA SER C 394 30.87 13.77 -41.26
C SER C 394 29.98 15.01 -41.49
N PRO C 395 28.64 14.90 -41.70
CA PRO C 395 27.86 16.14 -41.90
C PRO C 395 27.93 17.15 -40.77
N MET C 396 28.09 16.72 -39.52
CA MET C 396 28.26 17.69 -38.44
C MET C 396 29.70 18.18 -38.34
N LEU C 397 30.69 17.32 -38.55
CA LEU C 397 32.08 17.67 -38.36
C LEU C 397 32.74 18.28 -39.59
N THR C 398 31.99 18.50 -40.67
CA THR C 398 32.59 19.02 -41.89
C THR C 398 32.25 20.48 -42.16
N GLY C 399 30.97 20.83 -42.21
CA GLY C 399 30.54 22.13 -42.70
C GLY C 399 30.32 23.16 -41.62
N THR C 400 29.78 24.30 -42.05
CA THR C 400 29.41 25.37 -41.13
C THR C 400 28.18 24.95 -40.33
N PRO C 401 28.20 25.06 -39.00
CA PRO C 401 27.03 24.69 -38.22
C PRO C 401 25.89 25.67 -38.44
N PRO C 402 24.66 25.22 -38.36
CA PRO C 402 23.53 26.14 -38.52
C PRO C 402 23.12 26.77 -37.20
N GLN C 403 22.10 27.62 -37.21
CA GLN C 403 21.68 28.32 -36.02
C GLN C 403 20.59 27.52 -35.29
N VAL C 404 20.04 28.09 -34.22
CA VAL C 404 19.14 27.36 -33.33
C VAL C 404 17.85 26.99 -34.04
N TYR C 405 17.26 27.94 -34.79
CA TYR C 405 16.00 27.69 -35.47
C TYR C 405 16.16 26.68 -36.60
N ASN C 406 17.26 26.77 -37.34
CA ASN C 406 17.53 25.88 -38.47
C ASN C 406 18.42 24.71 -38.06
N PHE C 407 18.05 24.00 -37.00
CA PHE C 407 18.91 22.93 -36.49
C PHE C 407 18.91 21.74 -37.43
N ARG C 408 20.08 21.12 -37.58
CA ARG C 408 20.22 19.93 -38.41
C ARG C 408 20.13 18.68 -37.55
N ARG C 409 19.47 17.65 -38.07
CA ARG C 409 19.18 16.44 -37.33
C ARG C 409 19.76 15.24 -38.06
N LEU C 410 20.48 14.38 -37.34
CA LEU C 410 20.99 13.13 -37.86
C LEU C 410 20.40 11.98 -37.06
N VAL C 411 19.87 10.98 -37.75
CA VAL C 411 19.33 9.78 -37.12
C VAL C 411 20.18 8.60 -37.56
N PHE C 412 20.66 7.82 -36.59
CA PHE C 412 21.57 6.72 -36.85
C PHE C 412 20.91 5.41 -36.47
N THR C 413 21.05 4.40 -37.35
CA THR C 413 20.45 3.10 -37.13
C THR C 413 21.36 2.05 -37.76
N ASP C 414 21.67 1.00 -37.00
CA ASP C 414 22.48 -0.14 -37.45
C ASP C 414 23.88 0.30 -37.89
N CYS C 415 24.62 0.85 -36.94
CA CYS C 415 25.98 1.29 -37.21
C CYS C 415 26.75 1.37 -35.89
N ASN C 416 28.07 1.40 -36.00
CA ASN C 416 28.97 1.54 -34.87
C ASN C 416 29.67 2.90 -34.94
N TYR C 417 29.75 3.60 -33.83
CA TYR C 417 30.35 4.92 -33.82
C TYR C 417 31.43 5.01 -32.74
N ASN C 418 32.49 5.76 -33.07
CA ASN C 418 33.63 5.96 -32.19
C ASN C 418 33.31 7.14 -31.28
N LEU C 419 32.79 6.84 -30.09
CA LEU C 419 32.42 7.88 -29.14
C LEU C 419 33.64 8.59 -28.57
N THR C 420 34.76 7.87 -28.42
CA THR C 420 35.98 8.45 -27.88
C THR C 420 36.52 9.55 -28.79
N LYS C 421 36.48 9.32 -30.10
CA LYS C 421 36.96 10.33 -31.05
C LYS C 421 36.08 11.58 -31.02
N LEU C 422 34.76 11.41 -30.95
CA LEU C 422 33.87 12.56 -30.89
C LEU C 422 34.04 13.34 -29.58
N LEU C 423 34.22 12.64 -28.46
CA LEU C 423 34.46 13.32 -27.21
C LEU C 423 35.85 13.96 -27.16
N SER C 424 36.80 13.46 -27.94
CA SER C 424 38.10 14.11 -28.04
C SER C 424 38.05 15.34 -28.92
N LEU C 425 37.16 15.37 -29.92
CA LEU C 425 37.07 16.52 -30.81
C LEU C 425 36.52 17.75 -30.08
N PHE C 426 35.54 17.56 -29.20
CA PHE C 426 34.85 18.66 -28.55
C PHE C 426 35.21 18.73 -27.07
N GLN C 427 35.17 19.95 -26.53
CA GLN C 427 35.37 20.19 -25.10
C GLN C 427 34.01 20.53 -24.49
N VAL C 428 33.49 19.63 -23.66
CA VAL C 428 32.15 19.76 -23.13
C VAL C 428 32.15 20.80 -22.02
N SER C 429 31.25 21.78 -22.13
CA SER C 429 31.08 22.80 -21.10
C SER C 429 30.09 22.37 -20.03
N GLU C 430 28.96 21.78 -20.43
CA GLU C 430 27.90 21.42 -19.49
C GLU C 430 26.97 20.44 -20.18
N PHE C 431 26.62 19.35 -19.48
CA PHE C 431 25.64 18.40 -19.96
C PHE C 431 24.60 18.16 -18.88
N SER C 432 23.38 17.81 -19.31
CA SER C 432 22.30 17.50 -18.38
C SER C 432 21.38 16.49 -19.06
N CYS C 433 21.33 15.29 -18.51
CA CYS C 433 20.64 14.17 -19.14
C CYS C 433 19.34 13.86 -18.40
N HIS C 434 18.46 13.12 -19.09
CA HIS C 434 17.15 12.75 -18.58
C HIS C 434 16.93 11.27 -18.82
N GLN C 435 16.70 10.53 -17.74
CA GLN C 435 16.41 9.08 -17.73
C GLN C 435 17.54 8.24 -18.32
N VAL C 436 18.75 8.79 -18.39
CA VAL C 436 19.92 8.08 -18.90
C VAL C 436 21.15 8.80 -18.37
N CYS C 437 22.31 8.13 -18.38
CA CYS C 437 23.55 8.80 -18.01
C CYS C 437 24.55 8.53 -19.11
N PRO C 438 25.47 9.46 -19.38
CA PRO C 438 26.41 9.27 -20.50
C PRO C 438 27.36 8.10 -20.36
N ASP C 439 27.60 7.60 -19.15
CA ASP C 439 28.39 6.37 -19.02
C ASP C 439 27.63 5.17 -19.58
N ALA C 440 26.30 5.15 -19.38
CA ALA C 440 25.48 4.14 -20.03
C ALA C 440 25.45 4.33 -21.54
N LEU C 441 25.59 5.57 -22.01
CA LEU C 441 25.74 5.81 -23.44
C LEU C 441 27.06 5.29 -23.96
N ALA C 442 28.09 5.31 -23.12
CA ALA C 442 29.39 4.77 -23.53
C ALA C 442 29.39 3.24 -23.53
N SER C 443 28.70 2.63 -22.57
CA SER C 443 28.73 1.18 -22.38
C SER C 443 27.38 0.52 -22.64
N GLY C 444 26.81 0.75 -23.79
CA GLY C 444 25.52 0.21 -24.07
C GLY C 444 25.14 0.23 -25.49
N CYS C 445 23.97 -0.31 -25.84
CA CYS C 445 23.49 -0.21 -27.19
C CYS C 445 22.07 0.25 -27.22
N TYR C 446 21.67 0.98 -28.22
CA TYR C 446 20.38 1.56 -28.33
C TYR C 446 19.97 1.24 -29.69
N SER C 447 18.68 1.25 -30.01
CA SER C 447 18.20 0.88 -31.32
C SER C 447 18.27 1.98 -32.32
N SER C 448 18.17 3.22 -31.92
CA SER C 448 18.30 4.42 -32.73
C SER C 448 19.02 5.49 -31.94
N LEU C 449 19.49 6.51 -32.65
CA LEU C 449 20.18 7.63 -32.02
C LEU C 449 19.91 8.87 -32.86
N THR C 450 19.16 9.81 -32.32
CA THR C 450 18.83 11.06 -32.99
C THR C 450 19.63 12.18 -32.37
N VAL C 451 20.39 12.91 -33.19
CA VAL C 451 21.25 13.99 -32.74
C VAL C 451 20.81 15.27 -33.43
N ASP C 452 20.48 16.29 -32.64
CA ASP C 452 20.20 17.63 -33.15
C ASP C 452 21.33 18.55 -32.71
N TYR C 453 21.97 19.19 -33.67
CA TYR C 453 23.12 20.05 -33.39
C TYR C 453 22.95 21.40 -34.07
N PHE C 454 23.46 22.44 -33.42
CA PHE C 454 23.41 23.80 -33.95
C PHE C 454 24.47 24.63 -33.25
N ALA C 455 24.80 25.77 -33.86
CA ALA C 455 25.73 26.71 -33.26
C ALA C 455 25.00 27.52 -32.20
N TYR C 456 25.50 27.48 -30.96
CA TYR C 456 24.80 28.09 -29.85
C TYR C 456 25.80 28.60 -28.82
N PRO C 457 25.76 29.89 -28.47
CA PRO C 457 26.69 30.41 -27.47
C PRO C 457 26.40 29.88 -26.08
N THR C 458 27.47 29.76 -25.28
CA THR C 458 27.34 29.28 -23.91
C THR C 458 26.83 30.37 -22.98
N SER C 459 26.86 31.63 -23.40
CA SER C 459 26.27 32.70 -22.61
C SER C 459 24.75 32.61 -22.54
N LEU C 460 24.13 31.90 -23.48
CA LEU C 460 22.68 31.71 -23.50
C LEU C 460 22.30 30.30 -23.07
N ALA C 461 23.12 29.67 -22.22
CA ALA C 461 22.91 28.26 -21.88
C ALA C 461 21.68 28.08 -21.00
N SER C 462 21.24 29.14 -20.32
CA SER C 462 20.08 29.02 -19.45
C SER C 462 18.78 29.01 -20.24
N TYR C 463 18.81 29.54 -21.46
CA TYR C 463 17.61 29.59 -22.28
C TYR C 463 17.28 28.24 -22.91
N LEU C 464 18.21 27.30 -22.87
CA LEU C 464 17.99 25.94 -23.37
C LEU C 464 17.60 24.97 -22.27
N GLN C 465 17.32 25.47 -21.06
CA GLN C 465 17.08 24.61 -19.92
C GLN C 465 15.69 23.97 -20.01
N GLN C 466 15.35 23.22 -18.96
CA GLN C 466 14.17 22.36 -18.99
C GLN C 466 12.87 23.17 -18.97
N GLY C 467 12.77 24.14 -18.06
CA GLY C 467 11.55 24.90 -17.92
C GLY C 467 11.67 26.36 -18.33
N SER C 468 12.63 26.67 -19.19
CA SER C 468 12.92 28.04 -19.54
C SER C 468 11.79 28.65 -20.37
N THR C 469 11.65 29.97 -20.27
CA THR C 469 10.60 30.70 -20.97
C THR C 469 11.16 31.79 -21.88
N GLY C 470 12.41 31.66 -22.30
CA GLY C 470 13.05 32.69 -23.10
C GLY C 470 12.60 32.65 -24.55
N GLU C 471 13.34 33.37 -25.38
CA GLU C 471 13.03 33.40 -26.80
C GLU C 471 13.36 32.08 -27.49
N ILE C 472 14.39 31.39 -26.99
CA ILE C 472 14.82 30.14 -27.60
C ILE C 472 13.76 29.05 -27.46
N THR C 473 13.17 28.94 -26.27
CA THR C 473 12.18 27.89 -26.05
C THR C 473 10.86 28.21 -26.74
N GLN C 474 10.52 29.49 -26.89
CA GLN C 474 9.25 29.87 -27.49
C GLN C 474 9.29 29.95 -29.00
N TYR C 475 10.43 30.29 -29.60
CA TYR C 475 10.47 30.49 -31.05
C TYR C 475 11.55 29.73 -31.79
N ASN C 476 12.55 29.18 -31.11
CA ASN C 476 13.70 28.59 -31.79
C ASN C 476 13.74 27.07 -31.66
N TYR C 477 13.73 26.53 -30.45
CA TYR C 477 13.87 25.10 -30.25
C TYR C 477 13.22 24.70 -28.94
N LYS C 478 12.40 23.65 -28.98
CA LYS C 478 11.80 23.07 -27.79
C LYS C 478 12.24 21.62 -27.69
N GLN C 479 12.94 21.30 -26.61
CA GLN C 479 13.43 19.94 -26.41
C GLN C 479 12.28 19.00 -26.08
N ASP C 480 12.36 17.77 -26.60
CA ASP C 480 11.32 16.78 -26.42
C ASP C 480 11.72 15.81 -25.32
N PHE C 481 10.88 15.68 -24.31
CA PHE C 481 11.12 14.76 -23.21
C PHE C 481 10.07 13.65 -23.29
N SER C 482 10.30 12.69 -24.18
CA SER C 482 9.51 11.48 -24.26
C SER C 482 10.37 10.24 -24.43
N ASN C 483 11.65 10.39 -24.75
CA ASN C 483 12.66 9.37 -24.82
C ASN C 483 13.81 9.79 -23.91
N PRO C 484 14.66 8.85 -23.49
CA PRO C 484 15.89 9.24 -22.77
C PRO C 484 16.76 10.13 -23.64
N THR C 485 17.07 11.32 -23.11
CA THR C 485 17.72 12.35 -23.90
C THR C 485 18.78 13.06 -23.07
N CYS C 486 19.73 13.67 -23.76
CA CYS C 486 20.78 14.48 -23.15
C CYS C 486 20.91 15.78 -23.93
N ARG C 487 21.33 16.82 -23.22
CA ARG C 487 21.60 18.12 -23.82
C ARG C 487 23.03 18.52 -23.48
N ILE C 488 23.87 18.64 -24.49
CA ILE C 488 25.30 18.88 -24.33
C ILE C 488 25.66 20.21 -24.98
N LEU C 489 26.36 21.06 -24.24
CA LEU C 489 26.95 22.28 -24.77
C LEU C 489 28.46 22.12 -24.78
N ALA C 490 29.07 22.23 -25.96
CA ALA C 490 30.48 21.94 -26.12
C ALA C 490 31.14 23.01 -26.97
N THR C 491 32.44 23.17 -26.78
CA THR C 491 33.23 24.17 -27.49
C THR C 491 34.19 23.48 -28.46
N ALA C 492 34.16 23.92 -29.71
CA ALA C 492 35.04 23.36 -30.74
C ALA C 492 36.35 24.14 -30.81
N PRO C 493 37.49 23.48 -30.73
CA PRO C 493 38.78 24.18 -30.84
C PRO C 493 39.02 24.69 -32.25
N ALA C 494 40.03 25.55 -32.37
CA ALA C 494 40.31 26.23 -33.64
C ALA C 494 40.86 25.29 -34.70
N ASN C 495 41.43 24.15 -34.32
CA ASN C 495 42.01 23.21 -35.27
C ASN C 495 40.98 22.24 -35.83
N ILE C 496 39.72 22.37 -35.44
CA ILE C 496 38.69 21.46 -35.93
C ILE C 496 38.33 21.83 -37.37
N THR C 497 37.70 20.89 -38.07
CA THR C 497 37.36 21.10 -39.49
C THR C 497 36.15 21.99 -39.67
N LEU C 498 35.42 22.30 -38.60
CA LEU C 498 34.22 23.12 -38.71
C LEU C 498 34.59 24.58 -38.99
N THR C 499 33.77 25.22 -39.83
CA THR C 499 33.95 26.63 -40.17
C THR C 499 33.02 27.47 -39.32
N LYS C 500 33.59 28.43 -38.59
CA LYS C 500 32.80 29.27 -37.71
C LYS C 500 31.89 30.19 -38.53
N PRO C 501 30.66 30.42 -38.08
CA PRO C 501 29.75 31.32 -38.79
C PRO C 501 30.15 32.78 -38.55
N SER C 502 29.35 33.68 -39.13
CA SER C 502 29.60 35.10 -38.94
C SER C 502 29.28 35.54 -37.53
N ASN C 503 28.17 35.05 -36.96
CA ASN C 503 27.73 35.44 -35.63
C ASN C 503 26.80 34.34 -35.11
N TYR C 504 26.09 34.64 -34.03
CA TYR C 504 25.03 33.78 -33.51
C TYR C 504 23.70 34.48 -33.69
N ASN C 505 22.76 33.81 -34.36
CA ASN C 505 21.42 34.35 -34.58
C ASN C 505 20.40 33.45 -33.91
N TRP C 506 19.29 34.06 -33.50
CA TRP C 506 18.14 33.32 -33.00
C TRP C 506 16.91 34.20 -33.17
N LEU C 507 15.75 33.56 -33.24
CA LEU C 507 14.50 34.28 -33.40
C LEU C 507 14.08 34.90 -32.07
N THR C 508 13.82 36.22 -32.09
CA THR C 508 13.31 36.91 -30.91
C THR C 508 11.80 36.83 -30.83
N GLN C 509 11.10 37.06 -31.94
CA GLN C 509 9.67 36.84 -32.00
C GLN C 509 9.29 36.43 -33.42
N CYS C 510 8.16 35.73 -33.52
CA CYS C 510 7.63 35.30 -34.81
C CYS C 510 6.11 35.36 -34.71
N TYR C 511 5.51 36.29 -35.46
CA TYR C 511 4.09 36.59 -35.34
C TYR C 511 3.50 36.83 -36.72
N LYS C 512 2.18 37.03 -36.76
CA LYS C 512 1.46 37.26 -38.00
C LYS C 512 0.13 37.92 -37.69
N GLY C 513 -0.50 38.44 -38.74
CA GLY C 513 -1.90 38.82 -38.66
C GLY C 513 -2.11 40.31 -38.40
N SER C 514 -3.32 40.77 -38.71
CA SER C 514 -3.73 42.13 -38.48
C SER C 514 -5.21 42.13 -38.10
N ALA C 515 -5.65 43.23 -37.48
CA ALA C 515 -7.00 43.50 -36.98
C ALA C 515 -7.41 42.62 -35.81
N PHE C 516 -6.55 41.69 -35.38
CA PHE C 516 -6.74 40.94 -34.14
C PHE C 516 -5.56 41.13 -33.19
N GLY C 517 -4.66 42.05 -33.51
CA GLY C 517 -3.40 42.14 -32.81
C GLY C 517 -2.39 41.16 -33.37
N ASN C 518 -1.22 41.14 -32.75
CA ASN C 518 -0.19 40.19 -33.13
C ASN C 518 -0.58 38.79 -32.67
N GLN C 519 -0.29 37.82 -33.52
CA GLN C 519 -0.60 36.47 -33.16
C GLN C 519 0.66 35.70 -33.07
N PRO C 520 1.15 35.48 -31.87
CA PRO C 520 2.44 34.82 -31.72
C PRO C 520 2.45 33.37 -32.19
N HIS C 521 3.49 32.92 -32.85
CA HIS C 521 3.58 31.56 -33.35
C HIS C 521 4.70 30.96 -32.62
N TYR C 522 4.50 29.84 -32.01
CA TYR C 522 5.48 29.26 -31.13
C TYR C 522 5.95 27.92 -31.60
N VAL C 523 7.24 27.66 -31.60
CA VAL C 523 7.75 26.38 -31.98
C VAL C 523 7.08 25.22 -31.29
N GLN C 524 6.93 24.09 -31.95
CA GLN C 524 6.41 22.84 -31.44
C GLN C 524 7.52 22.00 -30.84
N THR C 525 7.13 20.95 -30.13
CA THR C 525 8.08 20.12 -29.38
C THR C 525 8.85 19.25 -30.36
N GLY C 526 10.10 19.62 -30.62
CA GLY C 526 10.96 18.85 -31.51
C GLY C 526 10.78 19.12 -32.98
N GLN C 527 10.04 20.17 -33.35
CA GLN C 527 9.79 20.51 -34.74
C GLN C 527 10.37 21.88 -35.03
N TYR C 528 10.43 22.21 -36.33
CA TYR C 528 10.95 23.49 -36.76
C TYR C 528 9.92 24.60 -36.54
N THR C 529 10.42 25.83 -36.49
CA THR C 529 9.57 26.99 -36.31
C THR C 529 8.84 27.33 -37.62
N PRO C 530 7.61 27.85 -37.53
CA PRO C 530 6.91 28.29 -38.75
C PRO C 530 7.59 29.44 -39.47
N CYS C 531 8.41 30.23 -38.79
CA CYS C 531 9.13 31.33 -39.40
C CYS C 531 10.49 30.91 -39.96
N LEU C 532 10.66 29.63 -40.31
CA LEU C 532 11.96 29.14 -40.75
C LEU C 532 12.32 29.68 -42.13
N GLY C 533 11.34 29.76 -43.03
CA GLY C 533 11.62 30.24 -44.38
C GLY C 533 12.08 31.68 -44.42
N LEU C 534 11.58 32.50 -43.50
CA LEU C 534 12.07 33.87 -43.39
C LEU C 534 13.45 33.93 -42.76
N ALA C 535 13.76 33.01 -41.86
CA ALA C 535 14.97 33.08 -41.04
C ALA C 535 16.13 32.26 -41.59
N VAL C 536 15.95 31.55 -42.70
CA VAL C 536 17.04 30.76 -43.29
C VAL C 536 18.19 31.67 -43.69
N GLN C 537 17.89 32.86 -44.22
CA GLN C 537 18.92 33.83 -44.58
C GLN C 537 19.70 34.35 -43.38
N GLY C 538 19.14 34.25 -42.17
CA GLY C 538 19.82 34.70 -40.99
C GLY C 538 19.63 36.19 -40.74
N PHE C 539 20.17 36.63 -39.62
CA PHE C 539 20.07 38.02 -39.19
C PHE C 539 21.47 38.61 -39.04
N SER C 540 21.62 39.86 -39.45
CA SER C 540 22.92 40.54 -39.40
C SER C 540 23.00 41.63 -38.34
N ALA C 541 21.91 42.31 -38.06
CA ALA C 541 21.86 43.34 -37.03
C ALA C 541 20.86 42.95 -35.95
N ALA C 542 21.04 43.53 -34.77
CA ALA C 542 20.17 43.22 -33.65
C ALA C 542 18.77 43.79 -33.90
N TYR C 543 17.76 42.97 -33.56
CA TYR C 543 16.33 43.29 -33.74
C TYR C 543 16.02 43.61 -35.21
N GLN C 544 16.63 42.85 -36.12
CA GLN C 544 16.33 42.97 -37.54
C GLN C 544 15.10 42.13 -37.86
N SER C 545 14.15 42.71 -38.57
CA SER C 545 12.87 42.07 -38.84
C SER C 545 12.75 41.75 -40.32
N HIS C 546 12.35 40.51 -40.63
CA HIS C 546 12.08 40.06 -41.98
C HIS C 546 10.60 39.79 -42.13
N ARG C 547 10.04 40.15 -43.30
CA ARG C 547 8.62 40.06 -43.54
C ARG C 547 8.34 39.32 -44.83
N ASP C 548 7.32 38.46 -44.80
CA ASP C 548 6.88 37.72 -45.98
C ASP C 548 5.50 38.21 -46.39
N PRO C 549 5.33 38.75 -47.59
CA PRO C 549 4.03 39.32 -47.96
C PRO C 549 2.95 38.30 -48.27
N ILE C 550 3.31 37.03 -48.51
CA ILE C 550 2.31 36.04 -48.90
C ILE C 550 1.53 35.54 -47.70
N THR C 551 2.23 35.03 -46.69
CA THR C 551 1.59 34.50 -45.49
C THR C 551 1.47 35.53 -44.38
N LYS C 552 1.94 36.77 -44.62
CA LYS C 552 1.90 37.86 -43.64
C LYS C 552 2.61 37.49 -42.34
N LEU C 553 3.72 36.77 -42.45
CA LEU C 553 4.50 36.33 -41.31
C LEU C 553 5.70 37.24 -41.11
N VAL C 554 5.98 37.59 -39.86
CA VAL C 554 7.09 38.47 -39.51
C VAL C 554 8.04 37.70 -38.59
N ALA C 555 9.34 37.79 -38.87
CA ALA C 555 10.36 37.14 -38.07
C ALA C 555 11.38 38.18 -37.63
N THR C 556 11.70 38.19 -36.34
CA THR C 556 12.65 39.13 -35.76
C THR C 556 13.76 38.35 -35.07
N GLY C 557 15.01 38.81 -35.27
CA GLY C 557 16.16 38.12 -34.77
C GLY C 557 16.96 38.92 -33.75
N ASN C 558 18.06 38.32 -33.30
CA ASN C 558 18.99 38.98 -32.39
C ASN C 558 20.39 38.47 -32.68
N ILE C 559 21.38 39.32 -32.41
CA ILE C 559 22.78 39.08 -32.78
C ILE C 559 23.60 38.91 -31.51
N ALA C 560 24.42 37.86 -31.49
CA ALA C 560 25.50 37.71 -30.52
C ALA C 560 26.82 37.66 -31.27
N ALA C 561 27.84 38.30 -30.71
CA ALA C 561 29.15 38.36 -31.37
C ALA C 561 29.79 36.98 -31.37
N MET C 562 30.52 36.69 -32.45
CA MET C 562 31.13 35.38 -32.61
C MET C 562 32.36 35.28 -31.70
N THR C 563 32.46 34.17 -30.98
CA THR C 563 33.52 33.98 -29.99
C THR C 563 34.81 33.55 -30.68
N ASP C 564 35.89 33.44 -29.89
CA ASP C 564 37.17 32.98 -30.42
C ASP C 564 37.10 31.52 -30.86
N ASN C 565 36.43 30.69 -30.07
CA ASN C 565 36.22 29.29 -30.41
C ASN C 565 34.73 29.04 -30.63
N LEU C 566 34.42 28.22 -31.62
CA LEU C 566 33.03 27.95 -31.97
C LEU C 566 32.37 27.11 -30.88
N GLN C 567 31.22 27.58 -30.40
CA GLN C 567 30.47 26.91 -29.34
C GLN C 567 29.21 26.32 -29.93
N MET C 568 28.99 25.03 -29.68
CA MET C 568 27.92 24.30 -30.34
C MET C 568 27.12 23.53 -29.29
N ALA C 569 25.86 23.26 -29.59
CA ALA C 569 24.96 22.57 -28.68
C ALA C 569 24.42 21.31 -29.33
N PHE C 570 24.27 20.26 -28.51
CA PHE C 570 23.81 18.96 -28.98
C PHE C 570 22.64 18.50 -28.12
N ILE C 571 21.60 18.00 -28.77
CA ILE C 571 20.49 17.35 -28.10
C ILE C 571 20.38 15.95 -28.69
N ILE C 572 20.78 14.96 -27.92
CA ILE C 572 20.76 13.58 -28.39
C ILE C 572 19.55 12.87 -27.79
N SER C 573 19.17 11.76 -28.41
CA SER C 573 18.02 10.98 -27.96
C SER C 573 18.23 9.53 -28.37
N VAL C 574 17.88 8.61 -27.48
CA VAL C 574 18.10 7.19 -27.70
C VAL C 574 16.77 6.45 -27.56
N GLN C 575 16.72 5.27 -28.17
CA GLN C 575 15.53 4.43 -28.18
C GLN C 575 15.94 2.99 -27.88
N TYR C 576 14.99 2.23 -27.35
CA TYR C 576 15.22 0.85 -26.94
C TYR C 576 14.13 -0.05 -27.48
N GLY C 577 14.54 -1.20 -28.02
CA GLY C 577 13.61 -2.19 -28.51
C GLY C 577 12.77 -1.74 -29.69
N THR C 578 13.37 -1.04 -30.64
CA THR C 578 12.67 -0.55 -31.82
C THR C 578 13.08 -1.28 -33.10
N ASP C 579 14.37 -1.52 -33.31
CA ASP C 579 14.84 -2.21 -34.50
C ASP C 579 15.43 -3.56 -34.11
N THR C 580 15.65 -4.40 -35.13
CA THR C 580 16.30 -5.69 -34.90
C THR C 580 17.79 -5.49 -34.64
N ASN C 581 18.43 -4.60 -35.38
CA ASN C 581 19.83 -4.26 -35.16
C ASN C 581 19.94 -3.17 -34.11
N SER C 582 21.15 -2.68 -33.87
CA SER C 582 21.36 -1.70 -32.83
C SER C 582 22.55 -0.81 -33.16
N VAL C 583 22.57 0.35 -32.51
CA VAL C 583 23.68 1.30 -32.59
C VAL C 583 24.52 1.12 -31.34
N CYS C 584 25.79 0.79 -31.51
CA CYS C 584 26.67 0.55 -30.37
C CYS C 584 27.96 1.33 -30.52
N PRO C 585 28.48 1.89 -29.43
CA PRO C 585 29.83 2.44 -29.47
C PRO C 585 30.87 1.34 -29.71
N MET C 586 31.97 1.73 -30.34
CA MET C 586 33.03 0.77 -30.63
C MET C 586 33.74 0.29 -29.37
N GLN C 587 33.66 1.03 -28.28
CA GLN C 587 34.27 0.61 -27.02
C GLN C 587 33.45 -0.47 -26.31
N ALA C 588 32.17 -0.62 -26.65
CA ALA C 588 31.30 -1.61 -26.04
C ALA C 588 31.24 -2.91 -26.82
N LEU C 589 31.91 -2.98 -27.97
CA LEU C 589 31.87 -4.18 -28.80
C LEU C 589 32.79 -5.24 -28.22
N ARG C 590 32.27 -6.47 -28.13
CA ARG C 590 33.03 -7.60 -27.65
C ARG C 590 33.05 -8.70 -28.70
N ASN C 591 33.97 -9.65 -28.54
CA ASN C 591 34.12 -10.72 -29.51
C ASN C 591 32.94 -11.69 -29.45
N ASP C 592 32.61 -12.27 -30.59
CA ASP C 592 31.45 -13.15 -30.69
C ASP C 592 31.70 -14.48 -30.00
N THR C 593 30.67 -15.01 -29.34
CA THR C 593 30.70 -16.33 -28.75
C THR C 593 29.48 -17.12 -29.21
N SER C 594 29.65 -18.43 -29.32
CA SER C 594 28.59 -19.31 -29.79
C SER C 594 27.80 -19.89 -28.61
N VAL C 595 26.69 -20.55 -28.94
CA VAL C 595 25.80 -21.14 -27.95
C VAL C 595 25.62 -22.65 -28.22
N HIS C 596 26.49 -23.22 -29.05
CA HIS C 596 26.49 -24.68 -29.25
C HIS C 596 26.89 -25.42 -27.98
N ASP C 597 27.63 -24.79 -27.09
CA ASP C 597 27.82 -25.25 -25.72
C ASP C 597 26.99 -24.37 -24.80
N LYS C 598 27.14 -24.61 -23.49
CA LYS C 598 26.56 -23.81 -22.39
C LYS C 598 25.04 -23.69 -22.46
N LEU C 599 24.36 -24.54 -23.25
CA LEU C 599 22.91 -24.53 -23.31
C LEU C 599 22.33 -25.04 -22.00
N GLY C 600 21.28 -24.38 -21.52
CA GLY C 600 20.63 -24.77 -20.29
C GLY C 600 21.17 -24.14 -19.02
N GLN C 601 22.04 -23.16 -19.13
CA GLN C 601 22.61 -22.47 -17.98
C GLN C 601 22.27 -20.98 -18.06
N CYS C 602 22.24 -20.34 -16.89
CA CYS C 602 21.99 -18.90 -16.81
C CYS C 602 23.22 -18.17 -17.31
N ILE C 603 23.17 -17.71 -18.56
CA ILE C 603 24.29 -17.02 -19.19
C ILE C 603 23.84 -15.61 -19.56
N ASP C 604 24.80 -14.69 -19.64
CA ASP C 604 24.53 -13.35 -20.13
C ASP C 604 24.63 -13.33 -21.64
N TYR C 605 23.78 -12.53 -22.28
CA TYR C 605 23.75 -12.46 -23.72
C TYR C 605 23.79 -11.02 -24.20
N SER C 606 24.40 -10.81 -25.36
CA SER C 606 24.36 -9.54 -26.08
C SER C 606 23.92 -9.87 -27.51
N LEU C 607 22.61 -9.95 -27.70
CA LEU C 607 22.02 -10.43 -28.95
C LEU C 607 21.66 -9.22 -29.81
N TYR C 608 22.61 -8.80 -30.64
CA TYR C 608 22.49 -7.63 -31.51
C TYR C 608 22.14 -6.38 -30.71
N GLY C 609 22.83 -6.21 -29.58
CA GLY C 609 22.60 -5.08 -28.71
C GLY C 609 21.59 -5.29 -27.61
N LEU C 610 20.96 -6.47 -27.52
CA LEU C 610 20.00 -6.77 -26.47
C LEU C 610 20.75 -7.43 -25.32
N THR C 611 20.80 -6.76 -24.18
CA THR C 611 21.55 -7.22 -23.02
C THR C 611 20.62 -7.82 -21.97
N GLY C 612 21.06 -8.90 -21.35
CA GLY C 612 20.28 -9.55 -20.32
C GLY C 612 20.90 -10.88 -19.95
N ARG C 613 20.19 -11.62 -19.10
CA ARG C 613 20.58 -12.95 -18.69
C ARG C 613 19.39 -13.90 -18.79
N GLY C 614 19.68 -15.15 -19.13
CA GLY C 614 18.61 -16.12 -19.30
C GLY C 614 19.16 -17.48 -19.65
N VAL C 615 18.24 -18.41 -19.85
CA VAL C 615 18.55 -19.80 -20.16
C VAL C 615 18.14 -20.08 -21.61
N PHE C 616 19.08 -20.61 -22.39
CA PHE C 616 18.86 -20.89 -23.80
C PHE C 616 18.73 -22.39 -24.02
N GLN C 617 17.75 -22.78 -24.83
CA GLN C 617 17.52 -24.17 -25.18
C GLN C 617 17.16 -24.25 -26.66
N ASN C 618 17.68 -25.28 -27.35
CA ASN C 618 17.31 -25.48 -28.74
C ASN C 618 15.83 -25.79 -28.86
N CYS C 619 15.18 -25.21 -29.87
CA CYS C 619 13.73 -25.09 -29.85
C CYS C 619 13.20 -25.14 -31.28
N THR C 620 11.92 -25.48 -31.40
CA THR C 620 11.27 -25.43 -32.70
C THR C 620 10.99 -23.99 -33.08
N ALA C 621 11.11 -23.70 -34.38
CA ALA C 621 11.05 -22.32 -34.85
C ALA C 621 9.62 -21.81 -34.84
N VAL C 622 9.39 -20.74 -34.08
CA VAL C 622 8.11 -20.04 -34.06
C VAL C 622 8.36 -18.55 -34.28
N GLY C 623 7.31 -17.85 -34.64
CA GLY C 623 7.42 -16.43 -34.92
C GLY C 623 8.07 -16.16 -36.26
N LEU C 624 8.20 -14.87 -36.58
CA LEU C 624 8.76 -14.47 -37.87
C LEU C 624 10.24 -14.34 -37.73
N SER C 625 10.99 -14.94 -38.62
CA SER C 625 12.43 -14.94 -38.57
C SER C 625 13.06 -13.60 -38.71
N GLN C 626 12.51 -12.77 -39.57
CA GLN C 626 13.08 -11.49 -39.84
C GLN C 626 13.10 -10.57 -38.64
N GLN C 627 12.06 -10.55 -37.83
CA GLN C 627 12.03 -9.67 -36.74
C GLN C 627 13.17 -10.05 -35.81
N ARG C 628 13.43 -11.33 -35.61
CA ARG C 628 14.58 -11.84 -34.84
C ARG C 628 14.43 -12.02 -33.38
N PHE C 629 13.36 -11.57 -32.81
CA PHE C 629 13.24 -11.54 -31.41
C PHE C 629 11.82 -11.77 -31.22
N VAL C 630 11.42 -12.80 -30.51
CA VAL C 630 10.06 -13.21 -30.20
C VAL C 630 9.77 -12.86 -28.75
N TYR C 631 8.69 -12.13 -28.53
CA TYR C 631 8.33 -11.65 -27.20
C TYR C 631 7.01 -12.28 -26.76
N ASP C 632 6.70 -12.02 -25.51
CA ASP C 632 5.49 -12.50 -24.97
C ASP C 632 4.65 -11.31 -24.66
N GLY C 633 3.59 -11.48 -23.94
CA GLY C 633 2.66 -10.42 -23.61
C GLY C 633 3.26 -9.36 -22.79
N PHE C 634 4.13 -9.72 -21.89
CA PHE C 634 4.71 -8.81 -20.93
C PHE C 634 5.98 -8.17 -21.41
N ASP C 635 6.35 -8.32 -22.66
CA ASP C 635 7.62 -7.86 -23.15
C ASP C 635 8.86 -8.47 -22.59
N ILE C 636 8.86 -9.77 -22.37
CA ILE C 636 10.07 -10.45 -22.00
C ILE C 636 10.56 -11.24 -23.21
N LEU C 637 11.84 -11.29 -23.49
CA LEU C 637 12.41 -12.05 -24.61
C LEU C 637 12.12 -13.54 -24.46
N THR C 638 11.25 -14.05 -25.32
CA THR C 638 10.85 -15.46 -25.30
C THR C 638 11.76 -16.32 -26.19
N GLY C 639 12.08 -15.86 -27.39
CA GLY C 639 12.93 -16.61 -28.29
C GLY C 639 13.88 -15.71 -29.03
N TYR C 640 14.76 -16.34 -29.81
CA TYR C 640 15.77 -15.62 -30.57
C TYR C 640 16.13 -16.43 -31.81
N HIS C 641 15.80 -15.91 -32.97
CA HIS C 641 16.03 -16.60 -34.20
C HIS C 641 17.41 -16.30 -34.58
N SER C 642 18.32 -17.19 -34.26
CA SER C 642 19.76 -17.01 -34.49
C SER C 642 20.41 -17.11 -35.83
N ASP C 643 21.60 -16.55 -35.92
CA ASP C 643 22.42 -16.63 -37.14
C ASP C 643 22.76 -18.05 -37.49
N ASP C 644 23.01 -18.88 -36.48
CA ASP C 644 23.42 -20.25 -36.70
C ASP C 644 22.32 -20.89 -37.47
N GLY C 645 21.08 -20.61 -37.15
CA GLY C 645 19.99 -21.08 -37.97
C GLY C 645 19.02 -21.71 -37.06
N ASN C 646 19.38 -21.72 -35.80
CA ASN C 646 18.56 -22.41 -34.88
C ASN C 646 17.72 -21.44 -34.10
N TYR C 647 16.55 -21.84 -33.65
CA TYR C 647 15.71 -21.03 -32.77
C TYR C 647 15.96 -21.46 -31.33
N TYR C 648 16.14 -20.47 -30.44
CA TYR C 648 16.45 -20.73 -29.05
C TYR C 648 15.40 -20.05 -28.18
N CYS C 649 14.56 -20.84 -27.52
CA CYS C 649 13.54 -20.29 -26.64
C CYS C 649 14.19 -19.85 -25.34
N VAL C 650 14.22 -18.54 -25.10
CA VAL C 650 14.90 -17.98 -23.95
C VAL C 650 13.97 -18.02 -22.74
N ARG C 651 14.50 -18.44 -21.60
CA ARG C 651 13.81 -18.44 -20.33
C ARG C 651 14.69 -17.75 -19.30
N PRO C 652 14.11 -16.93 -18.40
CA PRO C 652 14.91 -16.36 -17.32
C PRO C 652 15.45 -17.44 -16.41
N CYS C 653 16.68 -17.26 -15.94
CA CYS C 653 17.29 -18.29 -15.11
C CYS C 653 16.67 -18.29 -13.72
N VAL C 654 16.48 -19.48 -13.17
CA VAL C 654 15.65 -19.69 -12.00
C VAL C 654 16.48 -20.22 -10.84
N SER C 655 15.84 -20.39 -9.69
CA SER C 655 16.45 -20.99 -8.52
C SER C 655 15.62 -22.20 -8.08
N VAL C 656 16.31 -23.29 -7.75
CA VAL C 656 15.63 -24.48 -7.26
C VAL C 656 15.13 -24.23 -5.84
N PRO C 657 13.85 -24.44 -5.53
CA PRO C 657 13.37 -24.19 -4.17
C PRO C 657 13.93 -25.18 -3.18
N LEU C 658 14.08 -24.73 -1.94
CA LEU C 658 14.72 -25.50 -0.88
C LEU C 658 13.79 -25.60 0.32
N SER C 659 13.92 -26.71 1.05
CA SER C 659 13.20 -26.90 2.30
C SER C 659 14.11 -27.60 3.30
N VAL C 660 13.86 -27.36 4.59
CA VAL C 660 14.66 -27.92 5.67
C VAL C 660 13.73 -28.66 6.61
N VAL C 661 14.04 -29.93 6.89
CA VAL C 661 13.27 -30.74 7.82
C VAL C 661 14.10 -30.84 9.10
N TYR C 662 13.84 -29.92 10.03
CA TYR C 662 14.62 -29.83 11.25
C TYR C 662 13.91 -30.56 12.39
N ASP C 663 14.68 -31.36 13.14
CA ASP C 663 14.19 -32.03 14.35
C ASP C 663 15.03 -31.54 15.52
N LYS C 664 14.40 -30.75 16.40
CA LYS C 664 15.12 -30.15 17.51
C LYS C 664 15.68 -31.14 18.55
N PRO C 665 14.96 -32.17 19.02
CA PRO C 665 15.58 -33.05 20.04
C PRO C 665 16.81 -33.81 19.56
N SER C 666 16.85 -34.21 18.29
CA SER C 666 17.97 -34.96 17.77
C SER C 666 19.01 -34.10 17.06
N ASN C 667 18.68 -32.83 16.79
CA ASN C 667 19.55 -31.88 16.08
C ASN C 667 19.98 -32.42 14.71
N ASN C 668 19.05 -33.08 14.03
CA ASN C 668 19.27 -33.63 12.70
C ASN C 668 18.38 -32.91 11.70
N TYR C 669 18.91 -32.67 10.50
CA TYR C 669 18.18 -31.94 9.48
C TYR C 669 18.35 -32.63 8.14
N ALA C 670 17.38 -32.42 7.25
CA ALA C 670 17.42 -32.90 5.89
C ALA C 670 17.01 -31.78 4.94
N THR C 671 17.48 -31.85 3.71
CA THR C 671 17.24 -30.82 2.71
C THR C 671 16.34 -31.39 1.61
N ILE C 672 15.20 -30.74 1.40
CA ILE C 672 14.27 -31.12 0.34
C ILE C 672 14.47 -30.17 -0.84
N PHE C 673 14.74 -30.74 -2.00
CA PHE C 673 14.80 -29.98 -3.25
C PHE C 673 13.43 -30.08 -3.91
N GLY C 674 12.71 -28.97 -3.91
CA GLY C 674 11.28 -29.00 -4.21
C GLY C 674 10.99 -29.24 -5.68
N SER C 675 10.28 -30.33 -5.98
CA SER C 675 9.68 -30.60 -7.29
C SER C 675 10.73 -30.71 -8.40
N VAL C 676 11.90 -31.24 -8.06
CA VAL C 676 12.97 -31.45 -9.04
C VAL C 676 13.52 -32.85 -8.85
N ALA C 677 13.78 -33.54 -9.96
CA ALA C 677 14.30 -34.91 -9.92
C ALA C 677 15.73 -34.93 -9.41
N CYS C 678 16.16 -36.11 -8.97
CA CYS C 678 17.48 -36.28 -8.39
C CYS C 678 18.61 -36.28 -9.43
N ASP C 679 18.27 -36.30 -10.71
CA ASP C 679 19.29 -36.32 -11.73
C ASP C 679 19.91 -34.96 -11.75
N TYR C 680 19.09 -33.95 -11.69
CA TYR C 680 19.56 -32.58 -11.68
C TYR C 680 20.40 -32.27 -10.50
N VAL C 681 20.02 -32.74 -9.35
CA VAL C 681 20.72 -32.38 -8.15
C VAL C 681 22.14 -32.86 -8.26
N ASN C 682 22.34 -34.05 -8.78
CA ASN C 682 23.68 -34.54 -8.98
C ASN C 682 24.43 -33.59 -9.90
N THR C 703 23.11 -40.36 -0.09
CA THR C 703 22.49 -40.62 -1.37
C THR C 703 21.14 -39.93 -1.44
N PRO C 704 20.91 -39.12 -2.46
CA PRO C 704 19.60 -38.52 -2.60
C PRO C 704 18.53 -39.55 -2.93
N ILE C 705 17.30 -39.42 -2.43
CA ILE C 705 16.20 -40.32 -2.77
C ILE C 705 15.05 -39.59 -3.43
N GLN C 706 14.56 -40.09 -4.54
CA GLN C 706 13.46 -39.48 -5.25
C GLN C 706 12.22 -39.77 -4.52
N THR C 707 11.48 -38.76 -4.22
CA THR C 707 10.29 -38.79 -3.39
C THR C 707 9.18 -38.08 -4.16
N ALA C 708 7.94 -38.26 -3.70
CA ALA C 708 6.79 -37.62 -4.33
C ALA C 708 6.79 -36.10 -4.15
N VAL C 709 7.63 -35.56 -3.27
CA VAL C 709 7.77 -34.13 -3.08
C VAL C 709 9.11 -33.62 -3.59
N GLY C 710 9.80 -34.41 -4.38
CA GLY C 710 11.07 -34.00 -4.98
C GLY C 710 12.25 -34.73 -4.36
N CYS C 711 13.43 -34.39 -4.87
CA CYS C 711 14.67 -34.99 -4.38
C CYS C 711 14.99 -34.50 -2.98
N VAL C 712 15.42 -35.40 -2.12
CA VAL C 712 15.77 -35.07 -0.74
C VAL C 712 17.07 -35.77 -0.38
N ILE C 713 17.99 -35.02 0.26
CA ILE C 713 19.23 -35.56 0.80
C ILE C 713 19.20 -35.41 2.31
N GLY C 714 19.55 -36.48 3.02
CA GLY C 714 19.52 -36.50 4.47
C GLY C 714 18.52 -37.46 5.07
N LEU C 715 17.70 -38.12 4.26
CA LEU C 715 16.73 -39.09 4.73
C LEU C 715 17.09 -40.48 4.23
N VAL C 716 16.94 -41.48 5.09
CA VAL C 716 17.10 -42.87 4.68
C VAL C 716 15.72 -43.46 4.46
N ASN C 717 15.65 -44.48 3.61
CA ASN C 717 14.40 -45.15 3.27
C ASN C 717 14.44 -46.55 3.85
N SER C 718 13.45 -46.88 4.69
CA SER C 718 13.41 -48.17 5.37
C SER C 718 12.04 -48.84 5.28
N SER C 719 11.13 -48.31 4.44
CA SER C 719 9.78 -48.85 4.24
C SER C 719 9.00 -48.95 5.55
N LEU C 720 9.12 -47.93 6.38
CA LEU C 720 8.43 -47.88 7.66
C LEU C 720 7.16 -47.05 7.49
N VAL C 721 6.04 -47.46 8.12
CA VAL C 721 4.75 -46.73 8.05
C VAL C 721 4.26 -46.12 9.36
N VAL C 722 3.82 -44.88 9.35
CA VAL C 722 3.41 -44.17 10.55
C VAL C 722 1.96 -43.73 10.55
N ASP C 723 1.25 -43.94 11.62
CA ASP C 723 -0.14 -43.64 11.65
C ASP C 723 -0.35 -42.19 11.68
N ASP C 724 -1.49 -41.77 11.17
CA ASP C 724 -1.82 -40.39 11.24
C ASP C 724 -1.91 -40.20 12.71
N ASP C 725 -1.47 -39.08 13.22
CA ASP C 725 -1.41 -38.77 14.65
C ASP C 725 -0.08 -39.13 15.22
N LYS C 726 0.72 -39.88 14.49
CA LYS C 726 2.06 -40.09 14.94
C LYS C 726 3.00 -39.24 14.12
N CYS C 727 2.48 -38.45 13.21
CA CYS C 727 3.36 -37.71 12.31
C CYS C 727 3.63 -36.33 12.74
N THR C 728 4.86 -36.09 13.16
CA THR C 728 5.18 -34.75 13.66
C THR C 728 5.88 -33.87 12.64
N LEU C 729 6.43 -34.46 11.57
CA LEU C 729 7.09 -33.70 10.51
C LEU C 729 6.51 -34.14 9.17
N PRO C 730 5.37 -33.56 8.78
CA PRO C 730 4.76 -33.93 7.50
C PRO C 730 5.54 -33.33 6.33
N LEU C 731 5.82 -34.17 5.34
CA LEU C 731 6.64 -33.79 4.19
C LEU C 731 5.75 -33.79 2.95
N GLY C 732 5.05 -32.68 2.72
CA GLY C 732 4.18 -32.56 1.58
C GLY C 732 3.05 -33.57 1.58
N GLN C 733 3.14 -34.57 0.69
CA GLN C 733 2.11 -35.58 0.54
C GLN C 733 2.17 -36.58 1.68
N SER C 734 1.54 -37.74 1.53
CA SER C 734 1.47 -38.71 2.63
C SER C 734 2.84 -39.34 2.90
N LEU C 735 3.77 -38.51 3.37
CA LEU C 735 5.12 -38.91 3.72
C LEU C 735 5.49 -38.17 5.00
N CYS C 736 6.36 -38.78 5.79
CA CYS C 736 6.73 -38.21 7.08
C CYS C 736 8.21 -38.46 7.33
N ALA C 737 8.80 -37.60 8.16
CA ALA C 737 10.17 -37.77 8.64
C ALA C 737 10.12 -38.09 10.12
N VAL C 738 10.62 -39.26 10.49
CA VAL C 738 10.59 -39.70 11.88
C VAL C 738 12.01 -39.67 12.45
N PRO C 739 12.19 -39.38 13.74
CA PRO C 739 13.54 -39.30 14.30
C PRO C 739 14.07 -40.64 14.82
N SER C 740 13.42 -41.74 14.44
CA SER C 740 13.83 -43.05 14.94
C SER C 740 15.19 -43.47 14.38
N SER C 747 20.96 -40.82 16.55
CA SER C 747 19.64 -40.62 15.98
C SER C 747 19.73 -40.34 14.49
N ASN C 748 18.64 -40.65 13.78
CA ASN C 748 18.62 -40.49 12.33
C ASN C 748 17.20 -40.16 11.89
N LEU C 749 17.09 -39.49 10.76
CA LEU C 749 15.80 -39.12 10.18
C LEU C 749 15.45 -40.11 9.08
N GLN C 750 14.29 -40.75 9.21
CA GLN C 750 13.86 -41.80 8.29
C GLN C 750 12.62 -41.32 7.53
N LEU C 751 12.54 -41.73 6.26
CA LEU C 751 11.40 -41.40 5.43
C LEU C 751 10.30 -42.43 5.63
N ALA C 752 9.11 -41.95 5.98
CA ALA C 752 7.97 -42.81 6.28
C ALA C 752 6.83 -42.50 5.32
N VAL C 753 5.75 -43.27 5.44
CA VAL C 753 4.54 -43.09 4.65
C VAL C 753 3.35 -43.14 5.61
N ILE C 754 2.52 -42.11 5.58
CA ILE C 754 1.37 -42.02 6.47
C ILE C 754 0.27 -42.95 5.95
N ASN C 755 -0.29 -43.77 6.82
CA ASN C 755 -1.40 -44.64 6.47
C ASN C 755 -2.30 -44.79 7.69
N PHE C 756 -3.57 -44.43 7.55
CA PHE C 756 -4.50 -44.53 8.65
C PHE C 756 -5.04 -45.95 8.79
N THR C 757 -5.47 -46.28 10.01
CA THR C 757 -5.99 -47.61 10.30
C THR C 757 -7.40 -47.75 9.75
N ARG C 758 -7.64 -48.83 9.01
CA ARG C 758 -8.95 -49.11 8.45
C ARG C 758 -9.95 -49.45 9.55
N PRO C 759 -11.23 -49.15 9.33
CA PRO C 759 -12.24 -49.42 10.37
C PRO C 759 -12.44 -50.91 10.60
N HIS C 760 -12.94 -51.24 11.79
CA HIS C 760 -13.27 -52.61 12.13
C HIS C 760 -14.40 -53.11 11.24
N LEU C 761 -14.21 -54.28 10.66
CA LEU C 761 -15.17 -54.86 9.72
C LEU C 761 -16.04 -55.87 10.44
N VAL C 762 -17.34 -55.62 10.47
CA VAL C 762 -18.27 -56.51 11.15
C VAL C 762 -18.93 -57.37 10.12
N GLU C 763 -18.64 -58.64 10.13
CA GLU C 763 -19.17 -59.51 9.10
C GLU C 763 -20.67 -59.82 9.22
N ALA C 764 -21.43 -59.63 8.14
CA ALA C 764 -22.86 -59.87 8.14
C ALA C 764 -23.21 -61.35 8.22
N LEU C 765 -24.37 -61.68 8.76
CA LEU C 765 -24.74 -63.09 8.97
C LEU C 765 -25.96 -63.48 8.19
N ASN C 766 -25.95 -64.64 7.52
CA ASN C 766 -27.12 -64.94 6.73
C ASN C 766 -28.03 -65.70 7.66
N SER C 767 -29.04 -65.01 8.15
CA SER C 767 -29.97 -65.56 9.11
C SER C 767 -31.08 -64.55 9.09
N SER C 768 -32.16 -64.81 9.78
CA SER C 768 -33.27 -63.89 9.70
C SER C 768 -33.00 -62.47 10.19
N GLY C 769 -32.25 -62.29 11.29
CA GLY C 769 -32.06 -60.93 11.79
C GLY C 769 -30.75 -60.37 11.38
N PHE C 770 -30.28 -59.36 12.09
CA PHE C 770 -28.94 -58.86 11.84
C PHE C 770 -27.95 -59.09 12.95
N VAL C 771 -26.68 -58.88 12.70
CA VAL C 771 -25.63 -58.94 13.71
C VAL C 771 -25.29 -57.52 14.14
N VAL C 772 -25.21 -57.31 15.45
CA VAL C 772 -24.96 -56.00 16.03
C VAL C 772 -23.81 -56.11 17.02
N GLN C 773 -23.08 -55.01 17.20
CA GLN C 773 -21.97 -54.93 18.14
C GLN C 773 -22.37 -54.01 19.29
N ILE C 774 -22.53 -54.58 20.48
CA ILE C 774 -22.99 -53.84 21.64
C ILE C 774 -21.82 -53.66 22.60
N PRO C 775 -21.61 -52.46 23.14
CA PRO C 775 -20.43 -52.22 24.00
C PRO C 775 -20.52 -52.97 25.32
N THR C 776 -19.49 -53.77 25.60
CA THR C 776 -19.19 -54.25 26.93
C THR C 776 -17.98 -53.47 27.42
N ASN C 777 -18.05 -52.93 28.65
CA ASN C 777 -17.07 -52.04 29.26
C ASN C 777 -16.98 -50.69 28.54
N PHE C 778 -16.55 -49.66 29.24
CA PHE C 778 -16.53 -48.31 28.68
C PHE C 778 -15.53 -47.45 29.43
N SER C 779 -15.46 -46.19 29.04
CA SER C 779 -14.63 -45.20 29.71
C SER C 779 -15.21 -43.82 29.38
N PHE C 780 -14.63 -42.80 30.01
CA PHE C 780 -15.04 -41.43 29.78
C PHE C 780 -13.90 -40.65 29.12
N SER C 781 -14.20 -40.03 27.99
CA SER C 781 -13.23 -39.24 27.24
C SER C 781 -13.65 -37.78 27.27
N ILE C 782 -12.71 -36.90 27.61
CA ILE C 782 -12.96 -35.47 27.69
C ILE C 782 -12.32 -34.82 26.47
N THR C 783 -13.14 -34.13 25.68
CA THR C 783 -12.67 -33.40 24.50
C THR C 783 -12.67 -31.92 24.82
N GLN C 784 -11.54 -31.26 24.60
CA GLN C 784 -11.37 -29.86 24.93
C GLN C 784 -11.46 -29.02 23.66
N GLU C 785 -12.25 -27.95 23.72
CA GLU C 785 -12.50 -27.10 22.57
C GLU C 785 -12.38 -25.65 22.99
N TYR C 786 -11.65 -24.86 22.21
CA TYR C 786 -11.50 -23.43 22.44
C TYR C 786 -12.21 -22.66 21.34
N ILE C 787 -13.07 -21.72 21.73
CA ILE C 787 -13.73 -20.82 20.80
C ILE C 787 -13.37 -19.39 21.18
N GLN C 788 -12.74 -18.68 20.26
CA GLN C 788 -12.39 -17.28 20.50
C GLN C 788 -13.63 -16.42 20.50
N THR C 789 -13.65 -15.40 21.37
CA THR C 789 -14.78 -14.50 21.47
C THR C 789 -14.43 -13.04 21.27
N THR C 790 -13.17 -12.65 21.46
CA THR C 790 -12.76 -11.26 21.32
C THR C 790 -11.29 -11.21 20.96
N ILE C 791 -10.85 -10.04 20.49
CA ILE C 791 -9.46 -9.80 20.19
C ILE C 791 -8.94 -8.70 21.10
N GLN C 792 -7.66 -8.38 21.00
CA GLN C 792 -7.08 -7.28 21.76
C GLN C 792 -7.49 -5.96 21.13
N LYS C 793 -8.14 -5.10 21.91
CA LYS C 793 -8.58 -3.81 21.41
C LYS C 793 -7.40 -2.84 21.42
N VAL C 794 -6.91 -2.49 20.25
CA VAL C 794 -5.74 -1.63 20.11
C VAL C 794 -6.17 -0.36 19.39
N THR C 795 -5.92 0.78 20.01
CA THR C 795 -6.15 2.08 19.39
C THR C 795 -4.82 2.79 19.18
N VAL C 796 -4.77 3.61 18.13
CA VAL C 796 -3.54 4.29 17.73
C VAL C 796 -3.78 5.80 17.73
N ASP C 797 -2.78 6.54 18.19
CA ASP C 797 -2.72 7.98 18.06
C ASP C 797 -1.98 8.28 16.76
N CYS C 798 -2.72 8.74 15.75
CA CYS C 798 -2.16 8.85 14.41
C CYS C 798 -1.05 9.90 14.32
N LYS C 799 -1.24 11.03 14.97
CA LYS C 799 -0.22 12.09 14.95
C LYS C 799 1.06 11.64 15.64
N GLN C 800 0.94 10.99 16.79
CA GLN C 800 2.12 10.52 17.52
C GLN C 800 2.80 9.37 16.79
N TYR C 801 2.02 8.47 16.18
CA TYR C 801 2.60 7.37 15.43
C TYR C 801 3.32 7.87 14.19
N VAL C 802 2.75 8.85 13.49
CA VAL C 802 3.34 9.31 12.24
C VAL C 802 4.55 10.20 12.48
N CYS C 803 4.44 11.15 13.41
CA CYS C 803 5.46 12.20 13.52
C CYS C 803 6.36 12.09 14.73
N ASN C 804 5.97 11.33 15.76
CA ASN C 804 6.76 11.12 16.98
C ASN C 804 7.10 12.43 17.68
N GLY C 805 6.14 13.35 17.72
CA GLY C 805 6.31 14.60 18.44
C GLY C 805 7.32 15.57 17.85
N PHE C 806 7.34 15.73 16.54
CA PHE C 806 8.18 16.72 15.87
C PHE C 806 7.29 17.75 15.20
N GLU C 807 7.61 19.04 15.43
CA GLU C 807 6.71 20.12 15.02
C GLU C 807 6.68 20.29 13.51
N LYS C 808 7.83 20.13 12.84
CA LYS C 808 7.88 20.27 11.39
C LYS C 808 7.08 19.16 10.71
N CYS C 809 7.19 17.93 11.22
CA CYS C 809 6.40 16.83 10.67
C CYS C 809 4.92 17.08 10.85
N GLU C 810 4.51 17.64 12.00
CA GLU C 810 3.11 17.96 12.19
C GLU C 810 2.65 19.08 11.27
N THR C 811 3.54 20.04 10.98
CA THR C 811 3.22 21.09 10.01
C THR C 811 2.98 20.50 8.62
N LEU C 812 3.80 19.53 8.21
CA LEU C 812 3.53 18.84 6.95
C LEU C 812 2.27 17.99 7.02
N LEU C 813 2.01 17.37 8.17
CA LEU C 813 0.89 16.44 8.33
C LEU C 813 -0.45 17.16 8.44
N ARG C 814 -0.44 18.47 8.71
CA ARG C 814 -1.67 19.23 8.83
C ARG C 814 -2.52 19.20 7.56
N GLU C 815 -1.93 18.93 6.40
CA GLU C 815 -2.71 18.71 5.18
C GLU C 815 -3.37 17.33 5.17
N TYR C 816 -2.77 16.35 5.84
CA TYR C 816 -3.38 15.03 5.99
C TYR C 816 -4.21 14.97 7.27
N GLY C 817 -5.12 15.93 7.44
CA GLY C 817 -5.90 16.00 8.66
C GLY C 817 -7.06 15.04 8.71
N GLN C 818 -7.65 14.71 7.55
CA GLN C 818 -8.81 13.83 7.53
C GLN C 818 -8.45 12.36 7.70
N PHE C 819 -7.26 11.96 7.26
CA PHE C 819 -6.89 10.54 7.26
C PHE C 819 -6.70 10.02 8.69
N CYS C 820 -6.05 10.81 9.55
CA CYS C 820 -5.86 10.40 10.93
C CYS C 820 -7.19 10.32 11.68
N ALA C 821 -8.08 11.27 11.42
CA ALA C 821 -9.42 11.23 12.04
C ALA C 821 -10.20 10.03 11.56
N LYS C 822 -10.10 9.68 10.28
CA LYS C 822 -10.79 8.51 9.76
C LYS C 822 -10.25 7.22 10.37
N ILE C 823 -8.93 7.14 10.54
CA ILE C 823 -8.31 5.96 11.17
C ILE C 823 -8.79 5.82 12.61
N ASN C 824 -8.79 6.94 13.36
CA ASN C 824 -9.23 6.92 14.75
C ASN C 824 -10.70 6.54 14.86
N GLN C 825 -11.54 7.06 13.97
CA GLN C 825 -12.97 6.77 14.02
C GLN C 825 -13.24 5.31 13.66
N ALA C 826 -12.51 4.77 12.68
CA ALA C 826 -12.68 3.36 12.32
C ALA C 826 -12.28 2.44 13.47
N LEU C 827 -11.15 2.74 14.12
CA LEU C 827 -10.73 1.91 15.25
C LEU C 827 -11.68 2.04 16.43
N HIS C 828 -12.22 3.24 16.66
CA HIS C 828 -13.19 3.44 17.73
C HIS C 828 -14.47 2.64 17.47
N GLY C 829 -14.94 2.64 16.22
CA GLY C 829 -16.11 1.84 15.89
C GLY C 829 -15.88 0.35 16.04
N ALA C 830 -14.69 -0.13 15.65
CA ALA C 830 -14.37 -1.54 15.82
C ALA C 830 -14.33 -1.94 17.29
N ASN C 831 -13.72 -1.11 18.13
CA ASN C 831 -13.66 -1.42 19.56
C ASN C 831 -15.05 -1.35 20.20
N LEU C 832 -15.89 -0.41 19.76
CA LEU C 832 -17.26 -0.34 20.28
C LEU C 832 -18.06 -1.59 19.90
N ARG C 833 -17.90 -2.06 18.66
CA ARG C 833 -18.58 -3.29 18.24
C ARG C 833 -18.08 -4.50 19.02
N GLN C 834 -16.77 -4.54 19.32
CA GLN C 834 -16.23 -5.61 20.15
C GLN C 834 -16.83 -5.61 21.55
N ASP C 835 -16.94 -4.42 22.15
CA ASP C 835 -17.53 -4.32 23.49
C ASP C 835 -19.00 -4.76 23.48
N GLU C 836 -19.75 -4.35 22.46
CA GLU C 836 -21.15 -4.77 22.36
C GLU C 836 -21.28 -6.27 22.18
N SER C 837 -20.39 -6.89 21.38
CA SER C 837 -20.44 -8.33 21.19
C SER C 837 -20.11 -9.09 22.48
N VAL C 838 -19.12 -8.59 23.24
CA VAL C 838 -18.78 -9.23 24.51
C VAL C 838 -19.93 -9.12 25.50
N ALA C 839 -20.58 -7.95 25.57
CA ALA C 839 -21.73 -7.77 26.45
C ALA C 839 -22.88 -8.69 26.06
N ASN C 840 -23.13 -8.82 24.76
CA ASN C 840 -24.21 -9.71 24.29
C ASN C 840 -23.90 -11.16 24.62
N LEU C 841 -22.65 -11.59 24.46
CA LEU C 841 -22.28 -12.97 24.78
C LEU C 841 -22.47 -13.27 26.26
N PHE C 842 -21.96 -12.38 27.12
CA PHE C 842 -22.06 -12.63 28.55
C PHE C 842 -23.47 -12.42 29.09
N ALA C 843 -24.32 -11.69 28.38
CA ALA C 843 -25.75 -11.68 28.72
C ALA C 843 -26.44 -12.95 28.24
N ASN C 844 -25.98 -13.54 27.14
CA ASN C 844 -26.62 -14.74 26.61
C ASN C 844 -26.29 -15.97 27.44
N ILE C 845 -25.06 -16.07 27.95
CA ILE C 845 -24.66 -17.28 28.67
C ILE C 845 -25.10 -17.25 30.13
N LYS C 846 -25.86 -16.22 30.52
CA LYS C 846 -26.39 -16.16 31.87
C LYS C 846 -27.51 -17.17 32.06
N THR C 847 -27.76 -17.53 33.32
CA THR C 847 -28.81 -18.48 33.67
C THR C 847 -29.79 -17.81 34.64
N GLN C 848 -31.04 -18.26 34.60
CA GLN C 848 -32.08 -17.65 35.42
C GLN C 848 -32.05 -18.16 36.84
N THR C 849 -31.93 -19.47 37.02
CA THR C 849 -32.05 -20.10 38.33
C THR C 849 -30.87 -21.03 38.57
N THR C 850 -30.37 -21.03 39.79
CA THR C 850 -29.23 -21.84 40.17
C THR C 850 -29.56 -22.66 41.42
N GLN C 851 -28.70 -23.62 41.74
CA GLN C 851 -28.85 -24.45 42.92
C GLN C 851 -27.54 -24.49 43.67
N ALA C 852 -27.63 -24.63 44.99
CA ALA C 852 -26.45 -24.67 45.83
C ALA C 852 -25.75 -26.02 45.74
N ASN C 858 -22.87 -32.87 43.77
CA ASN C 858 -21.54 -33.46 43.87
C ASN C 858 -21.62 -34.98 43.92
N GLY C 859 -22.16 -35.50 45.02
CA GLY C 859 -22.26 -36.94 45.20
C GLY C 859 -20.88 -37.54 45.40
N ASP C 860 -20.61 -38.65 44.71
CA ASP C 860 -19.30 -39.29 44.73
C ASP C 860 -18.41 -38.79 43.60
N PHE C 861 -18.87 -37.82 42.82
CA PHE C 861 -18.08 -37.24 41.75
C PHE C 861 -17.20 -36.13 42.32
N ASN C 862 -15.90 -36.19 42.03
CA ASN C 862 -14.94 -35.22 42.57
C ASN C 862 -14.85 -34.05 41.59
N LEU C 863 -15.39 -32.89 42.00
CA LEU C 863 -15.43 -31.71 41.16
C LEU C 863 -14.65 -30.56 41.78
N THR C 864 -13.52 -30.86 42.44
CA THR C 864 -12.72 -29.80 43.04
C THR C 864 -11.98 -28.98 42.00
N LEU C 865 -11.72 -29.55 40.82
CA LEU C 865 -11.07 -28.78 39.77
C LEU C 865 -12.00 -27.76 39.15
N LEU C 866 -13.28 -28.08 39.02
CA LEU C 866 -14.24 -27.17 38.40
C LEU C 866 -14.64 -26.04 39.34
N GLN C 867 -14.64 -26.28 40.65
CA GLN C 867 -15.12 -25.30 41.61
C GLN C 867 -13.97 -24.44 42.12
N VAL C 868 -14.34 -23.41 42.86
CA VAL C 868 -13.36 -22.47 43.43
C VAL C 868 -12.59 -23.17 44.55
N PRO C 869 -11.26 -23.08 44.58
CA PRO C 869 -10.50 -23.72 45.67
C PRO C 869 -10.75 -23.04 47.01
N LYS C 870 -10.56 -23.82 48.07
CA LYS C 870 -10.76 -23.31 49.43
C LYS C 870 -9.74 -22.23 49.77
N VAL C 871 -8.47 -22.47 49.45
CA VAL C 871 -7.40 -21.50 49.66
C VAL C 871 -6.98 -20.99 48.29
N THR C 872 -7.20 -19.71 48.05
CA THR C 872 -6.99 -19.13 46.72
C THR C 872 -5.49 -18.91 46.48
N THR C 873 -4.98 -19.52 45.41
CA THR C 873 -3.61 -19.30 44.97
C THR C 873 -3.53 -18.20 43.92
N SER C 874 -4.63 -17.57 43.58
CA SER C 874 -4.68 -16.51 42.58
C SER C 874 -5.27 -15.24 43.20
N GLN C 875 -5.15 -14.15 42.45
CA GLN C 875 -5.65 -12.85 42.89
C GLN C 875 -7.13 -12.64 42.53
N TYR C 876 -7.76 -13.60 41.88
CA TYR C 876 -9.18 -13.52 41.54
C TYR C 876 -9.94 -14.51 42.41
N SER C 877 -10.92 -14.00 43.16
CA SER C 877 -11.63 -14.81 44.14
C SER C 877 -12.56 -15.83 43.49
N TYR C 878 -13.00 -15.59 42.26
CA TYR C 878 -14.00 -16.44 41.61
C TYR C 878 -13.40 -17.36 40.56
N ARG C 879 -12.08 -17.32 40.35
CA ARG C 879 -11.44 -18.20 39.38
C ARG C 879 -11.35 -19.62 39.92
N SER C 880 -11.57 -20.58 39.04
CA SER C 880 -11.50 -21.99 39.40
C SER C 880 -10.06 -22.50 39.30
N THR C 881 -9.86 -23.75 39.75
CA THR C 881 -8.53 -24.35 39.73
C THR C 881 -8.08 -24.67 38.31
N ILE C 882 -8.97 -25.19 37.48
CA ILE C 882 -8.61 -25.53 36.10
C ILE C 882 -8.38 -24.27 35.28
N GLU C 883 -9.10 -23.18 35.59
CA GLU C 883 -8.82 -21.90 34.96
C GLU C 883 -7.45 -21.38 35.38
N ASP C 884 -7.08 -21.59 36.65
CA ASP C 884 -5.76 -21.20 37.12
C ASP C 884 -4.66 -21.96 36.38
N LEU C 885 -4.85 -23.27 36.19
CA LEU C 885 -3.87 -24.06 35.46
C LEU C 885 -3.78 -23.63 34.00
N LEU C 886 -4.93 -23.37 33.37
CA LEU C 886 -4.93 -22.95 31.97
C LEU C 886 -4.25 -21.59 31.79
N PHE C 887 -4.50 -20.65 32.71
CA PHE C 887 -3.87 -19.33 32.60
C PHE C 887 -2.40 -19.36 33.00
N ASN C 888 -2.00 -20.30 33.86
CA ASN C 888 -0.58 -20.44 34.18
C ASN C 888 0.17 -21.12 33.05
N LYS C 889 -0.50 -21.96 32.26
CA LYS C 889 0.18 -22.66 31.17
C LYS C 889 0.42 -21.79 29.95
N VAL C 890 -0.23 -20.64 29.83
CA VAL C 890 -0.04 -19.75 28.70
C VAL C 890 0.90 -18.62 29.12
N THR C 891 1.51 -18.00 28.11
CA THR C 891 2.44 -16.89 28.32
C THR C 891 1.89 -15.66 27.61
N ILE C 892 1.33 -14.73 28.39
CA ILE C 892 0.74 -13.50 27.87
C ILE C 892 1.53 -12.33 28.44
N ALA C 893 1.93 -11.42 27.56
CA ALA C 893 2.57 -10.18 28.01
C ALA C 893 1.54 -9.29 28.70
N ASP C 894 1.86 -8.84 29.91
CA ASP C 894 0.93 -8.02 30.67
C ASP C 894 0.91 -6.61 30.08
N PRO C 895 -0.25 -6.11 29.64
CA PRO C 895 -0.30 -4.76 29.07
C PRO C 895 -0.10 -3.69 30.13
N GLY C 896 -0.84 -3.81 31.22
CA GLY C 896 -0.76 -2.83 32.29
C GLY C 896 -1.88 -1.82 32.15
N TYR C 897 -2.93 -1.97 32.95
CA TYR C 897 -4.09 -1.09 32.83
C TYR C 897 -4.18 -0.07 33.96
N MET C 898 -3.56 -0.34 35.11
CA MET C 898 -3.60 0.58 36.23
C MET C 898 -2.33 1.41 36.37
N GLN C 899 -1.15 0.79 36.28
CA GLN C 899 0.10 1.51 36.47
C GLN C 899 1.18 1.08 35.47
N GLY C 900 0.81 0.70 34.25
CA GLY C 900 1.79 0.20 33.30
C GLY C 900 2.80 1.24 32.87
N TYR C 901 2.38 2.51 32.83
CA TYR C 901 3.29 3.60 32.50
C TYR C 901 4.39 3.73 33.55
N ASP C 902 4.04 3.63 34.83
CA ASP C 902 5.04 3.76 35.89
C ASP C 902 5.99 2.57 35.90
N GLU C 903 5.48 1.36 35.64
CA GLU C 903 6.36 0.20 35.56
C GLU C 903 7.26 0.26 34.33
N CYS C 904 6.79 0.85 33.24
CA CYS C 904 7.61 0.96 32.04
C CYS C 904 8.68 2.04 32.18
N MET C 905 8.36 3.15 32.80
CA MET C 905 9.32 4.24 32.86
C MET C 905 10.22 4.14 34.06
N GLN C 906 9.69 3.75 35.20
CA GLN C 906 10.49 3.73 36.40
C GLN C 906 11.65 2.77 36.30
N GLN C 907 11.43 1.61 35.73
CA GLN C 907 12.50 0.66 35.68
C GLN C 907 13.27 0.86 34.39
N ILE C 916 3.16 -4.02 27.80
CA ILE C 916 3.97 -3.70 26.65
C ILE C 916 4.52 -2.28 26.77
N CYS C 917 5.84 -2.16 26.83
CA CYS C 917 6.48 -0.86 26.99
C CYS C 917 6.58 -0.08 25.68
N ALA C 918 6.26 -0.69 24.56
CA ALA C 918 6.31 -0.02 23.27
C ALA C 918 5.02 0.73 22.94
N GLN C 919 4.04 0.72 23.85
CA GLN C 919 2.81 1.45 23.62
C GLN C 919 3.05 2.95 23.61
N PHE C 920 3.73 3.45 24.62
CA PHE C 920 3.89 4.90 24.79
C PHE C 920 4.96 5.48 23.88
N VAL C 921 5.85 4.65 23.34
CA VAL C 921 6.89 5.15 22.44
C VAL C 921 6.34 5.28 21.02
N ALA C 922 5.77 4.19 20.50
CA ALA C 922 5.28 4.17 19.12
C ALA C 922 3.98 4.94 18.94
N GLY C 923 3.17 5.08 20.00
CA GLY C 923 1.96 5.86 19.91
C GLY C 923 0.67 5.07 19.77
N TYR C 924 0.66 3.80 20.17
CA TYR C 924 -0.58 3.03 20.22
C TYR C 924 -0.92 2.69 21.66
N LYS C 925 -2.17 2.29 21.87
CA LYS C 925 -2.66 1.99 23.22
C LYS C 925 -3.55 0.77 23.16
N VAL C 926 -3.33 -0.17 24.07
CA VAL C 926 -4.18 -1.35 24.21
C VAL C 926 -5.26 -1.02 25.22
N LEU C 927 -6.50 -0.92 24.76
CA LEU C 927 -7.60 -0.58 25.63
C LEU C 927 -7.92 -1.75 26.57
N PRO C 928 -8.39 -1.45 27.79
CA PRO C 928 -8.80 -2.53 28.68
C PRO C 928 -10.05 -3.21 28.18
N PRO C 929 -10.25 -4.49 28.51
CA PRO C 929 -11.46 -5.20 28.05
C PRO C 929 -12.72 -4.73 28.76
N LEU C 930 -13.87 -5.27 28.33
CA LEU C 930 -15.15 -4.83 28.87
C LEU C 930 -15.31 -5.26 30.33
N TYR C 931 -14.86 -6.45 30.68
CA TYR C 931 -15.00 -6.98 32.04
C TYR C 931 -13.64 -7.40 32.56
N ASP C 932 -13.43 -7.21 33.86
CA ASP C 932 -12.27 -7.77 34.52
C ASP C 932 -12.40 -9.29 34.58
N PRO C 933 -11.29 -10.02 34.71
CA PRO C 933 -11.38 -11.50 34.77
C PRO C 933 -12.19 -12.02 35.95
N ASN C 934 -12.32 -11.26 37.03
CA ASN C 934 -13.13 -11.72 38.16
C ASN C 934 -14.60 -11.81 37.81
N MET C 935 -15.14 -10.84 37.06
CA MET C 935 -16.56 -10.87 36.74
C MET C 935 -16.86 -11.93 35.68
N GLU C 936 -15.95 -12.14 34.72
CA GLU C 936 -16.10 -13.23 33.78
C GLU C 936 -16.04 -14.58 34.50
N ALA C 937 -15.16 -14.70 35.51
CA ALA C 937 -15.14 -15.90 36.33
C ALA C 937 -16.44 -16.07 37.11
N ALA C 938 -17.04 -14.96 37.54
CA ALA C 938 -18.35 -15.01 38.20
C ALA C 938 -19.42 -15.52 37.27
N TYR C 939 -19.42 -15.06 36.02
CA TYR C 939 -20.37 -15.54 35.02
C TYR C 939 -20.19 -17.03 34.77
N THR C 940 -18.93 -17.46 34.64
CA THR C 940 -18.62 -18.87 34.39
C THR C 940 -19.03 -19.74 35.58
N SER C 941 -18.78 -19.28 36.81
CA SER C 941 -19.15 -20.07 37.99
C SER C 941 -20.66 -20.13 38.16
N SER C 942 -21.37 -19.03 37.86
CA SER C 942 -22.82 -19.05 37.93
C SER C 942 -23.41 -19.99 36.87
N LEU C 943 -22.77 -20.05 35.70
CA LEU C 943 -23.18 -21.05 34.70
C LEU C 943 -22.88 -22.46 35.18
N LEU C 944 -21.75 -22.65 35.88
CA LEU C 944 -21.37 -23.96 36.39
C LEU C 944 -22.35 -24.45 37.45
N GLY C 945 -22.91 -23.53 38.24
CA GLY C 945 -23.94 -23.92 39.19
C GLY C 945 -25.18 -24.50 38.51
N SER C 946 -25.64 -23.84 37.45
CA SER C 946 -26.68 -24.34 36.53
C SER C 946 -28.00 -24.72 37.20
N LEU C 956 -35.88 -24.16 29.00
CA LEU C 956 -36.93 -24.76 29.80
C LEU C 956 -37.43 -23.79 30.87
N SER C 957 -38.75 -23.66 30.98
CA SER C 957 -39.35 -22.74 31.93
C SER C 957 -39.27 -23.23 33.37
N SER C 958 -39.16 -24.54 33.58
CA SER C 958 -39.13 -25.12 34.91
C SER C 958 -37.71 -25.54 35.27
N PHE C 959 -37.32 -25.29 36.51
CA PHE C 959 -36.02 -25.68 37.03
C PHE C 959 -36.20 -26.71 38.12
N ALA C 960 -35.47 -27.82 38.02
CA ALA C 960 -35.55 -28.91 38.99
C ALA C 960 -34.24 -28.99 39.76
N ALA C 961 -34.35 -28.99 41.09
CA ALA C 961 -33.18 -29.06 41.96
C ALA C 961 -32.77 -30.53 42.10
N ILE C 962 -32.11 -31.03 41.06
CA ILE C 962 -31.67 -32.42 40.99
C ILE C 962 -30.16 -32.44 41.16
N PRO C 963 -29.61 -33.26 42.06
CA PRO C 963 -28.17 -33.27 42.30
C PRO C 963 -27.38 -33.79 41.10
N PHE C 964 -26.06 -33.59 41.17
CA PHE C 964 -25.20 -33.90 40.03
C PHE C 964 -25.11 -35.39 39.75
N ALA C 965 -25.11 -36.21 40.80
CA ALA C 965 -25.08 -37.66 40.62
C ALA C 965 -26.33 -38.15 39.88
N GLN C 966 -27.50 -37.63 40.27
CA GLN C 966 -28.72 -38.02 39.57
C GLN C 966 -28.81 -37.40 38.18
N SER C 967 -28.20 -36.23 37.99
CA SER C 967 -28.13 -35.66 36.65
C SER C 967 -27.30 -36.54 35.73
N ILE C 968 -26.17 -37.04 36.22
CA ILE C 968 -25.34 -37.95 35.44
C ILE C 968 -26.07 -39.28 35.20
N PHE C 969 -26.82 -39.74 36.21
CA PHE C 969 -27.61 -40.96 36.07
C PHE C 969 -28.65 -40.83 34.96
N TYR C 970 -29.39 -39.72 34.95
CA TYR C 970 -30.41 -39.50 33.92
C TYR C 970 -29.78 -39.29 32.55
N ARG C 971 -28.65 -38.57 32.50
CA ARG C 971 -27.97 -38.33 31.23
C ARG C 971 -27.46 -39.62 30.61
N MET C 972 -26.94 -40.54 31.43
CA MET C 972 -26.46 -41.80 30.90
C MET C 972 -27.59 -42.80 30.67
N ASN C 973 -28.72 -42.65 31.35
CA ASN C 973 -29.89 -43.48 31.05
C ASN C 973 -30.54 -43.05 29.75
N GLY C 974 -30.43 -41.77 29.39
CA GLY C 974 -31.04 -41.29 28.16
C GLY C 974 -30.32 -41.72 26.89
N ILE C 975 -29.04 -42.11 26.99
CA ILE C 975 -28.28 -42.47 25.79
C ILE C 975 -28.39 -43.95 25.43
N GLY C 976 -29.03 -44.77 26.25
CA GLY C 976 -29.23 -46.15 25.89
C GLY C 976 -28.99 -47.16 27.00
N ILE C 977 -28.24 -46.76 28.02
CA ILE C 977 -27.95 -47.66 29.14
C ILE C 977 -29.17 -47.77 30.03
N THR C 978 -29.55 -49.00 30.39
CA THR C 978 -30.73 -49.22 31.19
C THR C 978 -30.44 -48.92 32.66
N GLN C 979 -31.50 -48.98 33.48
CA GLN C 979 -31.38 -48.63 34.89
C GLN C 979 -30.58 -49.66 35.67
N GLN C 980 -30.68 -50.93 35.28
CA GLN C 980 -30.00 -52.00 36.01
C GLN C 980 -28.48 -51.88 35.91
N VAL C 981 -27.98 -51.55 34.71
CA VAL C 981 -26.54 -51.41 34.53
C VAL C 981 -26.01 -50.21 35.30
N LEU C 982 -26.78 -49.12 35.33
CA LEU C 982 -26.36 -47.95 36.08
C LEU C 982 -26.40 -48.19 37.58
N SER C 983 -27.37 -48.97 38.05
CA SER C 983 -27.46 -49.26 39.49
C SER C 983 -26.37 -50.23 39.92
N GLU C 984 -26.03 -51.21 39.07
CA GLU C 984 -25.03 -52.19 39.45
C GLU C 984 -23.61 -51.65 39.36
N ASN C 985 -23.34 -50.78 38.38
CA ASN C 985 -21.99 -50.30 38.11
C ASN C 985 -21.81 -48.84 38.52
N GLN C 986 -22.43 -48.43 39.62
CA GLN C 986 -22.35 -47.04 40.06
C GLN C 986 -20.94 -46.65 40.46
N LYS C 987 -20.25 -47.52 41.20
CA LYS C 987 -18.90 -47.23 41.65
C LYS C 987 -17.92 -47.15 40.48
N GLN C 988 -18.08 -48.02 39.48
CA GLN C 988 -17.24 -47.96 38.29
C GLN C 988 -17.49 -46.68 37.50
N ILE C 989 -18.75 -46.25 37.41
CA ILE C 989 -19.09 -45.01 36.72
C ILE C 989 -18.43 -43.81 37.41
N ASP C 990 -18.54 -43.77 38.75
CA ASP C 990 -17.95 -42.67 39.51
C ASP C 990 -16.43 -42.68 39.41
N LYS C 991 -15.81 -43.86 39.46
CA LYS C 991 -14.36 -43.96 39.35
C LYS C 991 -13.87 -43.53 37.97
N LYS C 992 -14.58 -43.92 36.91
CA LYS C 992 -14.18 -43.53 35.56
C LYS C 992 -14.36 -42.03 35.34
N PHE C 993 -15.45 -41.46 35.86
CA PHE C 993 -15.65 -40.01 35.76
C PHE C 993 -14.56 -39.25 36.52
N ASN C 994 -14.20 -39.72 37.71
CA ASN C 994 -13.14 -39.08 38.49
C ASN C 994 -11.79 -39.20 37.78
N GLN C 995 -11.52 -40.35 37.16
CA GLN C 995 -10.28 -40.53 36.41
C GLN C 995 -10.21 -39.58 35.22
N ALA C 996 -11.33 -39.43 34.50
CA ALA C 996 -11.36 -38.49 33.38
C ALA C 996 -11.18 -37.06 33.85
N LEU C 997 -11.80 -36.69 34.97
CA LEU C 997 -11.66 -35.33 35.47
C LEU C 997 -10.26 -35.04 35.99
N ASN C 998 -9.57 -36.05 36.56
CA ASN C 998 -8.20 -35.84 36.98
C ASN C 998 -7.25 -35.80 35.80
N ALA C 999 -7.51 -36.58 34.74
CA ALA C 999 -6.68 -36.51 33.55
C ALA C 999 -6.97 -35.29 32.69
N MET C 1000 -8.08 -34.59 32.97
CA MET C 1000 -8.42 -33.38 32.23
C MET C 1000 -7.36 -32.28 32.39
N GLN C 1001 -6.77 -32.18 33.59
CA GLN C 1001 -5.81 -31.10 33.84
C GLN C 1001 -4.46 -31.31 33.16
N THR C 1002 -4.20 -32.50 32.62
CA THR C 1002 -2.93 -32.78 31.95
C THR C 1002 -2.97 -32.52 30.46
N GLY C 1003 -4.07 -32.01 29.93
CA GLY C 1003 -4.21 -31.73 28.52
C GLY C 1003 -3.74 -30.36 28.10
N PHE C 1004 -3.12 -29.59 28.99
CA PHE C 1004 -2.65 -28.24 28.68
C PHE C 1004 -1.21 -28.27 28.17
N THR C 1005 -1.02 -28.98 27.06
CA THR C 1005 0.28 -29.09 26.41
C THR C 1005 0.18 -28.55 24.98
N THR C 1006 1.34 -28.51 24.32
CA THR C 1006 1.39 -28.02 22.94
C THR C 1006 0.74 -29.00 21.97
N THR C 1007 0.81 -30.30 22.26
CA THR C 1007 0.26 -31.32 21.37
C THR C 1007 -1.26 -31.27 21.29
N ASN C 1008 -1.93 -30.72 22.30
CA ASN C 1008 -3.38 -30.61 22.26
C ASN C 1008 -3.80 -29.54 21.25
N LEU C 1009 -4.93 -29.78 20.59
CA LEU C 1009 -5.38 -28.85 19.54
C LEU C 1009 -5.94 -27.56 20.13
N ALA C 1010 -6.74 -27.67 21.19
CA ALA C 1010 -7.39 -26.49 21.75
C ALA C 1010 -6.41 -25.54 22.42
N PHE C 1011 -5.43 -26.11 23.16
CA PHE C 1011 -4.38 -25.27 23.74
C PHE C 1011 -3.52 -24.63 22.66
N SER C 1012 -3.31 -25.35 21.55
CA SER C 1012 -2.64 -24.75 20.40
C SER C 1012 -3.44 -23.59 19.84
N LYS C 1013 -4.78 -23.70 19.81
CA LYS C 1013 -5.61 -22.60 19.35
C LYS C 1013 -5.51 -21.40 20.29
N VAL C 1014 -5.45 -21.64 21.59
CA VAL C 1014 -5.26 -20.56 22.56
C VAL C 1014 -3.95 -19.84 22.32
N GLN C 1015 -2.87 -20.62 22.14
CA GLN C 1015 -1.56 -20.03 21.89
C GLN C 1015 -1.52 -19.29 20.56
N ASP C 1016 -2.23 -19.80 19.54
CA ASP C 1016 -2.29 -19.10 18.26
C ASP C 1016 -3.03 -17.77 18.38
N ALA C 1017 -4.10 -17.71 19.19
CA ALA C 1017 -4.79 -16.44 19.40
C ALA C 1017 -3.89 -15.42 20.10
N VAL C 1018 -3.18 -15.87 21.14
CA VAL C 1018 -2.26 -14.97 21.86
C VAL C 1018 -1.14 -14.50 20.94
N ASN C 1019 -0.58 -15.41 20.15
CA ASN C 1019 0.48 -15.06 19.20
C ASN C 1019 -0.03 -14.15 18.10
N ALA C 1020 -1.29 -14.29 17.68
CA ALA C 1020 -1.85 -13.40 16.67
C ALA C 1020 -1.95 -11.98 17.19
N ASN C 1021 -2.43 -11.82 18.43
CA ASN C 1021 -2.46 -10.48 19.05
C ASN C 1021 -1.06 -9.90 19.17
N ALA C 1022 -0.11 -10.72 19.64
CA ALA C 1022 1.27 -10.26 19.84
C ALA C 1022 1.92 -9.88 18.51
N GLN C 1023 1.69 -10.65 17.46
CA GLN C 1023 2.31 -10.35 16.18
C GLN C 1023 1.64 -9.18 15.47
N ALA C 1024 0.35 -8.93 15.72
CA ALA C 1024 -0.26 -7.70 15.23
C ALA C 1024 0.38 -6.48 15.88
N LEU C 1025 0.58 -6.54 17.20
CA LEU C 1025 1.26 -5.44 17.89
C LEU C 1025 2.70 -5.30 17.42
N ALA C 1026 3.38 -6.42 17.17
CA ALA C 1026 4.77 -6.39 16.72
C ALA C 1026 4.88 -5.78 15.32
N LYS C 1027 3.96 -6.12 14.41
CA LYS C 1027 3.97 -5.54 13.08
C LYS C 1027 3.69 -4.03 13.14
N LEU C 1028 2.74 -3.62 13.99
CA LEU C 1028 2.45 -2.20 14.15
C LEU C 1028 3.66 -1.43 14.70
N ALA C 1029 4.37 -2.04 15.66
CA ALA C 1029 5.54 -1.36 16.22
C ALA C 1029 6.74 -1.38 15.27
N SER C 1030 6.86 -2.42 14.45
CA SER C 1030 8.00 -2.57 13.56
C SER C 1030 7.82 -1.90 12.21
N GLU C 1031 6.61 -1.43 11.88
CA GLU C 1031 6.46 -0.64 10.67
C GLU C 1031 7.07 0.76 10.78
N LEU C 1032 7.45 1.19 11.98
CA LEU C 1032 8.09 2.49 12.18
C LEU C 1032 9.56 2.48 11.82
N SER C 1033 10.17 1.31 11.59
CA SER C 1033 11.57 1.21 11.23
C SER C 1033 11.80 1.27 9.73
N ASN C 1034 10.74 1.33 8.93
CA ASN C 1034 10.88 1.39 7.48
C ASN C 1034 11.25 2.81 7.07
N THR C 1035 12.32 2.93 6.28
CA THR C 1035 12.78 4.25 5.83
C THR C 1035 11.92 4.81 4.72
N PHE C 1036 11.21 3.95 3.97
CA PHE C 1036 10.33 4.34 2.86
C PHE C 1036 11.07 5.14 1.79
N GLY C 1037 12.33 4.81 1.54
CA GLY C 1037 13.12 5.49 0.54
C GLY C 1037 13.85 6.74 1.01
N ALA C 1038 13.64 7.16 2.26
CA ALA C 1038 14.31 8.33 2.79
C ALA C 1038 15.74 7.98 3.20
N ILE C 1039 16.49 8.99 3.64
CA ILE C 1039 17.86 8.76 4.07
C ILE C 1039 17.91 8.05 5.41
N SER C 1040 16.84 8.12 6.21
CA SER C 1040 16.76 7.45 7.49
C SER C 1040 15.30 7.28 7.86
N SER C 1041 15.06 6.36 8.79
CA SER C 1041 13.73 6.15 9.34
C SER C 1041 13.42 7.06 10.51
N SER C 1042 14.39 7.88 10.93
CA SER C 1042 14.23 8.79 12.05
C SER C 1042 14.01 10.20 11.53
N ILE C 1043 13.01 10.89 12.08
CA ILE C 1043 12.71 12.26 11.66
C ILE C 1043 13.84 13.20 12.08
N SER C 1044 14.43 12.96 13.25
CA SER C 1044 15.48 13.83 13.75
C SER C 1044 16.74 13.76 12.90
N ASP C 1045 17.07 12.58 12.39
CA ASP C 1045 18.23 12.44 11.50
C ASP C 1045 18.01 13.20 10.20
N ILE C 1046 16.78 13.16 9.66
CA ILE C 1046 16.46 13.90 8.45
C ILE C 1046 16.55 15.40 8.71
N LEU C 1047 16.07 15.84 9.88
CA LEU C 1047 16.12 17.26 10.20
C LEU C 1047 17.54 17.74 10.44
N LYS C 1048 18.41 16.89 10.98
CA LYS C 1048 19.77 17.28 11.31
C LYS C 1048 20.77 17.00 10.20
N ARG C 1049 20.38 16.31 9.14
CA ARG C 1049 21.30 15.99 8.06
C ARG C 1049 20.93 16.58 6.71
N LEU C 1050 19.77 17.22 6.57
CA LEU C 1050 19.32 17.74 5.29
C LEU C 1050 18.87 19.19 5.42
N CYS C 1051 18.25 19.70 4.37
CA CYS C 1051 18.02 21.13 4.21
C CYS C 1051 16.54 21.44 4.06
N PRO C 1052 16.14 22.66 4.40
CA PRO C 1052 14.71 23.07 4.30
C PRO C 1052 14.13 22.99 2.89
N PRO C 1053 14.92 22.97 1.81
CA PRO C 1053 14.33 22.48 0.56
C PRO C 1053 14.04 20.99 0.55
N GLU C 1054 14.98 20.15 0.99
CA GLU C 1054 14.83 18.71 0.86
C GLU C 1054 14.49 17.98 2.16
N GLN C 1055 14.24 18.71 3.25
CA GLN C 1055 13.72 18.04 4.45
C GLN C 1055 12.28 17.59 4.23
N GLU C 1056 11.47 18.42 3.60
CA GLU C 1056 10.07 18.09 3.38
C GLU C 1056 9.90 17.03 2.30
N ALA C 1057 10.89 16.87 1.42
CA ALA C 1057 10.82 15.82 0.41
C ALA C 1057 11.01 14.45 1.01
N GLN C 1058 11.72 14.34 2.13
CA GLN C 1058 11.97 13.05 2.78
C GLN C 1058 11.03 12.80 3.94
N ILE C 1059 10.60 13.86 4.63
CA ILE C 1059 9.62 13.70 5.70
C ILE C 1059 8.28 13.27 5.14
N ASP C 1060 7.90 13.80 3.97
CA ASP C 1060 6.66 13.40 3.33
C ASP C 1060 6.70 11.95 2.85
N ARG C 1061 7.89 11.42 2.58
CA ARG C 1061 8.00 10.01 2.25
C ARG C 1061 7.73 9.14 3.48
N LEU C 1062 8.13 9.64 4.65
CA LEU C 1062 7.82 8.94 5.89
C LEU C 1062 6.35 9.12 6.27
N ILE C 1063 5.78 10.27 5.93
CA ILE C 1063 4.37 10.54 6.27
C ILE C 1063 3.45 9.68 5.41
N ASN C 1064 3.72 9.62 4.11
CA ASN C 1064 2.89 8.83 3.21
C ASN C 1064 3.06 7.34 3.46
N GLY C 1065 4.28 6.90 3.78
CA GLY C 1065 4.51 5.49 4.07
C GLY C 1065 3.85 5.02 5.34
N ARG C 1066 3.87 5.85 6.38
CA ARG C 1066 3.28 5.47 7.66
C ARG C 1066 1.76 5.53 7.63
N LEU C 1067 1.20 6.45 6.84
CA LEU C 1067 -0.26 6.53 6.72
C LEU C 1067 -0.81 5.33 5.95
N THR C 1068 -0.07 4.84 4.96
CA THR C 1068 -0.48 3.63 4.26
C THR C 1068 -0.29 2.41 5.15
N SER C 1069 0.72 2.42 6.02
CA SER C 1069 0.92 1.33 6.96
C SER C 1069 -0.17 1.32 8.02
N LEU C 1070 -0.65 2.50 8.43
CA LEU C 1070 -1.75 2.57 9.37
C LEU C 1070 -3.07 2.12 8.74
N ASN C 1071 -3.24 2.38 7.44
CA ASN C 1071 -4.44 1.95 6.75
C ASN C 1071 -4.50 0.43 6.64
N ALA C 1072 -3.34 -0.20 6.44
CA ALA C 1072 -3.31 -1.66 6.36
C ALA C 1072 -3.54 -2.30 7.73
N PHE C 1073 -3.12 -1.62 8.80
CA PHE C 1073 -3.37 -2.13 10.15
C PHE C 1073 -4.84 -2.02 10.50
N VAL C 1074 -5.49 -0.91 10.12
CA VAL C 1074 -6.90 -0.70 10.44
C VAL C 1074 -7.77 -1.71 9.69
N ALA C 1075 -7.47 -1.94 8.40
CA ALA C 1075 -8.24 -2.89 7.62
C ALA C 1075 -8.06 -4.32 8.12
N GLN C 1076 -6.86 -4.65 8.62
CA GLN C 1076 -6.63 -5.96 9.21
C GLN C 1076 -7.42 -6.13 10.50
N GLN C 1077 -7.46 -5.08 11.33
CA GLN C 1077 -8.18 -5.16 12.60
C GLN C 1077 -9.69 -5.25 12.38
N LEU C 1078 -10.18 -4.67 11.28
CA LEU C 1078 -11.61 -4.74 11.00
C LEU C 1078 -12.02 -6.14 10.58
N VAL C 1079 -11.14 -6.85 9.86
CA VAL C 1079 -11.41 -8.24 9.49
C VAL C 1079 -11.33 -9.13 10.72
N ARG C 1080 -10.35 -8.89 11.59
CA ARG C 1080 -10.19 -9.70 12.79
C ARG C 1080 -11.32 -9.46 13.78
N SER C 1081 -11.81 -8.22 13.86
CA SER C 1081 -12.89 -7.92 14.79
C SER C 1081 -14.20 -8.55 14.35
N GLU C 1082 -14.49 -8.53 13.04
CA GLU C 1082 -15.71 -9.15 12.54
C GLU C 1082 -15.62 -10.67 12.56
N THR C 1083 -14.40 -11.22 12.57
CA THR C 1083 -14.24 -12.66 12.70
C THR C 1083 -14.51 -13.12 14.13
N ALA C 1084 -14.00 -12.37 15.11
CA ALA C 1084 -14.20 -12.74 16.51
C ALA C 1084 -15.63 -12.46 16.98
N ALA C 1085 -16.32 -11.53 16.33
CA ALA C 1085 -17.71 -11.28 16.67
C ALA C 1085 -18.62 -12.41 16.20
N ARG C 1086 -18.28 -13.02 15.07
CA ARG C 1086 -19.05 -14.18 14.60
C ARG C 1086 -18.67 -15.42 15.41
N SER C 1087 -17.42 -15.51 15.84
CA SER C 1087 -16.99 -16.65 16.63
C SER C 1087 -17.51 -16.57 18.06
N ALA C 1088 -17.81 -15.37 18.55
CA ALA C 1088 -18.43 -15.25 19.86
C ALA C 1088 -19.89 -15.70 19.81
N GLN C 1089 -20.53 -15.58 18.64
CA GLN C 1089 -21.88 -16.11 18.49
C GLN C 1089 -21.86 -17.63 18.40
N LEU C 1090 -20.77 -18.21 17.89
CA LEU C 1090 -20.63 -19.66 17.87
C LEU C 1090 -20.40 -20.19 19.28
N ALA C 1091 -19.72 -19.41 20.13
CA ALA C 1091 -19.50 -19.84 21.50
C ALA C 1091 -20.78 -19.79 22.31
N SER C 1092 -21.64 -18.82 22.03
CA SER C 1092 -22.94 -18.75 22.72
C SER C 1092 -23.84 -19.90 22.31
N ASP C 1093 -23.79 -20.30 21.04
CA ASP C 1093 -24.56 -21.44 20.58
C ASP C 1093 -24.02 -22.75 21.14
N LYS C 1094 -22.69 -22.81 21.32
CA LYS C 1094 -22.08 -24.02 21.88
C LYS C 1094 -22.41 -24.16 23.36
N VAL C 1095 -22.49 -23.05 24.08
CA VAL C 1095 -22.88 -23.08 25.49
C VAL C 1095 -24.34 -23.52 25.62
N ASN C 1096 -25.21 -22.95 24.79
CA ASN C 1096 -26.64 -23.23 24.87
C ASN C 1096 -27.00 -24.65 24.44
N GLU C 1097 -26.13 -25.31 23.69
CA GLU C 1097 -26.40 -26.66 23.18
C GLU C 1097 -25.63 -27.73 23.94
N CYS C 1098 -24.33 -27.52 24.20
CA CYS C 1098 -23.52 -28.54 24.85
C CYS C 1098 -23.49 -28.39 26.37
N VAL C 1099 -23.40 -27.15 26.88
CA VAL C 1099 -23.21 -26.95 28.31
C VAL C 1099 -24.55 -26.99 29.04
N LYS C 1100 -25.52 -26.21 28.57
CA LYS C 1100 -26.79 -26.10 29.28
C LYS C 1100 -27.67 -27.33 29.13
N SER C 1101 -27.41 -28.18 28.13
CA SER C 1101 -28.24 -29.34 27.90
C SER C 1101 -27.40 -30.46 27.29
N GLN C 1102 -27.92 -31.67 27.37
CA GLN C 1102 -27.26 -32.82 26.74
C GLN C 1102 -27.59 -32.83 25.27
N SER C 1103 -26.56 -32.88 24.43
CA SER C 1103 -26.73 -32.77 22.98
C SER C 1103 -26.93 -34.15 22.37
N LYS C 1104 -27.94 -34.26 21.50
CA LYS C 1104 -28.23 -35.49 20.79
C LYS C 1104 -27.58 -35.53 19.41
N ARG C 1105 -26.85 -34.48 19.03
CA ARG C 1105 -26.15 -34.47 17.77
C ARG C 1105 -24.94 -35.40 17.83
N ASN C 1106 -24.50 -35.85 16.66
CA ASN C 1106 -23.36 -36.76 16.55
C ASN C 1106 -22.10 -35.92 16.39
N GLY C 1107 -21.22 -35.97 17.39
CA GLY C 1107 -19.92 -35.33 17.30
C GLY C 1107 -19.92 -33.82 17.28
N PHE C 1108 -21.03 -33.17 17.66
CA PHE C 1108 -21.05 -31.72 17.69
C PHE C 1108 -20.21 -31.18 18.84
N CYS C 1109 -20.37 -31.75 20.03
CA CYS C 1109 -19.60 -31.31 21.18
C CYS C 1109 -18.21 -31.95 21.17
N GLY C 1110 -18.16 -33.27 21.29
CA GLY C 1110 -16.88 -33.96 21.32
C GLY C 1110 -16.87 -35.25 20.53
N SER C 1111 -16.43 -36.33 21.16
CA SER C 1111 -16.40 -37.65 20.56
C SER C 1111 -17.22 -38.62 21.40
N GLY C 1112 -17.85 -39.57 20.72
CA GLY C 1112 -18.77 -40.47 21.40
C GLY C 1112 -20.10 -39.79 21.68
N THR C 1113 -20.87 -40.42 22.54
CA THR C 1113 -22.18 -39.90 22.93
C THR C 1113 -22.01 -38.85 24.04
N HIS C 1114 -22.60 -37.68 23.83
CA HIS C 1114 -22.45 -36.58 24.77
C HIS C 1114 -23.17 -36.86 26.08
N ILE C 1115 -22.52 -36.54 27.18
CA ILE C 1115 -23.09 -36.73 28.51
C ILE C 1115 -23.26 -35.38 29.20
N VAL C 1116 -22.15 -34.68 29.42
CA VAL C 1116 -22.15 -33.40 30.11
C VAL C 1116 -20.97 -32.58 29.62
N SER C 1117 -21.08 -31.26 29.76
CA SER C 1117 -20.02 -30.35 29.35
C SER C 1117 -19.85 -29.25 30.38
N PHE C 1118 -18.65 -28.70 30.45
CA PHE C 1118 -18.34 -27.57 31.29
C PHE C 1118 -17.57 -26.54 30.49
N VAL C 1119 -17.73 -25.28 30.85
CA VAL C 1119 -17.06 -24.17 30.18
C VAL C 1119 -16.31 -23.34 31.22
N ILE C 1120 -15.11 -22.90 30.85
CA ILE C 1120 -14.31 -22.00 31.66
C ILE C 1120 -13.84 -20.84 30.77
N ASN C 1121 -13.04 -19.96 31.34
CA ASN C 1121 -12.55 -18.78 30.63
C ASN C 1121 -11.15 -19.02 30.08
N ALA C 1122 -10.91 -18.49 28.89
CA ALA C 1122 -9.64 -18.59 28.20
C ALA C 1122 -9.06 -17.18 28.06
N PRO C 1123 -7.80 -17.03 27.65
CA PRO C 1123 -7.27 -15.67 27.41
C PRO C 1123 -8.07 -14.83 26.44
N ASP C 1124 -8.61 -15.41 25.37
CA ASP C 1124 -9.36 -14.64 24.38
C ASP C 1124 -10.70 -15.27 24.05
N GLY C 1125 -11.18 -16.22 24.84
CA GLY C 1125 -12.44 -16.85 24.56
C GLY C 1125 -12.93 -17.79 25.64
N LEU C 1126 -13.65 -18.82 25.24
CA LEU C 1126 -14.19 -19.81 26.16
C LEU C 1126 -13.57 -21.18 25.89
N TYR C 1127 -13.25 -21.89 26.96
CA TYR C 1127 -12.65 -23.21 26.89
C TYR C 1127 -13.65 -24.24 27.40
N PHE C 1128 -13.88 -25.28 26.61
CA PHE C 1128 -14.92 -26.27 26.90
C PHE C 1128 -14.29 -27.61 27.28
N PHE C 1129 -15.05 -28.40 28.04
CA PHE C 1129 -14.64 -29.76 28.43
C PHE C 1129 -15.83 -30.66 28.19
N HIS C 1130 -15.85 -31.35 27.05
CA HIS C 1130 -16.98 -32.19 26.66
C HIS C 1130 -16.73 -33.62 27.12
N VAL C 1131 -17.50 -34.06 28.12
CA VAL C 1131 -17.40 -35.43 28.59
C VAL C 1131 -18.25 -36.32 27.70
N GLY C 1132 -17.64 -37.39 27.18
CA GLY C 1132 -18.32 -38.26 26.25
C GLY C 1132 -18.21 -39.72 26.65
N TYR C 1133 -19.26 -40.47 26.32
CA TYR C 1133 -19.30 -41.91 26.56
C TYR C 1133 -18.68 -42.61 25.36
N VAL C 1134 -17.57 -43.30 25.58
CA VAL C 1134 -16.86 -44.01 24.53
C VAL C 1134 -16.77 -45.48 24.92
N PRO C 1135 -17.06 -46.41 24.00
CA PRO C 1135 -16.88 -47.83 24.30
C PRO C 1135 -15.41 -48.23 24.21
N THR C 1136 -15.07 -49.29 24.94
CA THR C 1136 -13.74 -49.88 24.89
C THR C 1136 -13.74 -51.26 24.24
N ASP C 1137 -14.55 -52.18 24.75
CA ASP C 1137 -14.73 -53.51 24.17
C ASP C 1137 -16.15 -53.65 23.64
N HIS C 1138 -16.40 -54.77 22.96
CA HIS C 1138 -17.69 -55.01 22.35
C HIS C 1138 -17.88 -56.51 22.18
N ILE C 1139 -19.13 -56.91 21.98
CA ILE C 1139 -19.49 -58.31 21.72
C ILE C 1139 -20.48 -58.34 20.56
N ASN C 1140 -20.18 -59.13 19.54
CA ASN C 1140 -21.12 -59.32 18.45
C ASN C 1140 -22.29 -60.19 18.91
N ALA C 1141 -23.50 -59.75 18.60
CA ALA C 1141 -24.70 -60.43 19.05
C ALA C 1141 -25.68 -60.55 17.91
N THR C 1142 -26.53 -61.58 17.98
CA THR C 1142 -27.57 -61.80 17.00
C THR C 1142 -28.82 -61.03 17.42
N ALA C 1143 -29.23 -60.07 16.58
CA ALA C 1143 -30.35 -59.19 16.89
C ALA C 1143 -31.52 -59.48 15.95
N ALA C 1144 -32.67 -58.90 16.29
CA ALA C 1144 -33.89 -59.09 15.53
C ALA C 1144 -34.53 -57.74 15.26
N TYR C 1145 -35.15 -57.62 14.08
CA TYR C 1145 -35.93 -56.42 13.78
C TYR C 1145 -37.16 -56.33 14.68
N GLY C 1146 -37.81 -57.46 14.93
CA GLY C 1146 -38.98 -57.49 15.79
C GLY C 1146 -39.46 -58.92 15.92
N LEU C 1147 -40.42 -59.10 16.82
CA LEU C 1147 -40.98 -60.41 17.11
C LEU C 1147 -42.49 -60.38 16.96
N CYS C 1148 -43.05 -61.45 16.40
CA CYS C 1148 -44.49 -61.59 16.23
C CYS C 1148 -44.94 -62.93 16.79
N ASN C 1149 -46.17 -62.97 17.28
CA ASN C 1149 -46.73 -64.18 17.87
C ASN C 1149 -47.38 -65.03 16.80
N ASN C 1150 -48.04 -66.12 17.22
CA ASN C 1150 -48.69 -67.05 16.31
C ASN C 1150 -50.20 -66.92 16.32
N ASP C 1151 -50.73 -65.78 16.78
CA ASP C 1151 -52.17 -65.56 16.83
C ASP C 1151 -52.72 -65.42 15.40
N ASN C 1152 -54.03 -65.68 15.28
CA ASN C 1152 -54.68 -65.51 13.98
C ASN C 1152 -54.65 -64.07 13.48
N PRO C 1153 -54.89 -63.03 14.28
CA PRO C 1153 -54.35 -61.71 13.93
C PRO C 1153 -52.95 -61.55 14.48
N PRO C 1154 -51.94 -61.41 13.61
CA PRO C 1154 -50.55 -61.33 14.11
C PRO C 1154 -50.28 -60.00 14.78
N ARG C 1155 -49.72 -60.06 15.99
CA ARG C 1155 -49.32 -58.89 16.75
C ARG C 1155 -47.81 -58.87 16.87
N CYS C 1156 -47.21 -57.71 16.58
CA CYS C 1156 -45.76 -57.59 16.53
C CYS C 1156 -45.30 -56.44 17.41
N ILE C 1157 -44.08 -56.56 17.93
CA ILE C 1157 -43.48 -55.55 18.79
C ILE C 1157 -42.10 -55.20 18.25
N ALA C 1158 -41.64 -54.01 18.64
CA ALA C 1158 -40.31 -53.52 18.32
C ALA C 1158 -39.73 -52.85 19.55
N PRO C 1159 -38.43 -52.94 19.77
CA PRO C 1159 -37.84 -52.34 20.97
C PRO C 1159 -37.66 -50.84 20.81
N ILE C 1160 -37.45 -50.17 21.94
CA ILE C 1160 -37.09 -48.76 21.98
C ILE C 1160 -35.77 -48.61 22.73
N ASP C 1161 -34.85 -47.84 22.13
CA ASP C 1161 -33.52 -47.56 22.69
C ASP C 1161 -32.75 -48.84 23.01
N GLY C 1162 -32.88 -49.83 22.13
CA GLY C 1162 -32.22 -51.11 22.38
C GLY C 1162 -32.54 -52.11 21.28
N TYR C 1163 -32.14 -53.35 21.54
CA TYR C 1163 -32.30 -54.44 20.58
C TYR C 1163 -32.89 -55.66 21.26
N PHE C 1164 -33.31 -56.62 20.45
CA PHE C 1164 -33.74 -57.94 20.91
C PHE C 1164 -32.60 -58.91 20.65
N VAL C 1165 -31.93 -59.36 21.71
CA VAL C 1165 -30.76 -60.22 21.58
C VAL C 1165 -31.07 -61.57 22.21
N ARG C 1166 -30.22 -62.55 21.90
CA ARG C 1166 -30.30 -63.90 22.45
C ARG C 1166 -29.15 -64.13 23.42
N ASN C 1167 -29.23 -65.26 24.12
CA ASN C 1167 -28.24 -65.71 25.10
C ASN C 1167 -27.97 -64.68 26.20
N GLU C 1177 -35.97 -67.01 24.86
CA GLU C 1177 -34.78 -67.04 24.01
C GLU C 1177 -34.34 -65.64 23.62
N TRP C 1178 -35.31 -64.74 23.46
CA TRP C 1178 -35.05 -63.36 23.10
C TRP C 1178 -35.06 -62.48 24.34
N TYR C 1179 -34.01 -61.69 24.50
CA TYR C 1179 -33.89 -60.77 25.63
C TYR C 1179 -33.69 -59.35 25.11
N TYR C 1180 -34.11 -58.38 25.92
CA TYR C 1180 -33.88 -56.98 25.62
C TYR C 1180 -32.57 -56.52 26.26
N THR C 1181 -31.84 -55.67 25.54
CA THR C 1181 -30.61 -55.10 26.04
C THR C 1181 -30.55 -53.63 25.68
N GLY C 1182 -29.69 -52.90 26.39
CA GLY C 1182 -29.51 -51.49 26.09
C GLY C 1182 -28.78 -51.26 24.79
N SER C 1183 -29.00 -50.08 24.22
CA SER C 1183 -28.37 -49.72 22.96
C SER C 1183 -26.90 -49.31 23.12
N SER C 1184 -26.44 -49.10 24.36
CA SER C 1184 -25.07 -48.70 24.60
C SER C 1184 -24.34 -49.61 25.58
N TYR C 1185 -25.03 -50.60 26.16
CA TYR C 1185 -24.39 -51.56 27.05
C TYR C 1185 -25.09 -52.90 26.90
N TYR C 1186 -24.30 -53.96 26.82
CA TYR C 1186 -24.84 -55.31 26.65
C TYR C 1186 -25.26 -55.86 28.00
N ASN C 1187 -26.56 -56.02 28.21
CA ASN C 1187 -27.09 -56.62 29.43
C ASN C 1187 -28.43 -57.25 29.07
N PRO C 1188 -28.49 -58.57 28.94
CA PRO C 1188 -29.75 -59.24 28.58
C PRO C 1188 -30.76 -59.17 29.71
N GLU C 1189 -31.91 -58.58 29.41
CA GLU C 1189 -33.00 -58.36 30.36
C GLU C 1189 -34.28 -58.96 29.79
N PRO C 1190 -35.22 -59.33 30.65
CA PRO C 1190 -36.51 -59.86 30.15
C PRO C 1190 -37.27 -58.81 29.35
N ILE C 1191 -37.95 -59.25 28.29
CA ILE C 1191 -38.70 -58.31 27.46
C ILE C 1191 -39.95 -57.88 28.18
N SER C 1192 -40.32 -56.63 28.06
CA SER C 1192 -41.47 -56.13 28.77
C SER C 1192 -42.14 -55.04 28.00
N MET C 1193 -43.25 -54.57 28.49
CA MET C 1193 -43.95 -53.47 27.85
C MET C 1193 -43.07 -52.24 27.89
N ALA C 1194 -42.38 -52.04 28.99
CA ALA C 1194 -41.55 -50.88 29.11
C ALA C 1194 -40.48 -50.91 28.06
N ASN C 1195 -39.89 -52.05 27.82
CA ASN C 1195 -38.86 -52.19 26.83
C ASN C 1195 -39.37 -52.14 25.43
N THR C 1196 -40.66 -52.32 25.22
CA THR C 1196 -41.14 -52.48 23.86
C THR C 1196 -42.31 -51.65 23.39
N ARG C 1197 -42.40 -51.45 22.09
CA ARG C 1197 -43.44 -50.66 21.50
C ARG C 1197 -44.07 -51.50 20.44
N TYR C 1198 -45.36 -51.35 20.25
CA TYR C 1198 -46.06 -52.12 19.23
C TYR C 1198 -45.88 -51.57 17.84
N VAL C 1199 -46.04 -52.40 16.83
CA VAL C 1199 -45.82 -52.04 15.44
C VAL C 1199 -46.73 -52.88 14.56
N SER C 1200 -46.71 -52.57 13.26
CA SER C 1200 -47.46 -53.37 12.29
C SER C 1200 -46.69 -54.62 11.91
N GLN C 1201 -47.39 -55.54 11.25
CA GLN C 1201 -46.78 -56.81 10.85
C GLN C 1201 -45.78 -56.58 9.73
N ASP C 1202 -44.60 -57.18 9.87
CA ASP C 1202 -43.55 -57.08 8.87
C ASP C 1202 -43.01 -58.48 8.57
N THR C 1203 -42.74 -58.73 7.28
CA THR C 1203 -42.19 -60.02 6.86
C THR C 1203 -40.75 -60.20 7.29
N LYS C 1204 -40.09 -59.14 7.76
CA LYS C 1204 -38.71 -59.20 8.24
C LYS C 1204 -38.61 -59.62 9.70
N PHE C 1205 -39.74 -59.71 10.40
CA PHE C 1205 -39.74 -60.01 11.83
C PHE C 1205 -39.68 -61.50 12.08
N GLU C 1206 -39.18 -61.88 13.25
CA GLU C 1206 -39.17 -63.27 13.64
C GLU C 1206 -40.54 -63.69 14.15
N ASN C 1207 -40.99 -64.88 13.73
CA ASN C 1207 -42.29 -65.41 14.13
C ASN C 1207 -42.07 -66.44 15.23
N LEU C 1208 -42.71 -66.23 16.38
CA LEU C 1208 -42.45 -67.00 17.58
C LEU C 1208 -43.57 -67.99 17.83
N THR C 1209 -43.20 -69.24 18.12
CA THR C 1209 -44.17 -70.28 18.43
C THR C 1209 -43.88 -70.93 19.77
N THR C 1210 -42.60 -71.00 20.15
CA THR C 1210 -42.20 -71.76 21.33
C THR C 1210 -42.28 -70.94 22.62
N ASN C 1211 -41.51 -69.85 22.69
CA ASN C 1211 -41.44 -69.01 23.88
C ASN C 1211 -41.85 -67.59 23.49
N ILE C 1212 -42.90 -67.10 24.12
CA ILE C 1212 -43.54 -65.84 23.73
C ILE C 1212 -43.35 -64.85 24.89
N PRO C 1213 -42.79 -63.67 24.65
CA PRO C 1213 -42.64 -62.66 25.70
C PRO C 1213 -44.00 -62.14 26.17
N PRO C 1214 -44.08 -61.67 27.40
CA PRO C 1214 -45.37 -61.22 27.98
C PRO C 1214 -46.06 -60.09 27.21
N PRO C 1215 -45.33 -59.13 26.58
CA PRO C 1215 -46.06 -58.16 25.73
C PRO C 1215 -46.77 -58.77 24.53
N LEU C 1216 -46.36 -59.94 24.06
CA LEU C 1216 -47.03 -60.60 22.94
C LEU C 1216 -48.05 -61.64 23.38
N LEU C 1217 -48.28 -61.80 24.68
CA LEU C 1217 -49.29 -62.72 25.17
C LEU C 1217 -50.68 -62.19 24.88
N ASN C 1218 -51.60 -63.11 24.58
CA ASN C 1218 -52.98 -62.74 24.28
C ASN C 1218 -53.84 -62.76 25.52
#